data_8FJ5
#
_entry.id   8FJ5
#
_cell.length_a   1.00
_cell.length_b   1.00
_cell.length_c   1.00
_cell.angle_alpha   90.00
_cell.angle_beta   90.00
_cell.angle_gamma   90.00
#
_symmetry.space_group_name_H-M   'P 1'
#
_entity_poly.entity_id   1
_entity_poly.type   'polypeptide(L)'
_entity_poly.pdbx_seq_one_letter_code
;MQLTTLFNDDSAVSPVIGVILMVAITVILAAVIGTFVLGLGDQVSETSPQASFDFDYTNTSGNLTITHESGTSIDADSVS
ISGPVGDDGKTWADIDGSATEITAGSSITVTANGSSFDSGETVRVIWTSDSGSSSSTLQSWTYNG
;
_entity_poly.pdbx_strand_id   A,B,C,D,E,F,G,H,I,J,K,L,M,N,O,P,Q,R,S,T
#
# COMPACT_ATOMS: atom_id res chain seq x y z
N VAL A 13 -25.48 28.45 -48.98
CA VAL A 13 -24.23 27.92 -49.50
C VAL A 13 -23.12 28.09 -48.47
N SER A 14 -23.01 29.31 -47.92
CA SER A 14 -21.94 29.60 -46.98
C SER A 14 -21.95 28.76 -45.70
N PRO A 15 -23.10 28.44 -45.07
CA PRO A 15 -23.03 27.57 -43.87
C PRO A 15 -22.40 26.21 -44.15
N VAL A 16 -22.68 25.60 -45.30
CA VAL A 16 -22.14 24.29 -45.62
C VAL A 16 -20.63 24.38 -45.80
N ILE A 17 -20.16 25.44 -46.45
CA ILE A 17 -18.72 25.63 -46.63
C ILE A 17 -18.03 25.87 -45.30
N GLY A 18 -18.67 26.65 -44.42
CA GLY A 18 -18.12 26.84 -43.09
C GLY A 18 -17.99 25.53 -42.33
N VAL A 19 -19.01 24.67 -42.45
CA VAL A 19 -18.95 23.35 -41.82
C VAL A 19 -17.79 22.54 -42.38
N ILE A 20 -17.62 22.57 -43.70
CA ILE A 20 -16.54 21.82 -44.34
C ILE A 20 -15.18 22.26 -43.82
N LEU A 21 -14.96 23.57 -43.74
CA LEU A 21 -13.66 24.07 -43.29
C LEU A 21 -13.43 23.78 -41.81
N MET A 22 -14.49 23.85 -40.99
CA MET A 22 -14.32 23.51 -39.59
C MET A 22 -13.95 22.04 -39.40
N VAL A 23 -14.57 21.14 -40.17
CA VAL A 23 -14.23 19.73 -40.09
C VAL A 23 -12.78 19.51 -40.53
N ALA A 24 -12.36 20.20 -41.59
CA ALA A 24 -10.99 20.08 -42.07
C ALA A 24 -9.99 20.51 -41.01
N ILE A 25 -10.29 21.58 -40.27
CA ILE A 25 -9.40 22.00 -39.19
C ILE A 25 -9.39 20.97 -38.06
N THR A 26 -10.57 20.45 -37.71
CA THR A 26 -10.68 19.50 -36.61
C THR A 26 -9.84 18.26 -36.84
N VAL A 27 -9.84 17.74 -38.06
CA VAL A 27 -9.11 16.50 -38.34
C VAL A 27 -7.61 16.69 -38.08
N ILE A 28 -7.05 17.78 -38.61
CA ILE A 28 -5.61 18.04 -38.45
C ILE A 28 -5.27 18.24 -36.97
N LEU A 29 -6.09 19.02 -36.26
CA LEU A 29 -5.76 19.30 -34.87
C LEU A 29 -5.82 18.03 -34.02
N ALA A 30 -6.79 17.15 -34.32
CA ALA A 30 -6.86 15.88 -33.62
C ALA A 30 -5.64 15.02 -33.89
N ALA A 31 -5.17 14.99 -35.14
CA ALA A 31 -3.95 14.23 -35.44
C ALA A 31 -2.76 14.77 -34.67
N VAL A 32 -2.66 16.10 -34.54
CA VAL A 32 -1.54 16.71 -33.83
C VAL A 32 -1.55 16.29 -32.36
N ILE A 33 -2.73 16.27 -31.72
CA ILE A 33 -2.78 15.79 -30.34
C ILE A 33 -2.44 14.30 -30.26
N GLY A 34 -2.96 13.51 -31.18
CA GLY A 34 -2.76 12.08 -31.12
C GLY A 34 -1.30 11.69 -31.15
N THR A 35 -0.54 12.34 -32.03
CA THR A 35 0.90 12.03 -32.10
C THR A 35 1.57 12.31 -30.77
N PHE A 36 1.26 13.46 -30.16
CA PHE A 36 1.91 13.86 -28.92
C PHE A 36 1.57 12.90 -27.78
N VAL A 37 0.29 12.56 -27.63
CA VAL A 37 -0.08 11.68 -26.52
C VAL A 37 0.46 10.27 -26.73
N LEU A 38 0.50 9.78 -27.96
CA LEU A 38 1.08 8.47 -28.21
C LEU A 38 2.56 8.44 -27.88
N GLY A 39 3.30 9.47 -28.31
CA GLY A 39 4.70 9.56 -27.97
C GLY A 39 4.94 9.67 -26.46
N LEU A 40 4.07 10.39 -25.77
CA LEU A 40 4.17 10.49 -24.31
C LEU A 40 3.94 9.14 -23.65
N GLY A 41 2.96 8.39 -24.14
CA GLY A 41 2.66 7.08 -23.56
C GLY A 41 3.68 6.01 -23.89
N ASP A 42 4.46 6.19 -24.96
CA ASP A 42 5.47 5.19 -25.29
C ASP A 42 6.71 5.29 -24.41
N GLN A 43 6.85 6.37 -23.64
CA GLN A 43 8.11 6.63 -22.94
C GLN A 43 8.36 5.73 -21.73
N VAL A 44 7.31 5.19 -21.12
CA VAL A 44 7.44 4.48 -19.85
C VAL A 44 7.67 3.00 -20.12
N SER A 45 8.79 2.47 -19.63
CA SER A 45 9.15 1.07 -19.82
C SER A 45 10.38 0.77 -18.97
N GLU A 46 10.91 -0.45 -19.14
CA GLU A 46 12.25 -0.83 -18.70
C GLU A 46 12.49 -0.69 -17.20
N THR A 47 11.83 -1.52 -16.40
CA THR A 47 12.11 -1.64 -14.98
C THR A 47 13.45 -2.32 -14.75
N SER A 48 14.00 -2.11 -13.55
CA SER A 48 15.32 -2.62 -13.19
C SER A 48 15.22 -3.91 -12.39
N PRO A 49 16.23 -4.78 -12.49
CA PRO A 49 16.19 -6.04 -11.74
C PRO A 49 16.32 -5.83 -10.25
N GLN A 50 15.77 -6.78 -9.49
CA GLN A 50 15.85 -6.78 -8.03
C GLN A 50 16.69 -7.97 -7.59
N ALA A 51 17.77 -7.69 -6.85
CA ALA A 51 18.69 -8.71 -6.40
C ALA A 51 19.41 -8.21 -5.17
N SER A 52 20.08 -9.12 -4.47
CA SER A 52 20.82 -8.81 -3.26
C SER A 52 22.28 -9.21 -3.44
N PHE A 53 23.19 -8.41 -2.88
CA PHE A 53 24.62 -8.63 -3.01
C PHE A 53 25.28 -8.59 -1.64
N ASP A 54 26.40 -9.30 -1.53
CA ASP A 54 27.17 -9.38 -0.31
C ASP A 54 28.54 -8.74 -0.52
N PHE A 55 28.88 -7.77 0.34
CA PHE A 55 30.17 -7.09 0.28
C PHE A 55 31.07 -7.62 1.38
N ASP A 56 32.26 -8.09 1.00
CA ASP A 56 33.21 -8.71 1.93
C ASP A 56 34.56 -8.04 1.76
N TYR A 57 34.99 -7.30 2.78
CA TYR A 57 36.20 -6.49 2.72
C TYR A 57 37.27 -7.08 3.63
N THR A 58 38.51 -7.12 3.15
CA THR A 58 39.67 -7.57 3.92
C THR A 58 40.63 -6.40 4.04
N ASN A 59 40.90 -5.98 5.28
CA ASN A 59 41.69 -4.77 5.50
C ASN A 59 43.16 -4.97 5.22
N THR A 60 43.66 -6.21 5.37
CA THR A 60 45.08 -6.46 5.19
C THR A 60 45.53 -6.19 3.76
N SER A 61 44.74 -6.61 2.78
CA SER A 61 45.11 -6.47 1.38
C SER A 61 44.32 -5.41 0.64
N GLY A 62 43.20 -4.97 1.18
CA GLY A 62 42.38 -3.97 0.52
C GLY A 62 41.44 -4.50 -0.53
N ASN A 63 41.20 -5.81 -0.54
CA ASN A 63 40.35 -6.45 -1.53
C ASN A 63 38.91 -6.50 -1.05
N LEU A 64 37.98 -6.13 -1.93
CA LEU A 64 36.55 -6.17 -1.65
C LEU A 64 35.89 -7.14 -2.62
N THR A 65 35.17 -8.12 -2.08
CA THR A 65 34.52 -9.13 -2.89
C THR A 65 33.01 -8.89 -2.89
N ILE A 66 32.40 -8.91 -4.08
CA ILE A 66 30.98 -8.67 -4.24
C ILE A 66 30.36 -9.94 -4.83
N THR A 67 29.41 -10.54 -4.11
CA THR A 67 28.82 -11.80 -4.50
C THR A 67 27.30 -11.64 -4.65
N HIS A 68 26.74 -12.31 -5.64
CA HIS A 68 25.29 -12.34 -5.84
C HIS A 68 24.68 -13.35 -4.87
N GLU A 69 23.74 -12.89 -4.04
CA GLU A 69 23.11 -13.73 -3.03
C GLU A 69 21.82 -14.38 -3.52
N SER A 70 20.83 -13.59 -3.89
CA SER A 70 19.53 -14.11 -4.31
C SER A 70 18.79 -13.05 -5.10
N GLY A 71 17.89 -13.50 -5.97
CA GLY A 71 17.15 -12.60 -6.82
C GLY A 71 17.16 -13.02 -8.27
N THR A 72 16.88 -12.08 -9.17
CA THR A 72 16.78 -12.38 -10.59
C THR A 72 18.18 -12.52 -11.21
N SER A 73 18.21 -13.07 -12.42
CA SER A 73 19.45 -13.20 -13.19
C SER A 73 19.66 -11.95 -14.01
N ILE A 74 20.90 -11.47 -14.03
CA ILE A 74 21.24 -10.19 -14.63
C ILE A 74 22.33 -10.38 -15.66
N ASP A 75 22.16 -9.73 -16.81
CA ASP A 75 23.22 -9.66 -17.81
C ASP A 75 24.47 -9.02 -17.22
N ALA A 76 25.62 -9.63 -17.50
CA ALA A 76 26.87 -9.12 -16.94
C ALA A 76 27.35 -7.85 -17.61
N ASP A 77 26.79 -7.49 -18.76
CA ASP A 77 27.14 -6.24 -19.42
C ASP A 77 26.28 -5.07 -18.99
N SER A 78 25.24 -5.31 -18.20
CA SER A 78 24.38 -4.24 -17.71
C SER A 78 24.77 -3.72 -16.34
N VAL A 79 25.81 -4.29 -15.73
CA VAL A 79 26.18 -3.97 -14.35
C VAL A 79 27.62 -3.48 -14.37
N SER A 80 27.87 -2.33 -13.74
CA SER A 80 29.21 -1.76 -13.62
C SER A 80 29.47 -1.34 -12.18
N ILE A 81 30.75 -1.22 -11.84
CA ILE A 81 31.19 -0.85 -10.50
C ILE A 81 31.72 0.59 -10.54
N SER A 82 31.22 1.43 -9.64
CA SER A 82 31.68 2.81 -9.52
C SER A 82 32.12 3.06 -8.09
N GLY A 83 33.33 3.57 -7.91
CA GLY A 83 33.85 3.90 -6.61
C GLY A 83 35.35 4.08 -6.62
N PRO A 84 35.93 4.48 -5.49
CA PRO A 84 37.38 4.66 -5.41
C PRO A 84 38.14 3.34 -5.40
N VAL A 85 38.01 2.58 -6.49
CA VAL A 85 38.67 1.30 -6.65
C VAL A 85 39.38 1.30 -8.00
N GLY A 86 40.34 0.37 -8.14
CA GLY A 86 41.11 0.31 -9.37
C GLY A 86 40.26 0.01 -10.59
N ASP A 87 39.30 -0.90 -10.45
CA ASP A 87 38.40 -1.28 -11.53
C ASP A 87 37.20 -0.36 -11.63
N ASP A 88 37.41 0.95 -11.70
CA ASP A 88 36.32 1.91 -11.64
C ASP A 88 35.70 2.12 -13.01
N GLY A 89 34.38 1.99 -13.09
CA GLY A 89 33.67 2.24 -14.33
C GLY A 89 33.63 1.07 -15.30
N LYS A 90 34.12 -0.09 -14.91
CA LYS A 90 34.12 -1.26 -15.76
C LYS A 90 32.92 -2.16 -15.42
N THR A 91 32.46 -2.90 -16.43
CA THR A 91 31.31 -3.76 -16.23
C THR A 91 31.71 -5.04 -15.52
N TRP A 92 30.70 -5.74 -14.99
CA TRP A 92 30.92 -7.02 -14.34
C TRP A 92 31.53 -8.04 -15.28
N ALA A 93 31.21 -7.97 -16.58
CA ALA A 93 31.76 -8.90 -17.55
C ALA A 93 33.20 -8.59 -17.94
N ASP A 94 33.70 -7.41 -17.57
CA ASP A 94 35.10 -7.06 -17.82
C ASP A 94 36.01 -7.46 -16.67
N ILE A 95 35.51 -7.35 -15.43
CA ILE A 95 36.36 -7.57 -14.26
C ILE A 95 36.79 -9.04 -14.19
N ASP A 96 35.89 -9.95 -14.54
CA ASP A 96 36.25 -11.34 -14.75
C ASP A 96 36.21 -11.64 -16.24
N GLY A 97 36.98 -12.65 -16.66
CA GLY A 97 37.22 -12.84 -18.09
C GLY A 97 35.99 -13.19 -18.88
N SER A 98 35.19 -14.16 -18.40
CA SER A 98 34.21 -14.82 -19.25
C SER A 98 32.81 -14.90 -18.65
N ALA A 99 32.40 -13.92 -17.86
CA ALA A 99 31.03 -13.94 -17.33
C ALA A 99 30.02 -13.56 -18.42
N THR A 100 28.84 -14.16 -18.32
CA THR A 100 27.72 -13.82 -19.20
C THR A 100 26.44 -13.52 -18.44
N GLU A 101 26.18 -14.19 -17.32
CA GLU A 101 25.02 -13.95 -16.48
C GLU A 101 25.49 -13.84 -15.04
N ILE A 102 24.70 -13.16 -14.23
CA ILE A 102 24.97 -13.04 -12.79
C ILE A 102 23.85 -13.79 -12.07
N THR A 103 24.19 -14.96 -11.54
CA THR A 103 23.29 -15.78 -10.74
C THR A 103 23.90 -15.95 -9.36
N ALA A 104 23.16 -16.62 -8.48
CA ALA A 104 23.61 -16.77 -7.10
C ALA A 104 24.92 -17.54 -7.04
N GLY A 105 25.85 -17.03 -6.24
CA GLY A 105 27.18 -17.61 -6.14
C GLY A 105 28.22 -16.97 -7.01
N SER A 106 27.86 -15.99 -7.82
CA SER A 106 28.80 -15.31 -8.71
C SER A 106 29.44 -14.13 -7.97
N SER A 107 30.76 -14.00 -8.12
CA SER A 107 31.46 -12.96 -7.38
C SER A 107 32.58 -12.37 -8.23
N ILE A 108 32.93 -11.12 -7.90
CA ILE A 108 34.08 -10.42 -8.45
C ILE A 108 34.87 -9.83 -7.29
N THR A 109 36.13 -9.49 -7.57
CA THR A 109 37.01 -8.91 -6.56
C THR A 109 37.63 -7.63 -7.12
N VAL A 110 37.42 -6.52 -6.41
CA VAL A 110 38.06 -5.27 -6.73
C VAL A 110 39.01 -4.91 -5.60
N THR A 111 39.91 -3.96 -5.86
CA THR A 111 40.88 -3.52 -4.87
C THR A 111 40.73 -2.02 -4.63
N ALA A 112 40.84 -1.64 -3.36
CA ALA A 112 40.72 -0.23 -2.99
C ALA A 112 41.82 0.59 -3.64
N ASN A 113 41.43 1.76 -4.17
CA ASN A 113 42.37 2.59 -4.89
C ASN A 113 43.45 3.11 -3.94
N GLY A 114 44.68 3.05 -4.38
CA GLY A 114 45.82 3.15 -3.47
C GLY A 114 46.19 1.79 -2.94
N SER A 115 46.03 1.59 -1.63
CA SER A 115 46.09 0.23 -1.09
C SER A 115 45.08 -0.02 0.01
N SER A 116 44.23 0.95 0.35
CA SER A 116 43.26 0.77 1.44
C SER A 116 42.17 1.82 1.29
N PHE A 117 41.04 1.56 1.94
CA PHE A 117 39.92 2.48 1.94
C PHE A 117 40.07 3.50 3.07
N ASP A 118 39.32 4.59 2.94
CA ASP A 118 39.20 5.59 3.99
C ASP A 118 37.75 5.63 4.45
N SER A 119 37.56 5.94 5.73
CA SER A 119 36.21 5.94 6.30
C SER A 119 35.33 6.94 5.57
N GLY A 120 34.15 6.48 5.16
CA GLY A 120 33.22 7.32 4.41
C GLY A 120 33.30 7.18 2.91
N GLU A 121 34.02 6.19 2.39
CA GLU A 121 34.12 5.97 0.95
C GLU A 121 33.12 4.90 0.53
N THR A 122 32.37 5.18 -0.53
CA THR A 122 31.26 4.34 -0.96
C THR A 122 31.59 3.66 -2.28
N VAL A 123 31.15 2.41 -2.42
CA VAL A 123 31.25 1.64 -3.66
C VAL A 123 29.85 1.21 -4.05
N ARG A 124 29.49 1.42 -5.31
CA ARG A 124 28.14 1.14 -5.79
C ARG A 124 28.12 0.07 -6.86
N VAL A 125 26.97 -0.59 -6.96
CA VAL A 125 26.64 -1.51 -8.06
C VAL A 125 25.52 -0.86 -8.84
N ILE A 126 25.72 -0.70 -10.15
CA ILE A 126 24.87 0.15 -10.98
C ILE A 126 24.37 -0.62 -12.18
N TRP A 127 23.07 -0.52 -12.45
CA TRP A 127 22.44 -1.15 -13.61
C TRP A 127 22.12 -0.09 -14.66
N THR A 128 22.38 -0.40 -15.92
CA THR A 128 22.10 0.49 -17.04
C THR A 128 21.27 -0.24 -18.09
N SER A 129 20.26 0.43 -18.63
CA SER A 129 19.37 -0.20 -19.59
C SER A 129 20.03 -0.29 -20.97
N ASP A 130 19.43 -1.10 -21.84
CA ASP A 130 20.02 -1.37 -23.16
C ASP A 130 20.10 -0.12 -24.01
N SER A 131 19.07 0.73 -23.94
CA SER A 131 19.09 1.98 -24.69
C SER A 131 20.05 2.99 -24.08
N GLY A 132 20.40 2.84 -22.81
CA GLY A 132 21.27 3.76 -22.13
C GLY A 132 20.59 4.97 -21.54
N SER A 133 19.27 5.05 -21.58
CA SER A 133 18.52 6.20 -21.10
C SER A 133 17.93 6.01 -19.71
N SER A 134 18.34 4.95 -19.00
CA SER A 134 17.90 4.74 -17.63
C SER A 134 19.02 4.05 -16.86
N SER A 135 19.10 4.36 -15.58
CA SER A 135 20.08 3.75 -14.69
C SER A 135 19.48 3.63 -13.30
N SER A 136 20.08 2.75 -12.50
CA SER A 136 19.66 2.59 -11.12
C SER A 136 20.83 2.07 -10.30
N THR A 137 20.79 2.33 -9.00
CA THR A 137 21.78 1.83 -8.07
C THR A 137 21.23 0.58 -7.42
N LEU A 138 21.88 -0.56 -7.69
CA LEU A 138 21.41 -1.82 -7.12
C LEU A 138 21.73 -1.91 -5.63
N GLN A 139 22.94 -1.52 -5.24
CA GLN A 139 23.37 -1.62 -3.85
C GLN A 139 24.63 -0.78 -3.69
N SER A 140 24.84 -0.26 -2.48
CA SER A 140 26.02 0.53 -2.18
C SER A 140 26.60 0.09 -0.84
N TRP A 141 27.90 0.33 -0.67
CA TRP A 141 28.64 -0.09 0.51
C TRP A 141 29.53 1.05 0.96
N THR A 142 29.43 1.43 2.23
CA THR A 142 30.22 2.51 2.81
C THR A 142 31.16 1.92 3.85
N TYR A 143 32.44 2.32 3.78
CA TYR A 143 33.41 1.86 4.75
C TYR A 143 33.35 2.77 5.98
N ASN A 144 33.06 2.18 7.14
CA ASN A 144 32.88 2.92 8.37
C ASN A 144 33.97 2.61 9.39
N GLY A 145 35.22 2.51 8.92
CA GLY A 145 36.35 2.28 9.80
C GLY A 145 36.33 0.93 10.48
N VAL B 13 -4.25 2.04 -10.11
CA VAL B 13 -3.24 1.19 -10.71
C VAL B 13 -1.97 1.21 -9.88
N SER B 14 -1.53 2.42 -9.52
CA SER B 14 -0.26 2.57 -8.78
C SER B 14 -0.25 1.90 -7.41
N PRO B 15 -1.32 1.92 -6.59
CA PRO B 15 -1.24 1.19 -5.31
C PRO B 15 -0.97 -0.30 -5.46
N VAL B 16 -1.55 -0.94 -6.47
CA VAL B 16 -1.35 -2.37 -6.66
C VAL B 16 0.09 -2.65 -7.05
N ILE B 17 0.66 -1.81 -7.91
CA ILE B 17 2.06 -1.97 -8.31
C ILE B 17 2.99 -1.75 -7.12
N GLY B 18 2.68 -0.75 -6.29
CA GLY B 18 3.46 -0.55 -5.09
C GLY B 18 3.44 -1.76 -4.17
N VAL B 19 2.26 -2.37 -4.02
CA VAL B 19 2.15 -3.59 -3.22
C VAL B 19 3.00 -4.70 -3.82
N ILE B 20 2.96 -4.86 -5.14
CA ILE B 20 3.73 -5.90 -5.80
C ILE B 20 5.22 -5.73 -5.53
N LEU B 21 5.72 -4.50 -5.68
CA LEU B 21 7.15 -4.26 -5.48
C LEU B 21 7.56 -4.43 -4.01
N MET B 22 6.69 -4.03 -3.08
CA MET B 22 6.99 -4.25 -1.66
C MET B 22 7.07 -5.73 -1.33
N VAL B 23 6.17 -6.54 -1.87
CA VAL B 23 6.22 -7.98 -1.63
C VAL B 23 7.50 -8.57 -2.23
N ALA B 24 7.87 -8.11 -3.43
CA ALA B 24 9.09 -8.60 -4.06
C ALA B 24 10.32 -8.30 -3.22
N ILE B 25 10.37 -7.11 -2.61
CA ILE B 25 11.50 -6.78 -1.73
C ILE B 25 11.47 -7.66 -0.47
N THR B 26 10.28 -7.85 0.10
CA THR B 26 10.15 -8.62 1.33
C THR B 26 10.66 -10.04 1.17
N VAL B 27 10.36 -10.68 0.05
CA VAL B 27 10.76 -12.08 -0.15
C VAL B 27 12.29 -12.21 -0.12
N ILE B 28 12.98 -11.34 -0.87
CA ILE B 28 14.43 -11.40 -0.94
C ILE B 28 15.05 -11.12 0.43
N LEU B 29 14.53 -10.11 1.13
CA LEU B 29 15.14 -9.76 2.41
C LEU B 29 14.94 -10.88 3.44
N ALA B 30 13.78 -11.53 3.40
CA ALA B 30 13.55 -12.68 4.28
C ALA B 30 14.52 -13.81 3.97
N ALA B 31 14.77 -14.08 2.68
CA ALA B 31 15.72 -15.13 2.34
C ALA B 31 17.12 -14.80 2.86
N VAL B 32 17.51 -13.53 2.78
CA VAL B 32 18.84 -13.12 3.24
C VAL B 32 18.97 -13.35 4.75
N ILE B 33 17.93 -13.03 5.53
CA ILE B 33 18.01 -13.34 6.96
C ILE B 33 18.04 -14.83 7.21
N GLY B 34 17.21 -15.59 6.48
CA GLY B 34 17.13 -17.00 6.73
C GLY B 34 18.45 -17.71 6.55
N THR B 35 19.18 -17.37 5.49
CA THR B 35 20.48 -17.99 5.28
C THR B 35 21.41 -17.73 6.46
N PHE B 36 21.45 -16.48 6.93
CA PHE B 36 22.35 -16.11 8.01
C PHE B 36 22.01 -16.84 9.31
N VAL B 37 20.72 -16.86 9.68
CA VAL B 37 20.37 -17.50 10.94
C VAL B 37 20.56 -19.00 10.87
N LEU B 38 20.31 -19.63 9.71
CA LEU B 38 20.54 -21.06 9.58
C LEU B 38 22.02 -21.38 9.71
N GLY B 39 22.88 -20.60 9.05
CA GLY B 39 24.31 -20.81 9.19
C GLY B 39 24.80 -20.59 10.61
N LEU B 40 24.23 -19.61 11.30
CA LEU B 40 24.58 -19.38 12.70
C LEU B 40 24.18 -20.55 13.58
N GLY B 41 22.99 -21.12 13.33
CA GLY B 41 22.53 -22.25 14.12
C GLY B 41 23.24 -23.54 13.83
N ASP B 42 23.84 -23.68 12.65
CA ASP B 42 24.56 -24.91 12.33
C ASP B 42 25.92 -25.00 13.03
N GLN B 43 26.42 -23.90 13.59
CA GLN B 43 27.79 -23.86 14.07
C GLN B 43 28.04 -24.65 15.36
N VAL B 44 27.01 -24.86 16.17
CA VAL B 44 27.19 -25.44 17.51
C VAL B 44 27.06 -26.96 17.42
N SER B 45 28.11 -27.68 17.82
CA SER B 45 28.13 -29.13 17.80
C SER B 45 29.40 -29.61 18.52
N GLU B 46 29.62 -30.93 18.45
CA GLU B 46 30.92 -31.55 18.75
C GLU B 46 31.41 -31.31 20.17
N THR B 47 30.72 -31.87 21.16
CA THR B 47 31.20 -31.88 22.54
C THR B 47 32.39 -32.83 22.68
N SER B 48 33.16 -32.63 23.75
CA SER B 48 34.39 -33.37 24.01
C SER B 48 34.15 -34.51 24.99
N PRO B 49 34.92 -35.59 24.88
CA PRO B 49 34.74 -36.73 25.80
C PRO B 49 35.16 -36.39 27.22
N GLN B 50 34.54 -37.09 28.17
CA GLN B 50 34.86 -36.95 29.59
C GLN B 50 35.50 -38.25 30.08
N ALA B 51 36.71 -38.14 30.63
CA ALA B 51 37.46 -39.29 31.08
C ALA B 51 38.46 -38.82 32.13
N SER B 52 39.03 -39.79 32.85
CA SER B 52 40.00 -39.52 33.89
C SER B 52 41.30 -40.26 33.58
N PHE B 53 42.42 -39.63 33.90
CA PHE B 53 43.74 -40.19 33.61
C PHE B 53 44.61 -40.15 34.85
N ASP B 54 45.56 -41.08 34.92
CA ASP B 54 46.49 -41.20 36.03
C ASP B 54 47.90 -40.91 35.55
N PHE B 55 48.58 -39.97 36.19
CA PHE B 55 49.95 -39.61 35.87
C PHE B 55 50.89 -40.20 36.91
N ASP B 56 51.88 -40.97 36.44
CA ASP B 56 52.81 -41.69 37.32
C ASP B 56 54.23 -41.36 36.88
N TYR B 57 54.96 -40.62 37.72
CA TYR B 57 56.29 -40.14 37.38
C TYR B 57 57.34 -40.85 38.22
N THR B 58 58.45 -41.22 37.57
CA THR B 58 59.59 -41.84 38.25
C THR B 58 60.79 -40.91 38.07
N ASN B 59 61.35 -40.43 39.19
CA ASN B 59 62.38 -39.41 39.13
C ASN B 59 63.73 -39.97 38.68
N THR B 60 63.97 -41.27 38.95
CA THR B 60 65.26 -41.86 38.61
C THR B 60 65.52 -41.86 37.11
N SER B 61 64.51 -42.19 36.31
CA SER B 61 64.66 -42.30 34.87
C SER B 61 64.01 -41.18 34.10
N GLY B 62 63.09 -40.42 34.72
CA GLY B 62 62.42 -39.35 34.03
C GLY B 62 61.22 -39.77 33.21
N ASN B 63 60.72 -40.98 33.42
CA ASN B 63 59.61 -41.52 32.64
C ASN B 63 58.29 -41.18 33.32
N LEU B 64 57.33 -40.70 32.53
CA LEU B 64 55.99 -40.37 33.00
C LEU B 64 55.00 -41.29 32.28
N THR B 65 54.18 -42.00 33.04
CA THR B 65 53.20 -42.93 32.48
C THR B 65 51.79 -42.34 32.65
N ILE B 66 51.02 -42.35 31.57
CA ILE B 66 49.66 -41.81 31.55
C ILE B 66 48.71 -42.96 31.25
N THR B 67 47.79 -43.25 32.16
CA THR B 67 46.88 -44.38 32.05
C THR B 67 45.44 -43.89 32.08
N HIS B 68 44.59 -44.53 31.27
CA HIS B 68 43.15 -44.25 31.28
C HIS B 68 42.51 -44.98 32.46
N GLU B 69 41.83 -44.23 33.32
CA GLU B 69 41.22 -44.77 34.52
C GLU B 69 39.75 -45.17 34.31
N SER B 70 38.91 -44.22 33.96
CA SER B 70 37.48 -44.48 33.80
C SER B 70 36.86 -43.37 32.97
N GLY B 71 35.75 -43.69 32.31
CA GLY B 71 35.09 -42.75 31.44
C GLY B 71 34.78 -43.31 30.07
N THR B 72 34.56 -42.44 29.09
CA THR B 72 34.18 -42.87 27.75
C THR B 72 35.39 -43.38 26.98
N SER B 73 35.11 -44.05 25.87
CA SER B 73 36.15 -44.56 24.97
C SER B 73 36.50 -43.48 23.96
N ILE B 74 37.79 -43.30 23.70
CA ILE B 74 38.28 -42.21 22.89
C ILE B 74 39.12 -42.76 21.76
N ASP B 75 38.91 -42.21 20.57
CA ASP B 75 39.78 -42.50 19.44
C ASP B 75 41.21 -42.10 19.76
N ALA B 76 42.16 -42.98 19.41
CA ALA B 76 43.55 -42.72 19.72
C ALA B 76 44.18 -41.67 18.81
N ASP B 77 43.53 -41.32 17.71
CA ASP B 77 44.02 -40.27 16.83
C ASP B 77 43.51 -38.89 17.21
N SER B 78 42.58 -38.79 18.16
CA SER B 78 42.04 -37.52 18.59
C SER B 78 42.76 -36.95 19.82
N VAL B 79 43.73 -37.66 20.36
CA VAL B 79 44.39 -37.29 21.61
C VAL B 79 45.88 -37.15 21.32
N SER B 80 46.46 -36.03 21.74
CA SER B 80 47.89 -35.76 21.60
C SER B 80 48.46 -35.26 22.92
N ILE B 81 49.78 -35.39 23.07
CA ILE B 81 50.49 -34.98 24.27
C ILE B 81 51.30 -33.74 23.95
N SER B 82 51.14 -32.70 24.78
CA SER B 82 51.90 -31.46 24.64
C SER B 82 52.60 -31.16 25.96
N GLY B 83 53.90 -30.92 25.89
CA GLY B 83 54.68 -30.57 27.05
C GLY B 83 56.16 -30.75 26.81
N PRO B 84 56.99 -30.36 27.78
CA PRO B 84 58.45 -30.51 27.65
C PRO B 84 58.90 -31.96 27.75
N VAL B 85 58.43 -32.79 26.81
CA VAL B 85 58.78 -34.20 26.74
C VAL B 85 59.25 -34.51 25.32
N GLY B 86 59.96 -35.64 25.19
CA GLY B 86 60.49 -36.01 23.89
C GLY B 86 59.41 -36.24 22.85
N ASP B 87 58.32 -36.90 23.24
CA ASP B 87 57.19 -37.17 22.36
C ASP B 87 56.20 -36.01 22.30
N ASP B 88 56.68 -34.80 22.01
CA ASP B 88 55.83 -33.63 22.08
C ASP B 88 55.06 -33.43 20.78
N GLY B 89 53.75 -33.26 20.89
CA GLY B 89 52.90 -32.99 19.75
C GLY B 89 52.48 -34.21 18.97
N LYS B 90 52.77 -35.42 19.45
CA LYS B 90 52.38 -36.65 18.78
C LYS B 90 51.10 -37.20 19.40
N THR B 91 50.34 -37.91 18.59
CA THR B 91 49.07 -38.47 19.05
C THR B 91 49.31 -39.72 19.88
N TRP B 92 48.27 -40.10 20.64
CA TRP B 92 48.32 -41.32 21.43
C TRP B 92 48.54 -42.55 20.57
N ALA B 93 48.04 -42.56 19.33
CA ALA B 93 48.22 -43.69 18.44
C ALA B 93 49.61 -43.76 17.83
N ASP B 94 50.41 -42.70 17.94
CA ASP B 94 51.78 -42.70 17.46
C ASP B 94 52.76 -43.16 18.53
N ILE B 95 52.51 -42.81 19.80
CA ILE B 95 53.46 -43.09 20.86
C ILE B 95 53.58 -44.59 21.09
N ASP B 96 52.47 -45.31 20.99
CA ASP B 96 52.49 -46.77 20.94
C ASP B 96 52.15 -47.21 19.52
N GLY B 97 52.61 -48.41 19.15
CA GLY B 97 52.58 -48.79 17.75
C GLY B 97 51.18 -48.95 17.18
N SER B 98 50.29 -49.65 17.90
CA SER B 98 49.07 -50.16 17.30
C SER B 98 47.81 -49.85 18.08
N ALA B 99 47.73 -48.73 18.76
CA ALA B 99 46.51 -48.37 19.47
C ALA B 99 45.44 -47.90 18.50
N THR B 100 44.18 -48.20 18.82
CA THR B 100 43.03 -47.72 18.07
C THR B 100 41.98 -47.04 18.94
N GLU B 101 41.77 -47.50 20.17
CA GLU B 101 40.84 -46.91 21.11
C GLU B 101 41.54 -46.76 22.45
N ILE B 102 41.06 -45.82 23.25
CA ILE B 102 41.57 -45.62 24.60
C ILE B 102 40.46 -46.00 25.57
N THR B 103 40.62 -47.17 26.20
CA THR B 103 39.70 -47.65 27.24
C THR B 103 40.48 -47.81 28.52
N ALA B 104 39.78 -48.18 29.59
CA ALA B 104 40.40 -48.28 30.91
C ALA B 104 41.52 -49.32 30.89
N GLY B 105 42.65 -48.95 31.49
CA GLY B 105 43.82 -49.80 31.49
C GLY B 105 44.83 -49.52 30.40
N SER B 106 44.55 -48.58 29.52
CA SER B 106 45.46 -48.23 28.42
C SER B 106 46.43 -47.17 28.89
N SER B 107 47.71 -47.35 28.55
CA SER B 107 48.73 -46.43 29.04
C SER B 107 49.79 -46.20 27.97
N ILE B 108 50.44 -45.04 28.07
CA ILE B 108 51.60 -44.68 27.27
C ILE B 108 52.68 -44.16 28.22
N THR B 109 53.92 -44.15 27.73
CA THR B 109 55.06 -43.68 28.51
C THR B 109 55.83 -42.65 27.71
N VAL B 110 55.98 -41.46 28.26
CA VAL B 110 56.80 -40.42 27.68
C VAL B 110 57.98 -40.16 28.61
N THR B 111 59.00 -39.48 28.11
CA THR B 111 60.19 -39.17 28.88
C THR B 111 60.40 -37.66 28.93
N ALA B 112 60.79 -37.17 30.10
CA ALA B 112 61.03 -35.74 30.28
C ALA B 112 62.15 -35.26 29.37
N ASN B 113 61.94 -34.10 28.74
CA ASN B 113 62.90 -33.59 27.78
C ASN B 113 64.21 -33.24 28.51
N GLY B 114 65.31 -33.63 27.91
CA GLY B 114 66.58 -33.68 28.64
C GLY B 114 66.75 -35.03 29.31
N SER B 115 66.75 -35.04 30.64
CA SER B 115 66.62 -36.31 31.35
C SER B 115 65.76 -36.20 32.61
N SER B 116 65.20 -35.04 32.92
CA SER B 116 64.41 -34.86 34.13
C SER B 116 63.55 -33.61 33.99
N PHE B 117 62.51 -33.54 34.81
CA PHE B 117 61.62 -32.39 34.83
C PHE B 117 62.16 -31.31 35.77
N ASP B 118 61.66 -30.10 35.58
CA ASP B 118 61.92 -28.99 36.49
C ASP B 118 60.60 -28.57 37.13
N SER B 119 60.68 -28.08 38.36
CA SER B 119 59.48 -27.71 39.10
C SER B 119 58.72 -26.63 38.36
N GLY B 120 57.41 -26.84 38.18
CA GLY B 120 56.57 -25.91 37.45
C GLY B 120 56.37 -26.22 35.99
N GLU B 121 56.78 -27.40 35.52
CA GLU B 121 56.60 -27.80 34.14
C GLU B 121 55.35 -28.65 34.01
N THR B 122 54.51 -28.33 33.03
CA THR B 122 53.19 -28.94 32.87
C THR B 122 53.15 -29.81 31.63
N VAL B 123 52.45 -30.93 31.73
CA VAL B 123 52.19 -31.84 30.62
C VAL B 123 50.68 -31.99 30.48
N ARG B 124 50.17 -31.83 29.26
CA ARG B 124 48.73 -31.84 29.02
C ARG B 124 48.31 -33.00 28.12
N VAL B 125 47.04 -33.39 28.27
CA VAL B 125 46.37 -34.32 27.37
C VAL B 125 45.29 -33.52 26.65
N ILE B 126 45.31 -33.56 25.32
CA ILE B 126 44.53 -32.63 24.50
C ILE B 126 43.69 -33.40 23.50
N TRP B 127 42.42 -33.03 23.39
CA TRP B 127 41.49 -33.63 22.43
C TRP B 127 41.23 -32.64 21.29
N THR B 128 41.22 -33.14 20.07
CA THR B 128 40.95 -32.34 18.88
C THR B 128 39.83 -32.98 18.06
N SER B 129 38.90 -32.15 17.58
CA SER B 129 37.76 -32.67 16.83
C SER B 129 38.17 -33.05 15.41
N ASP B 130 37.27 -33.80 14.75
CA ASP B 130 37.57 -34.34 13.43
C ASP B 130 37.76 -33.24 12.40
N SER B 131 36.96 -32.18 12.48
CA SER B 131 37.12 -31.06 11.56
C SER B 131 38.36 -30.23 11.88
N GLY B 132 38.86 -30.32 13.11
CA GLY B 132 40.00 -29.55 13.53
C GLY B 132 39.71 -28.15 14.03
N SER B 133 38.44 -27.78 14.16
CA SER B 133 38.04 -26.45 14.56
C SER B 133 37.66 -26.34 16.02
N SER B 134 37.94 -27.38 16.82
CA SER B 134 37.70 -27.33 18.25
C SER B 134 38.75 -28.18 18.96
N SER B 135 39.11 -27.76 20.16
CA SER B 135 40.07 -28.46 20.98
C SER B 135 39.69 -28.30 22.44
N SER B 136 40.20 -29.19 23.28
CA SER B 136 39.99 -29.10 24.71
C SER B 136 41.15 -29.79 25.42
N THR B 137 41.37 -29.37 26.67
CA THR B 137 42.38 -29.98 27.52
C THR B 137 41.69 -31.00 28.42
N LEU B 138 42.03 -32.27 28.23
CA LEU B 138 41.41 -33.32 29.03
C LEU B 138 41.94 -33.32 30.45
N GLN B 139 43.25 -33.19 30.63
CA GLN B 139 43.87 -33.21 31.95
C GLN B 139 45.28 -32.67 31.81
N SER B 140 45.79 -32.09 32.90
CA SER B 140 47.14 -31.56 32.93
C SER B 140 47.83 -31.96 34.23
N TRP B 141 49.16 -32.01 34.19
CA TRP B 141 49.98 -32.46 35.30
C TRP B 141 51.15 -31.50 35.46
N THR B 142 51.33 -30.97 36.66
CA THR B 142 52.42 -30.05 36.97
C THR B 142 53.38 -30.72 37.95
N TYR B 143 54.67 -30.64 37.65
CA TYR B 143 55.68 -31.19 38.54
C TYR B 143 56.00 -30.16 39.62
N ASN B 144 55.79 -30.54 40.88
CA ASN B 144 55.97 -29.64 42.02
C ASN B 144 57.13 -30.08 42.91
N GLY B 145 58.23 -30.51 42.30
CA GLY B 145 59.41 -30.89 43.04
C GLY B 145 59.22 -32.12 43.91
N VAL C 13 -10.05 8.22 -9.47
CA VAL C 13 -11.01 7.21 -9.04
C VAL C 13 -10.29 5.89 -8.78
N SER C 14 -9.46 5.48 -9.75
CA SER C 14 -8.78 4.19 -9.65
C SER C 14 -7.84 4.05 -8.45
N PRO C 15 -7.06 5.06 -8.04
CA PRO C 15 -6.23 4.87 -6.84
C PRO C 15 -7.03 4.53 -5.58
N VAL C 16 -8.19 5.16 -5.40
CA VAL C 16 -9.00 4.91 -4.21
C VAL C 16 -9.53 3.48 -4.23
N ILE C 17 -9.95 3.00 -5.40
CA ILE C 17 -10.44 1.64 -5.53
C ILE C 17 -9.32 0.64 -5.27
N GLY C 18 -8.11 0.93 -5.79
CA GLY C 18 -6.98 0.08 -5.49
C GLY C 18 -6.68 0.00 -4.01
N VAL C 19 -6.77 1.13 -3.32
CA VAL C 19 -6.57 1.14 -1.87
C VAL C 19 -7.63 0.28 -1.18
N ILE C 20 -8.89 0.40 -1.61
CA ILE C 20 -9.97 -0.37 -1.01
C ILE C 20 -9.72 -1.87 -1.15
N LEU C 21 -9.33 -2.30 -2.37
CA LEU C 21 -9.10 -3.73 -2.59
C LEU C 21 -7.88 -4.24 -1.83
N MET C 22 -6.84 -3.41 -1.72
CA MET C 22 -5.67 -3.82 -0.94
C MET C 22 -6.02 -3.99 0.54
N VAL C 23 -6.82 -3.08 1.09
CA VAL C 23 -7.25 -3.22 2.48
C VAL C 23 -8.09 -4.48 2.67
N ALA C 24 -8.97 -4.76 1.71
CA ALA C 24 -9.81 -5.95 1.80
C ALA C 24 -8.97 -7.22 1.81
N ILE C 25 -7.90 -7.26 1.00
CA ILE C 25 -7.01 -8.42 1.01
C ILE C 25 -6.27 -8.51 2.34
N THR C 26 -5.79 -7.37 2.84
CA THR C 26 -5.01 -7.36 4.08
C THR C 26 -5.80 -7.93 5.25
N VAL C 27 -7.08 -7.57 5.36
CA VAL C 27 -7.87 -8.03 6.50
C VAL C 27 -7.98 -9.55 6.52
N ILE C 28 -8.30 -10.15 5.37
CA ILE C 28 -8.44 -11.61 5.29
C ILE C 28 -7.11 -12.29 5.60
N LEU C 29 -6.02 -11.79 5.03
CA LEU C 29 -4.74 -12.45 5.23
C LEU C 29 -4.31 -12.38 6.69
N ALA C 30 -4.57 -11.25 7.35
CA ALA C 30 -4.28 -11.13 8.77
C ALA C 30 -5.09 -12.12 9.59
N ALA C 31 -6.37 -12.29 9.26
CA ALA C 31 -7.18 -13.27 9.98
C ALA C 31 -6.63 -14.69 9.81
N VAL C 32 -6.16 -15.01 8.60
CA VAL C 32 -5.61 -16.34 8.35
C VAL C 32 -4.37 -16.58 9.20
N ILE C 33 -3.49 -15.59 9.33
CA ILE C 33 -2.33 -15.77 10.21
C ILE C 33 -2.76 -15.89 11.67
N GLY C 34 -3.71 -15.05 12.08
CA GLY C 34 -4.12 -15.03 13.47
C GLY C 34 -4.63 -16.37 13.94
N THR C 35 -5.47 -17.03 13.13
CA THR C 35 -5.99 -18.34 13.50
C THR C 35 -4.84 -19.33 13.71
N PHE C 36 -3.87 -19.34 12.80
CA PHE C 36 -2.78 -20.30 12.87
C PHE C 36 -1.92 -20.07 14.10
N VAL C 37 -1.54 -18.83 14.38
CA VAL C 37 -0.67 -18.58 15.52
C VAL C 37 -1.41 -18.84 16.84
N LEU C 38 -2.71 -18.52 16.91
CA LEU C 38 -3.45 -18.82 18.12
C LEU C 38 -3.55 -20.31 18.36
N GLY C 39 -3.84 -21.09 17.31
CA GLY C 39 -3.85 -22.53 17.46
C GLY C 39 -2.50 -23.10 17.84
N LEU C 40 -1.42 -22.54 17.30
CA LEU C 40 -0.08 -22.97 17.68
C LEU C 40 0.21 -22.68 19.15
N GLY C 41 -0.21 -21.52 19.63
CA GLY C 41 0.03 -21.15 21.02
C GLY C 41 -0.84 -21.90 22.01
N ASP C 42 -1.99 -22.43 21.57
CA ASP C 42 -2.83 -23.19 22.49
C ASP C 42 -2.31 -24.59 22.78
N GLN C 43 -1.33 -25.06 22.02
CA GLN C 43 -0.93 -26.47 22.08
C GLN C 43 -0.14 -26.83 23.33
N VAL C 44 0.54 -25.87 23.96
CA VAL C 44 1.48 -26.16 25.04
C VAL C 44 0.73 -26.09 26.37
N SER C 45 0.75 -27.20 27.12
CA SER C 45 0.09 -27.29 28.42
C SER C 45 0.47 -28.61 29.07
N GLU C 46 -0.18 -28.89 30.21
CA GLU C 46 -0.23 -30.23 30.81
C GLU C 46 1.14 -30.81 31.18
N THR C 47 1.81 -30.21 32.16
CA THR C 47 3.02 -30.78 32.74
C THR C 47 2.68 -32.02 33.56
N SER C 48 3.70 -32.85 33.80
CA SER C 48 3.56 -34.12 34.49
C SER C 48 3.95 -33.99 35.96
N PRO C 49 3.35 -34.81 36.83
CA PRO C 49 3.68 -34.73 38.26
C PRO C 49 5.09 -35.23 38.55
N GLN C 50 5.67 -34.72 39.63
CA GLN C 50 6.99 -35.12 40.10
C GLN C 50 6.84 -35.85 41.42
N ALA C 51 7.33 -37.07 41.48
CA ALA C 51 7.21 -37.91 42.67
C ALA C 51 8.31 -38.95 42.64
N SER C 52 8.51 -39.61 43.78
CA SER C 52 9.53 -40.65 43.91
C SER C 52 8.87 -41.95 44.37
N PHE C 53 9.38 -43.07 43.85
CA PHE C 53 8.83 -44.38 44.14
C PHE C 53 9.93 -45.32 44.59
N ASP C 54 9.54 -46.31 45.38
CA ASP C 54 10.45 -47.32 45.92
C ASP C 54 10.08 -48.69 45.34
N PHE C 55 11.05 -49.35 44.73
CA PHE C 55 10.87 -50.68 44.17
C PHE C 55 11.50 -51.72 45.09
N ASP C 56 10.72 -52.71 45.51
CA ASP C 56 11.15 -53.72 46.47
C ASP C 56 10.84 -55.10 45.89
N TYR C 57 11.88 -55.85 45.55
CA TYR C 57 11.74 -57.13 44.87
C TYR C 57 12.14 -58.27 45.80
N THR C 58 11.36 -59.35 45.78
CA THR C 58 11.64 -60.56 46.54
C THR C 58 11.84 -61.71 45.55
N ASN C 59 13.03 -62.30 45.57
CA ASN C 59 13.38 -63.29 44.55
C ASN C 59 12.69 -64.62 44.79
N THR C 60 12.34 -64.94 46.03
CA THR C 60 11.74 -66.23 46.34
C THR C 60 10.38 -66.39 45.66
N SER C 61 9.56 -65.35 45.68
CA SER C 61 8.21 -65.42 45.14
C SER C 61 8.03 -64.65 43.84
N GLY C 62 8.95 -63.76 43.51
CA GLY C 62 8.83 -62.98 42.28
C GLY C 62 7.96 -61.76 42.39
N ASN C 63 7.64 -61.33 43.60
CA ASN C 63 6.75 -60.19 43.83
C ASN C 63 7.56 -58.91 43.90
N LEU C 64 7.10 -57.87 43.20
CA LEU C 64 7.71 -56.55 43.21
C LEU C 64 6.70 -55.56 43.77
N THR C 65 7.11 -54.81 44.80
CA THR C 65 6.24 -53.86 45.45
C THR C 65 6.70 -52.44 45.11
N ILE C 66 5.76 -51.59 44.69
CA ILE C 66 6.03 -50.22 44.30
C ILE C 66 5.30 -49.30 45.27
N THR C 67 6.03 -48.46 45.99
CA THR C 67 5.48 -47.59 47.01
C THR C 67 5.77 -46.13 46.69
N HIS C 68 4.81 -45.26 46.97
CA HIS C 68 4.98 -43.81 46.81
C HIS C 68 5.75 -43.29 48.02
N GLU C 69 6.89 -42.64 47.77
CA GLU C 69 7.74 -42.13 48.84
C GLU C 69 7.44 -40.68 49.19
N SER C 70 7.58 -39.76 48.24
CA SER C 70 7.38 -38.35 48.50
C SER C 70 7.14 -37.62 47.19
N GLY C 71 6.45 -36.48 47.27
CA GLY C 71 6.11 -35.72 46.09
C GLY C 71 4.64 -35.35 46.03
N THR C 72 4.15 -35.03 44.82
CA THR C 72 2.78 -34.58 44.66
C THR C 72 1.82 -35.76 44.71
N SER C 73 0.53 -35.44 44.85
CA SER C 73 -0.53 -36.43 44.83
C SER C 73 -0.99 -36.66 43.40
N ILE C 74 -1.19 -37.93 43.05
CA ILE C 74 -1.46 -38.31 41.68
C ILE C 74 -2.76 -39.11 41.62
N ASP C 75 -3.58 -38.80 40.63
CA ASP C 75 -4.76 -39.60 40.34
C ASP C 75 -4.35 -41.02 40.01
N ALA C 76 -5.09 -41.99 40.59
CA ALA C 76 -4.75 -43.39 40.40
C ALA C 76 -5.12 -43.90 39.00
N ASP C 77 -5.94 -43.16 38.26
CA ASP C 77 -6.29 -43.56 36.90
C ASP C 77 -5.33 -43.01 35.86
N SER C 78 -4.40 -42.14 36.25
CA SER C 78 -3.42 -41.58 35.34
C SER C 78 -2.11 -42.35 35.31
N VAL C 79 -1.97 -43.39 36.13
CA VAL C 79 -0.71 -44.10 36.28
C VAL C 79 -0.95 -45.57 35.93
N SER C 80 -0.11 -46.12 35.06
CA SER C 80 -0.18 -47.52 34.67
C SER C 80 1.21 -48.16 34.75
N ILE C 81 1.22 -49.48 34.84
CA ILE C 81 2.45 -50.27 34.95
C ILE C 81 2.67 -50.98 33.63
N SER C 82 3.88 -50.84 33.07
CA SER C 82 4.27 -51.53 31.85
C SER C 82 5.55 -52.30 32.10
N GLY C 83 5.54 -53.60 31.76
CA GLY C 83 6.71 -54.42 31.91
C GLY C 83 6.36 -55.90 31.85
N PRO C 84 7.37 -56.76 31.88
CA PRO C 84 7.12 -58.22 31.85
C PRO C 84 6.55 -58.74 33.17
N VAL C 85 5.36 -58.24 33.53
CA VAL C 85 4.68 -58.65 34.73
C VAL C 85 3.25 -59.03 34.38
N GLY C 86 2.61 -59.79 35.28
CA GLY C 86 1.26 -60.25 35.01
C GLY C 86 0.26 -59.11 34.85
N ASP C 87 0.38 -58.08 35.69
CA ASP C 87 -0.50 -56.91 35.62
C ASP C 87 -0.01 -55.87 34.62
N ASP C 88 0.24 -56.27 33.37
CA ASP C 88 0.86 -55.37 32.40
C ASP C 88 -0.19 -54.52 31.71
N GLY C 89 0.04 -53.21 31.70
CA GLY C 89 -0.84 -52.28 31.03
C GLY C 89 -2.06 -51.85 31.81
N LYS C 90 -2.16 -52.23 33.08
CA LYS C 90 -3.29 -51.85 33.92
C LYS C 90 -2.92 -50.64 34.78
N THR C 91 -3.94 -49.85 35.12
CA THR C 91 -3.71 -48.65 35.90
C THR C 91 -3.51 -49.00 37.38
N TRP C 92 -2.98 -48.03 38.12
CA TRP C 92 -2.79 -48.19 39.55
C TRP C 92 -4.11 -48.40 40.28
N ALA C 93 -5.20 -47.83 39.77
CA ALA C 93 -6.51 -48.00 40.39
C ALA C 93 -7.14 -49.34 40.09
N ASP C 94 -6.61 -50.09 39.13
CA ASP C 94 -7.10 -51.44 38.83
C ASP C 94 -6.38 -52.51 39.64
N ILE C 95 -5.08 -52.32 39.89
CA ILE C 95 -4.28 -53.35 40.53
C ILE C 95 -4.75 -53.55 41.98
N ASP C 96 -5.09 -52.46 42.66
CA ASP C 96 -5.78 -52.56 43.95
C ASP C 96 -7.23 -52.15 43.75
N GLY C 97 -8.11 -52.63 44.63
CA GLY C 97 -9.53 -52.53 44.38
C GLY C 97 -10.06 -51.09 44.36
N SER C 98 -9.68 -50.30 45.36
CA SER C 98 -10.40 -49.06 45.64
C SER C 98 -9.52 -47.83 45.79
N ALA C 99 -8.39 -47.75 45.09
CA ALA C 99 -7.56 -46.56 45.16
C ALA C 99 -8.19 -45.41 44.38
N THR C 100 -7.97 -44.19 44.88
CA THR C 100 -8.39 -42.98 44.20
C THR C 100 -7.28 -41.96 44.04
N GLU C 101 -6.37 -41.85 45.01
CA GLU C 101 -5.22 -40.96 44.95
C GLU C 101 -3.99 -41.74 45.34
N ILE C 102 -2.83 -41.28 44.89
CA ILE C 102 -1.55 -41.86 45.25
C ILE C 102 -0.80 -40.83 46.10
N THR C 103 -0.74 -41.08 47.41
CA THR C 103 0.00 -40.27 48.35
C THR C 103 1.06 -41.14 49.00
N ALA C 104 1.89 -40.52 49.85
CA ALA C 104 3.00 -41.23 50.47
C ALA C 104 2.49 -42.39 51.32
N GLY C 105 3.14 -43.54 51.17
CA GLY C 105 2.72 -44.74 51.85
C GLY C 105 1.81 -45.66 51.06
N SER C 106 1.44 -45.29 49.84
CA SER C 106 0.59 -46.10 48.99
C SER C 106 1.43 -47.06 48.17
N SER C 107 1.00 -48.32 48.10
CA SER C 107 1.79 -49.32 47.41
C SER C 107 0.89 -50.31 46.68
N ILE C 108 1.47 -50.91 45.63
CA ILE C 108 0.85 -51.99 44.88
C ILE C 108 1.89 -53.11 44.75
N THR C 109 1.40 -54.31 44.44
CA THR C 109 2.27 -55.48 44.28
C THR C 109 1.97 -56.15 42.96
N VAL C 110 2.98 -56.27 42.11
CA VAL C 110 2.89 -57.02 40.88
C VAL C 110 3.78 -58.25 40.97
N THR C 111 3.59 -59.19 40.06
CA THR C 111 4.37 -60.42 40.03
C THR C 111 5.07 -60.56 38.70
N ALA C 112 6.32 -61.01 38.72
CA ALA C 112 7.10 -61.19 37.50
C ALA C 112 6.44 -62.23 36.61
N ASN C 113 6.39 -61.93 35.32
CA ASN C 113 5.72 -62.81 34.36
C ASN C 113 6.46 -64.13 34.27
N GLY C 114 5.72 -65.21 34.29
CA GLY C 114 6.30 -66.53 34.56
C GLY C 114 6.31 -66.80 36.06
N SER C 115 7.50 -66.89 36.64
CA SER C 115 7.59 -66.86 38.10
C SER C 115 8.80 -66.08 38.61
N SER C 116 9.61 -65.50 37.73
CA SER C 116 10.80 -64.78 38.16
C SER C 116 11.25 -63.86 37.04
N PHE C 117 12.08 -62.88 37.40
CA PHE C 117 12.62 -61.94 36.43
C PHE C 117 13.91 -62.49 35.84
N ASP C 118 14.31 -61.93 34.70
CA ASP C 118 15.59 -62.18 34.08
C ASP C 118 16.40 -60.90 34.08
N SER C 119 17.72 -61.03 34.16
CA SER C 119 18.59 -59.87 34.23
C SER C 119 18.43 -59.01 32.99
N GLY C 120 18.23 -57.71 33.19
CA GLY C 120 18.01 -56.79 32.11
C GLY C 120 16.58 -56.51 31.75
N GLU C 121 15.63 -56.92 32.58
CA GLU C 121 14.21 -56.68 32.35
C GLU C 121 13.77 -55.47 33.16
N THR C 122 13.07 -54.54 32.50
CA THR C 122 12.72 -53.25 33.07
C THR C 122 11.21 -53.17 33.31
N VAL C 123 10.84 -52.52 34.42
CA VAL C 123 9.46 -52.23 34.75
C VAL C 123 9.33 -50.72 34.93
N ARG C 124 8.32 -50.13 34.30
CA ARG C 124 8.16 -48.68 34.31
C ARG C 124 6.86 -48.25 34.98
N VAL C 125 6.88 -47.02 35.49
CA VAL C 125 5.69 -46.32 35.98
C VAL C 125 5.44 -45.17 35.02
N ILE C 126 4.22 -45.10 34.48
CA ILE C 126 3.92 -44.23 33.35
C ILE C 126 2.72 -43.36 33.66
N TRP C 127 2.84 -42.07 33.36
CA TRP C 127 1.75 -41.11 33.54
C TRP C 127 1.17 -40.73 32.19
N THR C 128 -0.16 -40.65 32.10
CA THR C 128 -0.86 -40.28 30.89
C THR C 128 -1.82 -39.14 31.18
N SER C 129 -1.86 -38.14 30.30
CA SER C 129 -2.71 -36.98 30.51
C SER C 129 -4.17 -37.30 30.21
N ASP C 130 -5.05 -36.40 30.66
CA ASP C 130 -6.50 -36.64 30.55
C ASP C 130 -6.95 -36.71 29.10
N SER C 131 -6.37 -35.88 28.24
CA SER C 131 -6.72 -35.92 26.81
C SER C 131 -6.11 -37.14 26.12
N GLY C 132 -5.07 -37.73 26.71
CA GLY C 132 -4.40 -38.86 26.12
C GLY C 132 -3.33 -38.53 25.10
N SER C 133 -3.01 -37.25 24.91
CA SER C 133 -2.05 -36.82 23.91
C SER C 133 -0.67 -36.54 24.49
N SER C 134 -0.42 -36.91 25.74
CA SER C 134 0.90 -36.78 26.34
C SER C 134 1.11 -37.90 27.33
N SER C 135 2.38 -38.32 27.45
CA SER C 135 2.76 -39.37 28.38
C SER C 135 4.16 -39.08 28.89
N SER C 136 4.50 -39.68 30.02
CA SER C 136 5.84 -39.56 30.58
C SER C 136 6.13 -40.79 31.41
N THR C 137 7.42 -41.07 31.57
CA THR C 137 7.88 -42.17 32.43
C THR C 137 8.27 -41.58 33.77
N LEU C 138 7.53 -41.96 34.81
CA LEU C 138 7.81 -41.45 36.15
C LEU C 138 9.08 -42.07 36.72
N GLN C 139 9.24 -43.37 36.59
CA GLN C 139 10.38 -44.08 37.14
C GLN C 139 10.44 -45.47 36.51
N SER C 140 11.65 -46.01 36.41
CA SER C 140 11.86 -47.34 35.85
C SER C 140 12.82 -48.12 36.73
N TRP C 141 12.71 -49.46 36.67
CA TRP C 141 13.48 -50.37 37.50
C TRP C 141 14.00 -51.50 36.62
N THR C 142 15.30 -51.73 36.66
CA THR C 142 15.94 -52.79 35.90
C THR C 142 16.48 -53.85 36.85
N TYR C 143 16.20 -55.11 36.57
CA TYR C 143 16.73 -56.20 37.37
C TYR C 143 18.13 -56.55 36.90
N ASN C 144 19.10 -56.44 37.80
CA ASN C 144 20.51 -56.65 37.48
C ASN C 144 21.07 -57.88 38.19
N GLY C 145 20.29 -58.96 38.22
CA GLY C 145 20.74 -60.21 38.81
C GLY C 145 20.99 -60.12 40.30
N VAL D 13 -6.55 14.23 -14.35
CA VAL D 13 -6.56 15.11 -13.19
C VAL D 13 -6.94 14.33 -11.94
N SER D 14 -8.01 13.54 -12.05
CA SER D 14 -8.52 12.81 -10.89
C SER D 14 -7.54 11.79 -10.31
N PRO D 15 -6.76 11.02 -11.10
CA PRO D 15 -5.79 10.10 -10.46
C PRO D 15 -4.78 10.81 -9.56
N VAL D 16 -4.30 11.98 -9.96
CA VAL D 16 -3.31 12.70 -9.17
C VAL D 16 -3.92 13.16 -7.86
N ILE D 17 -5.17 13.63 -7.91
CA ILE D 17 -5.86 14.07 -6.69
C ILE D 17 -6.12 12.89 -5.77
N GLY D 18 -6.50 11.75 -6.34
CA GLY D 18 -6.66 10.55 -5.53
C GLY D 18 -5.37 10.16 -4.83
N VAL D 19 -4.24 10.25 -5.54
CA VAL D 19 -2.95 9.96 -4.93
C VAL D 19 -2.67 10.93 -3.79
N ILE D 20 -2.96 12.22 -4.00
CA ILE D 20 -2.71 13.23 -2.96
C ILE D 20 -3.51 12.90 -1.70
N LEU D 21 -4.79 12.57 -1.86
CA LEU D 21 -5.63 12.31 -0.69
C LEU D 21 -5.21 11.01 0.01
N MET D 22 -4.80 10.00 -0.75
CA MET D 22 -4.32 8.77 -0.12
C MET D 22 -3.06 9.01 0.69
N VAL D 23 -2.13 9.82 0.17
CA VAL D 23 -0.92 10.15 0.92
C VAL D 23 -1.27 10.92 2.19
N ALA D 24 -2.21 11.85 2.08
CA ALA D 24 -2.63 12.62 3.25
C ALA D 24 -3.21 11.72 4.33
N ILE D 25 -3.99 10.72 3.95
CA ILE D 25 -4.53 9.78 4.94
C ILE D 25 -3.40 8.94 5.55
N THR D 26 -2.47 8.48 4.71
CA THR D 26 -1.38 7.63 5.18
C THR D 26 -0.55 8.31 6.25
N VAL D 27 -0.25 9.59 6.08
CA VAL D 27 0.61 10.30 7.03
C VAL D 27 -0.04 10.33 8.41
N ILE D 28 -1.32 10.69 8.48
CA ILE D 28 -2.01 10.77 9.75
C ILE D 28 -2.09 9.41 10.42
N LEU D 29 -2.43 8.37 9.63
CA LEU D 29 -2.60 7.04 10.23
C LEU D 29 -1.27 6.52 10.78
N ALA D 30 -0.17 6.80 10.06
CA ALA D 30 1.15 6.42 10.55
C ALA D 30 1.49 7.13 11.85
N ALA D 31 1.16 8.42 11.96
CA ALA D 31 1.41 9.14 13.21
C ALA D 31 0.62 8.53 14.35
N VAL D 32 -0.62 8.13 14.10
CA VAL D 32 -1.46 7.54 15.15
C VAL D 32 -0.84 6.23 15.65
N ILE D 33 -0.33 5.40 14.75
CA ILE D 33 0.34 4.17 15.22
C ILE D 33 1.61 4.51 15.98
N GLY D 34 2.39 5.46 15.48
CA GLY D 34 3.66 5.77 16.10
C GLY D 34 3.52 6.20 17.54
N THR D 35 2.53 7.06 17.82
CA THR D 35 2.31 7.48 19.20
C THR D 35 2.02 6.29 20.10
N PHE D 36 1.15 5.38 19.65
CA PHE D 36 0.75 4.24 20.46
C PHE D 36 1.93 3.31 20.74
N VAL D 37 2.71 2.98 19.71
CA VAL D 37 3.81 2.05 19.92
C VAL D 37 4.91 2.68 20.77
N LEU D 38 5.16 3.98 20.62
CA LEU D 38 6.16 4.64 21.46
C LEU D 38 5.73 4.65 22.92
N GLY D 39 4.45 4.97 23.18
CA GLY D 39 3.95 4.92 24.54
C GLY D 39 4.00 3.52 25.13
N LEU D 40 3.71 2.50 24.31
CA LEU D 40 3.80 1.12 24.78
C LEU D 40 5.24 0.75 25.12
N GLY D 41 6.21 1.19 24.32
CA GLY D 41 7.59 0.87 24.58
C GLY D 41 8.19 1.64 25.74
N ASP D 42 7.62 2.79 26.11
CA ASP D 42 8.15 3.54 27.23
C ASP D 42 7.77 2.93 28.58
N GLN D 43 6.83 1.99 28.62
CA GLN D 43 6.27 1.53 29.89
C GLN D 43 7.20 0.64 30.70
N VAL D 44 8.15 -0.04 30.05
CA VAL D 44 8.96 -1.06 30.73
C VAL D 44 10.22 -0.41 31.29
N SER D 45 10.40 -0.52 32.61
CA SER D 45 11.55 0.06 33.30
C SER D 45 11.55 -0.42 34.74
N GLU D 46 12.48 0.12 35.54
CA GLU D 46 12.43 0.07 37.00
C GLU D 46 12.45 -1.33 37.58
N THR D 47 13.57 -2.04 37.43
CA THR D 47 13.79 -3.31 38.11
C THR D 47 14.00 -3.09 39.61
N SER D 48 13.81 -4.15 40.38
CA SER D 48 13.89 -4.11 41.83
C SER D 48 15.23 -4.59 42.33
N PRO D 49 15.69 -4.09 43.48
CA PRO D 49 16.99 -4.51 44.02
C PRO D 49 16.98 -5.96 44.48
N GLN D 50 18.15 -6.58 44.45
CA GLN D 50 18.34 -7.95 44.93
C GLN D 50 19.23 -7.92 46.17
N ALA D 51 18.72 -8.46 47.27
CA ALA D 51 19.43 -8.46 48.54
C ALA D 51 18.89 -9.60 49.39
N SER D 52 19.62 -9.90 50.46
CA SER D 52 19.26 -10.98 51.38
C SER D 52 19.12 -10.40 52.78
N PHE D 53 18.15 -10.93 53.54
CA PHE D 53 17.85 -10.46 54.87
C PHE D 53 17.80 -11.62 55.84
N ASP D 54 18.09 -11.34 57.11
CA ASP D 54 18.09 -12.32 58.18
C ASP D 54 17.00 -11.98 59.18
N PHE D 55 16.11 -12.94 59.45
CA PHE D 55 15.04 -12.78 60.41
C PHE D 55 15.39 -13.51 61.70
N ASP D 56 15.36 -12.80 62.83
CA ASP D 56 15.76 -13.33 64.12
C ASP D 56 14.66 -13.04 65.13
N TYR D 57 13.97 -14.09 65.58
CA TYR D 57 12.80 -13.97 66.45
C TYR D 57 13.13 -14.48 67.84
N THR D 58 12.67 -13.75 68.86
CA THR D 58 12.81 -14.14 70.26
C THR D 58 11.42 -14.32 70.84
N ASN D 59 11.12 -15.54 71.31
CA ASN D 59 9.76 -15.86 71.73
C ASN D 59 9.42 -15.24 73.07
N THR D 60 10.42 -15.00 73.93
CA THR D 60 10.15 -14.47 75.26
C THR D 60 9.52 -13.08 75.20
N SER D 61 10.03 -12.22 74.33
CA SER D 61 9.58 -10.83 74.25
C SER D 61 8.75 -10.54 73.01
N GLY D 62 8.80 -11.40 72.00
CA GLY D 62 8.04 -11.16 70.78
C GLY D 62 8.71 -10.25 69.78
N ASN D 63 10.00 -9.99 69.94
CA ASN D 63 10.74 -9.06 69.09
C ASN D 63 11.34 -9.82 67.90
N LEU D 64 11.17 -9.26 66.71
CA LEU D 64 11.73 -9.82 65.48
C LEU D 64 12.71 -8.82 64.90
N THR D 65 13.94 -9.25 64.66
CA THR D 65 15.00 -8.39 64.14
C THR D 65 15.27 -8.75 62.68
N ILE D 66 15.31 -7.76 61.81
CA ILE D 66 15.56 -7.94 60.39
C ILE D 66 16.85 -7.22 60.03
N THR D 67 17.83 -7.97 59.53
CA THR D 67 19.16 -7.44 59.24
C THR D 67 19.50 -7.66 57.77
N HIS D 68 20.16 -6.67 57.17
CA HIS D 68 20.65 -6.77 55.80
C HIS D 68 21.94 -7.59 55.80
N GLU D 69 21.95 -8.69 55.03
CA GLU D 69 23.10 -9.58 54.96
C GLU D 69 24.07 -9.24 53.84
N SER D 70 23.61 -9.27 52.60
CA SER D 70 24.48 -9.03 51.45
C SER D 70 23.61 -8.68 50.24
N GLY D 71 24.21 -7.94 49.30
CA GLY D 71 23.50 -7.50 48.14
C GLY D 71 23.66 -6.02 47.87
N THR D 72 22.75 -5.43 47.10
CA THR D 72 22.85 -4.03 46.71
C THR D 72 22.41 -3.12 47.86
N SER D 73 22.73 -1.84 47.73
CA SER D 73 22.32 -0.82 48.68
C SER D 73 20.96 -0.28 48.30
N ILE D 74 20.10 -0.11 49.30
CA ILE D 74 18.70 0.23 49.06
C ILE D 74 18.36 1.49 49.84
N ASP D 75 17.63 2.39 49.19
CA ASP D 75 17.06 3.55 49.87
C ASP D 75 16.14 3.10 50.98
N ALA D 76 16.26 3.75 52.15
CA ALA D 76 15.46 3.37 53.30
C ALA D 76 14.01 3.81 53.18
N ASP D 77 13.70 4.70 52.25
CA ASP D 77 12.32 5.12 52.03
C ASP D 77 11.58 4.26 51.02
N SER D 78 12.27 3.35 50.35
CA SER D 78 11.65 2.46 49.38
C SER D 78 11.23 1.12 49.97
N VAL D 79 11.51 0.88 51.25
CA VAL D 79 11.29 -0.42 51.88
C VAL D 79 10.35 -0.21 53.05
N SER D 80 9.29 -1.02 53.12
CA SER D 80 8.33 -0.99 54.20
C SER D 80 8.06 -2.40 54.71
N ILE D 81 7.57 -2.49 55.95
CA ILE D 81 7.28 -3.76 56.61
C ILE D 81 5.77 -3.92 56.67
N SER D 82 5.28 -5.08 56.21
CA SER D 82 3.86 -5.42 56.27
C SER D 82 3.69 -6.75 56.98
N GLY D 83 2.83 -6.78 58.00
CA GLY D 83 2.55 -7.98 58.73
C GLY D 83 1.88 -7.69 60.05
N PRO D 84 1.48 -8.74 60.78
CA PRO D 84 0.83 -8.56 62.08
C PRO D 84 1.81 -8.10 63.16
N VAL D 85 2.39 -6.92 62.96
CA VAL D 85 3.33 -6.33 63.90
C VAL D 85 2.90 -4.90 64.18
N GLY D 86 3.40 -4.36 65.30
CA GLY D 86 3.02 -3.01 65.69
C GLY D 86 3.40 -1.96 64.66
N ASP D 87 4.60 -2.08 64.09
CA ASP D 87 5.09 -1.17 63.07
C ASP D 87 4.63 -1.53 61.67
N ASP D 88 3.32 -1.72 61.47
CA ASP D 88 2.82 -2.23 60.21
C ASP D 88 2.62 -1.10 59.21
N GLY D 89 3.17 -1.27 58.01
CA GLY D 89 3.00 -0.30 56.94
C GLY D 89 3.95 0.88 56.99
N LYS D 90 4.92 0.88 57.88
CA LYS D 90 5.89 1.96 57.98
C LYS D 90 7.17 1.59 57.24
N THR D 91 7.87 2.62 56.76
CA THR D 91 9.08 2.39 56.00
C THR D 91 10.24 2.09 56.94
N TRP D 92 11.31 1.53 56.35
CA TRP D 92 12.53 1.25 57.11
C TRP D 92 13.13 2.52 57.70
N ALA D 93 12.98 3.67 57.04
CA ALA D 93 13.52 4.93 57.55
C ALA D 93 12.67 5.51 58.68
N ASP D 94 11.47 5.01 58.90
CA ASP D 94 10.63 5.45 60.01
C ASP D 94 10.86 4.64 61.27
N ILE D 95 11.12 3.34 61.12
CA ILE D 95 11.22 2.46 62.28
C ILE D 95 12.44 2.80 63.11
N ASP D 96 13.54 3.16 62.46
CA ASP D 96 14.68 3.76 63.14
C ASP D 96 14.75 5.23 62.78
N GLY D 97 15.36 6.03 63.67
CA GLY D 97 15.24 7.47 63.56
C GLY D 97 15.87 8.05 62.31
N SER D 98 17.10 7.65 61.99
CA SER D 98 17.92 8.40 61.06
C SER D 98 18.57 7.56 59.96
N ALA D 99 17.91 6.50 59.50
CA ALA D 99 18.48 5.72 58.41
C ALA D 99 18.30 6.45 57.07
N THR D 100 19.27 6.25 56.19
CA THR D 100 19.21 6.77 54.84
C THR D 100 19.47 5.71 53.77
N GLU D 101 20.35 4.75 54.03
CA GLU D 101 20.64 3.65 53.12
C GLU D 101 20.60 2.36 53.92
N ILE D 102 20.34 1.25 53.22
CA ILE D 102 20.37 -0.08 53.81
C ILE D 102 21.54 -0.82 53.21
N THR D 103 22.61 -0.99 53.99
CA THR D 103 23.79 -1.75 53.62
C THR D 103 23.95 -2.90 54.61
N ALA D 104 24.95 -3.74 54.36
CA ALA D 104 25.14 -4.92 55.20
C ALA D 104 25.42 -4.52 56.64
N GLY D 105 24.76 -5.20 57.57
CA GLY D 105 24.87 -4.89 58.98
C GLY D 105 23.78 -3.98 59.52
N SER D 106 22.87 -3.52 58.67
CA SER D 106 21.79 -2.63 59.10
C SER D 106 20.59 -3.47 59.55
N SER D 107 20.00 -3.08 60.67
CA SER D 107 18.91 -3.88 61.23
C SER D 107 17.85 -2.98 61.85
N ILE D 108 16.63 -3.50 61.89
CA ILE D 108 15.50 -2.90 62.59
C ILE D 108 14.86 -3.96 63.46
N THR D 109 14.08 -3.52 64.45
CA THR D 109 13.39 -4.42 65.36
C THR D 109 11.92 -4.07 65.41
N VAL D 110 11.06 -5.03 65.08
CA VAL D 110 9.63 -4.88 65.23
C VAL D 110 9.14 -5.84 66.30
N THR D 111 7.92 -5.62 66.78
CA THR D 111 7.33 -6.46 67.81
C THR D 111 6.03 -7.06 67.30
N ALA D 112 5.81 -8.34 67.64
CA ALA D 112 4.61 -9.04 67.22
C ALA D 112 3.37 -8.37 67.80
N ASN D 113 2.34 -8.22 66.98
CA ASN D 113 1.14 -7.54 67.40
C ASN D 113 0.44 -8.33 68.50
N GLY D 114 0.01 -7.63 69.53
CA GLY D 114 -0.34 -8.29 70.78
C GLY D 114 0.88 -8.40 71.67
N SER D 115 1.32 -9.64 71.94
CA SER D 115 2.64 -9.82 72.53
C SER D 115 3.38 -11.03 71.97
N SER D 116 2.83 -11.75 71.01
CA SER D 116 3.48 -12.94 70.47
C SER D 116 2.85 -13.27 69.12
N PHE D 117 3.58 -14.07 68.34
CA PHE D 117 3.10 -14.51 67.04
C PHE D 117 2.27 -15.78 67.19
N ASP D 118 1.48 -16.07 66.15
CA ASP D 118 0.76 -17.32 66.04
C ASP D 118 1.29 -18.08 64.82
N SER D 119 1.25 -19.40 64.90
CA SER D 119 1.79 -20.22 63.82
C SER D 119 1.05 -19.95 62.52
N GLY D 120 1.81 -19.70 61.46
CA GLY D 120 1.24 -19.37 60.16
C GLY D 120 1.12 -17.90 59.86
N GLU D 121 1.71 -17.02 60.67
CA GLU D 121 1.67 -15.59 60.44
C GLU D 121 2.94 -15.15 59.72
N THR D 122 2.78 -14.37 58.66
CA THR D 122 3.87 -13.99 57.77
C THR D 122 4.18 -12.51 57.91
N VAL D 123 5.48 -12.18 57.83
CA VAL D 123 5.97 -10.82 57.81
C VAL D 123 6.79 -10.64 56.54
N ARG D 124 6.52 -9.56 55.80
CA ARG D 124 7.16 -9.34 54.51
C ARG D 124 8.01 -8.06 54.51
N VAL D 125 9.01 -8.06 53.62
CA VAL D 125 9.80 -6.87 53.29
C VAL D 125 9.45 -6.50 51.85
N ILE D 126 9.05 -5.26 51.64
CA ILE D 126 8.41 -4.85 50.39
C ILE D 126 9.13 -3.63 49.83
N TRP D 127 9.42 -3.67 48.53
CA TRP D 127 10.05 -2.55 47.83
C TRP D 127 9.02 -1.87 46.93
N THR D 128 9.03 -0.54 46.92
CA THR D 128 8.13 0.26 46.10
C THR D 128 8.94 1.25 45.27
N SER D 129 8.57 1.39 44.00
CA SER D 129 9.31 2.28 43.11
C SER D 129 8.96 3.74 43.36
N ASP D 130 9.79 4.63 42.81
CA ASP D 130 9.64 6.06 43.08
C ASP D 130 8.32 6.60 42.54
N SER D 131 7.89 6.13 41.38
CA SER D 131 6.61 6.56 40.83
C SER D 131 5.43 5.95 41.58
N GLY D 132 5.66 4.85 42.29
CA GLY D 132 4.61 4.17 43.00
C GLY D 132 3.80 3.18 42.19
N SER D 133 4.17 2.93 40.94
CA SER D 133 3.42 2.05 40.06
C SER D 133 4.01 0.66 39.95
N SER D 134 4.96 0.30 40.82
CA SER D 134 5.51 -1.04 40.86
C SER D 134 5.89 -1.38 42.29
N SER D 135 5.76 -2.65 42.63
CA SER D 135 6.14 -3.15 43.94
C SER D 135 6.65 -4.57 43.81
N SER D 136 7.40 -5.00 44.82
CA SER D 136 7.89 -6.36 44.86
C SER D 136 8.10 -6.77 46.31
N THR D 137 8.07 -8.08 46.55
CA THR D 137 8.33 -8.64 47.87
C THR D 137 9.79 -9.09 47.90
N LEU D 138 10.58 -8.43 48.75
CA LEU D 138 11.99 -8.79 48.84
C LEU D 138 12.19 -10.12 49.56
N GLN D 139 11.49 -10.32 50.67
CA GLN D 139 11.64 -11.53 51.47
C GLN D 139 10.46 -11.61 52.42
N SER D 140 10.09 -12.83 52.80
CA SER D 140 9.00 -13.07 53.73
C SER D 140 9.40 -14.12 54.75
N TRP D 141 8.77 -14.06 55.92
CA TRP D 141 9.09 -14.92 57.06
C TRP D 141 7.78 -15.43 57.66
N THR D 142 7.66 -16.74 57.79
CA THR D 142 6.48 -17.38 58.37
C THR D 142 6.86 -18.03 59.70
N TYR D 143 6.06 -17.79 60.72
CA TYR D 143 6.28 -18.41 62.02
C TYR D 143 5.65 -19.80 62.03
N ASN D 144 6.48 -20.82 62.25
CA ASN D 144 6.03 -22.21 62.20
C ASN D 144 6.10 -22.87 63.58
N GLY D 145 5.71 -22.14 64.62
CA GLY D 145 5.66 -22.68 65.96
C GLY D 145 7.03 -23.03 66.51
N VAL E 13 -8.43 11.33 -22.11
CA VAL E 13 -7.01 11.31 -22.40
C VAL E 13 -6.21 11.57 -21.12
N SER E 14 -6.60 12.61 -20.39
CA SER E 14 -5.87 13.00 -19.19
C SER E 14 -5.84 11.94 -18.09
N PRO E 15 -6.90 11.19 -17.79
CA PRO E 15 -6.78 10.14 -16.76
C PRO E 15 -5.70 9.11 -17.07
N VAL E 16 -5.58 8.70 -18.34
CA VAL E 16 -4.58 7.69 -18.70
C VAL E 16 -3.17 8.24 -18.50
N ILE E 17 -2.96 9.50 -18.87
CA ILE E 17 -1.66 10.14 -18.69
C ILE E 17 -1.33 10.28 -17.21
N GLY E 18 -2.33 10.65 -16.39
CA GLY E 18 -2.12 10.69 -14.96
C GLY E 18 -1.71 9.35 -14.39
N VAL E 19 -2.35 8.28 -14.86
CA VAL E 19 -1.98 6.94 -14.43
C VAL E 19 -0.54 6.62 -14.82
N ILE E 20 -0.16 6.98 -16.05
CA ILE E 20 1.20 6.71 -16.52
C ILE E 20 2.22 7.41 -15.63
N LEU E 21 1.99 8.68 -15.31
CA LEU E 21 2.96 9.43 -14.52
C LEU E 21 3.00 8.92 -13.08
N MET E 22 1.86 8.50 -12.53
CA MET E 22 1.86 7.94 -11.18
C MET E 22 2.65 6.63 -11.13
N VAL E 23 2.50 5.78 -12.14
CA VAL E 23 3.28 4.53 -12.19
C VAL E 23 4.77 4.83 -12.31
N ALA E 24 5.12 5.82 -13.12
CA ALA E 24 6.52 6.19 -13.29
C ALA E 24 7.13 6.67 -11.97
N ILE E 25 6.37 7.42 -11.18
CA ILE E 25 6.86 7.84 -9.87
C ILE E 25 7.00 6.66 -8.93
N THR E 26 6.01 5.76 -8.95
CA THR E 26 6.02 4.60 -8.05
C THR E 26 7.25 3.74 -8.25
N VAL E 27 7.63 3.50 -9.51
CA VAL E 27 8.76 2.61 -9.77
C VAL E 27 10.05 3.17 -9.16
N ILE E 28 10.31 4.45 -9.38
CA ILE E 28 11.52 5.07 -8.85
C ILE E 28 11.52 5.05 -7.32
N LEU E 29 10.39 5.38 -6.71
CA LEU E 29 10.35 5.46 -5.25
C LEU E 29 10.55 4.07 -4.64
N ALA E 30 9.99 3.04 -5.26
CA ALA E 30 10.22 1.67 -4.80
C ALA E 30 11.68 1.28 -4.90
N ALA E 31 12.35 1.66 -5.99
CA ALA E 31 13.77 1.36 -6.11
C ALA E 31 14.57 2.03 -5.01
N VAL E 32 14.21 3.28 -4.69
CA VAL E 32 14.93 4.02 -3.64
C VAL E 32 14.78 3.32 -2.29
N ILE E 33 13.59 2.82 -1.97
CA ILE E 33 13.46 2.07 -0.71
C ILE E 33 14.23 0.77 -0.76
N GLY E 34 14.17 0.08 -1.89
CA GLY E 34 14.81 -1.22 -1.99
C GLY E 34 16.30 -1.16 -1.73
N THR E 35 16.97 -0.16 -2.31
CA THR E 35 18.39 -0.01 -2.09
C THR E 35 18.70 0.16 -0.60
N PHE E 36 17.93 1.01 0.07
CA PHE E 36 18.18 1.31 1.49
C PHE E 36 17.98 0.08 2.35
N VAL E 37 16.88 -0.64 2.15
CA VAL E 37 16.62 -1.80 3.01
C VAL E 37 17.61 -2.92 2.73
N LEU E 38 18.03 -3.10 1.48
CA LEU E 38 19.03 -4.11 1.19
C LEU E 38 20.36 -3.78 1.84
N GLY E 39 20.78 -2.52 1.75
CA GLY E 39 22.00 -2.11 2.43
C GLY E 39 21.92 -2.25 3.93
N LEU E 40 20.75 -1.97 4.51
CA LEU E 40 20.56 -2.15 5.94
C LEU E 40 20.66 -3.62 6.34
N GLY E 41 20.08 -4.51 5.53
CA GLY E 41 20.14 -5.93 5.82
C GLY E 41 21.48 -6.57 5.60
N ASP E 42 22.33 -5.96 4.77
CA ASP E 42 23.66 -6.53 4.55
C ASP E 42 24.62 -6.28 5.70
N GLN E 43 24.28 -5.38 6.63
CA GLN E 43 25.23 -4.92 7.63
C GLN E 43 25.53 -5.95 8.72
N VAL E 44 24.62 -6.88 8.99
CA VAL E 44 24.75 -7.77 10.14
C VAL E 44 25.50 -9.03 9.71
N SER E 45 26.62 -9.31 10.37
CA SER E 45 27.45 -10.48 10.08
C SER E 45 28.53 -10.60 11.14
N GLU E 46 29.45 -11.54 10.92
CA GLU E 46 30.74 -11.60 11.60
C GLU E 46 30.65 -11.72 13.12
N THR E 47 30.16 -12.86 13.62
CA THR E 47 30.20 -13.18 15.03
C THR E 47 31.63 -13.48 15.46
N SER E 48 31.87 -13.39 16.78
CA SER E 48 33.20 -13.56 17.36
C SER E 48 33.38 -14.96 17.92
N PRO E 49 34.62 -15.47 17.93
CA PRO E 49 34.85 -16.81 18.46
C PRO E 49 34.64 -16.90 19.96
N GLN E 50 34.30 -18.09 20.43
CA GLN E 50 34.12 -18.38 21.84
C GLN E 50 35.22 -19.34 22.30
N ALA E 51 35.98 -18.92 23.30
CA ALA E 51 37.09 -19.72 23.80
C ALA E 51 37.38 -19.29 25.23
N SER E 52 38.18 -20.10 25.92
CA SER E 52 38.55 -19.85 27.30
C SER E 52 40.07 -19.78 27.41
N PHE E 53 40.55 -18.88 28.28
CA PHE E 53 41.98 -18.65 28.46
C PHE E 53 42.34 -18.72 29.93
N ASP E 54 43.59 -19.08 30.19
CA ASP E 54 44.11 -19.20 31.55
C ASP E 54 45.21 -18.15 31.75
N PHE E 55 45.07 -17.34 32.79
CA PHE E 55 46.05 -16.32 33.13
C PHE E 55 46.87 -16.79 34.33
N ASP E 56 48.19 -16.81 34.18
CA ASP E 56 49.11 -17.31 35.20
C ASP E 56 50.19 -16.26 35.45
N TYR E 57 50.15 -15.66 36.64
CA TYR E 57 51.03 -14.55 36.99
C TYR E 57 52.06 -14.98 38.03
N THR E 58 53.31 -14.56 37.84
CA THR E 58 54.39 -14.81 38.79
C THR E 58 54.89 -13.47 39.30
N ASN E 59 54.79 -13.26 40.61
CA ASN E 59 55.07 -11.94 41.18
C ASN E 59 56.57 -11.67 41.24
N THR E 60 57.40 -12.70 41.31
CA THR E 60 58.84 -12.50 41.44
C THR E 60 59.42 -11.81 40.22
N SER E 61 58.99 -12.22 39.02
CA SER E 61 59.55 -11.70 37.78
C SER E 61 58.59 -10.78 37.03
N GLY E 62 57.31 -10.81 37.36
CA GLY E 62 56.35 -9.95 36.67
C GLY E 62 55.83 -10.51 35.37
N ASN E 63 56.03 -11.81 35.12
CA ASN E 63 55.63 -12.44 33.87
C ASN E 63 54.22 -12.99 33.99
N LEU E 64 53.39 -12.72 32.98
CA LEU E 64 52.03 -13.23 32.91
C LEU E 64 51.91 -14.12 31.69
N THR E 65 51.45 -15.35 31.88
CA THR E 65 51.32 -16.32 30.81
C THR E 65 49.84 -16.53 30.50
N ILE E 66 49.49 -16.46 29.21
CA ILE E 66 48.12 -16.62 28.75
C ILE E 66 48.07 -17.85 27.86
N THR E 67 47.24 -18.84 28.25
CA THR E 67 47.17 -20.11 27.56
C THR E 67 45.74 -20.36 27.08
N HIS E 68 45.60 -20.94 25.90
CA HIS E 68 44.30 -21.34 25.35
C HIS E 68 43.89 -22.66 26.00
N GLU E 69 42.73 -22.67 26.64
CA GLU E 69 42.23 -23.85 27.35
C GLU E 69 41.33 -24.73 26.49
N SER E 70 40.21 -24.19 26.00
CA SER E 70 39.27 -24.96 25.23
C SER E 70 38.36 -24.01 24.45
N GLY E 71 37.82 -24.52 23.34
CA GLY E 71 36.99 -23.71 22.47
C GLY E 71 37.39 -23.79 21.02
N THR E 72 36.99 -22.79 20.22
CA THR E 72 37.27 -22.82 18.79
C THR E 72 38.71 -22.41 18.51
N SER E 73 39.13 -22.66 17.27
CA SER E 73 40.45 -22.28 16.81
C SER E 73 40.40 -20.86 16.24
N ILE E 74 41.40 -20.06 16.59
CA ILE E 74 41.40 -18.65 16.27
C ILE E 74 42.66 -18.30 15.50
N ASP E 75 42.50 -17.49 14.46
CA ASP E 75 43.64 -16.92 13.75
C ASP E 75 44.48 -16.09 14.70
N ALA E 76 45.80 -16.26 14.62
CA ALA E 76 46.70 -15.56 15.52
C ALA E 76 46.85 -14.08 15.17
N ASP E 77 46.42 -13.66 13.98
CA ASP E 77 46.46 -12.25 13.60
C ASP E 77 45.20 -11.50 13.99
N SER E 78 44.17 -12.18 14.47
CA SER E 78 42.94 -11.54 14.90
C SER E 78 42.90 -11.22 16.38
N VAL E 79 43.93 -11.59 17.13
CA VAL E 79 43.93 -11.47 18.59
C VAL E 79 45.12 -10.60 18.98
N SER E 80 44.87 -9.59 19.81
CA SER E 80 45.90 -8.70 20.32
C SER E 80 45.75 -8.53 21.82
N ILE E 81 46.83 -8.12 22.46
CA ILE E 81 46.89 -7.93 23.92
C ILE E 81 46.93 -6.43 24.20
N SER E 82 46.04 -5.98 25.07
CA SER E 82 46.00 -4.58 25.50
C SER E 82 46.06 -4.52 27.02
N GLY E 83 47.00 -3.73 27.54
CA GLY E 83 47.13 -3.55 28.96
C GLY E 83 48.48 -2.94 29.32
N PRO E 84 48.68 -2.65 30.60
CA PRO E 84 49.97 -2.07 31.06
C PRO E 84 51.09 -3.10 31.05
N VAL E 85 51.40 -3.61 29.85
CA VAL E 85 52.46 -4.59 29.66
C VAL E 85 53.36 -4.11 28.54
N GLY E 86 54.58 -4.66 28.49
CA GLY E 86 55.54 -4.25 27.48
C GLY E 86 55.06 -4.52 26.06
N ASP E 87 54.45 -5.68 25.85
CA ASP E 87 53.91 -6.06 24.54
C ASP E 87 52.52 -5.51 24.30
N ASP E 88 52.31 -4.21 24.46
CA ASP E 88 50.97 -3.66 24.41
C ASP E 88 50.57 -3.33 22.98
N GLY E 89 49.39 -3.82 22.57
CA GLY E 89 48.88 -3.53 21.26
C GLY E 89 49.38 -4.42 20.15
N LYS E 90 50.16 -5.46 20.47
CA LYS E 90 50.68 -6.38 19.47
C LYS E 90 49.80 -7.62 19.39
N THR E 91 49.78 -8.23 18.21
CA THR E 91 48.96 -9.41 18.01
C THR E 91 49.62 -10.65 18.60
N TRP E 92 48.81 -11.70 18.77
CA TRP E 92 49.32 -12.98 19.27
C TRP E 92 50.39 -13.56 18.35
N ALA E 93 50.30 -13.32 17.05
CA ALA E 93 51.28 -13.83 16.10
C ALA E 93 52.59 -13.04 16.12
N ASP E 94 52.61 -11.87 16.75
CA ASP E 94 53.83 -11.08 16.89
C ASP E 94 54.61 -11.44 18.16
N ILE E 95 53.89 -11.73 19.24
CA ILE E 95 54.54 -11.95 20.52
C ILE E 95 55.39 -13.21 20.49
N ASP E 96 54.91 -14.25 19.81
CA ASP E 96 55.75 -15.41 19.50
C ASP E 96 56.08 -15.39 18.01
N GLY E 97 57.19 -16.02 17.63
CA GLY E 97 57.73 -15.82 16.30
C GLY E 97 56.83 -16.34 15.19
N SER E 98 56.33 -17.57 15.34
CA SER E 98 55.78 -18.30 14.19
C SER E 98 54.40 -18.90 14.42
N ALA E 99 53.55 -18.26 15.22
CA ALA E 99 52.20 -18.79 15.41
C ALA E 99 51.33 -18.49 14.20
N THR E 100 50.40 -19.41 13.92
CA THR E 100 49.42 -19.23 12.87
C THR E 100 47.99 -19.47 13.33
N GLU E 101 47.77 -20.41 14.26
CA GLU E 101 46.47 -20.68 14.83
C GLU E 101 46.60 -20.76 16.34
N ILE E 102 45.51 -20.51 17.05
CA ILE E 102 45.46 -20.63 18.49
C ILE E 102 44.55 -21.80 18.83
N THR E 103 45.14 -22.92 19.24
CA THR E 103 44.42 -24.10 19.68
C THR E 103 44.80 -24.38 21.13
N ALA E 104 44.18 -25.39 21.71
CA ALA E 104 44.40 -25.70 23.12
C ALA E 104 45.86 -26.05 23.37
N GLY E 105 46.42 -25.49 24.43
CA GLY E 105 47.81 -25.66 24.75
C GLY E 105 48.74 -24.59 24.24
N SER E 106 48.23 -23.60 23.52
CA SER E 106 49.03 -22.51 22.99
C SER E 106 49.12 -21.38 24.01
N SER E 107 50.33 -20.85 24.21
CA SER E 107 50.51 -19.83 25.23
C SER E 107 51.51 -18.78 24.77
N ILE E 108 51.38 -17.59 25.34
CA ILE E 108 52.30 -16.49 25.17
C ILE E 108 52.65 -15.95 26.56
N THR E 109 53.75 -15.22 26.63
CA THR E 109 54.21 -14.63 27.89
C THR E 109 54.47 -13.14 27.69
N VAL E 110 53.79 -12.32 28.47
CA VAL E 110 54.04 -10.89 28.50
C VAL E 110 54.61 -10.52 29.87
N THR E 111 55.17 -9.32 29.96
CA THR E 111 55.77 -8.84 31.20
C THR E 111 55.10 -7.54 31.62
N ALA E 112 54.85 -7.40 32.91
CA ALA E 112 54.22 -6.20 33.45
C ALA E 112 55.08 -4.98 33.19
N ASN E 113 54.44 -3.90 32.77
CA ASN E 113 55.17 -2.69 32.42
C ASN E 113 55.83 -2.11 33.65
N GLY E 114 57.08 -1.71 33.51
CA GLY E 114 57.94 -1.47 34.66
C GLY E 114 58.64 -2.76 35.08
N SER E 115 58.32 -3.26 36.26
CA SER E 115 58.72 -4.63 36.59
C SER E 115 57.67 -5.39 37.39
N SER E 116 56.50 -4.81 37.66
CA SER E 116 55.47 -5.47 38.44
C SER E 116 54.14 -4.77 38.20
N PHE E 117 53.06 -5.47 38.52
CA PHE E 117 51.72 -4.93 38.39
C PHE E 117 51.33 -4.17 39.65
N ASP E 118 50.31 -3.33 39.52
CA ASP E 118 49.68 -2.65 40.64
C ASP E 118 48.25 -3.14 40.76
N SER E 119 47.73 -3.16 41.98
CA SER E 119 46.38 -3.67 42.21
C SER E 119 45.36 -2.83 41.45
N GLY E 120 44.49 -3.51 40.71
CA GLY E 120 43.50 -2.84 39.90
C GLY E 120 43.86 -2.63 38.45
N GLU E 121 44.95 -3.23 37.98
CA GLU E 121 45.38 -3.12 36.59
C GLU E 121 44.87 -4.32 35.80
N THR E 122 44.27 -4.05 34.65
CA THR E 122 43.59 -5.06 33.85
C THR E 122 44.35 -5.32 32.55
N VAL E 123 44.37 -6.59 32.14
CA VAL E 123 44.93 -7.01 30.86
C VAL E 123 43.84 -7.74 30.09
N ARG E 124 43.65 -7.38 28.83
CA ARG E 124 42.57 -7.93 28.03
C ARG E 124 43.09 -8.71 26.82
N VAL E 125 42.25 -9.65 26.37
CA VAL E 125 42.44 -10.36 25.11
C VAL E 125 41.33 -9.91 24.17
N ILE E 126 41.69 -9.43 22.99
CA ILE E 126 40.78 -8.70 22.12
C ILE E 126 40.78 -9.32 20.72
N TRP E 127 39.59 -9.53 20.18
CA TRP E 127 39.41 -10.05 18.83
C TRP E 127 38.95 -8.94 17.91
N THR E 128 39.52 -8.88 16.70
CA THR E 128 39.17 -7.90 15.68
C THR E 128 38.83 -8.61 14.39
N SER E 129 37.77 -8.16 13.73
CA SER E 129 37.31 -8.79 12.49
C SER E 129 38.21 -8.39 11.32
N ASP E 130 38.06 -9.15 10.23
CA ASP E 130 38.93 -8.96 9.06
C ASP E 130 38.74 -7.58 8.44
N SER E 131 37.51 -7.10 8.38
CA SER E 131 37.25 -5.77 7.84
C SER E 131 37.70 -4.67 8.80
N GLY E 132 37.85 -4.99 10.08
CA GLY E 132 38.24 -4.02 11.08
C GLY E 132 37.11 -3.20 11.65
N SER E 133 35.87 -3.51 11.33
CA SER E 133 34.71 -2.74 11.77
C SER E 133 33.99 -3.38 12.94
N SER E 134 34.57 -4.39 13.57
CA SER E 134 34.00 -5.00 14.76
C SER E 134 35.12 -5.50 15.65
N SER E 135 34.87 -5.45 16.97
CA SER E 135 35.83 -5.93 17.95
C SER E 135 35.06 -6.51 19.13
N SER E 136 35.75 -7.33 19.91
CA SER E 136 35.17 -7.89 21.12
C SER E 136 36.28 -8.21 22.09
N THR E 137 35.92 -8.25 23.37
CA THR E 137 36.85 -8.62 24.43
C THR E 137 36.63 -10.09 24.75
N LEU E 138 37.64 -10.92 24.48
CA LEU E 138 37.53 -12.34 24.74
C LEU E 138 37.58 -12.65 26.23
N GLN E 139 38.51 -12.03 26.95
CA GLN E 139 38.69 -12.28 28.36
C GLN E 139 39.56 -11.17 28.94
N SER E 140 39.37 -10.88 30.22
CA SER E 140 40.16 -9.86 30.91
C SER E 140 40.60 -10.38 32.26
N TRP E 141 41.71 -9.83 32.77
CA TRP E 141 42.33 -10.26 34.01
C TRP E 141 42.70 -9.02 34.81
N THR E 142 42.24 -8.96 36.07
CA THR E 142 42.54 -7.86 36.96
C THR E 142 43.43 -8.35 38.09
N TYR E 143 44.49 -7.61 38.39
CA TYR E 143 45.37 -7.94 39.49
C TYR E 143 44.80 -7.39 40.79
N ASN E 144 44.52 -8.26 41.74
CA ASN E 144 43.89 -7.88 43.00
C ASN E 144 44.84 -8.07 44.19
N GLY E 145 46.11 -7.71 44.02
CA GLY E 145 47.07 -7.78 45.08
C GLY E 145 47.36 -9.18 45.54
N VAL F 13 -16.60 13.60 -22.74
CA VAL F 13 -16.93 12.19 -22.94
C VAL F 13 -15.70 11.33 -22.68
N SER F 14 -14.57 11.73 -23.27
CA SER F 14 -13.35 10.93 -23.15
C SER F 14 -12.82 10.77 -21.73
N PRO F 15 -12.85 11.78 -20.85
CA PRO F 15 -12.38 11.53 -19.46
C PRO F 15 -13.16 10.44 -18.75
N VAL F 16 -14.47 10.38 -18.94
CA VAL F 16 -15.28 9.37 -18.26
C VAL F 16 -14.92 7.98 -18.77
N ILE F 17 -14.71 7.85 -20.08
CA ILE F 17 -14.32 6.56 -20.65
C ILE F 17 -12.94 6.15 -20.16
N GLY F 18 -12.01 7.11 -20.07
CA GLY F 18 -10.71 6.80 -19.50
C GLY F 18 -10.80 6.30 -18.07
N VAL F 19 -11.66 6.92 -17.28
CA VAL F 19 -11.88 6.47 -15.90
C VAL F 19 -12.43 5.04 -15.89
N ILE F 20 -13.39 4.76 -16.77
CA ILE F 20 -13.98 3.42 -16.83
C ILE F 20 -12.93 2.37 -17.14
N LEU F 21 -12.07 2.64 -18.13
CA LEU F 21 -11.06 1.66 -18.52
C LEU F 21 -10.00 1.49 -17.43
N MET F 22 -9.63 2.58 -16.75
CA MET F 22 -8.68 2.47 -15.65
C MET F 22 -9.24 1.61 -14.51
N VAL F 23 -10.51 1.79 -14.18
CA VAL F 23 -11.13 0.97 -13.13
C VAL F 23 -11.17 -0.49 -13.55
N ALA F 24 -11.48 -0.75 -14.83
CA ALA F 24 -11.52 -2.11 -15.33
C ALA F 24 -10.16 -2.79 -15.22
N ILE F 25 -9.08 -2.05 -15.51
CA ILE F 25 -7.74 -2.61 -15.35
C ILE F 25 -7.43 -2.87 -13.88
N THR F 26 -7.79 -1.92 -13.01
CA THR F 26 -7.49 -2.03 -11.59
C THR F 26 -8.11 -3.28 -10.98
N VAL F 27 -9.35 -3.60 -11.34
CA VAL F 27 -10.03 -4.74 -10.74
C VAL F 27 -9.28 -6.04 -11.05
N ILE F 28 -8.92 -6.24 -12.32
CA ILE F 28 -8.22 -7.45 -12.73
C ILE F 28 -6.86 -7.55 -12.04
N LEU F 29 -6.12 -6.45 -12.01
CA LEU F 29 -4.77 -6.50 -11.44
C LEU F 29 -4.84 -6.81 -9.94
N ALA F 30 -5.84 -6.25 -9.25
CA ALA F 30 -6.02 -6.56 -7.83
C ALA F 30 -6.34 -8.04 -7.63
N ALA F 31 -7.19 -8.61 -8.49
CA ALA F 31 -7.48 -10.04 -8.36
C ALA F 31 -6.23 -10.88 -8.55
N VAL F 32 -5.37 -10.48 -9.50
CA VAL F 32 -4.14 -11.23 -9.76
C VAL F 32 -3.23 -11.22 -8.53
N ILE F 33 -3.10 -10.06 -7.87
CA ILE F 33 -2.29 -10.04 -6.64
C ILE F 33 -2.95 -10.88 -5.54
N GLY F 34 -4.27 -10.77 -5.40
CA GLY F 34 -4.95 -11.46 -4.32
C GLY F 34 -4.74 -12.95 -4.38
N THR F 35 -4.86 -13.53 -5.57
CA THR F 35 -4.64 -14.97 -5.70
C THR F 35 -3.25 -15.37 -5.24
N PHE F 36 -2.24 -14.60 -5.66
CA PHE F 36 -0.85 -14.92 -5.33
C PHE F 36 -0.60 -14.84 -3.83
N VAL F 37 -1.06 -13.76 -3.19
CA VAL F 37 -0.78 -13.61 -1.77
C VAL F 37 -1.56 -14.64 -0.95
N LEU F 38 -2.78 -14.98 -1.36
CA LEU F 38 -3.53 -16.00 -0.64
C LEU F 38 -2.84 -17.36 -0.74
N GLY F 39 -2.39 -17.72 -1.95
CA GLY F 39 -1.65 -18.97 -2.10
C GLY F 39 -0.36 -18.99 -1.32
N LEU F 40 0.33 -17.85 -1.24
CA LEU F 40 1.55 -17.76 -0.44
C LEU F 40 1.25 -17.94 1.04
N GLY F 41 0.16 -17.36 1.52
CA GLY F 41 -0.20 -17.48 2.92
C GLY F 41 -0.73 -18.85 3.30
N ASP F 42 -1.25 -19.62 2.35
CA ASP F 42 -1.75 -20.95 2.67
C ASP F 42 -0.63 -21.97 2.88
N GLN F 43 0.60 -21.65 2.49
CA GLN F 43 1.66 -22.64 2.45
C GLN F 43 2.19 -23.07 3.83
N VAL F 44 2.04 -22.22 4.84
CA VAL F 44 2.68 -22.47 6.14
C VAL F 44 1.72 -23.23 7.04
N SER F 45 2.14 -24.41 7.50
CA SER F 45 1.33 -25.26 8.36
C SER F 45 2.20 -26.42 8.84
N GLU F 46 1.55 -27.36 9.54
CA GLU F 46 2.08 -28.70 9.80
C GLU F 46 3.40 -28.71 10.57
N THR F 47 3.36 -28.31 11.84
CA THR F 47 4.50 -28.45 12.75
C THR F 47 4.70 -29.93 13.11
N SER F 48 5.90 -30.25 13.57
CA SER F 48 6.31 -31.61 13.89
C SER F 48 6.18 -31.89 15.38
N PRO F 49 5.92 -33.15 15.75
CA PRO F 49 5.80 -33.48 17.18
C PRO F 49 7.12 -33.37 17.92
N GLN F 50 7.03 -33.11 19.22
CA GLN F 50 8.19 -33.04 20.10
C GLN F 50 8.13 -34.20 21.09
N ALA F 51 9.18 -35.02 21.10
CA ALA F 51 9.24 -36.19 21.95
C ALA F 51 10.70 -36.56 22.17
N SER F 52 10.93 -37.43 23.14
CA SER F 52 12.27 -37.89 23.49
C SER F 52 12.34 -39.40 23.37
N PHE F 53 13.49 -39.90 22.91
CA PHE F 53 13.69 -41.33 22.68
C PHE F 53 14.97 -41.78 23.36
N ASP F 54 15.01 -43.07 23.71
CA ASP F 54 16.15 -43.68 24.36
C ASP F 54 16.74 -44.75 23.44
N PHE F 55 18.04 -44.63 23.17
CA PHE F 55 18.75 -45.59 22.33
C PHE F 55 19.59 -46.50 23.22
N ASP F 56 19.39 -47.81 23.08
CA ASP F 56 20.05 -48.82 23.91
C ASP F 56 20.70 -49.85 23.01
N TYR F 57 22.03 -49.88 22.98
CA TYR F 57 22.79 -50.73 22.07
C TYR F 57 23.50 -51.83 22.84
N THR F 58 23.46 -53.05 22.30
CA THR F 58 24.16 -54.21 22.87
C THR F 58 25.19 -54.68 21.85
N ASN F 59 26.46 -54.65 22.24
CA ASN F 59 27.54 -54.92 21.28
C ASN F 59 27.64 -56.40 20.95
N THR F 60 27.23 -57.28 21.86
CA THR F 60 27.38 -58.71 21.63
C THR F 60 26.55 -59.18 20.45
N SER F 61 25.31 -58.70 20.32
CA SER F 61 24.41 -59.14 19.28
C SER F 61 24.17 -58.11 18.19
N GLY F 62 24.51 -56.84 18.44
CA GLY F 62 24.31 -55.81 17.45
C GLY F 62 22.91 -55.22 17.42
N ASN F 63 22.11 -55.47 18.45
CA ASN F 63 20.72 -55.01 18.51
C ASN F 63 20.65 -53.64 19.16
N LEU F 64 19.89 -52.73 18.53
CA LEU F 64 19.66 -51.39 19.05
C LEU F 64 18.18 -51.23 19.33
N THR F 65 17.84 -50.84 20.56
CA THR F 65 16.46 -50.68 20.97
C THR F 65 16.14 -49.20 21.12
N ILE F 66 15.03 -48.76 20.52
CA ILE F 66 14.60 -47.37 20.56
C ILE F 66 13.27 -47.31 21.28
N THR F 67 13.22 -46.57 22.39
CA THR F 67 12.04 -46.50 23.24
C THR F 67 11.56 -45.05 23.36
N HIS F 68 10.25 -44.87 23.37
CA HIS F 68 9.63 -43.56 23.59
C HIS F 68 9.66 -43.25 25.08
N GLU F 69 10.27 -42.12 25.45
CA GLU F 69 10.41 -41.73 26.85
C GLU F 69 9.29 -40.82 27.32
N SER F 70 9.15 -39.65 26.71
CA SER F 70 8.14 -38.68 27.13
C SER F 70 7.89 -37.70 26.00
N GLY F 71 6.70 -37.10 26.01
CA GLY F 71 6.31 -36.18 24.97
C GLY F 71 4.95 -36.50 24.38
N THR F 72 4.68 -35.99 23.18
CA THR F 72 3.38 -36.17 22.54
C THR F 72 3.24 -37.58 21.95
N SER F 73 2.01 -37.92 21.62
CA SER F 73 1.70 -39.20 20.98
C SER F 73 1.82 -39.04 19.47
N ILE F 74 2.43 -40.03 18.83
CA ILE F 74 2.78 -39.94 17.42
C ILE F 74 2.18 -41.14 16.68
N ASP F 75 1.60 -40.87 15.52
CA ASP F 75 1.17 -41.93 14.62
C ASP F 75 2.36 -42.80 14.23
N ALA F 76 2.15 -44.12 14.25
CA ALA F 76 3.24 -45.04 13.95
C ALA F 76 3.56 -45.09 12.47
N ASP F 77 2.69 -44.57 11.60
CA ASP F 77 2.97 -44.54 10.18
C ASP F 77 3.70 -43.27 9.75
N SER F 78 3.88 -42.30 10.65
CA SER F 78 4.58 -41.07 10.34
C SER F 78 6.06 -41.11 10.69
N VAL F 79 6.54 -42.20 11.29
CA VAL F 79 7.89 -42.30 11.81
C VAL F 79 8.57 -43.47 11.11
N SER F 80 9.77 -43.23 10.58
CA SER F 80 10.57 -44.25 9.93
C SER F 80 12.01 -44.19 10.45
N ILE F 81 12.72 -45.30 10.29
CA ILE F 81 14.11 -45.44 10.74
C ILE F 81 15.01 -45.44 9.52
N SER F 82 16.03 -44.58 9.54
CA SER F 82 17.03 -44.50 8.48
C SER F 82 18.42 -44.68 9.08
N GLY F 83 19.19 -45.60 8.53
CA GLY F 83 20.54 -45.83 8.98
C GLY F 83 21.08 -47.16 8.50
N PRO F 84 22.35 -47.44 8.77
CA PRO F 84 22.96 -48.72 8.37
C PRO F 84 22.46 -49.89 9.21
N VAL F 85 21.15 -50.15 9.13
CA VAL F 85 20.51 -51.24 9.85
C VAL F 85 19.67 -52.04 8.87
N GLY F 86 19.35 -53.27 9.27
CA GLY F 86 18.58 -54.14 8.39
C GLY F 86 17.21 -53.58 8.05
N ASP F 87 16.53 -53.00 9.03
CA ASP F 87 15.21 -52.41 8.85
C ASP F 87 15.29 -50.96 8.36
N ASP F 88 16.02 -50.71 7.27
CA ASP F 88 16.26 -49.35 6.83
C ASP F 88 15.13 -48.85 5.96
N GLY F 89 14.60 -47.67 6.29
CA GLY F 89 13.55 -47.05 5.50
C GLY F 89 12.16 -47.53 5.78
N LYS F 90 11.96 -48.36 6.80
CA LYS F 90 10.64 -48.86 7.16
C LYS F 90 10.07 -48.04 8.30
N THR F 91 8.74 -47.97 8.35
CA THR F 91 8.07 -47.19 9.37
C THR F 91 8.03 -47.93 10.69
N TRP F 92 7.76 -47.19 11.76
CA TRP F 92 7.63 -47.78 13.09
C TRP F 92 6.51 -48.81 13.14
N ALA F 93 5.45 -48.63 12.35
CA ALA F 93 4.33 -49.57 12.34
C ALA F 93 4.64 -50.83 11.54
N ASP F 94 5.72 -50.85 10.77
CA ASP F 94 6.14 -52.05 10.05
C ASP F 94 7.09 -52.91 10.85
N ILE F 95 7.96 -52.29 11.65
CA ILE F 95 9.00 -53.02 12.36
C ILE F 95 8.39 -53.93 13.41
N ASP F 96 7.33 -53.46 14.09
CA ASP F 96 6.51 -54.32 14.93
C ASP F 96 5.17 -54.54 14.24
N GLY F 97 4.52 -55.66 14.57
CA GLY F 97 3.38 -56.09 13.78
C GLY F 97 2.20 -55.15 13.83
N SER F 98 1.80 -54.72 15.02
CA SER F 98 0.48 -54.12 15.22
C SER F 98 0.49 -52.79 15.95
N ALA F 99 1.52 -51.97 15.79
CA ALA F 99 1.52 -50.66 16.43
C ALA F 99 0.59 -49.70 15.71
N THR F 100 -0.04 -48.80 16.47
CA THR F 100 -0.86 -47.73 15.92
C THR F 100 -0.48 -46.36 16.44
N GLU F 101 -0.06 -46.24 17.69
CA GLU F 101 0.38 -44.98 18.28
C GLU F 101 1.71 -45.23 18.99
N ILE F 102 2.49 -44.17 19.15
CA ILE F 102 3.74 -44.23 19.90
C ILE F 102 3.57 -43.39 21.15
N THR F 103 3.42 -44.06 22.29
CA THR F 103 3.33 -43.42 23.60
C THR F 103 4.48 -43.91 24.44
N ALA F 104 4.59 -43.37 25.65
CA ALA F 104 5.72 -43.69 26.52
C ALA F 104 5.73 -45.18 26.85
N GLY F 105 6.91 -45.78 26.76
CA GLY F 105 7.06 -47.21 26.97
C GLY F 105 7.05 -48.05 25.72
N SER F 106 6.85 -47.45 24.55
CA SER F 106 6.82 -48.16 23.28
C SER F 106 8.22 -48.27 22.72
N SER F 107 8.58 -49.45 22.23
CA SER F 107 9.94 -49.67 21.76
C SER F 107 9.94 -50.59 20.53
N ILE F 108 10.99 -50.43 19.72
CA ILE F 108 11.28 -51.31 18.60
C ILE F 108 12.75 -51.71 18.69
N THR F 109 13.10 -52.79 17.99
CA THR F 109 14.46 -53.30 17.98
C THR F 109 14.92 -53.49 16.54
N VAL F 110 16.01 -52.82 16.19
CA VAL F 110 16.65 -53.01 14.90
C VAL F 110 18.01 -53.64 15.12
N THR F 111 18.60 -54.17 14.05
CA THR F 111 19.90 -54.81 14.12
C THR F 111 20.87 -54.12 13.16
N ALA F 112 22.11 -53.95 13.63
CA ALA F 112 23.13 -53.30 12.83
C ALA F 112 23.41 -54.09 11.56
N ASN F 113 23.53 -53.37 10.44
CA ASN F 113 23.70 -54.02 9.15
C ASN F 113 25.05 -54.74 9.12
N GLY F 114 25.04 -55.96 8.62
CA GLY F 114 26.15 -56.89 8.85
C GLY F 114 25.92 -57.66 10.13
N SER F 115 26.79 -57.45 11.13
CA SER F 115 26.48 -57.93 12.47
C SER F 115 26.89 -56.96 13.57
N SER F 116 27.43 -55.79 13.24
CA SER F 116 27.89 -54.85 14.25
C SER F 116 28.03 -53.48 13.61
N PHE F 117 28.06 -52.45 14.45
CA PHE F 117 28.24 -51.08 14.00
C PHE F 117 29.72 -50.75 13.89
N ASP F 118 30.00 -49.67 13.15
CA ASP F 118 31.34 -49.10 13.07
C ASP F 118 31.28 -47.69 13.66
N SER F 119 32.39 -47.26 14.25
CA SER F 119 32.43 -45.95 14.89
C SER F 119 32.15 -44.85 13.87
N GLY F 120 31.23 -43.97 14.23
CA GLY F 120 30.83 -42.88 13.35
C GLY F 120 29.60 -43.16 12.51
N GLU F 121 28.87 -44.23 12.77
CA GLU F 121 27.66 -44.56 12.03
C GLU F 121 26.45 -44.06 12.79
N THR F 122 25.55 -43.37 12.09
CA THR F 122 24.42 -42.68 12.70
C THR F 122 23.11 -43.36 12.33
N VAL F 123 22.19 -43.41 13.28
CA VAL F 123 20.83 -43.91 13.07
C VAL F 123 19.86 -42.81 13.47
N ARG F 124 18.89 -42.52 12.60
CA ARG F 124 17.97 -41.41 12.82
C ARG F 124 16.53 -41.88 12.97
N VAL F 125 15.74 -41.06 13.66
CA VAL F 125 14.29 -41.20 13.74
C VAL F 125 13.70 -40.01 13.01
N ILE F 126 12.82 -40.28 12.04
CA ILE F 126 12.40 -39.27 11.07
C ILE F 126 10.88 -39.20 11.03
N TRP F 127 10.35 -37.99 11.06
CA TRP F 127 8.91 -37.75 10.96
C TRP F 127 8.58 -37.18 9.58
N THR F 128 7.50 -37.67 8.98
CA THR F 128 7.04 -37.21 7.67
C THR F 128 5.57 -36.80 7.77
N SER F 129 5.22 -35.68 7.15
CA SER F 129 3.86 -35.19 7.21
C SER F 129 2.93 -35.97 6.29
N ASP F 130 1.63 -35.79 6.49
CA ASP F 130 0.63 -36.58 5.75
C ASP F 130 0.68 -36.28 4.26
N SER F 131 0.89 -35.03 3.89
CA SER F 131 1.00 -34.68 2.48
C SER F 131 2.32 -35.14 1.88
N GLY F 132 3.32 -35.39 2.71
CA GLY F 132 4.63 -35.80 2.24
C GLY F 132 5.56 -34.68 1.84
N SER F 133 5.17 -33.43 2.05
CA SER F 133 5.96 -32.28 1.64
C SER F 133 6.76 -31.66 2.77
N SER F 134 6.85 -32.33 3.92
CA SER F 134 7.67 -31.86 5.02
C SER F 134 8.22 -33.06 5.78
N SER F 135 9.42 -32.90 6.32
CA SER F 135 10.06 -33.93 7.11
C SER F 135 10.90 -33.27 8.19
N SER F 136 11.22 -34.05 9.22
CA SER F 136 12.08 -33.57 10.29
C SER F 136 12.78 -34.76 10.93
N THR F 137 13.92 -34.50 11.54
CA THR F 137 14.67 -35.50 12.28
C THR F 137 14.33 -35.37 13.74
N LEU F 138 13.68 -36.40 14.29
CA LEU F 138 13.29 -36.35 15.70
C LEU F 138 14.49 -36.52 16.62
N GLN F 139 15.37 -37.48 16.32
CA GLN F 139 16.53 -37.76 17.14
C GLN F 139 17.49 -38.61 16.33
N SER F 140 18.78 -38.50 16.65
CA SER F 140 19.81 -39.29 15.98
C SER F 140 20.79 -39.84 17.00
N TRP F 141 21.43 -40.95 16.65
CA TRP F 141 22.34 -41.67 17.53
C TRP F 141 23.59 -42.04 16.75
N THR F 142 24.76 -41.67 17.27
CA THR F 142 26.04 -41.97 16.65
C THR F 142 26.81 -42.95 17.52
N TYR F 143 27.35 -43.99 16.90
CA TYR F 143 28.16 -44.96 17.63
C TYR F 143 29.59 -44.45 17.72
N ASN F 144 30.08 -44.28 18.94
CA ASN F 144 31.39 -43.72 19.19
C ASN F 144 32.34 -44.73 19.81
N GLY F 145 32.29 -45.97 19.32
CA GLY F 145 33.19 -47.02 19.78
C GLY F 145 32.97 -47.40 21.24
N VAL G 13 -15.85 21.88 -24.49
CA VAL G 13 -16.64 22.15 -23.30
C VAL G 13 -16.82 20.88 -22.49
N SER G 14 -17.22 19.80 -23.18
CA SER G 14 -17.51 18.54 -22.49
C SER G 14 -16.32 17.92 -21.77
N PRO G 15 -15.09 17.93 -22.30
CA PRO G 15 -13.97 17.37 -21.51
C PRO G 15 -13.77 18.04 -20.16
N VAL G 16 -13.93 19.37 -20.10
CA VAL G 16 -13.73 20.08 -18.84
C VAL G 16 -14.80 19.69 -17.83
N ILE G 17 -16.05 19.55 -18.30
CA ILE G 17 -17.14 19.15 -17.43
C ILE G 17 -16.93 17.73 -16.93
N GLY G 18 -16.47 16.84 -17.81
CA GLY G 18 -16.15 15.49 -17.38
C GLY G 18 -15.08 15.46 -16.31
N VAL G 19 -14.05 16.30 -16.46
CA VAL G 19 -13.01 16.40 -15.44
C VAL G 19 -13.61 16.89 -14.12
N ILE G 20 -14.48 17.89 -14.18
CA ILE G 20 -15.09 18.43 -12.96
C ILE G 20 -15.87 17.34 -12.23
N LEU G 21 -16.69 16.58 -12.96
CA LEU G 21 -17.50 15.55 -12.32
C LEU G 21 -16.65 14.41 -11.77
N MET G 22 -15.56 14.05 -12.47
CA MET G 22 -14.67 13.02 -11.95
C MET G 22 -14.00 13.46 -10.66
N VAL G 23 -13.56 14.73 -10.59
CA VAL G 23 -12.96 15.23 -9.36
C VAL G 23 -13.98 15.23 -8.22
N ALA G 24 -15.22 15.62 -8.53
CA ALA G 24 -16.27 15.62 -7.51
C ALA G 24 -16.52 14.23 -6.95
N ILE G 25 -16.50 13.21 -7.81
CA ILE G 25 -16.65 11.84 -7.33
C ILE G 25 -15.46 11.42 -6.49
N THR G 26 -14.25 11.77 -6.94
CA THR G 26 -13.03 11.36 -6.23
C THR G 26 -13.00 11.88 -4.80
N VAL G 27 -13.43 13.13 -4.60
CA VAL G 27 -13.35 13.72 -3.25
C VAL G 27 -14.24 12.93 -2.28
N ILE G 28 -15.48 12.66 -2.69
CA ILE G 28 -16.41 11.93 -1.82
C ILE G 28 -15.88 10.53 -1.53
N LEU G 29 -15.39 9.83 -2.55
CA LEU G 29 -14.96 8.46 -2.34
C LEU G 29 -13.74 8.41 -1.42
N ALA G 30 -12.84 9.37 -1.54
CA ALA G 30 -11.70 9.46 -0.64
C ALA G 30 -12.14 9.69 0.80
N ALA G 31 -13.13 10.57 1.00
CA ALA G 31 -13.64 10.79 2.35
C ALA G 31 -14.23 9.51 2.94
N VAL G 32 -14.94 8.75 2.12
CA VAL G 32 -15.55 7.50 2.59
C VAL G 32 -14.48 6.52 3.05
N ILE G 33 -13.38 6.39 2.29
CA ILE G 33 -12.30 5.51 2.75
C ILE G 33 -11.65 6.04 4.02
N GLY G 34 -11.43 7.36 4.07
CA GLY G 34 -10.74 7.93 5.21
C GLY G 34 -11.44 7.67 6.52
N THR G 35 -12.77 7.83 6.53
CA THR G 35 -13.53 7.56 7.74
C THR G 35 -13.32 6.13 8.21
N PHE G 36 -13.41 5.18 7.27
CA PHE G 36 -13.32 3.77 7.61
C PHE G 36 -11.94 3.42 8.16
N VAL G 37 -10.88 3.87 7.50
CA VAL G 37 -9.54 3.51 7.97
C VAL G 37 -9.23 4.19 9.30
N LEU G 38 -9.69 5.43 9.51
CA LEU G 38 -9.47 6.08 10.79
C LEU G 38 -10.19 5.34 11.92
N GLY G 39 -11.44 4.95 11.69
CA GLY G 39 -12.16 4.17 12.69
C GLY G 39 -11.51 2.83 12.96
N LEU G 40 -10.97 2.19 11.92
CA LEU G 40 -10.27 0.92 12.11
C LEU G 40 -9.00 1.11 12.94
N GLY G 41 -8.27 2.20 12.70
CA GLY G 41 -7.05 2.46 13.44
C GLY G 41 -7.28 2.90 14.88
N ASP G 42 -8.46 3.45 15.18
CA ASP G 42 -8.73 3.86 16.55
C ASP G 42 -9.03 2.70 17.48
N GLN G 43 -9.28 1.51 16.94
CA GLN G 43 -9.80 0.40 17.74
C GLN G 43 -8.77 -0.22 18.68
N VAL G 44 -7.48 -0.12 18.37
CA VAL G 44 -6.46 -0.86 19.11
C VAL G 44 -5.94 0.02 20.26
N SER G 45 -6.06 -0.49 21.48
CA SER G 45 -5.62 0.22 22.68
C SER G 45 -5.73 -0.72 23.88
N GLU G 46 -5.49 -0.16 25.06
CA GLU G 46 -5.86 -0.77 26.34
C GLU G 46 -5.23 -2.14 26.60
N THR G 47 -3.91 -2.17 26.79
CA THR G 47 -3.21 -3.37 27.24
C THR G 47 -3.54 -3.65 28.70
N SER G 48 -3.31 -4.90 29.11
CA SER G 48 -3.64 -5.37 30.44
C SER G 48 -2.41 -5.38 31.35
N PRO G 49 -2.61 -5.20 32.66
CA PRO G 49 -1.48 -5.18 33.58
C PRO G 49 -0.82 -6.54 33.73
N GLN G 50 0.47 -6.52 34.06
CA GLN G 50 1.25 -7.73 34.29
C GLN G 50 1.62 -7.78 35.78
N ALA G 51 1.24 -8.87 36.43
CA ALA G 51 1.49 -9.03 37.87
C ALA G 51 1.47 -10.53 38.18
N SER G 52 1.95 -10.86 39.38
CA SER G 52 2.00 -12.24 39.83
C SER G 52 1.23 -12.37 41.14
N PHE G 53 0.56 -13.50 41.31
CA PHE G 53 -0.28 -13.75 42.48
C PHE G 53 0.07 -15.10 43.10
N ASP G 54 -0.18 -15.21 44.40
CA ASP G 54 0.10 -16.42 45.16
C ASP G 54 -1.22 -17.00 45.67
N PHE G 55 -1.47 -18.26 45.36
CA PHE G 55 -2.67 -18.97 45.81
C PHE G 55 -2.29 -19.90 46.96
N ASP G 56 -2.99 -19.75 48.09
CA ASP G 56 -2.71 -20.51 49.31
C ASP G 56 -4.00 -21.14 49.81
N TYR G 57 -4.09 -22.46 49.73
CA TYR G 57 -5.30 -23.20 50.04
C TYR G 57 -5.12 -24.00 51.32
N THR G 58 -6.14 -23.99 52.18
CA THR G 58 -6.17 -24.77 53.40
C THR G 58 -7.33 -25.75 53.32
N ASN G 59 -7.02 -27.05 53.38
CA ASN G 59 -8.04 -28.06 53.13
C ASN G 59 -8.99 -28.22 54.31
N THR G 60 -8.54 -27.91 55.52
CA THR G 60 -9.38 -28.10 56.70
C THR G 60 -10.62 -27.22 56.66
N SER G 61 -10.46 -25.95 56.26
CA SER G 61 -11.57 -25.00 56.27
C SER G 61 -12.08 -24.66 54.88
N GLY G 62 -11.31 -24.95 53.83
CA GLY G 62 -11.74 -24.63 52.49
C GLY G 62 -11.46 -23.22 52.05
N ASN G 63 -10.60 -22.49 52.77
CA ASN G 63 -10.31 -21.10 52.49
C ASN G 63 -9.12 -21.01 51.54
N LEU G 64 -9.25 -20.17 50.50
CA LEU G 64 -8.18 -19.92 49.53
C LEU G 64 -7.81 -18.44 49.62
N THR G 65 -6.52 -18.18 49.81
CA THR G 65 -6.02 -16.81 49.95
C THR G 65 -5.23 -16.44 48.71
N ILE G 66 -5.53 -15.28 48.13
CA ILE G 66 -4.87 -14.78 46.93
C ILE G 66 -4.14 -13.50 47.28
N THR G 67 -2.82 -13.50 47.10
CA THR G 67 -1.97 -12.37 47.49
C THR G 67 -1.22 -11.84 46.27
N HIS G 68 -1.07 -10.52 46.21
CA HIS G 68 -0.28 -9.87 45.15
C HIS G 68 1.20 -9.98 45.52
N GLU G 69 1.99 -10.57 44.64
CA GLU G 69 3.42 -10.78 44.88
C GLU G 69 4.28 -9.65 44.35
N SER G 70 4.25 -9.41 43.04
CA SER G 70 5.10 -8.40 42.42
C SER G 70 4.52 -8.03 41.07
N GLY G 71 4.83 -6.82 40.62
CA GLY G 71 4.31 -6.31 39.36
C GLY G 71 3.70 -4.94 39.48
N THR G 72 2.85 -4.56 38.52
CA THR G 72 2.27 -3.24 38.50
C THR G 72 1.13 -3.13 39.51
N SER G 73 0.72 -1.89 39.77
CA SER G 73 -0.40 -1.59 40.65
C SER G 73 -1.69 -1.60 39.85
N ILE G 74 -2.73 -2.22 40.42
CA ILE G 74 -3.97 -2.46 39.71
C ILE G 74 -5.13 -1.88 40.50
N ASP G 75 -6.03 -1.21 39.80
CA ASP G 75 -7.28 -0.77 40.39
C ASP G 75 -8.06 -1.97 40.91
N ALA G 76 -8.61 -1.82 42.12
CA ALA G 76 -9.33 -2.92 42.75
C ALA G 76 -10.70 -3.15 42.13
N ASP G 77 -11.21 -2.20 41.34
CA ASP G 77 -12.49 -2.38 40.66
C ASP G 77 -12.36 -3.03 39.29
N SER G 78 -11.13 -3.21 38.81
CA SER G 78 -10.89 -3.84 37.52
C SER G 78 -10.65 -5.34 37.61
N VAL G 79 -10.62 -5.90 38.81
CA VAL G 79 -10.25 -7.30 39.03
C VAL G 79 -11.41 -7.99 39.74
N SER G 80 -11.83 -9.13 39.21
CA SER G 80 -12.90 -9.94 39.79
C SER G 80 -12.46 -11.39 39.86
N ILE G 81 -13.12 -12.15 40.73
CA ILE G 81 -12.84 -13.56 40.97
C ILE G 81 -13.96 -14.38 40.36
N SER G 82 -13.61 -15.37 39.54
CA SER G 82 -14.56 -16.29 38.94
C SER G 82 -14.16 -17.72 39.25
N GLY G 83 -15.09 -18.50 39.80
CA GLY G 83 -14.83 -19.88 40.10
C GLY G 83 -15.87 -20.45 41.05
N PRO G 84 -15.79 -21.74 41.33
CA PRO G 84 -16.74 -22.37 42.27
C PRO G 84 -16.48 -21.99 43.72
N VAL G 85 -16.61 -20.68 44.00
CA VAL G 85 -16.42 -20.15 45.35
C VAL G 85 -17.61 -19.28 45.69
N GLY G 86 -17.78 -19.03 46.99
CA GLY G 86 -18.93 -18.26 47.44
C GLY G 86 -18.93 -16.84 46.89
N ASP G 87 -17.76 -16.20 46.85
CA ASP G 87 -17.62 -14.84 46.32
C ASP G 87 -17.43 -14.82 44.81
N ASP G 88 -18.33 -15.47 44.06
CA ASP G 88 -18.13 -15.62 42.62
C ASP G 88 -18.66 -14.41 41.87
N GLY G 89 -17.82 -13.86 41.00
CA GLY G 89 -18.21 -12.74 40.17
C GLY G 89 -18.11 -11.38 40.82
N LYS G 90 -17.56 -11.30 42.02
CA LYS G 90 -17.41 -10.02 42.71
C LYS G 90 -15.99 -9.49 42.51
N THR G 91 -15.87 -8.16 42.56
CA THR G 91 -14.58 -7.52 42.35
C THR G 91 -13.72 -7.62 43.60
N TRP G 92 -12.43 -7.37 43.42
CA TRP G 92 -11.48 -7.36 44.53
C TRP G 92 -11.84 -6.29 45.56
N ALA G 93 -12.42 -5.17 45.12
CA ALA G 93 -12.80 -4.11 46.04
C ALA G 93 -14.08 -4.42 46.81
N ASP G 94 -14.83 -5.45 46.40
CA ASP G 94 -16.02 -5.86 47.14
C ASP G 94 -15.71 -6.91 48.20
N ILE G 95 -14.76 -7.80 47.92
CA ILE G 95 -14.49 -8.91 48.82
C ILE G 95 -13.91 -8.40 50.14
N ASP G 96 -13.06 -7.39 50.08
CA ASP G 96 -12.64 -6.66 51.27
C ASP G 96 -13.30 -5.29 51.27
N GLY G 97 -13.47 -4.71 52.46
CA GLY G 97 -14.33 -3.55 52.59
C GLY G 97 -13.83 -2.32 51.84
N SER G 98 -12.54 -1.99 52.00
CA SER G 98 -12.06 -0.66 51.64
C SER G 98 -10.81 -0.65 50.76
N ALA G 99 -10.64 -1.64 49.89
CA ALA G 99 -9.49 -1.61 48.99
C ALA G 99 -9.69 -0.59 47.87
N THR G 100 -8.59 0.01 47.44
CA THR G 100 -8.58 0.91 46.30
C THR G 100 -7.52 0.57 45.26
N GLU G 101 -6.37 0.06 45.68
CA GLU G 101 -5.30 -0.36 44.78
C GLU G 101 -4.83 -1.73 45.21
N ILE G 102 -4.25 -2.48 44.27
CA ILE G 102 -3.66 -3.78 44.56
C ILE G 102 -2.16 -3.64 44.36
N THR G 103 -1.42 -3.61 45.47
CA THR G 103 0.03 -3.58 45.47
C THR G 103 0.54 -4.81 46.20
N ALA G 104 1.86 -4.98 46.23
CA ALA G 104 2.45 -6.17 46.83
C ALA G 104 2.09 -6.27 48.30
N GLY G 105 1.70 -7.46 48.73
CA GLY G 105 1.26 -7.70 50.09
C GLY G 105 -0.23 -7.62 50.30
N SER G 106 -1.01 -7.33 49.26
CA SER G 106 -2.46 -7.25 49.36
C SER G 106 -3.07 -8.61 49.10
N SER G 107 -4.04 -8.99 49.95
CA SER G 107 -4.62 -10.32 49.83
C SER G 107 -6.11 -10.28 50.13
N ILE G 108 -6.82 -11.26 49.57
CA ILE G 108 -8.22 -11.52 49.84
C ILE G 108 -8.37 -13.01 50.14
N THR G 109 -9.49 -13.35 50.78
CA THR G 109 -9.78 -14.74 51.14
C THR G 109 -11.16 -15.11 50.65
N VAL G 110 -11.25 -16.15 49.82
CA VAL G 110 -12.50 -16.70 49.39
C VAL G 110 -12.64 -18.11 49.97
N THR G 111 -13.85 -18.64 49.92
CA THR G 111 -14.13 -19.97 50.44
C THR G 111 -14.71 -20.85 49.35
N ALA G 112 -14.28 -22.10 49.31
CA ALA G 112 -14.75 -23.05 48.30
C ALA G 112 -16.25 -23.27 48.45
N ASN G 113 -16.94 -23.28 47.31
CA ASN G 113 -18.39 -23.41 47.32
C ASN G 113 -18.79 -24.77 47.86
N GLY G 114 -19.77 -24.79 48.74
CA GLY G 114 -20.02 -25.95 49.59
C GLY G 114 -19.19 -25.84 50.87
N SER G 115 -18.24 -26.75 51.04
CA SER G 115 -17.23 -26.56 52.08
C SER G 115 -15.84 -27.00 51.66
N SER G 116 -15.64 -27.47 50.43
CA SER G 116 -14.35 -27.95 49.98
C SER G 116 -14.32 -27.99 48.46
N PHE G 117 -13.11 -28.03 47.92
CA PHE G 117 -12.93 -28.11 46.47
C PHE G 117 -12.94 -29.57 46.02
N ASP G 118 -13.15 -29.76 44.72
CA ASP G 118 -13.01 -31.04 44.07
C ASP G 118 -11.88 -30.98 43.07
N SER G 119 -11.21 -32.10 42.86
CA SER G 119 -10.06 -32.12 41.97
C SER G 119 -10.47 -31.73 40.55
N GLY G 120 -9.74 -30.79 39.97
CA GLY G 120 -10.03 -30.29 38.65
C GLY G 120 -10.87 -29.03 38.60
N GLU G 121 -11.07 -28.36 39.74
CA GLU G 121 -11.83 -27.12 39.79
C GLU G 121 -10.87 -25.94 39.77
N THR G 122 -11.16 -24.97 38.90
CA THR G 122 -10.27 -23.85 38.63
C THR G 122 -10.85 -22.55 39.16
N VAL G 123 -9.98 -21.70 39.69
CA VAL G 123 -10.34 -20.35 40.14
C VAL G 123 -9.46 -19.36 39.38
N ARG G 124 -10.07 -18.33 38.81
CA ARG G 124 -9.36 -17.37 37.98
C ARG G 124 -9.37 -15.96 38.57
N VAL G 125 -8.35 -15.19 38.19
CA VAL G 125 -8.28 -13.76 38.45
C VAL G 125 -8.39 -13.06 37.09
N ILE G 126 -9.35 -12.14 36.97
CA ILE G 126 -9.76 -11.61 35.68
C ILE G 126 -9.71 -10.09 35.71
N TRP G 127 -9.13 -9.50 34.66
CA TRP G 127 -9.06 -8.06 34.50
C TRP G 127 -10.03 -7.62 33.42
N THR G 128 -10.75 -6.51 33.67
CA THR G 128 -11.70 -5.95 32.71
C THR G 128 -11.38 -4.47 32.50
N SER G 129 -11.43 -4.04 31.25
CA SER G 129 -11.10 -2.65 30.92
C SER G 129 -12.24 -1.71 31.29
N ASP G 130 -11.92 -0.41 31.32
CA ASP G 130 -12.89 0.59 31.76
C ASP G 130 -14.11 0.66 30.86
N SER G 131 -13.89 0.52 29.54
CA SER G 131 -15.02 0.53 28.61
C SER G 131 -15.81 -0.77 28.68
N GLY G 132 -15.21 -1.85 29.19
CA GLY G 132 -15.86 -3.13 29.26
C GLY G 132 -15.78 -3.97 28.02
N SER G 133 -15.02 -3.55 27.01
CA SER G 133 -14.92 -4.25 25.74
C SER G 133 -13.66 -5.10 25.62
N SER G 134 -12.93 -5.30 26.72
CA SER G 134 -11.76 -6.17 26.73
C SER G 134 -11.64 -6.82 28.09
N SER G 135 -11.13 -8.05 28.10
CA SER G 135 -10.89 -8.79 29.33
C SER G 135 -9.66 -9.66 29.15
N SER G 136 -9.09 -10.07 30.27
CA SER G 136 -7.96 -10.98 30.25
C SER G 136 -7.94 -11.78 31.54
N THR G 137 -7.31 -12.94 31.49
CA THR G 137 -7.12 -13.78 32.66
C THR G 137 -5.72 -13.53 33.21
N LEU G 138 -5.65 -12.97 34.42
CA LEU G 138 -4.36 -12.67 35.02
C LEU G 138 -3.66 -13.94 35.48
N GLN G 139 -4.39 -14.84 36.14
CA GLN G 139 -3.81 -16.06 36.68
C GLN G 139 -4.95 -17.00 37.03
N SER G 140 -4.67 -18.30 36.97
CA SER G 140 -5.66 -19.32 37.32
C SER G 140 -5.02 -20.38 38.19
N TRP G 141 -5.85 -21.06 38.99
CA TRP G 141 -5.41 -22.05 39.96
C TRP G 141 -6.33 -23.26 39.86
N THR G 142 -5.74 -24.44 39.67
CA THR G 142 -6.49 -25.69 39.59
C THR G 142 -6.16 -26.56 40.79
N TYR G 143 -7.19 -27.10 41.42
CA TYR G 143 -7.00 -28.00 42.55
C TYR G 143 -6.74 -29.41 42.04
N ASN G 144 -5.59 -29.97 42.38
CA ASN G 144 -5.18 -31.28 41.90
C ASN G 144 -5.10 -32.30 43.02
N GLY G 145 -6.08 -32.28 43.91
CA GLY G 145 -6.16 -33.25 45.00
C GLY G 145 -5.01 -33.14 45.98
N VAL H 13 -13.83 21.62 -32.75
CA VAL H 13 -12.61 22.33 -32.41
C VAL H 13 -12.43 22.41 -30.90
N SER H 14 -13.50 22.81 -30.21
CA SER H 14 -13.43 23.00 -28.76
C SER H 14 -13.10 21.74 -27.98
N PRO H 15 -13.61 20.54 -28.30
CA PRO H 15 -13.19 19.35 -27.52
C PRO H 15 -11.70 19.09 -27.56
N VAL H 16 -11.05 19.30 -28.70
CA VAL H 16 -9.62 19.04 -28.82
C VAL H 16 -8.84 20.04 -27.96
N ILE H 17 -9.27 21.30 -27.96
CA ILE H 17 -8.62 22.31 -27.13
C ILE H 17 -8.81 22.01 -25.65
N GLY H 18 -10.01 21.57 -25.28
CA GLY H 18 -10.23 21.16 -23.90
C GLY H 18 -9.32 20.03 -23.48
N VAL H 19 -9.13 19.05 -24.37
CA VAL H 19 -8.21 17.95 -24.09
C VAL H 19 -6.79 18.47 -23.91
N ILE H 20 -6.36 19.39 -24.78
CA ILE H 20 -5.01 19.95 -24.69
C ILE H 20 -4.80 20.63 -23.34
N LEU H 21 -5.75 21.45 -22.91
CA LEU H 21 -5.59 22.17 -21.65
C LEU H 21 -5.63 21.23 -20.45
N MET H 22 -6.47 20.19 -20.51
CA MET H 22 -6.49 19.22 -19.43
C MET H 22 -5.16 18.48 -19.31
N VAL H 23 -4.56 18.10 -20.43
CA VAL H 23 -3.26 17.44 -20.40
C VAL H 23 -2.19 18.38 -19.84
N ALA H 24 -2.25 19.66 -20.23
CA ALA H 24 -1.30 20.63 -19.72
C ALA H 24 -1.40 20.79 -18.21
N ILE H 25 -2.62 20.77 -17.67
CA ILE H 25 -2.78 20.85 -16.21
C ILE H 25 -2.25 19.57 -15.55
N THR H 26 -2.54 18.41 -16.14
CA THR H 26 -2.14 17.13 -15.57
C THR H 26 -0.63 17.04 -15.41
N VAL H 27 0.12 17.50 -16.41
CA VAL H 27 1.57 17.36 -16.36
C VAL H 27 2.15 18.14 -15.17
N ILE H 28 1.71 19.40 -15.01
CA ILE H 28 2.21 20.22 -13.92
C ILE H 28 1.83 19.63 -12.57
N LEU H 29 0.59 19.18 -12.43
CA LEU H 29 0.16 18.67 -11.13
C LEU H 29 0.93 17.40 -10.76
N ALA H 30 1.19 16.55 -11.75
CA ALA H 30 2.00 15.35 -11.51
C ALA H 30 3.41 15.71 -11.08
N ALA H 31 4.01 16.72 -11.71
CA ALA H 31 5.35 17.14 -11.27
C ALA H 31 5.34 17.63 -9.83
N VAL H 32 4.30 18.37 -9.45
CA VAL H 32 4.19 18.89 -8.09
C VAL H 32 4.14 17.74 -7.07
N ILE H 33 3.35 16.69 -7.37
CA ILE H 33 3.34 15.55 -6.45
C ILE H 33 4.68 14.85 -6.43
N GLY H 34 5.30 14.67 -7.60
CA GLY H 34 6.55 13.93 -7.67
C GLY H 34 7.63 14.54 -6.82
N THR H 35 7.77 15.87 -6.87
CA THR H 35 8.78 16.54 -6.04
C THR H 35 8.55 16.25 -4.57
N PHE H 36 7.30 16.35 -4.12
CA PHE H 36 6.99 16.17 -2.71
C PHE H 36 7.27 14.75 -2.24
N VAL H 37 6.84 13.75 -3.02
CA VAL H 37 7.05 12.37 -2.59
C VAL H 37 8.52 12.00 -2.64
N LEU H 38 9.28 12.51 -3.62
CA LEU H 38 10.71 12.22 -3.66
C LEU H 38 11.42 12.83 -2.46
N GLY H 39 11.09 14.08 -2.12
CA GLY H 39 11.68 14.69 -0.94
C GLY H 39 11.31 13.96 0.34
N LEU H 40 10.08 13.48 0.43
CA LEU H 40 9.66 12.70 1.59
C LEU H 40 10.44 11.39 1.69
N GLY H 41 10.66 10.72 0.56
CA GLY H 41 11.40 9.47 0.57
C GLY H 41 12.89 9.63 0.81
N ASP H 42 13.45 10.80 0.54
CA ASP H 42 14.88 11.01 0.77
C ASP H 42 15.21 11.20 2.24
N GLN H 43 14.21 11.42 3.10
CA GLN H 43 14.47 11.85 4.47
C GLN H 43 15.00 10.73 5.38
N VAL H 44 14.72 9.47 5.05
CA VAL H 44 15.02 8.36 5.97
C VAL H 44 16.41 7.81 5.65
N SER H 45 17.30 7.83 6.64
CA SER H 45 18.66 7.35 6.49
C SER H 45 19.33 7.33 7.87
N GLU H 46 20.63 7.04 7.87
CA GLU H 46 21.53 7.29 9.00
C GLU H 46 21.14 6.59 10.29
N THR H 47 21.24 5.26 10.31
CA THR H 47 21.10 4.49 11.53
C THR H 47 22.30 4.70 12.45
N SER H 48 22.11 4.39 13.73
CA SER H 48 23.11 4.60 14.76
C SER H 48 23.88 3.32 15.06
N PRO H 49 25.14 3.45 15.49
CA PRO H 49 25.94 2.26 15.80
C PRO H 49 25.43 1.53 17.03
N GLN H 50 25.69 0.23 17.07
CA GLN H 50 25.35 -0.62 18.21
C GLN H 50 26.63 -1.10 18.87
N ALA H 51 26.77 -0.81 20.16
CA ALA H 51 27.96 -1.15 20.91
C ALA H 51 27.61 -1.22 22.39
N SER H 52 28.51 -1.79 23.18
CA SER H 52 28.32 -1.95 24.61
C SER H 52 29.46 -1.26 25.35
N PHE H 53 29.15 -0.66 26.49
CA PHE H 53 30.12 0.10 27.28
C PHE H 53 30.08 -0.35 28.72
N ASP H 54 31.21 -0.21 29.41
CA ASP H 54 31.35 -0.58 30.81
C ASP H 54 31.61 0.67 31.64
N PHE H 55 30.78 0.88 32.67
CA PHE H 55 30.93 2.01 33.57
C PHE H 55 31.54 1.54 34.88
N ASP H 56 32.65 2.16 35.28
CA ASP H 56 33.40 1.76 36.48
C ASP H 56 33.62 3.00 37.35
N TYR H 57 32.97 3.02 38.50
CA TYR H 57 32.99 4.19 39.39
C TYR H 57 33.78 3.88 40.65
N THR H 58 34.59 4.84 41.08
CA THR H 58 35.36 4.75 42.32
C THR H 58 34.89 5.87 43.25
N ASN H 59 34.37 5.51 44.41
CA ASN H 59 33.74 6.49 45.29
C ASN H 59 34.76 7.35 46.00
N THR H 60 35.97 6.85 46.22
CA THR H 60 36.99 7.59 46.96
C THR H 60 37.38 8.87 46.24
N SER H 61 37.57 8.79 44.92
CA SER H 61 38.04 9.93 44.14
C SER H 61 36.97 10.54 43.26
N GLY H 62 35.86 9.85 43.02
CA GLY H 62 34.81 10.38 42.18
C GLY H 62 35.02 10.19 40.70
N ASN H 63 35.95 9.32 40.31
CA ASN H 63 36.29 9.10 38.91
C ASN H 63 35.43 7.98 38.33
N LEU H 64 34.89 8.22 37.14
CA LEU H 64 34.08 7.24 36.42
C LEU H 64 34.78 6.92 35.10
N THR H 65 35.04 5.63 34.86
CA THR H 65 35.73 5.19 33.67
C THR H 65 34.73 4.49 32.73
N ILE H 66 34.75 4.89 31.46
CA ILE H 66 33.85 4.33 30.46
C ILE H 66 34.70 3.63 29.40
N THR H 67 34.49 2.33 29.22
CA THR H 67 35.29 1.51 28.32
C THR H 67 34.41 0.86 27.27
N HIS H 68 34.91 0.78 26.04
CA HIS H 68 34.23 0.09 24.95
C HIS H 68 34.45 -1.40 25.11
N GLU H 69 33.37 -2.18 25.20
CA GLU H 69 33.44 -3.62 25.39
C GLU H 69 33.41 -4.40 24.09
N SER H 70 32.34 -4.27 23.31
CA SER H 70 32.20 -5.02 22.07
C SER H 70 31.16 -4.35 21.19
N GLY H 71 31.27 -4.58 19.88
CA GLY H 71 30.40 -3.95 18.92
C GLY H 71 31.13 -3.28 17.78
N THR H 72 30.47 -2.36 17.09
CA THR H 72 31.04 -1.71 15.93
C THR H 72 32.05 -0.65 16.34
N SER H 73 32.84 -0.20 15.37
CA SER H 73 33.81 0.87 15.57
C SER H 73 33.13 2.21 15.32
N ILE H 74 33.41 3.17 16.19
CA ILE H 74 32.72 4.45 16.18
C ILE H 74 33.73 5.58 16.09
N ASP H 75 33.42 6.56 15.24
CA ASP H 75 34.20 7.79 15.19
C ASP H 75 34.19 8.48 16.55
N ALA H 76 35.35 8.96 16.98
CA ALA H 76 35.46 9.58 18.28
C ALA H 76 34.87 10.98 18.31
N ASP H 77 34.60 11.57 17.16
CA ASP H 77 33.96 12.89 17.12
C ASP H 77 32.44 12.81 17.09
N SER H 78 31.87 11.61 16.96
CA SER H 78 30.42 11.45 16.95
C SER H 78 29.85 11.12 18.33
N VAL H 79 30.68 10.99 19.35
CA VAL H 79 30.25 10.55 20.67
C VAL H 79 30.63 11.62 21.66
N SER H 80 29.66 12.03 22.50
CA SER H 80 29.88 13.02 23.55
C SER H 80 29.29 12.51 24.86
N ILE H 81 29.77 13.07 25.96
CA ILE H 81 29.35 12.71 27.31
C ILE H 81 28.49 13.84 27.87
N SER H 82 27.30 13.50 28.36
CA SER H 82 26.41 14.46 28.99
C SER H 82 26.04 13.96 30.39
N GLY H 83 26.23 14.82 31.39
CA GLY H 83 25.88 14.49 32.75
C GLY H 83 26.54 15.43 33.74
N PRO H 84 26.22 15.28 35.01
CA PRO H 84 26.82 16.14 36.06
C PRO H 84 28.28 15.79 36.32
N VAL H 85 29.11 15.96 35.29
CA VAL H 85 30.54 15.71 35.37
C VAL H 85 31.28 16.91 34.82
N GLY H 86 32.57 17.01 35.18
CA GLY H 86 33.36 18.15 34.75
C GLY H 86 33.48 18.25 33.24
N ASP H 87 33.68 17.13 32.57
CA ASP H 87 33.79 17.07 31.12
C ASP H 87 32.43 16.99 30.43
N ASP H 88 31.52 17.90 30.75
CA ASP H 88 30.15 17.80 30.25
C ASP H 88 30.03 18.42 28.87
N GLY H 89 29.45 17.67 27.94
CA GLY H 89 29.21 18.17 26.60
C GLY H 89 30.38 18.08 25.65
N LYS H 90 31.48 17.46 26.06
CA LYS H 90 32.65 17.31 25.21
C LYS H 90 32.65 15.94 24.54
N THR H 91 33.27 15.88 23.37
CA THR H 91 33.30 14.63 22.61
C THR H 91 34.36 13.69 23.17
N TRP H 92 34.24 12.41 22.79
CA TRP H 92 35.21 11.41 23.20
C TRP H 92 36.61 11.74 22.71
N ALA H 93 36.74 12.40 21.55
CA ALA H 93 38.03 12.77 21.02
C ALA H 93 38.64 13.98 21.72
N ASP H 94 37.87 14.71 22.53
CA ASP H 94 38.39 15.82 23.30
C ASP H 94 38.88 15.40 24.67
N ILE H 95 38.20 14.43 25.29
CA ILE H 95 38.51 14.05 26.67
C ILE H 95 39.89 13.41 26.75
N ASP H 96 40.25 12.61 25.74
CA ASP H 96 41.61 12.15 25.58
C ASP H 96 42.25 12.87 24.39
N GLY H 97 43.57 12.98 24.40
CA GLY H 97 44.22 13.88 23.46
C GLY H 97 44.08 13.49 22.01
N SER H 98 44.30 12.22 21.69
CA SER H 98 44.55 11.81 20.31
C SER H 98 43.71 10.63 19.84
N ALA H 99 42.49 10.47 20.32
CA ALA H 99 41.65 9.38 19.83
C ALA H 99 41.10 9.70 18.45
N THR H 100 40.93 8.66 17.65
CA THR H 100 40.30 8.77 16.33
C THR H 100 39.18 7.76 16.12
N GLU H 101 39.28 6.56 16.67
CA GLU H 101 38.25 5.55 16.59
C GLU H 101 38.02 4.98 17.98
N ILE H 102 36.82 4.43 18.20
CA ILE H 102 36.49 3.77 19.46
C ILE H 102 36.31 2.29 19.14
N THR H 103 37.29 1.48 19.54
CA THR H 103 37.25 0.03 19.42
C THR H 103 37.35 -0.58 20.81
N ALA H 104 37.25 -1.90 20.88
CA ALA H 104 37.24 -2.58 22.16
C ALA H 104 38.54 -2.32 22.91
N GLY H 105 38.41 -2.01 24.21
CA GLY H 105 39.55 -1.67 25.03
C GLY H 105 39.83 -0.20 25.17
N SER H 106 39.05 0.66 24.50
CA SER H 106 39.24 2.10 24.57
C SER H 106 38.44 2.68 25.73
N SER H 107 39.06 3.56 26.50
CA SER H 107 38.41 4.09 27.69
C SER H 107 38.74 5.56 27.88
N ILE H 108 37.83 6.25 28.57
CA ILE H 108 38.03 7.62 29.02
C ILE H 108 37.67 7.69 30.49
N THR H 109 38.13 8.74 31.16
CA THR H 109 37.85 8.94 32.58
C THR H 109 37.30 10.35 32.79
N VAL H 110 36.11 10.42 33.37
CA VAL H 110 35.53 11.69 33.77
C VAL H 110 35.44 11.73 35.29
N THR H 111 35.21 12.91 35.84
CA THR H 111 35.11 13.10 37.29
C THR H 111 33.76 13.71 37.62
N ALA H 112 33.17 13.22 38.71
CA ALA H 112 31.87 13.72 39.15
C ALA H 112 31.96 15.19 39.51
N ASN H 113 30.96 15.96 39.08
CA ASN H 113 30.97 17.40 39.30
C ASN H 113 30.88 17.70 40.79
N GLY H 114 31.70 18.62 41.25
CA GLY H 114 31.96 18.75 42.68
C GLY H 114 33.12 17.85 43.09
N SER H 115 32.85 16.85 43.91
CA SER H 115 33.83 15.79 44.11
C SER H 115 33.20 14.41 44.23
N SER H 116 31.88 14.28 44.10
CA SER H 116 31.22 12.99 44.26
C SER H 116 29.83 13.06 43.63
N PHE H 117 29.27 11.90 43.34
CA PHE H 117 27.94 11.80 42.78
C PHE H 117 26.89 11.77 43.89
N ASP H 118 25.65 12.06 43.50
CA ASP H 118 24.50 11.91 44.38
C ASP H 118 23.58 10.86 43.80
N SER H 119 22.88 10.14 44.67
CA SER H 119 22.02 9.06 44.23
C SER H 119 20.94 9.58 43.29
N GLY H 120 20.79 8.92 42.14
CA GLY H 120 19.83 9.34 41.14
C GLY H 120 20.38 10.22 40.04
N GLU H 121 21.70 10.38 39.95
CA GLU H 121 22.32 11.19 38.92
C GLU H 121 22.78 10.29 37.77
N THR H 122 22.43 10.68 36.54
CA THR H 122 22.64 9.86 35.36
C THR H 122 23.72 10.46 34.47
N VAL H 123 24.53 9.60 33.86
CA VAL H 123 25.53 9.97 32.88
C VAL H 123 25.25 9.19 31.61
N ARG H 124 25.22 9.88 30.47
CA ARG H 124 24.85 9.27 29.19
C ARG H 124 26.01 9.31 28.19
N VAL H 125 25.96 8.36 27.26
CA VAL H 125 26.81 8.33 26.07
C VAL H 125 25.91 8.57 24.87
N ILE H 126 26.25 9.57 24.06
CA ILE H 126 25.33 10.09 23.05
C ILE H 126 26.02 10.10 21.69
N TRP H 127 25.32 9.62 20.68
CA TRP H 127 25.80 9.62 19.30
C TRP H 127 25.06 10.69 18.49
N THR H 128 25.79 11.43 17.67
CA THR H 128 25.22 12.46 16.82
C THR H 128 25.66 12.23 15.37
N SER H 129 24.73 12.38 14.44
CA SER H 129 25.03 12.13 13.03
C SER H 129 25.82 13.29 12.43
N ASP H 130 26.39 13.03 11.25
CA ASP H 130 27.28 14.00 10.60
C ASP H 130 26.53 15.28 10.23
N SER H 131 25.29 15.15 9.77
CA SER H 131 24.50 16.34 9.45
C SER H 131 24.02 17.06 10.69
N GLY H 132 23.99 16.38 11.83
CA GLY H 132 23.53 16.97 13.06
C GLY H 132 22.03 16.93 13.28
N SER H 133 21.28 16.26 12.41
CA SER H 133 19.83 16.21 12.48
C SER H 133 19.30 14.93 13.11
N SER H 134 20.17 14.12 13.71
CA SER H 134 19.74 12.92 14.41
C SER H 134 20.69 12.66 15.58
N SER H 135 20.13 12.11 16.65
CA SER H 135 20.90 11.76 17.83
C SER H 135 20.31 10.51 18.45
N SER H 136 21.12 9.85 19.28
CA SER H 136 20.65 8.67 20.00
C SER H 136 21.47 8.53 21.28
N THR H 137 20.89 7.86 22.26
CA THR H 137 21.57 7.56 23.51
C THR H 137 22.11 6.14 23.42
N LEU H 138 23.44 6.02 23.43
CA LEU H 138 24.05 4.71 23.34
C LEU H 138 23.88 3.92 24.64
N GLN H 139 24.12 4.55 25.78
CA GLN H 139 24.05 3.89 27.07
C GLN H 139 23.99 4.97 28.15
N SER H 140 23.36 4.64 29.28
CA SER H 140 23.26 5.54 30.41
C SER H 140 23.56 4.80 31.70
N TRP H 141 24.02 5.55 32.70
CA TRP H 141 24.43 5.00 33.99
C TRP H 141 23.85 5.87 35.10
N THR H 142 23.15 5.25 36.04
CA THR H 142 22.55 5.94 37.17
C THR H 142 23.24 5.49 38.45
N TYR H 143 23.62 6.46 39.29
CA TYR H 143 24.23 6.15 40.57
C TYR H 143 23.14 5.87 41.59
N ASN H 144 23.15 4.66 42.16
CA ASN H 144 22.13 4.23 43.09
C ASN H 144 22.68 4.04 44.50
N GLY H 145 23.54 4.95 44.94
CA GLY H 145 24.09 4.92 46.29
C GLY H 145 24.98 3.71 46.54
N VAL I 13 -21.44 20.13 -36.23
CA VAL I 13 -20.88 18.92 -36.81
C VAL I 13 -19.49 18.65 -36.24
N SER I 14 -18.66 19.69 -36.22
CA SER I 14 -17.28 19.53 -35.77
C SER I 14 -17.13 19.09 -34.31
N PRO I 15 -17.93 19.58 -33.33
CA PRO I 15 -17.77 19.06 -31.97
C PRO I 15 -17.97 17.55 -31.85
N VAL I 16 -18.94 17.00 -32.59
CA VAL I 16 -19.20 15.56 -32.51
C VAL I 16 -18.03 14.77 -33.07
N ILE I 17 -17.46 15.26 -34.18
CA ILE I 17 -16.30 14.61 -34.78
C ILE I 17 -15.10 14.68 -33.85
N GLY I 18 -14.90 15.83 -33.20
CA GLY I 18 -13.83 15.94 -32.22
C GLY I 18 -13.99 14.95 -31.08
N VAL I 19 -15.23 14.77 -30.61
CA VAL I 19 -15.49 13.79 -29.56
C VAL I 19 -15.16 12.39 -30.04
N ILE I 20 -15.55 12.06 -31.28
CA ILE I 20 -15.28 10.74 -31.84
C ILE I 20 -13.78 10.46 -31.88
N LEU I 21 -13.01 11.42 -32.36
CA LEU I 21 -11.57 11.22 -32.48
C LEU I 21 -10.89 11.14 -31.11
N MET I 22 -11.37 11.93 -30.14
CA MET I 22 -10.81 11.83 -28.79
C MET I 22 -11.08 10.47 -28.17
N VAL I 23 -12.29 9.93 -28.36
CA VAL I 23 -12.59 8.59 -27.85
C VAL I 23 -11.72 7.53 -28.51
N ALA I 24 -11.51 7.67 -29.83
CA ALA I 24 -10.67 6.74 -30.55
C ALA I 24 -9.24 6.74 -30.02
N ILE I 25 -8.71 7.92 -29.69
CA ILE I 25 -7.37 7.99 -29.11
C ILE I 25 -7.35 7.37 -27.72
N THR I 26 -8.38 7.65 -26.92
CA THR I 26 -8.43 7.15 -25.55
C THR I 26 -8.39 5.63 -25.49
N VAL I 27 -9.13 4.97 -26.39
CA VAL I 27 -9.20 3.51 -26.35
C VAL I 27 -7.81 2.89 -26.58
N ILE I 28 -7.10 3.38 -27.60
CA ILE I 28 -5.78 2.85 -27.91
C ILE I 28 -4.81 3.10 -26.76
N LEU I 29 -4.83 4.31 -26.20
CA LEU I 29 -3.86 4.63 -25.15
C LEU I 29 -4.13 3.79 -23.91
N ALA I 30 -5.40 3.55 -23.59
CA ALA I 30 -5.73 2.68 -22.47
C ALA I 30 -5.24 1.25 -22.70
N ALA I 31 -5.39 0.74 -23.92
CA ALA I 31 -4.88 -0.60 -24.21
C ALA I 31 -3.36 -0.66 -24.02
N VAL I 32 -2.66 0.39 -24.44
CA VAL I 32 -1.20 0.42 -24.31
C VAL I 32 -0.79 0.37 -22.84
N ILE I 33 -1.48 1.11 -21.98
CA ILE I 33 -1.16 1.01 -20.54
C ILE I 33 -1.50 -0.37 -19.99
N GLY I 34 -2.66 -0.90 -20.39
CA GLY I 34 -3.09 -2.17 -19.84
C GLY I 34 -2.10 -3.29 -20.09
N THR I 35 -1.57 -3.36 -21.31
CA THR I 35 -0.58 -4.38 -21.63
C THR I 35 0.63 -4.28 -20.71
N PHE I 36 1.13 -3.05 -20.52
CA PHE I 36 2.33 -2.84 -19.72
C PHE I 36 2.10 -3.22 -18.26
N VAL I 37 0.99 -2.78 -17.67
CA VAL I 37 0.78 -3.08 -16.26
C VAL I 37 0.51 -4.56 -16.05
N LEU I 38 -0.19 -5.22 -16.98
CA LEU I 38 -0.41 -6.66 -16.85
C LEU I 38 0.91 -7.42 -16.93
N GLY I 39 1.77 -7.06 -17.88
CA GLY I 39 3.08 -7.70 -17.95
C GLY I 39 3.93 -7.44 -16.72
N LEU I 40 3.84 -6.24 -16.16
CA LEU I 40 4.56 -5.94 -14.93
C LEU I 40 4.06 -6.79 -13.76
N GLY I 41 2.74 -6.97 -13.66
CA GLY I 41 2.17 -7.76 -12.58
C GLY I 41 2.39 -9.25 -12.73
N ASP I 42 2.64 -9.74 -13.95
CA ASP I 42 2.89 -11.17 -14.12
C ASP I 42 4.28 -11.59 -13.67
N GLN I 43 5.19 -10.64 -13.44
CA GLN I 43 6.59 -10.97 -13.23
C GLN I 43 6.90 -11.61 -11.88
N VAL I 44 6.07 -11.36 -10.86
CA VAL I 44 6.38 -11.77 -9.50
C VAL I 44 5.81 -13.15 -9.24
N SER I 45 6.66 -14.10 -8.88
CA SER I 45 6.27 -15.48 -8.60
C SER I 45 7.47 -16.23 -8.04
N GLU I 46 7.29 -17.55 -7.87
CA GLU I 46 8.38 -18.50 -7.68
C GLU I 46 9.25 -18.23 -6.45
N THR I 47 8.69 -18.40 -5.26
CA THR I 47 9.44 -18.37 -4.01
C THR I 47 10.31 -19.61 -3.90
N SER I 48 11.34 -19.53 -3.04
CA SER I 48 12.32 -20.57 -2.86
C SER I 48 12.01 -21.42 -1.63
N PRO I 49 12.39 -22.70 -1.64
CA PRO I 49 12.11 -23.57 -0.50
C PRO I 49 12.92 -23.18 0.73
N GLN I 50 12.38 -23.50 1.91
CA GLN I 50 13.04 -23.27 3.18
C GLN I 50 13.38 -24.61 3.81
N ALA I 51 14.66 -24.82 4.09
CA ALA I 51 15.14 -26.09 4.65
C ALA I 51 16.44 -25.83 5.38
N SER I 52 16.87 -26.80 6.17
CA SER I 52 18.09 -26.72 6.94
C SER I 52 19.01 -27.88 6.57
N PHE I 53 20.31 -27.61 6.53
CA PHE I 53 21.31 -28.60 6.15
C PHE I 53 22.42 -28.67 7.18
N ASP I 54 23.05 -29.83 7.27
CA ASP I 54 24.14 -30.08 8.20
C ASP I 54 25.42 -30.34 7.42
N PHE I 55 26.46 -29.58 7.73
CA PHE I 55 27.77 -29.73 7.10
C PHE I 55 28.72 -30.45 8.06
N ASP I 56 29.31 -31.55 7.60
CA ASP I 56 30.17 -32.40 8.42
C ASP I 56 31.49 -32.62 7.68
N TYR I 57 32.57 -32.04 8.20
CA TYR I 57 33.87 -32.07 7.53
C TYR I 57 34.84 -32.95 8.31
N THR I 58 35.61 -33.75 7.57
CA THR I 58 36.66 -34.60 8.13
C THR I 58 38.00 -34.15 7.57
N ASN I 59 38.90 -33.72 8.44
CA ASN I 59 40.14 -33.10 7.98
C ASN I 59 41.13 -34.14 7.44
N THR I 60 41.04 -35.38 7.91
CA THR I 60 42.00 -36.40 7.50
C THR I 60 41.89 -36.70 6.01
N SER I 61 40.67 -36.80 5.49
CA SER I 61 40.45 -37.17 4.10
C SER I 61 39.97 -36.00 3.23
N GLY I 62 39.49 -34.92 3.83
CA GLY I 62 39.00 -33.79 3.06
C GLY I 62 37.59 -33.92 2.58
N ASN I 63 36.82 -34.86 3.12
CA ASN I 63 35.45 -35.12 2.69
C ASN I 63 34.48 -34.27 3.49
N LEU I 64 33.54 -33.63 2.81
CA LEU I 64 32.48 -32.82 3.43
C LEU I 64 31.14 -33.46 3.10
N THR I 65 30.35 -33.75 4.12
CA THR I 65 29.05 -34.38 3.95
C THR I 65 27.95 -33.36 4.25
N ILE I 66 26.98 -33.26 3.34
CA ILE I 66 25.87 -32.33 3.46
C ILE I 66 24.58 -33.15 3.58
N THR I 67 23.87 -32.98 4.68
CA THR I 67 22.67 -33.75 4.97
C THR I 67 21.47 -32.83 5.16
N HIS I 68 20.31 -33.26 4.67
CA HIS I 68 19.06 -32.54 4.85
C HIS I 68 18.53 -32.83 6.26
N GLU I 69 18.32 -31.79 7.05
CA GLU I 69 17.86 -31.94 8.44
C GLU I 69 16.35 -31.86 8.58
N SER I 70 15.74 -30.74 8.19
CA SER I 70 14.32 -30.55 8.34
C SER I 70 13.86 -29.43 7.42
N GLY I 71 12.58 -29.47 7.05
CA GLY I 71 12.02 -28.49 6.13
C GLY I 71 11.25 -29.12 4.99
N THR I 72 11.07 -28.37 3.90
CA THR I 72 10.29 -28.85 2.78
C THR I 72 11.09 -29.83 1.93
N SER I 73 10.38 -30.54 1.05
CA SER I 73 10.98 -31.46 0.11
C SER I 73 11.37 -30.71 -1.16
N ILE I 74 12.56 -31.01 -1.66
CA ILE I 74 13.15 -30.26 -2.76
C ILE I 74 13.51 -31.21 -3.89
N ASP I 75 13.20 -30.81 -5.12
CA ASP I 75 13.66 -31.52 -6.29
C ASP I 75 15.17 -31.56 -6.33
N ALA I 76 15.72 -32.74 -6.64
CA ALA I 76 17.17 -32.91 -6.65
C ALA I 76 17.83 -32.25 -7.85
N ASP I 77 17.07 -31.87 -8.87
CA ASP I 77 17.63 -31.17 -10.02
C ASP I 77 17.63 -29.66 -9.86
N SER I 78 17.01 -29.14 -8.80
CA SER I 78 16.99 -27.71 -8.55
C SER I 78 18.10 -27.23 -7.63
N VAL I 79 18.93 -28.14 -7.11
CA VAL I 79 19.94 -27.83 -6.12
C VAL I 79 21.30 -28.22 -6.68
N SER I 80 22.25 -27.30 -6.61
CA SER I 80 23.62 -27.53 -7.05
C SER I 80 24.61 -27.06 -6.00
N ILE I 81 25.82 -27.58 -6.06
CA ILE I 81 26.90 -27.27 -5.12
C ILE I 81 27.91 -26.40 -5.84
N SER I 82 28.26 -25.26 -5.22
CA SER I 82 29.29 -24.37 -5.75
C SER I 82 30.34 -24.12 -4.68
N GLY I 83 31.60 -24.34 -5.02
CA GLY I 83 32.69 -24.10 -4.12
C GLY I 83 33.97 -24.77 -4.57
N PRO I 84 35.07 -24.54 -3.86
CA PRO I 84 36.35 -25.17 -4.22
C PRO I 84 36.38 -26.66 -3.90
N VAL I 85 35.48 -27.41 -4.55
CA VAL I 85 35.40 -28.86 -4.38
C VAL I 85 35.41 -29.51 -5.76
N GLY I 86 35.71 -30.80 -5.78
CA GLY I 86 35.80 -31.51 -7.05
C GLY I 86 34.48 -31.53 -7.81
N ASP I 87 33.37 -31.74 -7.09
CA ASP I 87 32.04 -31.75 -7.69
C ASP I 87 31.44 -30.36 -7.82
N ASP I 88 32.16 -29.42 -8.44
CA ASP I 88 31.72 -28.03 -8.45
C ASP I 88 30.77 -27.79 -9.62
N GLY I 89 29.62 -27.18 -9.31
CA GLY I 89 28.64 -26.83 -10.32
C GLY I 89 27.71 -27.95 -10.74
N LYS I 90 27.76 -29.10 -10.07
CA LYS I 90 26.87 -30.21 -10.39
C LYS I 90 25.68 -30.23 -9.45
N THR I 91 24.57 -30.76 -9.95
CA THR I 91 23.35 -30.81 -9.16
C THR I 91 23.41 -31.94 -8.13
N TRP I 92 22.50 -31.85 -7.15
CA TRP I 92 22.39 -32.89 -6.14
C TRP I 92 22.04 -34.24 -6.74
N ALA I 93 21.29 -34.26 -7.85
CA ALA I 93 20.92 -35.51 -8.50
C ALA I 93 22.05 -36.11 -9.32
N ASP I 94 23.12 -35.36 -9.58
CA ASP I 94 24.28 -35.88 -10.28
C ASP I 94 25.32 -36.47 -9.33
N ILE I 95 25.48 -35.87 -8.15
CA ILE I 95 26.53 -36.30 -7.23
C ILE I 95 26.26 -37.70 -6.72
N ASP I 96 25.00 -38.03 -6.46
CA ASP I 96 24.59 -39.41 -6.21
C ASP I 96 23.83 -39.92 -7.42
N GLY I 97 23.82 -41.24 -7.61
CA GLY I 97 23.35 -41.80 -8.86
C GLY I 97 21.88 -41.56 -9.13
N SER I 98 21.02 -41.83 -8.13
CA SER I 98 19.59 -42.00 -8.40
C SER I 98 18.68 -41.18 -7.48
N ALA I 99 19.11 -40.01 -7.04
CA ALA I 99 18.23 -39.18 -6.22
C ALA I 99 17.14 -38.53 -7.07
N THR I 100 15.97 -38.36 -6.47
CA THR I 100 14.86 -37.64 -7.09
C THR I 100 14.28 -36.54 -6.21
N GLU I 101 14.25 -36.74 -4.90
CA GLU I 101 13.77 -35.75 -3.95
C GLU I 101 14.78 -35.63 -2.83
N ILE I 102 14.79 -34.49 -2.16
CA ILE I 102 15.63 -34.26 -0.99
C ILE I 102 14.72 -34.13 0.22
N THR I 103 14.68 -35.17 1.05
CA THR I 103 13.93 -35.19 2.29
C THR I 103 14.91 -35.40 3.44
N ALA I 104 14.41 -35.37 4.66
CA ALA I 104 15.26 -35.48 5.84
C ALA I 104 16.00 -36.81 5.85
N GLY I 105 17.29 -36.75 6.14
CA GLY I 105 18.14 -37.92 6.12
C GLY I 105 18.90 -38.14 4.82
N SER I 106 18.70 -37.29 3.82
CA SER I 106 19.39 -37.42 2.55
C SER I 106 20.71 -36.67 2.59
N SER I 107 21.77 -37.30 2.09
CA SER I 107 23.09 -36.70 2.17
C SER I 107 23.90 -36.99 0.91
N ILE I 108 24.85 -36.10 0.65
CA ILE I 108 25.85 -36.25 -0.40
C ILE I 108 27.22 -35.98 0.20
N THR I 109 28.25 -36.44 -0.48
CA THR I 109 29.63 -36.26 -0.03
C THR I 109 30.47 -35.66 -1.16
N VAL I 110 31.06 -34.51 -0.90
CA VAL I 110 31.99 -33.90 -1.82
C VAL I 110 33.39 -33.91 -1.19
N THR I 111 34.41 -33.66 -2.00
CA THR I 111 35.79 -33.65 -1.54
C THR I 111 36.41 -32.29 -1.84
N ALA I 112 37.20 -31.80 -0.89
CA ALA I 112 37.87 -30.51 -1.05
C ALA I 112 38.84 -30.56 -2.23
N ASN I 113 38.83 -29.51 -3.03
CA ASN I 113 39.65 -29.46 -4.23
C ASN I 113 41.11 -29.46 -3.85
N GLY I 114 41.90 -30.27 -4.53
CA GLY I 114 43.23 -30.62 -4.05
C GLY I 114 43.16 -31.84 -3.15
N SER I 115 43.48 -31.66 -1.87
CA SER I 115 43.15 -32.70 -0.90
C SER I 115 42.68 -32.14 0.45
N SER I 116 42.56 -30.82 0.60
CA SER I 116 42.16 -30.23 1.86
C SER I 116 41.68 -28.81 1.63
N PHE I 117 40.94 -28.29 2.58
CA PHE I 117 40.44 -26.92 2.51
C PHE I 117 41.47 -25.95 3.09
N ASP I 118 41.31 -24.68 2.75
CA ASP I 118 42.07 -23.59 3.34
C ASP I 118 41.12 -22.69 4.11
N SER I 119 41.62 -22.07 5.18
CA SER I 119 40.77 -21.23 6.02
C SER I 119 40.21 -20.07 5.21
N GLY I 120 38.89 -19.88 5.32
CA GLY I 120 38.21 -18.85 4.57
C GLY I 120 37.59 -19.28 3.26
N GLU I 121 37.52 -20.58 2.99
CA GLU I 121 36.93 -21.10 1.77
C GLU I 121 35.49 -21.51 2.05
N THR I 122 34.57 -21.07 1.20
CA THR I 122 33.14 -21.24 1.40
C THR I 122 32.56 -22.23 0.40
N VAL I 123 31.61 -23.03 0.86
CA VAL I 123 30.84 -23.95 0.02
C VAL I 123 29.37 -23.62 0.18
N ARG I 124 28.65 -23.48 -0.93
CA ARG I 124 27.26 -23.07 -0.91
C ARG I 124 26.32 -24.14 -1.45
N VAL I 125 25.08 -24.08 -0.99
CA VAL I 125 23.97 -24.86 -1.55
C VAL I 125 23.03 -23.86 -2.22
N ILE I 126 22.71 -24.10 -3.49
CA ILE I 126 22.08 -23.10 -4.34
C ILE I 126 20.84 -23.69 -4.98
N TRP I 127 19.73 -22.94 -4.95
CA TRP I 127 18.48 -23.34 -5.58
C TRP I 127 18.25 -22.50 -6.82
N THR I 128 17.81 -23.14 -7.91
CA THR I 128 17.51 -22.48 -9.16
C THR I 128 16.10 -22.83 -9.61
N SER I 129 15.37 -21.83 -10.09
CA SER I 129 13.98 -22.04 -10.50
C SER I 129 13.91 -22.74 -11.86
N ASP I 130 12.72 -23.24 -12.17
CA ASP I 130 12.53 -24.04 -13.39
C ASP I 130 12.79 -23.22 -14.65
N SER I 131 12.37 -21.95 -14.65
CA SER I 131 12.61 -21.09 -15.80
C SER I 131 14.08 -20.67 -15.88
N GLY I 132 14.81 -20.74 -14.76
CA GLY I 132 16.19 -20.33 -14.73
C GLY I 132 16.42 -18.85 -14.49
N SER I 133 15.38 -18.09 -14.22
CA SER I 133 15.48 -16.64 -14.05
C SER I 133 15.50 -16.22 -12.58
N SER I 134 15.65 -17.16 -11.66
CA SER I 134 15.79 -16.83 -10.25
C SER I 134 16.67 -17.86 -9.58
N SER I 135 17.41 -17.40 -8.56
CA SER I 135 18.29 -18.27 -7.80
C SER I 135 18.34 -17.78 -6.37
N SER I 136 18.75 -18.66 -5.46
CA SER I 136 18.91 -18.30 -4.06
C SER I 136 19.96 -19.19 -3.45
N THR I 137 20.57 -18.71 -2.37
CA THR I 137 21.53 -19.48 -1.61
C THR I 137 20.82 -20.08 -0.41
N LEU I 138 20.73 -21.42 -0.38
CA LEU I 138 20.04 -22.09 0.72
C LEU I 138 20.86 -22.04 2.00
N GLN I 139 22.15 -22.31 1.91
CA GLN I 139 23.04 -22.36 3.06
C GLN I 139 24.47 -22.32 2.57
N SER I 140 25.36 -21.79 3.40
CA SER I 140 26.78 -21.71 3.08
C SER I 140 27.60 -22.14 4.29
N TRP I 141 28.82 -22.62 4.03
CA TRP I 141 29.71 -23.14 5.04
C TRP I 141 31.11 -22.60 4.79
N THR I 142 31.71 -21.99 5.80
CA THR I 142 33.05 -21.44 5.71
C THR I 142 33.98 -22.24 6.62
N TYR I 143 35.13 -22.62 6.09
CA TYR I 143 36.13 -23.33 6.88
C TYR I 143 36.98 -22.33 7.65
N ASN I 144 36.96 -22.43 8.98
CA ASN I 144 37.65 -21.49 9.85
C ASN I 144 38.81 -22.15 10.60
N GLY I 145 39.57 -22.99 9.91
CA GLY I 145 40.73 -23.62 10.48
C GLY I 145 40.40 -24.57 11.61
N VAL J 13 -24.92 27.88 -35.89
CA VAL J 13 -25.99 27.31 -35.09
C VAL J 13 -25.65 25.88 -34.70
N SER J 14 -25.22 25.09 -35.68
CA SER J 14 -24.94 23.67 -35.43
C SER J 14 -23.81 23.42 -34.42
N PRO J 15 -22.70 24.17 -34.37
CA PRO J 15 -21.70 23.89 -33.32
C PRO J 15 -22.25 24.02 -31.91
N VAL J 16 -23.11 25.00 -31.66
CA VAL J 16 -23.66 25.21 -30.32
C VAL J 16 -24.56 24.04 -29.95
N ILE J 17 -25.36 23.57 -30.90
CA ILE J 17 -26.23 22.42 -30.64
C ILE J 17 -25.41 21.17 -30.40
N GLY J 18 -24.34 20.98 -31.16
CA GLY J 18 -23.45 19.85 -30.91
C GLY J 18 -22.86 19.89 -29.51
N VAL J 19 -22.45 21.08 -29.07
CA VAL J 19 -21.94 21.23 -27.71
C VAL J 19 -23.00 20.87 -26.68
N ILE J 20 -24.24 21.33 -26.90
CA ILE J 20 -25.32 21.04 -25.97
C ILE J 20 -25.54 19.54 -25.84
N LEU J 21 -25.59 18.83 -26.97
CA LEU J 21 -25.85 17.40 -26.93
C LEU J 21 -24.67 16.64 -26.31
N MET J 22 -23.44 17.08 -26.56
CA MET J 22 -22.29 16.44 -25.93
C MET J 22 -22.32 16.60 -24.42
N VAL J 23 -22.68 17.79 -23.93
CA VAL J 23 -22.78 18.00 -22.49
C VAL J 23 -23.88 17.13 -21.90
N ALA J 24 -25.01 17.01 -22.60
CA ALA J 24 -26.11 16.18 -22.13
C ALA J 24 -25.68 14.72 -22.00
N ILE J 25 -24.89 14.23 -22.96
CA ILE J 25 -24.39 12.85 -22.86
C ILE J 25 -23.42 12.71 -21.69
N THR J 26 -22.53 13.70 -21.53
CA THR J 26 -21.52 13.64 -20.48
C THR J 26 -22.14 13.53 -19.09
N VAL J 27 -23.21 14.28 -18.84
CA VAL J 27 -23.81 14.29 -17.51
C VAL J 27 -24.33 12.90 -17.15
N ILE J 28 -25.06 12.27 -18.07
CA ILE J 28 -25.63 10.95 -17.82
C ILE J 28 -24.52 9.92 -17.62
N LEU J 29 -23.49 9.96 -18.47
CA LEU J 29 -22.44 8.95 -18.37
C LEU J 29 -21.69 9.09 -17.04
N ALA J 30 -21.46 10.32 -16.61
CA ALA J 30 -20.82 10.55 -15.32
C ALA J 30 -21.67 10.00 -14.17
N ALA J 31 -22.98 10.20 -14.23
CA ALA J 31 -23.84 9.66 -13.18
C ALA J 31 -23.77 8.13 -13.15
N VAL J 32 -23.71 7.50 -14.33
CA VAL J 32 -23.64 6.04 -14.39
C VAL J 32 -22.36 5.53 -13.74
N ILE J 33 -21.22 6.21 -13.98
CA ILE J 33 -19.99 5.79 -13.29
C ILE J 33 -20.09 6.03 -11.80
N GLY J 34 -20.64 7.17 -11.41
CA GLY J 34 -20.68 7.52 -10.00
C GLY J 34 -21.44 6.50 -9.17
N THR J 35 -22.58 6.05 -9.68
CA THR J 35 -23.35 5.04 -8.96
C THR J 35 -22.53 3.78 -8.75
N PHE J 36 -21.85 3.32 -9.79
CA PHE J 36 -21.09 2.08 -9.72
C PHE J 36 -19.94 2.18 -8.73
N VAL J 37 -19.17 3.28 -8.80
CA VAL J 37 -18.02 3.39 -7.90
C VAL J 37 -18.46 3.58 -6.46
N LEU J 38 -19.57 4.30 -6.21
CA LEU J 38 -20.07 4.44 -4.85
C LEU J 38 -20.52 3.10 -4.29
N GLY J 39 -21.26 2.32 -5.08
CA GLY J 39 -21.65 1.01 -4.64
C GLY J 39 -20.47 0.08 -4.39
N LEU J 40 -19.43 0.19 -5.21
CA LEU J 40 -18.22 -0.61 -5.00
C LEU J 40 -17.52 -0.21 -3.71
N GLY J 41 -17.47 1.09 -3.42
CA GLY J 41 -16.82 1.55 -2.19
C GLY J 41 -17.61 1.27 -0.93
N ASP J 42 -18.92 1.09 -1.04
CA ASP J 42 -19.72 0.79 0.15
C ASP J 42 -19.56 -0.64 0.63
N GLN J 43 -18.97 -1.52 -0.18
CA GLN J 43 -18.98 -2.96 0.10
C GLN J 43 -18.06 -3.37 1.25
N VAL J 44 -17.00 -2.61 1.52
CA VAL J 44 -15.96 -3.04 2.46
C VAL J 44 -16.32 -2.53 3.86
N SER J 45 -16.45 -3.46 4.81
CA SER J 45 -16.79 -3.14 6.19
C SER J 45 -16.66 -4.41 7.03
N GLU J 46 -17.06 -4.30 8.30
CA GLU J 46 -17.35 -5.45 9.16
C GLU J 46 -16.17 -6.37 9.39
N THR J 47 -15.15 -5.90 10.10
CA THR J 47 -14.05 -6.73 10.56
C THR J 47 -14.52 -7.67 11.67
N SER J 48 -13.76 -8.74 11.89
CA SER J 48 -14.10 -9.77 12.85
C SER J 48 -13.35 -9.58 14.16
N PRO J 49 -13.94 -10.02 15.27
CA PRO J 49 -13.27 -9.85 16.58
C PRO J 49 -12.03 -10.73 16.70
N GLN J 50 -11.10 -10.28 17.53
CA GLN J 50 -9.88 -11.02 17.84
C GLN J 50 -9.92 -11.46 19.30
N ALA J 51 -9.80 -12.76 19.52
CA ALA J 51 -9.87 -13.32 20.86
C ALA J 51 -9.16 -14.66 20.85
N SER J 52 -8.89 -15.18 22.05
CA SER J 52 -8.20 -16.46 22.22
C SER J 52 -9.08 -17.40 23.03
N PHE J 53 -9.05 -18.68 22.70
CA PHE J 53 -9.87 -19.69 23.34
C PHE J 53 -9.01 -20.86 23.78
N ASP J 54 -9.48 -21.56 24.82
CA ASP J 54 -8.79 -22.71 25.37
C ASP J 54 -9.65 -23.95 25.18
N PHE J 55 -9.08 -24.98 24.56
CA PHE J 55 -9.77 -26.25 24.33
C PHE J 55 -9.27 -27.28 25.32
N ASP J 56 -10.18 -27.89 26.07
CA ASP J 56 -9.85 -28.84 27.13
C ASP J 56 -10.67 -30.11 26.92
N TYR J 57 -9.99 -31.20 26.56
CA TYR J 57 -10.64 -32.45 26.20
C TYR J 57 -10.38 -33.51 27.26
N THR J 58 -11.42 -34.26 27.61
CA THR J 58 -11.33 -35.39 28.55
C THR J 58 -11.69 -36.66 27.80
N ASN J 59 -10.75 -37.60 27.72
CA ASN J 59 -10.95 -38.79 26.89
C ASN J 59 -11.93 -39.77 27.52
N THR J 60 -12.05 -39.77 28.84
CA THR J 60 -12.90 -40.74 29.52
C THR J 60 -14.37 -40.56 29.14
N SER J 61 -14.84 -39.31 29.09
CA SER J 61 -16.24 -39.01 28.83
C SER J 61 -16.48 -38.43 27.45
N GLY J 62 -15.45 -37.94 26.77
CA GLY J 62 -15.62 -37.36 25.45
C GLY J 62 -16.06 -35.91 25.45
N ASN J 63 -15.95 -35.22 26.59
CA ASN J 63 -16.40 -33.85 26.72
C ASN J 63 -15.27 -32.89 26.39
N LEU J 64 -15.56 -31.88 25.57
CA LEU J 64 -14.62 -30.84 25.20
C LEU J 64 -15.13 -29.50 25.70
N THR J 65 -14.30 -28.80 26.47
CA THR J 65 -14.68 -27.52 27.05
C THR J 65 -13.93 -26.40 26.34
N ILE J 66 -14.66 -25.36 25.93
CA ILE J 66 -14.10 -24.22 25.21
C ILE J 66 -14.31 -22.98 26.09
N THR J 67 -13.21 -22.33 26.47
CA THR J 67 -13.24 -21.19 27.37
C THR J 67 -12.62 -19.97 26.70
N HIS J 68 -13.20 -18.80 26.96
CA HIS J 68 -12.66 -17.54 26.47
C HIS J 68 -11.52 -17.12 27.40
N GLU J 69 -10.34 -16.90 26.81
CA GLU J 69 -9.14 -16.55 27.58
C GLU J 69 -8.93 -15.05 27.67
N SER J 70 -8.75 -14.38 26.54
CA SER J 70 -8.48 -12.95 26.53
C SER J 70 -8.80 -12.38 25.15
N GLY J 71 -9.10 -11.08 25.12
CA GLY J 71 -9.47 -10.44 23.88
C GLY J 71 -10.74 -9.62 24.01
N THR J 72 -11.38 -9.34 22.87
CA THR J 72 -12.57 -8.49 22.86
C THR J 72 -13.80 -9.28 23.32
N SER J 73 -14.86 -8.55 23.62
CA SER J 73 -16.14 -9.13 24.01
C SER J 73 -16.96 -9.40 22.76
N ILE J 74 -17.59 -10.57 22.71
CA ILE J 74 -18.28 -11.04 21.52
C ILE J 74 -19.72 -11.37 21.87
N ASP J 75 -20.63 -10.96 20.99
CA ASP J 75 -22.02 -11.36 21.09
C ASP J 75 -22.13 -12.88 21.01
N ALA J 76 -22.95 -13.46 21.89
CA ALA J 76 -23.08 -14.91 21.94
C ALA J 76 -23.91 -15.46 20.79
N ASP J 77 -24.62 -14.62 20.06
CA ASP J 77 -25.38 -15.07 18.89
C ASP J 77 -24.57 -15.02 17.61
N SER J 78 -23.36 -14.45 17.63
CA SER J 78 -22.51 -14.37 16.46
C SER J 78 -21.52 -15.53 16.36
N VAL J 79 -21.49 -16.42 17.34
CA VAL J 79 -20.49 -17.48 17.42
C VAL J 79 -21.23 -18.81 17.43
N SER J 80 -20.81 -19.73 16.56
CA SER J 80 -21.36 -21.08 16.49
C SER J 80 -20.23 -22.10 16.45
N ILE J 81 -20.57 -23.34 16.82
CA ILE J 81 -19.64 -24.45 16.87
C ILE J 81 -19.93 -25.39 15.71
N SER J 82 -18.91 -25.72 14.93
CA SER J 82 -19.03 -26.67 13.83
C SER J 82 -17.99 -27.78 14.00
N GLY J 83 -18.46 -29.02 13.96
CA GLY J 83 -17.58 -30.16 14.06
C GLY J 83 -18.33 -31.42 14.38
N PRO J 84 -17.64 -32.56 14.41
CA PRO J 84 -18.28 -33.85 14.72
C PRO J 84 -18.65 -33.95 16.20
N VAL J 85 -19.53 -33.07 16.66
CA VAL J 85 -20.01 -33.05 18.03
C VAL J 85 -21.53 -32.99 18.02
N GLY J 86 -22.13 -33.37 19.15
CA GLY J 86 -23.58 -33.40 19.24
C GLY J 86 -24.21 -32.04 19.01
N ASP J 87 -23.62 -30.98 19.58
CA ASP J 87 -24.11 -29.62 19.43
C ASP J 87 -23.59 -28.95 18.17
N ASP J 88 -23.77 -29.58 17.01
CA ASP J 88 -23.17 -29.08 15.78
C ASP J 88 -24.06 -28.04 15.13
N GLY J 89 -23.47 -26.89 14.79
CA GLY J 89 -24.19 -25.84 14.10
C GLY J 89 -25.01 -24.92 14.99
N LYS J 90 -24.92 -25.07 16.31
CA LYS J 90 -25.66 -24.23 17.23
C LYS J 90 -24.77 -23.09 17.74
N THR J 91 -25.41 -21.98 18.08
CA THR J 91 -24.67 -20.82 18.54
C THR J 91 -24.25 -20.98 20.00
N TRP J 92 -23.29 -20.15 20.41
CA TRP J 92 -22.83 -20.15 21.79
C TRP J 92 -23.95 -19.82 22.76
N ALA J 93 -24.92 -19.00 22.35
CA ALA J 93 -26.04 -18.64 23.21
C ALA J 93 -27.09 -19.74 23.32
N ASP J 94 -27.02 -20.76 22.46
CA ASP J 94 -27.93 -21.90 22.54
C ASP J 94 -27.38 -23.01 23.41
N ILE J 95 -26.06 -23.23 23.39
CA ILE J 95 -25.46 -24.36 24.09
C ILE J 95 -25.61 -24.19 25.60
N ASP J 96 -25.47 -22.96 26.09
CA ASP J 96 -25.83 -22.63 27.46
C ASP J 96 -27.11 -21.80 27.45
N GLY J 97 -27.86 -21.85 28.55
CA GLY J 97 -29.21 -21.32 28.53
C GLY J 97 -29.29 -19.83 28.32
N SER J 98 -28.48 -19.05 29.04
CA SER J 98 -28.73 -17.62 29.19
C SER J 98 -27.52 -16.74 28.91
N ALA J 99 -26.62 -17.13 28.01
CA ALA J 99 -25.49 -16.27 27.69
C ALA J 99 -25.92 -15.11 26.81
N THR J 100 -25.26 -13.97 26.99
CA THR J 100 -25.47 -12.79 26.16
C THR J 100 -24.17 -12.22 25.60
N GLU J 101 -23.08 -12.28 26.35
CA GLU J 101 -21.77 -11.83 25.90
C GLU J 101 -20.74 -12.90 26.22
N ILE J 102 -19.65 -12.90 25.47
CA ILE J 102 -18.53 -13.82 25.72
C ILE J 102 -17.36 -12.98 26.20
N THR J 103 -17.07 -13.04 27.49
CA THR J 103 -15.92 -12.38 28.09
C THR J 103 -15.02 -13.44 28.72
N ALA J 104 -13.89 -13.00 29.25
CA ALA J 104 -12.92 -13.94 29.80
C ALA J 104 -13.52 -14.74 30.95
N GLY J 105 -13.28 -16.05 30.93
CA GLY J 105 -13.86 -16.94 31.92
C GLY J 105 -15.14 -17.62 31.51
N SER J 106 -15.66 -17.33 30.32
CA SER J 106 -16.90 -17.93 29.83
C SER J 106 -16.57 -19.22 29.10
N SER J 107 -17.35 -20.26 29.36
CA SER J 107 -17.06 -21.57 28.77
C SER J 107 -18.35 -22.30 28.42
N ILE J 108 -18.24 -23.19 27.45
CA ILE J 108 -19.29 -24.12 27.07
C ILE J 108 -18.68 -25.52 26.99
N THR J 109 -19.54 -26.53 27.04
CA THR J 109 -19.10 -27.92 26.97
C THR J 109 -19.89 -28.65 25.88
N VAL J 110 -19.18 -29.22 24.92
CA VAL J 110 -19.78 -30.06 23.90
C VAL J 110 -19.27 -31.48 24.09
N THR J 111 -19.93 -32.43 23.46
CA THR J 111 -19.56 -33.84 23.55
C THR J 111 -19.27 -34.39 22.16
N ALA J 112 -18.22 -35.21 22.07
CA ALA J 112 -17.84 -35.81 20.80
C ALA J 112 -18.95 -36.70 20.27
N ASN J 113 -19.22 -36.58 18.97
CA ASN J 113 -20.31 -37.33 18.36
C ASN J 113 -20.01 -38.82 18.41
N GLY J 114 -21.02 -39.58 18.79
CA GLY J 114 -20.79 -40.96 19.23
C GLY J 114 -20.51 -41.00 20.72
N SER J 115 -19.30 -41.40 21.09
CA SER J 115 -18.87 -41.18 22.47
C SER J 115 -17.40 -40.77 22.58
N SER J 116 -16.68 -40.61 21.47
CA SER J 116 -15.27 -40.26 21.52
C SER J 116 -14.85 -39.71 20.17
N PHE J 117 -13.73 -39.00 20.17
CA PHE J 117 -13.17 -38.45 18.95
C PHE J 117 -12.26 -39.47 18.25
N ASP J 118 -12.01 -39.22 16.97
CA ASP J 118 -11.03 -39.98 16.20
C ASP J 118 -9.91 -39.04 15.79
N SER J 119 -8.70 -39.58 15.67
CA SER J 119 -7.55 -38.76 15.34
C SER J 119 -7.74 -38.09 13.99
N GLY J 120 -7.51 -36.78 13.95
CA GLY J 120 -7.70 -36.00 12.74
C GLY J 120 -9.03 -35.32 12.61
N GLU J 121 -9.85 -35.29 13.66
CA GLU J 121 -11.14 -34.64 13.64
C GLU J 121 -11.01 -33.24 14.22
N THR J 122 -11.57 -32.24 13.53
CA THR J 122 -11.39 -30.84 13.86
C THR J 122 -12.70 -30.24 14.36
N VAL J 123 -12.60 -29.36 15.34
CA VAL J 123 -13.73 -28.58 15.86
C VAL J 123 -13.36 -27.11 15.73
N ARG J 124 -14.28 -26.32 15.18
CA ARG J 124 -14.02 -24.91 14.91
C ARG J 124 -14.95 -23.99 15.70
N VAL J 125 -14.46 -22.77 15.92
CA VAL J 125 -15.26 -21.66 16.46
C VAL J 125 -15.38 -20.64 15.34
N ILE J 126 -16.62 -20.26 15.02
CA ILE J 126 -16.92 -19.52 13.79
C ILE J 126 -17.71 -18.27 14.14
N TRP J 127 -17.31 -17.14 13.57
CA TRP J 127 -18.00 -15.87 13.73
C TRP J 127 -18.74 -15.52 12.44
N THR J 128 -19.97 -15.03 12.58
CA THR J 128 -20.81 -14.63 11.45
C THR J 128 -21.30 -13.20 11.67
N SER J 129 -21.27 -12.39 10.62
CA SER J 129 -21.66 -11.00 10.73
C SER J 129 -23.19 -10.86 10.77
N ASP J 130 -23.65 -9.68 11.17
CA ASP J 130 -25.08 -9.45 11.36
C ASP J 130 -25.86 -9.58 10.06
N SER J 131 -25.29 -9.11 8.96
CA SER J 131 -25.96 -9.25 7.67
C SER J 131 -25.90 -10.68 7.15
N GLY J 132 -24.97 -11.47 7.66
CA GLY J 132 -24.80 -12.84 7.20
C GLY J 132 -23.96 -13.03 5.97
N SER J 133 -23.33 -11.96 5.47
CA SER J 133 -22.55 -12.02 4.24
C SER J 133 -21.06 -12.11 4.49
N SER J 134 -20.64 -12.37 5.73
CA SER J 134 -19.23 -12.58 6.03
C SER J 134 -19.11 -13.56 7.19
N SER J 135 -18.04 -14.34 7.17
CA SER J 135 -17.77 -15.30 8.22
C SER J 135 -16.26 -15.41 8.39
N SER J 136 -15.86 -15.93 9.55
CA SER J 136 -14.45 -16.16 9.82
C SER J 136 -14.32 -17.29 10.83
N THR J 137 -13.17 -17.95 10.82
CA THR J 137 -12.86 -19.00 11.78
C THR J 137 -12.02 -18.38 12.89
N LEU J 138 -12.58 -18.36 14.09
CA LEU J 138 -11.85 -17.77 15.22
C LEU J 138 -10.72 -18.67 15.68
N GLN J 139 -10.97 -19.97 15.80
CA GLN J 139 -9.97 -20.93 16.27
C GLN J 139 -10.47 -22.33 15.94
N SER J 140 -9.52 -23.25 15.76
CA SER J 140 -9.84 -24.63 15.46
C SER J 140 -8.96 -25.55 16.30
N TRP J 141 -9.47 -26.77 16.54
CA TRP J 141 -8.82 -27.75 17.39
C TRP J 141 -8.86 -29.10 16.70
N THR J 142 -7.70 -29.74 16.55
CA THR J 142 -7.59 -31.05 15.92
C THR J 142 -7.17 -32.07 16.97
N TYR J 143 -7.85 -33.21 17.00
CA TYR J 143 -7.50 -34.28 17.92
C TYR J 143 -6.39 -35.13 17.28
N ASN J 144 -5.25 -35.21 17.96
CA ASN J 144 -4.08 -35.91 17.44
C ASN J 144 -3.76 -37.14 18.28
N GLY J 145 -4.77 -37.89 18.68
CA GLY J 145 -4.58 -39.12 19.42
C GLY J 145 -3.96 -38.91 20.79
N VAL K 13 -21.08 31.66 -42.46
CA VAL K 13 -20.57 32.66 -41.53
C VAL K 13 -20.85 32.23 -40.09
N SER K 14 -22.10 31.83 -39.84
CA SER K 14 -22.50 31.47 -38.48
C SER K 14 -21.76 30.28 -37.88
N PRO K 15 -21.43 29.19 -38.62
CA PRO K 15 -20.65 28.12 -37.99
C PRO K 15 -19.30 28.58 -37.44
N VAL K 16 -18.61 29.46 -38.17
CA VAL K 16 -17.30 29.93 -37.72
C VAL K 16 -17.43 30.76 -36.45
N ILE K 17 -18.46 31.59 -36.38
CA ILE K 17 -18.71 32.40 -35.19
C ILE K 17 -19.06 31.51 -34.00
N GLY K 18 -19.88 30.48 -34.23
CA GLY K 18 -20.18 29.52 -33.18
C GLY K 18 -18.93 28.85 -32.65
N VAL K 19 -18.02 28.46 -33.56
CA VAL K 19 -16.75 27.86 -33.14
C VAL K 19 -15.95 28.85 -32.29
N ILE K 20 -15.90 30.10 -32.72
CA ILE K 20 -15.14 31.11 -31.98
C ILE K 20 -15.68 31.26 -30.55
N LEU K 21 -17.00 31.35 -30.42
CA LEU K 21 -17.58 31.53 -29.09
C LEU K 21 -17.41 30.30 -28.22
N MET K 22 -17.49 29.10 -28.80
CA MET K 22 -17.25 27.88 -28.03
C MET K 22 -15.81 27.82 -27.52
N VAL K 23 -14.84 28.20 -28.36
CA VAL K 23 -13.45 28.22 -27.91
C VAL K 23 -13.26 29.24 -26.79
N ALA K 24 -13.90 30.41 -26.92
CA ALA K 24 -13.79 31.43 -25.89
C ALA K 24 -14.33 30.94 -24.55
N ILE K 25 -15.44 30.19 -24.57
CA ILE K 25 -15.97 29.62 -23.33
C ILE K 25 -15.03 28.57 -22.77
N THR K 26 -14.49 27.71 -23.65
CA THR K 26 -13.60 26.64 -23.20
C THR K 26 -12.38 27.16 -22.46
N VAL K 27 -11.78 28.24 -22.96
CA VAL K 27 -10.55 28.75 -22.35
C VAL K 27 -10.82 29.18 -20.90
N ILE K 28 -11.89 29.95 -20.70
CA ILE K 28 -12.22 30.44 -19.36
C ILE K 28 -12.53 29.28 -18.42
N LEU K 29 -13.33 28.31 -18.89
CA LEU K 29 -13.72 27.21 -18.01
C LEU K 29 -12.51 26.37 -17.62
N ALA K 30 -11.58 26.17 -18.55
CA ALA K 30 -10.35 25.45 -18.24
C ALA K 30 -9.52 26.20 -17.19
N ALA K 31 -9.43 27.53 -17.31
CA ALA K 31 -8.70 28.30 -16.30
C ALA K 31 -9.34 28.15 -14.93
N VAL K 32 -10.67 28.15 -14.88
CA VAL K 32 -11.37 28.01 -13.60
C VAL K 32 -11.06 26.67 -12.95
N ILE K 33 -11.03 25.58 -13.73
CA ILE K 33 -10.65 24.30 -13.14
C ILE K 33 -9.19 24.30 -12.70
N GLY K 34 -8.32 24.88 -13.52
CA GLY K 34 -6.90 24.85 -13.22
C GLY K 34 -6.58 25.49 -11.89
N THR K 35 -7.18 26.64 -11.63
CA THR K 35 -6.94 27.33 -10.35
C THR K 35 -7.33 26.43 -9.18
N PHE K 36 -8.50 25.80 -9.27
CA PHE K 36 -9.01 24.97 -8.18
C PHE K 36 -8.12 23.77 -7.93
N VAL K 37 -7.73 23.06 -8.99
CA VAL K 37 -6.93 21.86 -8.78
C VAL K 37 -5.52 22.22 -8.29
N LEU K 38 -4.96 23.33 -8.76
CA LEU K 38 -3.64 23.75 -8.27
C LEU K 38 -3.71 24.10 -6.79
N GLY K 39 -4.74 24.86 -6.38
CA GLY K 39 -4.90 25.15 -4.97
C GLY K 39 -5.12 23.92 -4.12
N LEU K 40 -5.86 22.95 -4.64
CA LEU K 40 -6.06 21.69 -3.93
C LEU K 40 -4.75 20.93 -3.76
N GLY K 41 -3.92 20.90 -4.80
CA GLY K 41 -2.66 20.21 -4.73
C GLY K 41 -1.60 20.89 -3.88
N ASP K 42 -1.74 22.21 -3.67
CA ASP K 42 -0.76 22.90 -2.83
C ASP K 42 -0.97 22.65 -1.34
N GLN K 43 -2.10 22.08 -0.95
CA GLN K 43 -2.47 22.01 0.47
C GLN K 43 -1.66 21.00 1.27
N VAL K 44 -1.13 19.96 0.63
CA VAL K 44 -0.51 18.85 1.34
C VAL K 44 0.97 19.13 1.53
N SER K 45 1.43 19.15 2.78
CA SER K 45 2.82 19.41 3.12
C SER K 45 3.02 19.18 4.62
N GLU K 46 4.22 19.51 5.10
CA GLU K 46 4.51 19.68 6.52
C GLU K 46 4.26 18.44 7.37
N THR K 47 5.07 17.40 7.18
CA THR K 47 5.07 16.23 8.06
C THR K 47 5.68 16.60 9.41
N SER K 48 5.37 15.77 10.41
CA SER K 48 5.79 16.00 11.79
C SER K 48 7.03 15.17 12.13
N PRO K 49 7.87 15.67 13.05
CA PRO K 49 9.07 14.93 13.42
C PRO K 49 8.76 13.64 14.18
N GLN K 50 9.67 12.68 14.07
CA GLN K 50 9.57 11.41 14.77
C GLN K 50 10.69 11.33 15.81
N ALA K 51 10.31 11.14 17.07
CA ALA K 51 11.27 11.10 18.16
C ALA K 51 10.65 10.32 19.31
N SER K 52 11.49 9.96 20.28
CA SER K 52 11.06 9.21 21.45
C SER K 52 11.42 9.99 22.71
N PHE K 53 10.55 9.92 23.71
CA PHE K 53 10.72 10.65 24.96
C PHE K 53 10.56 9.71 26.14
N ASP K 54 11.22 10.08 27.24
CA ASP K 54 11.18 9.31 28.48
C ASP K 54 10.50 10.13 29.56
N PHE K 55 9.46 9.55 30.18
CA PHE K 55 8.73 10.20 31.27
C PHE K 55 9.15 9.57 32.59
N ASP K 56 9.60 10.42 33.53
CA ASP K 56 10.11 9.97 34.82
C ASP K 56 9.41 10.74 35.92
N TYR K 57 8.58 10.04 36.70
CA TYR K 57 7.73 10.67 37.72
C TYR K 57 8.21 10.29 39.11
N THR K 58 8.23 11.26 40.01
CA THR K 58 8.58 11.06 41.41
C THR K 58 7.37 11.42 42.26
N ASN K 59 6.85 10.45 43.01
CA ASN K 59 5.60 10.65 43.72
C ASN K 59 5.77 11.53 44.95
N THR K 60 6.96 11.56 45.54
CA THR K 60 7.18 12.33 46.76
C THR K 60 6.99 13.83 46.53
N SER K 61 7.50 14.34 45.42
CA SER K 61 7.45 15.77 45.13
C SER K 61 6.47 16.14 44.02
N GLY K 62 6.04 15.17 43.22
CA GLY K 62 5.12 15.46 42.14
C GLY K 62 5.77 15.96 40.87
N ASN K 63 7.08 15.81 40.74
CA ASN K 63 7.82 16.31 39.59
C ASN K 63 7.89 15.24 38.50
N LEU K 64 7.62 15.64 37.27
CA LEU K 64 7.69 14.76 36.10
C LEU K 64 8.76 15.30 35.16
N THR K 65 9.72 14.46 34.80
CA THR K 65 10.82 14.85 33.93
C THR K 65 10.64 14.20 32.56
N ILE K 66 10.75 15.01 31.50
CA ILE K 66 10.59 14.54 30.13
C ILE K 66 11.92 14.74 29.41
N THR K 67 12.50 13.65 28.92
CA THR K 67 13.82 13.68 28.29
C THR K 67 13.72 13.15 26.86
N HIS K 68 14.48 13.77 25.96
CA HIS K 68 14.59 13.33 24.57
C HIS K 68 15.55 12.14 24.51
N GLU K 69 15.07 11.01 24.00
CA GLU K 69 15.87 9.79 23.93
C GLU K 69 16.60 9.63 22.61
N SER K 70 15.87 9.56 21.49
CA SER K 70 16.48 9.35 20.19
C SER K 70 15.50 9.79 19.11
N GLY K 71 16.04 10.14 17.95
CA GLY K 71 15.24 10.63 16.85
C GLY K 71 15.75 11.92 16.26
N THR K 72 14.89 12.65 15.55
CA THR K 72 15.29 13.87 14.88
C THR K 72 15.42 15.03 15.87
N SER K 73 16.05 16.10 15.41
CA SER K 73 16.19 17.33 16.19
C SER K 73 14.98 18.22 15.94
N ILE K 74 14.46 18.79 17.02
CA ILE K 74 13.20 19.54 16.98
C ILE K 74 13.42 20.94 17.52
N ASP K 75 12.86 21.92 16.83
CA ASP K 75 12.82 23.28 17.34
C ASP K 75 12.10 23.33 18.68
N ALA K 76 12.67 24.06 19.63
CA ALA K 76 12.08 24.13 20.97
C ALA K 76 10.83 25.00 21.01
N ASP K 77 10.57 25.80 19.99
CA ASP K 77 9.36 26.61 19.94
C ASP K 77 8.19 25.89 19.27
N SER K 78 8.42 24.72 18.70
CA SER K 78 7.36 23.94 18.06
C SER K 78 6.73 22.91 18.98
N VAL K 79 7.21 22.79 20.21
CA VAL K 79 6.79 21.73 21.13
C VAL K 79 6.25 22.40 22.38
N SER K 80 5.05 22.00 22.81
CA SER K 80 4.42 22.50 24.02
C SER K 80 3.89 21.34 24.85
N ILE K 81 3.69 21.59 26.13
CA ILE K 81 3.21 20.60 27.10
C ILE K 81 1.76 20.94 27.45
N SER K 82 0.89 19.95 27.35
CA SER K 82 -0.51 20.10 27.73
C SER K 82 -0.89 19.01 28.72
N GLY K 83 -1.45 19.41 29.86
CA GLY K 83 -1.90 18.48 30.86
C GLY K 83 -2.13 19.16 32.19
N PRO K 84 -2.63 18.41 33.17
CA PRO K 84 -2.87 18.98 34.51
C PRO K 84 -1.58 19.24 35.28
N VAL K 85 -0.75 20.13 34.72
CA VAL K 85 0.50 20.52 35.34
C VAL K 85 0.58 22.03 35.39
N GLY K 86 1.46 22.54 36.26
CA GLY K 86 1.58 23.98 36.42
C GLY K 86 2.01 24.68 35.15
N ASP K 87 2.95 24.11 34.41
CA ASP K 87 3.43 24.66 33.15
C ASP K 87 2.56 24.26 31.96
N ASP K 88 1.25 24.48 32.04
CA ASP K 88 0.34 23.99 31.03
C ASP K 88 0.25 24.96 29.86
N GLY K 89 0.42 24.45 28.64
CA GLY K 89 0.31 25.26 27.45
C GLY K 89 1.53 26.06 27.07
N LYS K 90 2.64 25.88 27.77
CA LYS K 90 3.87 26.59 27.46
C LYS K 90 4.78 25.73 26.60
N THR K 91 5.61 26.39 25.79
CA THR K 91 6.50 25.67 24.90
C THR K 91 7.72 25.15 25.66
N TRP K 92 8.41 24.20 25.02
CA TRP K 92 9.64 23.64 25.59
C TRP K 92 10.70 24.72 25.79
N ALA K 93 10.73 25.75 24.94
CA ALA K 93 11.71 26.82 25.08
C ALA K 93 11.36 27.81 26.18
N ASP K 94 10.14 27.77 26.71
CA ASP K 94 9.75 28.61 27.83
C ASP K 94 10.03 27.95 29.18
N ILE K 95 9.85 26.63 29.26
CA ILE K 95 9.96 25.94 30.54
C ILE K 95 11.40 25.99 31.05
N ASP K 96 12.37 25.88 30.16
CA ASP K 96 13.77 26.16 30.48
C ASP K 96 14.17 27.47 29.83
N GLY K 97 15.17 28.14 30.39
CA GLY K 97 15.45 29.52 30.01
C GLY K 97 15.90 29.68 28.57
N SER K 98 16.86 28.86 28.14
CA SER K 98 17.63 29.16 26.93
C SER K 98 17.72 28.01 25.94
N ALA K 99 16.70 27.16 25.84
CA ALA K 99 16.74 26.09 24.85
C ALA K 99 16.48 26.63 23.45
N THR K 100 17.11 26.01 22.46
CA THR K 100 16.89 26.31 21.06
C THR K 100 16.58 25.09 20.21
N GLU K 101 17.19 23.94 20.51
CA GLU K 101 16.93 22.69 19.82
C GLU K 101 16.70 21.61 20.86
N ILE K 102 15.99 20.56 20.46
CA ILE K 102 15.78 19.40 21.31
C ILE K 102 16.51 18.23 20.68
N THR K 103 17.64 17.85 21.28
CA THR K 103 18.43 16.69 20.86
C THR K 103 18.48 15.71 22.03
N ALA K 104 19.12 14.56 21.80
CA ALA K 104 19.15 13.52 22.81
C ALA K 104 19.86 14.01 24.07
N GLY K 105 19.26 13.71 25.22
CA GLY K 105 19.78 14.18 26.49
C GLY K 105 19.17 15.46 27.01
N SER K 106 18.25 16.07 26.26
CA SER K 106 17.60 17.30 26.68
C SER K 106 16.35 16.98 27.49
N SER K 107 16.18 17.68 28.60
CA SER K 107 15.06 17.38 29.49
C SER K 107 14.49 18.66 30.10
N ILE K 108 13.20 18.56 30.47
CA ILE K 108 12.49 19.60 31.21
C ILE K 108 11.80 18.93 32.38
N THR K 109 11.43 19.74 33.37
CA THR K 109 10.74 19.25 34.56
C THR K 109 9.49 20.08 34.80
N VAL K 110 8.34 19.41 34.84
CA VAL K 110 7.09 20.02 35.19
C VAL K 110 6.61 19.44 36.52
N THR K 111 5.65 20.11 37.14
CA THR K 111 5.10 19.67 38.42
C THR K 111 3.60 19.45 38.28
N ALA K 112 3.12 18.38 38.91
CA ALA K 112 1.70 18.05 38.88
C ALA K 112 0.88 19.16 39.52
N ASN K 113 -0.23 19.51 38.87
CA ASN K 113 -1.05 20.61 39.35
C ASN K 113 -1.67 20.24 40.69
N GLY K 114 -1.63 21.17 41.61
CA GLY K 114 -1.85 20.87 43.02
C GLY K 114 -0.54 20.49 43.69
N SER K 115 -0.42 19.23 44.11
CA SER K 115 0.89 18.72 44.49
C SER K 115 1.11 17.27 44.08
N SER K 116 0.16 16.64 43.40
CA SER K 116 0.29 15.24 43.02
C SER K 116 -0.70 14.93 41.91
N PHE K 117 -0.43 13.85 41.18
CA PHE K 117 -1.31 13.39 40.12
C PHE K 117 -2.41 12.50 40.67
N ASP K 118 -3.46 12.33 39.88
CA ASP K 118 -4.52 11.38 40.15
C ASP K 118 -4.53 10.33 39.06
N SER K 119 -4.93 9.11 39.41
CA SER K 119 -4.91 8.02 38.45
C SER K 119 -5.82 8.33 37.27
N GLY K 120 -5.29 8.16 36.06
CA GLY K 120 -6.04 8.46 34.86
C GLY K 120 -5.80 9.84 34.27
N GLU K 121 -4.81 10.58 34.76
CA GLU K 121 -4.49 11.90 34.25
C GLU K 121 -3.35 11.80 33.25
N THR K 122 -3.53 12.43 32.09
CA THR K 122 -2.62 12.30 30.97
C THR K 122 -1.86 13.60 30.72
N VAL K 123 -0.59 13.47 30.35
CA VAL K 123 0.25 14.60 29.96
C VAL K 123 0.78 14.31 28.55
N ARG K 124 0.66 15.30 27.66
CA ARG K 124 1.02 15.12 26.26
C ARG K 124 2.17 16.03 25.85
N VAL K 125 2.89 15.58 24.82
CA VAL K 125 3.89 16.39 24.12
C VAL K 125 3.33 16.64 22.72
N ILE K 126 3.26 17.90 22.32
CA ILE K 126 2.50 18.31 21.14
C ILE K 126 3.38 19.14 20.22
N TRP K 127 3.35 18.82 18.92
CA TRP K 127 4.07 19.56 17.90
C TRP K 127 3.11 20.39 17.09
N THR K 128 3.49 21.64 16.79
CA THR K 128 2.69 22.56 15.99
C THR K 128 3.53 23.10 14.85
N SER K 129 2.94 23.17 13.66
CA SER K 129 3.66 23.63 12.48
C SER K 129 3.82 25.15 12.49
N ASP K 130 4.72 25.63 11.62
CA ASP K 130 5.05 27.05 11.60
C ASP K 130 3.86 27.91 11.21
N SER K 131 3.05 27.44 10.27
CA SER K 131 1.85 28.19 9.87
C SER K 131 0.76 28.10 10.93
N GLY K 132 0.82 27.10 11.81
CA GLY K 132 -0.18 26.91 12.83
C GLY K 132 -1.41 26.14 12.39
N SER K 133 -1.42 25.60 11.18
CA SER K 133 -2.58 24.89 10.64
C SER K 133 -2.46 23.38 10.74
N SER K 134 -1.47 22.87 11.47
CA SER K 134 -1.34 21.44 11.70
C SER K 134 -0.74 21.21 13.07
N SER K 135 -1.15 20.10 13.69
CA SER K 135 -0.64 19.71 15.00
C SER K 135 -0.59 18.19 15.07
N SER K 136 0.21 17.69 16.00
CA SER K 136 0.30 16.26 16.24
C SER K 136 0.70 16.02 17.67
N THR K 137 0.35 14.84 18.18
CA THR K 137 0.75 14.43 19.52
C THR K 137 1.98 13.54 19.39
N LEU K 138 3.11 14.02 19.93
CA LEU K 138 4.35 13.24 19.84
C LEU K 138 4.31 12.04 20.78
N GLN K 139 3.86 12.23 22.01
CA GLN K 139 3.84 11.17 23.01
C GLN K 139 2.94 11.62 24.15
N SER K 140 2.33 10.65 24.83
CA SER K 140 1.47 10.93 25.97
C SER K 140 1.78 9.96 27.10
N TRP K 141 1.50 10.38 28.33
CA TRP K 141 1.80 9.63 29.53
C TRP K 141 0.59 9.67 30.45
N THR K 142 0.13 8.49 30.88
CA THR K 142 -1.01 8.37 31.78
C THR K 142 -0.54 7.83 33.12
N TYR K 143 -0.97 8.46 34.20
CA TYR K 143 -0.64 8.00 35.54
C TYR K 143 -1.61 6.91 35.94
N ASN K 144 -1.09 5.71 36.23
CA ASN K 144 -1.91 4.56 36.57
C ASN K 144 -1.72 4.11 38.01
N GLY K 145 -1.63 5.07 38.92
CA GLY K 145 -1.51 4.77 40.34
C GLY K 145 -0.22 4.08 40.70
N VAL L 13 -32.57 33.12 -48.61
CA VAL L 13 -33.32 31.88 -48.46
C VAL L 13 -32.36 30.71 -48.24
N SER L 14 -31.33 30.63 -49.09
CA SER L 14 -30.41 29.51 -49.02
C SER L 14 -29.63 29.40 -47.71
N PRO L 15 -29.15 30.48 -47.07
CA PRO L 15 -28.47 30.30 -45.78
C PRO L 15 -29.33 29.63 -44.71
N VAL L 16 -30.63 29.97 -44.66
CA VAL L 16 -31.51 29.38 -43.65
C VAL L 16 -31.68 27.89 -43.91
N ILE L 17 -31.83 27.51 -45.18
CA ILE L 17 -31.97 26.11 -45.53
C ILE L 17 -30.69 25.34 -45.21
N GLY L 18 -29.53 25.95 -45.49
CA GLY L 18 -28.27 25.32 -45.11
C GLY L 18 -28.17 25.09 -43.62
N VAL L 19 -28.60 26.07 -42.83
CA VAL L 19 -28.62 25.90 -41.38
C VAL L 19 -29.53 24.76 -40.96
N ILE L 20 -30.71 24.67 -41.58
CA ILE L 20 -31.66 23.61 -41.26
C ILE L 20 -31.04 22.23 -41.52
N LEU L 21 -30.41 22.07 -42.68
CA LEU L 21 -29.85 20.77 -43.03
C LEU L 21 -28.65 20.43 -42.15
N MET L 22 -27.84 21.42 -41.77
CA MET L 22 -26.73 21.16 -40.87
C MET L 22 -27.23 20.71 -39.49
N VAL L 23 -28.28 21.34 -38.98
CA VAL L 23 -28.85 20.93 -37.69
C VAL L 23 -29.40 19.50 -37.78
N ALA L 24 -30.06 19.19 -38.90
CA ALA L 24 -30.60 17.85 -39.09
C ALA L 24 -29.50 16.80 -39.09
N ILE L 25 -28.35 17.10 -39.71
CA ILE L 25 -27.23 16.16 -39.68
C ILE L 25 -26.68 16.03 -38.27
N THR L 26 -26.54 17.16 -37.57
CA THR L 26 -25.96 17.16 -36.22
C THR L 26 -26.74 16.28 -35.26
N VAL L 27 -28.08 16.33 -35.33
CA VAL L 27 -28.89 15.57 -34.39
C VAL L 27 -28.64 14.07 -34.55
N ILE L 28 -28.66 13.59 -35.80
CA ILE L 28 -28.46 12.17 -36.06
C ILE L 28 -27.06 11.73 -35.63
N LEU L 29 -26.04 12.53 -35.95
CA LEU L 29 -24.68 12.12 -35.62
C LEU L 29 -24.48 12.07 -34.11
N ALA L 30 -25.08 13.02 -33.38
CA ALA L 30 -25.01 12.99 -31.93
C ALA L 30 -25.68 11.75 -31.36
N ALA L 31 -26.83 11.36 -31.92
CA ALA L 31 -27.49 10.14 -31.45
C ALA L 31 -26.60 8.92 -31.68
N VAL L 32 -25.92 8.88 -32.82
CA VAL L 32 -25.06 7.74 -33.13
C VAL L 32 -23.91 7.64 -32.12
N ILE L 33 -23.31 8.76 -31.75
CA ILE L 33 -22.27 8.70 -30.71
C ILE L 33 -22.86 8.29 -29.36
N GLY L 34 -24.02 8.84 -29.02
CA GLY L 34 -24.59 8.57 -27.72
C GLY L 34 -24.85 7.10 -27.49
N THR L 35 -25.40 6.41 -28.50
CA THR L 35 -25.64 4.99 -28.36
C THR L 35 -24.34 4.23 -28.08
N PHE L 36 -23.29 4.56 -28.81
CA PHE L 36 -22.01 3.85 -28.68
C PHE L 36 -21.41 4.07 -27.30
N VAL L 37 -21.37 5.32 -26.83
CA VAL L 37 -20.74 5.58 -25.54
C VAL L 37 -21.57 4.99 -24.40
N LEU L 38 -22.90 5.00 -24.51
CA LEU L 38 -23.71 4.39 -23.47
C LEU L 38 -23.49 2.89 -23.41
N GLY L 39 -23.45 2.23 -24.57
CA GLY L 39 -23.16 0.80 -24.59
C GLY L 39 -21.78 0.48 -24.06
N LEU L 40 -20.79 1.33 -24.35
CA LEU L 40 -19.45 1.13 -23.82
C LEU L 40 -19.43 1.27 -22.30
N GLY L 41 -20.16 2.25 -21.76
CA GLY L 41 -20.21 2.44 -20.33
C GLY L 41 -21.00 1.39 -19.57
N ASP L 42 -21.93 0.71 -20.25
CA ASP L 42 -22.70 -0.33 -19.56
C ASP L 42 -21.91 -1.62 -19.35
N GLN L 43 -20.76 -1.77 -20.00
CA GLN L 43 -20.06 -3.05 -20.03
C GLN L 43 -19.38 -3.42 -18.71
N VAL L 44 -19.03 -2.43 -17.88
CA VAL L 44 -18.20 -2.68 -16.70
C VAL L 44 -19.11 -2.96 -15.51
N SER L 45 -18.94 -4.13 -14.90
CA SER L 45 -19.74 -4.54 -13.74
C SER L 45 -19.15 -5.84 -13.18
N GLU L 46 -19.86 -6.40 -12.20
CA GLU L 46 -19.68 -7.79 -11.77
C GLU L 46 -18.28 -8.12 -11.25
N THR L 47 -17.90 -7.55 -10.11
CA THR L 47 -16.68 -7.92 -9.41
C THR L 47 -16.83 -9.31 -8.80
N SER L 48 -15.70 -9.94 -8.49
CA SER L 48 -15.64 -11.29 -7.97
C SER L 48 -15.48 -11.30 -6.46
N PRO L 49 -15.99 -12.34 -5.79
CA PRO L 49 -15.87 -12.40 -4.33
C PRO L 49 -14.44 -12.63 -3.87
N GLN L 50 -14.15 -12.17 -2.66
CA GLN L 50 -12.85 -12.34 -2.04
C GLN L 50 -13.00 -13.27 -0.83
N ALA L 51 -12.26 -14.37 -0.84
CA ALA L 51 -12.34 -15.37 0.22
C ALA L 51 -11.04 -16.15 0.25
N SER L 52 -10.85 -16.90 1.33
CA SER L 52 -9.64 -17.71 1.51
C SER L 52 -10.04 -19.17 1.70
N PHE L 53 -9.23 -20.07 1.16
CA PHE L 53 -9.50 -21.50 1.21
C PHE L 53 -8.28 -22.25 1.73
N ASP L 54 -8.54 -23.41 2.32
CA ASP L 54 -7.50 -24.26 2.89
C ASP L 54 -7.46 -25.58 2.11
N PHE L 55 -6.29 -25.93 1.59
CA PHE L 55 -6.10 -27.18 0.87
C PHE L 55 -5.37 -28.18 1.77
N ASP L 56 -5.95 -29.36 1.94
CA ASP L 56 -5.44 -30.39 2.83
C ASP L 56 -5.34 -31.70 2.07
N TYR L 57 -4.13 -32.16 1.82
CA TYR L 57 -3.87 -33.33 0.98
C TYR L 57 -3.35 -34.48 1.83
N THR L 58 -3.85 -35.68 1.57
CA THR L 58 -3.41 -36.91 2.23
C THR L 58 -2.82 -37.83 1.17
N ASN L 59 -1.54 -38.17 1.31
CA ASN L 59 -0.84 -38.90 0.25
C ASN L 59 -1.24 -40.37 0.23
N THR L 60 -1.66 -40.92 1.36
CA THR L 60 -1.99 -42.34 1.41
C THR L 60 -3.17 -42.68 0.52
N SER L 61 -4.21 -41.85 0.52
CA SER L 61 -5.42 -42.13 -0.23
C SER L 61 -5.60 -41.23 -1.45
N GLY L 62 -4.87 -40.13 -1.54
CA GLY L 62 -4.99 -39.23 -2.67
C GLY L 62 -6.13 -38.24 -2.57
N ASN L 63 -6.70 -38.07 -1.38
CA ASN L 63 -7.85 -37.18 -1.18
C ASN L 63 -7.38 -35.78 -0.84
N LEU L 64 -7.97 -34.78 -1.49
CA LEU L 64 -7.67 -33.38 -1.24
C LEU L 64 -8.94 -32.70 -0.74
N THR L 65 -8.86 -32.05 0.42
CA THR L 65 -10.00 -31.39 1.03
C THR L 65 -9.84 -29.88 0.92
N ILE L 66 -10.88 -29.20 0.45
CA ILE L 66 -10.88 -27.75 0.27
C ILE L 66 -11.93 -27.17 1.20
N THR L 67 -11.50 -26.29 2.11
CA THR L 67 -12.38 -25.72 3.12
C THR L 67 -12.38 -24.20 3.02
N HIS L 68 -13.55 -23.60 3.23
CA HIS L 68 -13.69 -22.15 3.26
C HIS L 68 -13.23 -21.64 4.63
N GLU L 69 -12.26 -20.75 4.64
CA GLU L 69 -11.69 -20.22 5.89
C GLU L 69 -12.35 -18.93 6.35
N SER L 70 -12.30 -17.88 5.53
CA SER L 70 -12.86 -16.59 5.92
C SER L 70 -13.07 -15.75 4.67
N GLY L 71 -14.01 -14.81 4.77
CA GLY L 71 -14.36 -13.97 3.63
C GLY L 71 -15.84 -13.91 3.37
N THR L 72 -16.24 -13.53 2.16
CA THR L 72 -17.63 -13.36 1.82
C THR L 72 -18.30 -14.71 1.58
N SER L 73 -19.63 -14.70 1.54
CA SER L 73 -20.43 -15.87 1.24
C SER L 73 -20.63 -15.98 -0.25
N ILE L 74 -20.48 -17.20 -0.77
CA ILE L 74 -20.48 -17.44 -2.21
C ILE L 74 -21.54 -18.46 -2.56
N ASP L 75 -22.27 -18.19 -3.63
CA ASP L 75 -23.18 -19.17 -4.19
C ASP L 75 -22.42 -20.43 -4.61
N ALA L 76 -22.98 -21.59 -4.26
CA ALA L 76 -22.32 -22.85 -4.55
C ALA L 76 -22.38 -23.22 -6.04
N ASP L 77 -23.23 -22.57 -6.81
CA ASP L 77 -23.30 -22.83 -8.24
C ASP L 77 -22.36 -21.94 -9.05
N SER L 78 -21.72 -20.97 -8.42
CA SER L 78 -20.78 -20.09 -9.10
C SER L 78 -19.34 -20.56 -9.00
N VAL L 79 -19.06 -21.65 -8.29
CA VAL L 79 -17.71 -22.10 -8.02
C VAL L 79 -17.57 -23.52 -8.56
N SER L 80 -16.51 -23.76 -9.33
CA SER L 80 -16.21 -25.06 -9.88
C SER L 80 -14.73 -25.40 -9.65
N ILE L 81 -14.43 -26.70 -9.71
CA ILE L 81 -13.08 -27.21 -9.49
C ILE L 81 -12.52 -27.67 -10.83
N SER L 82 -11.32 -27.19 -11.16
CA SER L 82 -10.63 -27.61 -12.37
C SER L 82 -9.24 -28.12 -12.01
N GLY L 83 -8.91 -29.32 -12.48
CA GLY L 83 -7.62 -29.91 -12.24
C GLY L 83 -7.61 -31.40 -12.51
N PRO L 84 -6.45 -32.02 -12.42
CA PRO L 84 -6.34 -33.48 -12.65
C PRO L 84 -6.95 -34.29 -11.50
N VAL L 85 -8.25 -34.11 -11.30
CA VAL L 85 -8.99 -34.83 -10.27
C VAL L 85 -10.23 -35.45 -10.89
N GLY L 86 -10.79 -36.43 -10.20
CA GLY L 86 -11.96 -37.12 -10.72
C GLY L 86 -13.14 -36.21 -10.92
N ASP L 87 -13.39 -35.31 -9.96
CA ASP L 87 -14.49 -34.35 -10.04
C ASP L 87 -14.12 -33.10 -10.83
N ASP L 88 -13.63 -33.26 -12.06
CA ASP L 88 -13.10 -32.12 -12.80
C ASP L 88 -14.22 -31.41 -13.56
N GLY L 89 -14.30 -30.09 -13.39
CA GLY L 89 -15.27 -29.29 -14.09
C GLY L 89 -16.65 -29.24 -13.47
N LYS L 90 -16.83 -29.81 -12.28
CA LYS L 90 -18.11 -29.80 -11.61
C LYS L 90 -18.15 -28.67 -10.57
N THR L 91 -19.35 -28.17 -10.31
CA THR L 91 -19.52 -27.08 -9.37
C THR L 91 -19.44 -27.58 -7.93
N TRP L 92 -19.25 -26.64 -7.01
CA TRP L 92 -19.22 -26.95 -5.59
C TRP L 92 -20.54 -27.55 -5.12
N ALA L 93 -21.66 -27.15 -5.73
CA ALA L 93 -22.97 -27.67 -5.35
C ALA L 93 -23.22 -29.07 -5.90
N ASP L 94 -22.41 -29.54 -6.84
CA ASP L 94 -22.54 -30.90 -7.36
C ASP L 94 -21.71 -31.90 -6.56
N ILE L 95 -20.53 -31.48 -6.10
CA ILE L 95 -19.61 -32.41 -5.43
C ILE L 95 -20.20 -32.90 -4.12
N ASP L 96 -20.89 -32.02 -3.39
CA ASP L 96 -21.70 -32.44 -2.25
C ASP L 96 -23.16 -32.31 -2.62
N GLY L 97 -24.02 -33.10 -1.96
CA GLY L 97 -25.38 -33.25 -2.43
C GLY L 97 -26.20 -31.98 -2.38
N SER L 98 -26.16 -31.27 -1.24
CA SER L 98 -27.18 -30.27 -0.95
C SER L 98 -26.62 -28.92 -0.52
N ALA L 99 -25.47 -28.50 -1.03
CA ALA L 99 -24.95 -27.19 -0.69
C ALA L 99 -25.70 -26.09 -1.43
N THR L 100 -25.85 -24.94 -0.77
CA THR L 100 -26.43 -23.76 -1.37
C THR L 100 -25.57 -22.51 -1.23
N GLU L 101 -24.85 -22.36 -0.12
CA GLU L 101 -23.94 -21.25 0.11
C GLU L 101 -22.62 -21.80 0.61
N ILE L 102 -21.55 -21.05 0.40
CA ILE L 102 -20.23 -21.39 0.90
C ILE L 102 -19.86 -20.37 1.96
N THR L 103 -19.92 -20.79 3.22
CA THR L 103 -19.51 -19.97 4.35
C THR L 103 -18.38 -20.69 5.07
N ALA L 104 -17.84 -20.04 6.11
CA ALA L 104 -16.69 -20.58 6.82
C ALA L 104 -17.03 -21.93 7.44
N GLY L 105 -16.11 -22.89 7.27
CA GLY L 105 -16.34 -24.24 7.73
C GLY L 105 -16.89 -25.20 6.71
N SER L 106 -17.17 -24.74 5.50
CA SER L 106 -17.70 -25.59 4.44
C SER L 106 -16.56 -26.22 3.66
N SER L 107 -16.67 -27.52 3.39
CA SER L 107 -15.59 -28.22 2.73
C SER L 107 -16.14 -29.26 1.76
N ILE L 108 -15.30 -29.57 0.76
CA ILE L 108 -15.54 -30.64 -0.20
C ILE L 108 -14.28 -31.49 -0.29
N THR L 109 -14.43 -32.70 -0.80
CA THR L 109 -13.31 -33.63 -0.94
C THR L 109 -13.26 -34.15 -2.37
N VAL L 110 -12.15 -33.94 -3.04
CA VAL L 110 -11.91 -34.51 -4.36
C VAL L 110 -10.77 -35.52 -4.25
N THR L 111 -10.62 -36.34 -5.28
CA THR L 111 -9.58 -37.36 -5.31
C THR L 111 -8.71 -37.16 -6.53
N ALA L 112 -7.40 -37.33 -6.34
CA ALA L 112 -6.45 -37.18 -7.44
C ALA L 112 -6.72 -38.19 -8.54
N ASN L 113 -6.66 -37.72 -9.78
CA ASN L 113 -6.98 -38.57 -10.92
C ASN L 113 -5.95 -39.68 -11.03
N GLY L 114 -6.42 -40.89 -11.26
CA GLY L 114 -5.60 -42.07 -11.04
C GLY L 114 -5.74 -42.55 -9.60
N SER L 115 -4.64 -42.47 -8.85
CA SER L 115 -4.75 -42.64 -7.41
C SER L 115 -3.83 -41.71 -6.62
N SER L 116 -3.07 -40.84 -7.28
CA SER L 116 -2.14 -39.96 -6.59
C SER L 116 -1.76 -38.82 -7.51
N PHE L 117 -1.25 -37.74 -6.92
CA PHE L 117 -0.80 -36.59 -7.68
C PHE L 117 0.65 -36.76 -8.11
N ASP L 118 1.05 -35.97 -9.10
CA ASP L 118 2.43 -35.86 -9.53
C ASP L 118 2.93 -34.45 -9.26
N SER L 119 4.21 -34.32 -8.98
CA SER L 119 4.77 -33.02 -8.64
C SER L 119 4.59 -32.04 -9.79
N GLY L 120 4.07 -30.86 -9.48
CA GLY L 120 3.80 -29.86 -10.48
C GLY L 120 2.39 -29.83 -11.02
N GLU L 121 1.46 -30.55 -10.41
CA GLU L 121 0.07 -30.59 -10.84
C GLU L 121 -0.73 -29.61 -9.99
N THR L 122 -1.54 -28.78 -10.64
CA THR L 122 -2.24 -27.68 -10.00
C THR L 122 -3.75 -27.95 -10.00
N VAL L 123 -4.39 -27.56 -8.90
CA VAL L 123 -5.85 -27.61 -8.76
C VAL L 123 -6.33 -26.21 -8.44
N ARG L 124 -7.36 -25.75 -9.16
CA ARG L 124 -7.86 -24.39 -9.03
C ARG L 124 -9.29 -24.34 -8.52
N VAL L 125 -9.62 -23.22 -7.88
CA VAL L 125 -10.99 -22.87 -7.52
C VAL L 125 -11.38 -21.67 -8.37
N ILE L 126 -12.49 -21.77 -9.10
CA ILE L 126 -12.82 -20.83 -10.16
C ILE L 126 -14.22 -20.29 -9.94
N TRP L 127 -14.38 -18.97 -10.08
CA TRP L 127 -15.66 -18.30 -9.97
C TRP L 127 -16.12 -17.86 -11.35
N THR L 128 -17.40 -18.05 -11.65
CA THR L 128 -18.01 -17.66 -12.91
C THR L 128 -19.24 -16.80 -12.64
N SER L 129 -19.39 -15.72 -13.41
CA SER L 129 -20.50 -14.80 -13.21
C SER L 129 -21.80 -15.38 -13.77
N ASP L 130 -22.91 -14.75 -13.37
CA ASP L 130 -24.23 -15.27 -13.75
C ASP L 130 -24.45 -15.23 -15.25
N SER L 131 -23.98 -14.18 -15.91
CA SER L 131 -24.11 -14.09 -17.37
C SER L 131 -23.16 -15.03 -18.07
N GLY L 132 -22.10 -15.47 -17.40
CA GLY L 132 -21.12 -16.35 -18.00
C GLY L 132 -20.03 -15.65 -18.79
N SER L 133 -19.98 -14.33 -18.77
CA SER L 133 -19.01 -13.56 -19.56
C SER L 133 -17.82 -13.08 -18.73
N SER L 134 -17.67 -13.57 -17.51
CA SER L 134 -16.50 -13.25 -16.70
C SER L 134 -16.17 -14.43 -15.81
N SER L 135 -14.88 -14.60 -15.53
CA SER L 135 -14.39 -15.66 -14.67
C SER L 135 -13.17 -15.16 -13.92
N SER L 136 -12.86 -15.84 -12.81
CA SER L 136 -11.67 -15.51 -12.04
C SER L 136 -11.22 -16.76 -11.31
N THR L 137 -9.93 -16.79 -10.98
CA THR L 137 -9.36 -17.87 -10.20
C THR L 137 -9.30 -17.43 -8.74
N LEU L 138 -10.06 -18.10 -7.88
CA LEU L 138 -10.08 -17.74 -6.47
C LEU L 138 -8.80 -18.14 -5.77
N GLN L 139 -8.32 -19.36 -6.02
CA GLN L 139 -7.13 -19.88 -5.38
C GLN L 139 -6.67 -21.12 -6.14
N SER L 140 -5.37 -21.38 -6.10
CA SER L 140 -4.80 -22.54 -6.76
C SER L 140 -3.80 -23.22 -5.83
N TRP L 141 -3.61 -24.53 -6.04
CA TRP L 141 -2.76 -25.36 -5.21
C TRP L 141 -1.89 -26.23 -6.11
N THR L 142 -0.57 -26.18 -5.89
CA THR L 142 0.38 -26.97 -6.65
C THR L 142 1.01 -28.01 -5.74
N TYR L 143 1.08 -29.25 -6.22
CA TYR L 143 1.72 -30.31 -5.46
C TYR L 143 3.22 -30.30 -5.73
N ASN L 144 4.01 -30.10 -4.68
CA ASN L 144 5.46 -29.97 -4.79
C ASN L 144 6.19 -31.14 -4.14
N GLY L 145 5.67 -32.36 -4.34
CA GLY L 145 6.31 -33.55 -3.84
C GLY L 145 6.34 -33.64 -2.34
N VAL M 13 -29.91 40.38 -52.17
CA VAL M 13 -30.28 41.05 -50.93
C VAL M 13 -30.64 40.03 -49.86
N SER M 14 -31.47 39.07 -50.22
CA SER M 14 -31.95 38.08 -49.25
C SER M 14 -30.85 37.21 -48.64
N PRO M 15 -29.82 36.74 -49.36
CA PRO M 15 -28.75 35.97 -48.68
C PRO M 15 -28.07 36.74 -47.56
N VAL M 16 -27.81 38.03 -47.75
CA VAL M 16 -27.13 38.82 -46.73
C VAL M 16 -28.01 38.95 -45.49
N ILE M 17 -29.31 39.16 -45.69
CA ILE M 17 -30.23 39.26 -44.57
C ILE M 17 -30.33 37.92 -43.83
N GLY M 18 -30.37 36.83 -44.58
CA GLY M 18 -30.35 35.52 -43.94
C GLY M 18 -29.12 35.31 -43.09
N VAL M 19 -27.96 35.73 -43.59
CA VAL M 19 -26.73 35.64 -42.82
C VAL M 19 -26.83 36.47 -41.54
N ILE M 20 -27.37 37.69 -41.65
CA ILE M 20 -27.50 38.56 -40.49
C ILE M 20 -28.37 37.91 -39.41
N LEU M 21 -29.50 37.35 -39.81
CA LEU M 21 -30.40 36.74 -38.84
C LEU M 21 -29.81 35.48 -38.22
N MET M 22 -29.08 34.69 -39.02
CA MET M 22 -28.41 33.51 -38.46
C MET M 22 -27.36 33.89 -37.43
N VAL M 23 -26.58 34.94 -37.70
CA VAL M 23 -25.59 35.40 -36.72
C VAL M 23 -26.27 35.89 -35.45
N ALA M 24 -27.39 36.61 -35.61
CA ALA M 24 -28.12 37.10 -34.45
C ALA M 24 -28.63 35.96 -33.57
N ILE M 25 -29.09 34.87 -34.20
CA ILE M 25 -29.52 33.71 -33.42
C ILE M 25 -28.32 33.05 -32.73
N THR M 26 -27.21 32.92 -33.45
CA THR M 26 -26.04 32.25 -32.91
C THR M 26 -25.53 32.94 -31.64
N VAL M 27 -25.50 34.27 -31.63
CA VAL M 27 -24.96 34.99 -30.48
C VAL M 27 -25.77 34.68 -29.22
N ILE M 28 -27.10 34.76 -29.32
CA ILE M 28 -27.96 34.51 -28.18
C ILE M 28 -27.82 33.07 -27.69
N LEU M 29 -27.80 32.12 -28.63
CA LEU M 29 -27.75 30.72 -28.21
C LEU M 29 -26.41 30.41 -27.52
N ALA M 30 -25.32 31.01 -28.01
CA ALA M 30 -24.03 30.85 -27.36
C ALA M 30 -24.03 31.42 -25.95
N ALA M 31 -24.66 32.59 -25.76
CA ALA M 31 -24.75 33.15 -24.41
C ALA M 31 -25.53 32.24 -23.48
N VAL M 32 -26.60 31.63 -23.98
CA VAL M 32 -27.41 30.73 -23.16
C VAL M 32 -26.58 29.52 -22.71
N ILE M 33 -25.78 28.94 -23.60
CA ILE M 33 -24.92 27.84 -23.16
C ILE M 33 -23.87 28.32 -22.17
N GLY M 34 -23.27 29.47 -22.44
CA GLY M 34 -22.20 29.95 -21.59
C GLY M 34 -22.63 30.12 -20.15
N THR M 35 -23.82 30.71 -19.94
CA THR M 35 -24.31 30.88 -18.57
C THR M 35 -24.43 29.54 -17.87
N PHE M 36 -24.99 28.54 -18.56
CA PHE M 36 -25.23 27.24 -17.95
C PHE M 36 -23.92 26.55 -17.58
N VAL M 37 -22.96 26.54 -18.51
CA VAL M 37 -21.71 25.83 -18.22
C VAL M 37 -20.91 26.56 -17.14
N LEU M 38 -20.95 27.89 -17.10
CA LEU M 38 -20.24 28.61 -16.05
C LEU M 38 -20.86 28.32 -14.68
N GLY M 39 -22.20 28.33 -14.60
CA GLY M 39 -22.85 27.97 -13.37
C GLY M 39 -22.56 26.54 -12.93
N LEU M 40 -22.49 25.62 -13.88
CA LEU M 40 -22.16 24.23 -13.57
C LEU M 40 -20.74 24.13 -13.03
N GLY M 41 -19.80 24.87 -13.63
CA GLY M 41 -18.41 24.82 -13.18
C GLY M 41 -18.17 25.52 -11.86
N ASP M 42 -19.04 26.45 -11.46
CA ASP M 42 -18.84 27.14 -10.19
C ASP M 42 -19.25 26.27 -9.00
N GLN M 43 -19.95 25.16 -9.22
CA GLN M 43 -20.55 24.41 -8.13
C GLN M 43 -19.56 23.63 -7.27
N VAL M 44 -18.40 23.27 -7.82
CA VAL M 44 -17.49 22.35 -7.13
C VAL M 44 -16.49 23.16 -6.31
N SER M 45 -16.46 22.91 -5.00
CA SER M 45 -15.57 23.61 -4.08
C SER M 45 -15.66 22.93 -2.72
N GLU M 46 -15.00 23.55 -1.72
CA GLU M 46 -15.22 23.28 -0.30
C GLU M 46 -14.96 21.84 0.12
N THR M 47 -13.70 21.41 0.07
CA THR M 47 -13.29 20.14 0.63
C THR M 47 -13.33 20.18 2.16
N SER M 48 -13.38 18.99 2.77
CA SER M 48 -13.51 18.84 4.21
C SER M 48 -12.16 18.59 4.86
N PRO M 49 -11.99 19.01 6.12
CA PRO M 49 -10.72 18.78 6.81
C PRO M 49 -10.46 17.32 7.10
N GLN M 50 -9.18 16.97 7.19
CA GLN M 50 -8.74 15.62 7.55
C GLN M 50 -8.07 15.66 8.91
N ALA M 51 -8.58 14.86 9.84
CA ALA M 51 -8.07 14.84 11.20
C ALA M 51 -8.43 13.50 11.82
N SER M 52 -7.80 13.20 12.96
CA SER M 52 -8.03 11.95 13.68
C SER M 52 -8.49 12.27 15.09
N PHE M 53 -9.40 11.45 15.62
CA PHE M 53 -9.98 11.66 16.94
C PHE M 53 -9.89 10.38 17.75
N ASP M 54 -9.84 10.54 19.08
CA ASP M 54 -9.75 9.43 20.01
C ASP M 54 -11.02 9.39 20.86
N PHE M 55 -11.69 8.24 20.88
CA PHE M 55 -12.89 8.03 21.66
C PHE M 55 -12.56 7.21 22.90
N ASP M 56 -12.89 7.74 24.07
CA ASP M 56 -12.57 7.12 25.35
C ASP M 56 -13.83 7.01 26.19
N TYR M 57 -14.31 5.79 26.40
CA TYR M 57 -15.58 5.55 27.08
C TYR M 57 -15.34 4.92 28.45
N THR M 58 -16.08 5.38 29.45
CA THR M 58 -16.04 4.83 30.81
C THR M 58 -17.42 4.29 31.13
N ASN M 59 -17.49 2.98 31.40
CA ASN M 59 -18.78 2.33 31.56
C ASN M 59 -19.45 2.65 32.89
N THR M 60 -18.65 2.98 33.91
CA THR M 60 -19.20 3.24 35.23
C THR M 60 -20.12 4.46 35.23
N SER M 61 -19.70 5.54 34.56
CA SER M 61 -20.45 6.79 34.56
C SER M 61 -21.15 7.07 33.24
N GLY M 62 -20.78 6.40 32.16
CA GLY M 62 -21.39 6.64 30.87
C GLY M 62 -20.82 7.81 30.10
N ASN M 63 -19.66 8.31 30.50
CA ASN M 63 -19.05 9.48 29.88
C ASN M 63 -18.14 9.04 28.73
N LEU M 64 -18.27 9.72 27.59
CA LEU M 64 -17.44 9.47 26.42
C LEU M 64 -16.64 10.74 26.12
N THR M 65 -15.32 10.60 26.03
CA THR M 65 -14.44 11.74 25.79
C THR M 65 -13.89 11.65 24.37
N ILE M 66 -13.96 12.75 23.63
CA ILE M 66 -13.50 12.82 22.24
C ILE M 66 -12.36 13.84 22.19
N THR M 67 -11.18 13.39 21.78
CA THR M 67 -9.99 14.22 21.77
C THR M 67 -9.41 14.30 20.36
N HIS M 68 -8.92 15.48 19.98
CA HIS M 68 -8.24 15.67 18.70
C HIS M 68 -6.82 15.16 18.82
N GLU M 69 -6.44 14.22 17.95
CA GLU M 69 -5.13 13.59 17.97
C GLU M 69 -4.12 14.29 17.07
N SER M 70 -4.39 14.33 15.77
CA SER M 70 -3.46 14.92 14.81
C SER M 70 -4.21 15.26 13.53
N GLY M 71 -3.68 16.22 12.79
CA GLY M 71 -4.30 16.67 11.57
C GLY M 71 -4.46 18.19 11.50
N THR M 72 -5.36 18.67 10.66
CA THR M 72 -5.53 20.10 10.45
C THR M 72 -6.32 20.72 11.61
N SER M 73 -6.29 22.04 11.67
CA SER M 73 -7.04 22.80 12.66
C SER M 73 -8.42 23.10 12.12
N ILE M 74 -9.43 22.94 12.97
CA ILE M 74 -10.82 23.01 12.56
C ILE M 74 -11.55 24.04 13.41
N ASP M 75 -12.36 24.87 12.75
CA ASP M 75 -13.26 25.76 13.45
C ASP M 75 -14.21 24.97 14.35
N ALA M 76 -14.39 25.46 15.57
CA ALA M 76 -15.23 24.76 16.54
C ALA M 76 -16.71 24.90 16.23
N ASP M 77 -17.10 25.83 15.36
CA ASP M 77 -18.49 25.98 14.98
C ASP M 77 -18.87 25.14 13.77
N SER M 78 -17.90 24.49 13.13
CA SER M 78 -18.17 23.64 11.97
C SER M 78 -18.35 22.18 12.34
N VAL M 79 -18.19 21.82 13.60
CA VAL M 79 -18.19 20.43 14.05
C VAL M 79 -19.31 20.26 15.06
N SER M 80 -20.15 19.25 14.87
CA SER M 80 -21.23 18.92 15.79
C SER M 80 -21.23 17.43 16.09
N ILE M 81 -21.86 17.06 17.21
CA ILE M 81 -21.93 15.68 17.67
C ILE M 81 -23.37 15.19 17.47
N SER M 82 -23.51 14.04 16.81
CA SER M 82 -24.80 13.41 16.60
C SER M 82 -24.75 11.98 17.14
N GLY M 83 -25.71 11.63 17.98
CA GLY M 83 -25.82 10.30 18.52
C GLY M 83 -26.71 10.25 19.74
N PRO M 84 -26.94 9.05 20.26
CA PRO M 84 -27.79 8.90 21.46
C PRO M 84 -27.09 9.39 22.73
N VAL M 85 -26.77 10.68 22.76
CA VAL M 85 -26.13 11.31 23.90
C VAL M 85 -26.91 12.57 24.26
N GLY M 86 -26.69 13.04 25.50
CA GLY M 86 -27.43 14.20 25.97
C GLY M 86 -27.15 15.45 25.14
N ASP M 87 -25.90 15.66 24.75
CA ASP M 87 -25.50 16.80 23.94
C ASP M 87 -25.68 16.55 22.45
N ASP M 88 -26.86 16.12 22.02
CA ASP M 88 -27.06 15.71 20.64
C ASP M 88 -27.38 16.90 19.76
N GLY M 89 -26.65 17.02 18.65
CA GLY M 89 -26.89 18.08 17.69
C GLY M 89 -26.26 19.41 18.01
N LYS M 90 -25.44 19.49 19.05
CA LYS M 90 -24.76 20.72 19.42
C LYS M 90 -23.34 20.74 18.87
N THR M 91 -22.84 21.94 18.61
CA THR M 91 -21.52 22.09 18.05
C THR M 91 -20.45 21.91 19.11
N TRP M 92 -19.22 21.68 18.66
CA TRP M 92 -18.07 21.56 19.56
C TRP M 92 -17.87 22.82 20.38
N ALA M 93 -18.19 23.99 19.83
CA ALA M 93 -18.03 25.24 20.56
C ALA M 93 -19.12 25.48 21.59
N ASP M 94 -20.20 24.70 21.56
CA ASP M 94 -21.26 24.80 22.56
C ASP M 94 -21.01 23.88 23.74
N ILE M 95 -20.46 22.69 23.50
CA ILE M 95 -20.31 21.70 24.55
C ILE M 95 -19.32 22.17 25.61
N ASP M 96 -18.25 22.84 25.19
CA ASP M 96 -17.38 23.56 26.10
C ASP M 96 -17.61 25.05 25.93
N GLY M 97 -17.31 25.82 26.98
CA GLY M 97 -17.75 27.21 27.01
C GLY M 97 -17.11 28.08 25.95
N SER M 98 -15.78 28.00 25.80
CA SER M 98 -15.04 29.04 25.10
C SER M 98 -14.08 28.51 24.03
N ALA M 99 -14.41 27.41 23.36
CA ALA M 99 -13.54 26.93 22.29
C ALA M 99 -13.70 27.78 21.04
N THR M 100 -12.60 27.93 20.30
CA THR M 100 -12.60 28.61 19.02
C THR M 100 -11.96 27.80 17.90
N GLU M 101 -10.93 27.01 18.20
CA GLU M 101 -10.28 26.14 17.23
C GLU M 101 -10.12 24.76 17.86
N ILE M 102 -10.02 23.75 17.01
CA ILE M 102 -9.77 22.38 17.45
C ILE M 102 -8.39 21.99 16.96
N THR M 103 -7.43 21.95 17.89
CA THR M 103 -6.07 21.51 17.63
C THR M 103 -5.79 20.29 18.50
N ALA M 104 -4.59 19.71 18.33
CA ALA M 104 -4.24 18.50 19.04
C ALA M 104 -4.27 18.74 20.56
N GLY M 105 -4.88 17.79 21.28
CA GLY M 105 -5.03 17.92 22.71
C GLY M 105 -6.35 18.50 23.17
N SER M 106 -7.23 18.88 22.24
CA SER M 106 -8.53 19.44 22.58
C SER M 106 -9.54 18.32 22.74
N SER M 107 -10.36 18.40 23.78
CA SER M 107 -11.30 17.33 24.07
C SER M 107 -12.62 17.90 24.60
N ILE M 108 -13.68 17.13 24.39
CA ILE M 108 -14.99 17.38 24.96
C ILE M 108 -15.49 16.08 25.60
N THR M 109 -16.48 16.21 26.48
CA THR M 109 -17.05 15.06 27.16
C THR M 109 -18.56 15.09 27.02
N VAL M 110 -19.13 14.03 26.45
CA VAL M 110 -20.57 13.86 26.37
C VAL M 110 -20.95 12.67 27.24
N THR M 111 -22.24 12.55 27.53
CA THR M 111 -22.76 11.47 28.36
C THR M 111 -23.81 10.68 27.58
N ALA M 112 -23.77 9.36 27.74
CA ALA M 112 -24.71 8.49 27.06
C ALA M 112 -26.14 8.79 27.50
N ASN M 113 -27.05 8.84 26.54
CA ASN M 113 -28.44 9.19 26.84
C ASN M 113 -29.07 8.12 27.72
N GLY M 114 -29.78 8.55 28.73
CA GLY M 114 -30.14 7.67 29.84
C GLY M 114 -29.04 7.68 30.90
N SER M 115 -28.38 6.54 31.08
CA SER M 115 -27.15 6.56 31.86
C SER M 115 -26.08 5.63 31.31
N SER M 116 -26.32 4.95 30.19
CA SER M 116 -25.35 4.02 29.63
C SER M 116 -25.70 3.75 28.17
N PHE M 117 -24.71 3.25 27.43
CA PHE M 117 -24.90 2.91 26.04
C PHE M 117 -25.43 1.48 25.91
N ASP M 118 -25.99 1.19 24.73
CA ASP M 118 -26.38 -0.16 24.36
C ASP M 118 -25.54 -0.60 23.17
N SER M 119 -25.28 -1.91 23.09
CA SER M 119 -24.43 -2.43 22.04
C SER M 119 -25.04 -2.12 20.67
N GLY M 120 -24.21 -1.58 19.78
CA GLY M 120 -24.67 -1.19 18.45
C GLY M 120 -25.08 0.25 18.30
N GLU M 121 -24.81 1.10 19.28
CA GLU M 121 -25.15 2.51 19.21
C GLU M 121 -23.94 3.30 18.76
N THR M 122 -24.13 4.18 17.78
CA THR M 122 -23.05 4.90 17.13
C THR M 122 -23.09 6.38 17.48
N VAL M 123 -21.91 6.98 17.64
CA VAL M 123 -21.75 8.41 17.86
C VAL M 123 -20.82 8.94 16.76
N ARG M 124 -21.23 10.02 16.11
CA ARG M 124 -20.49 10.57 14.98
C ARG M 124 -19.96 11.96 15.26
N VAL M 125 -18.89 12.31 14.54
CA VAL M 125 -18.35 13.67 14.48
C VAL M 125 -18.57 14.15 13.06
N ILE M 126 -19.23 15.30 12.92
CA ILE M 126 -19.76 15.75 11.63
C ILE M 126 -19.27 17.16 11.33
N TRP M 127 -18.81 17.38 10.11
CA TRP M 127 -18.37 18.68 9.64
C TRP M 127 -19.40 19.26 8.67
N THR M 128 -19.69 20.54 8.81
CA THR M 128 -20.63 21.25 7.95
C THR M 128 -19.97 22.49 7.37
N SER M 129 -20.18 22.74 6.08
CA SER M 129 -19.55 23.87 5.42
C SER M 129 -20.26 25.18 5.78
N ASP M 130 -19.59 26.30 5.47
CA ASP M 130 -20.09 27.61 5.86
C ASP M 130 -21.42 27.94 5.19
N SER M 131 -21.57 27.55 3.92
CA SER M 131 -22.83 27.78 3.23
C SER M 131 -23.92 26.84 3.70
N GLY M 132 -23.55 25.72 4.32
CA GLY M 132 -24.50 24.74 4.77
C GLY M 132 -24.96 23.73 3.74
N SER M 133 -24.37 23.74 2.55
CA SER M 133 -24.77 22.87 1.45
C SER M 133 -23.87 21.65 1.29
N SER M 134 -22.99 21.39 2.26
CA SER M 134 -22.17 20.20 2.24
C SER M 134 -21.90 19.74 3.67
N SER M 135 -21.78 18.44 3.84
CA SER M 135 -21.49 17.85 5.13
C SER M 135 -20.64 16.61 4.93
N SER M 136 -19.96 16.19 6.00
CA SER M 136 -19.18 14.97 5.96
C SER M 136 -19.08 14.41 7.37
N THR M 137 -18.85 13.11 7.46
CA THR M 137 -18.64 12.43 8.73
C THR M 137 -17.14 12.30 8.95
N LEU M 138 -16.63 12.98 9.98
CA LEU M 138 -15.21 12.91 10.26
C LEU M 138 -14.81 11.57 10.85
N GLN M 139 -15.58 11.06 11.80
CA GLN M 139 -15.27 9.81 12.47
C GLN M 139 -16.52 9.35 13.21
N SER M 140 -16.65 8.03 13.39
CA SER M 140 -17.77 7.45 14.10
C SER M 140 -17.28 6.37 15.05
N TRP M 141 -18.05 6.13 16.10
CA TRP M 141 -17.70 5.20 17.17
C TRP M 141 -18.92 4.34 17.49
N THR M 142 -18.76 3.02 17.45
CA THR M 142 -19.82 2.09 17.77
C THR M 142 -19.48 1.35 19.05
N TYR M 143 -20.45 1.26 19.95
CA TYR M 143 -20.27 0.52 21.19
C TYR M 143 -20.56 -0.95 20.94
N ASN M 144 -19.56 -1.80 21.19
CA ASN M 144 -19.67 -3.23 20.92
C ASN M 144 -19.63 -4.05 22.20
N GLY M 145 -20.33 -3.58 23.24
CA GLY M 145 -20.41 -4.31 24.49
C GLY M 145 -19.10 -4.44 25.22
N VAL N 13 -30.03 38.28 -60.40
CA VAL N 13 -28.61 38.60 -60.46
C VAL N 13 -28.08 38.83 -59.04
N SER N 14 -28.79 39.65 -58.28
CA SER N 14 -28.33 40.02 -56.93
C SER N 14 -28.21 38.84 -55.97
N PRO N 15 -29.11 37.84 -55.93
CA PRO N 15 -28.87 36.70 -55.03
C PRO N 15 -27.56 35.97 -55.26
N VAL N 16 -27.18 35.79 -56.53
CA VAL N 16 -25.94 35.08 -56.83
C VAL N 16 -24.73 35.87 -56.35
N ILE N 17 -24.77 37.19 -56.54
CA ILE N 17 -23.69 38.05 -56.08
C ILE N 17 -23.61 38.04 -54.56
N GLY N 18 -24.76 38.07 -53.88
CA GLY N 18 -24.75 37.96 -52.44
C GLY N 18 -24.12 36.66 -51.96
N VAL N 19 -24.44 35.56 -52.64
CA VAL N 19 -23.84 34.27 -52.31
C VAL N 19 -22.32 34.32 -52.50
N ILE N 20 -21.87 34.93 -53.59
CA ILE N 20 -20.43 35.03 -53.87
C ILE N 20 -19.72 35.78 -52.75
N LEU N 21 -20.28 36.92 -52.34
CA LEU N 21 -19.63 37.73 -51.32
C LEU N 21 -19.67 37.04 -49.96
N MET N 22 -20.74 36.33 -49.65
CA MET N 22 -20.79 35.58 -48.39
C MET N 22 -19.73 34.47 -48.36
N VAL N 23 -19.55 33.77 -49.48
CA VAL N 23 -18.52 32.73 -49.53
C VAL N 23 -17.13 33.35 -49.37
N ALA N 24 -16.91 34.50 -50.00
CA ALA N 24 -15.62 35.17 -49.90
C ALA N 24 -15.32 35.56 -48.46
N ILE N 25 -16.33 36.04 -47.71
CA ILE N 25 -16.13 36.35 -46.30
C ILE N 25 -15.84 35.10 -45.50
N THR N 26 -16.59 34.02 -45.77
CA THR N 26 -16.44 32.78 -45.01
C THR N 26 -15.03 32.22 -45.11
N VAL N 27 -14.44 32.27 -46.31
CA VAL N 27 -13.11 31.67 -46.49
C VAL N 27 -12.07 32.39 -45.61
N ILE N 28 -12.09 33.73 -45.64
CA ILE N 28 -11.13 34.50 -44.85
C ILE N 28 -11.33 34.25 -43.37
N LEU N 29 -12.58 34.26 -42.91
CA LEU N 29 -12.83 34.10 -41.47
C LEU N 29 -12.40 32.73 -40.99
N ALA N 30 -12.61 31.70 -41.82
CA ALA N 30 -12.16 30.36 -41.47
C ALA N 30 -10.64 30.30 -41.38
N ALA N 31 -9.94 30.96 -42.30
CA ALA N 31 -8.47 30.98 -42.23
C ALA N 31 -8.00 31.65 -40.94
N VAL N 32 -8.68 32.73 -40.54
CA VAL N 32 -8.30 33.44 -39.32
C VAL N 32 -8.46 32.54 -38.09
N ILE N 33 -9.54 31.77 -38.02
CA ILE N 33 -9.67 30.84 -36.89
C ILE N 33 -8.61 29.74 -36.96
N GLY N 34 -8.37 29.22 -38.16
CA GLY N 34 -7.44 28.11 -38.30
C GLY N 34 -6.05 28.45 -37.79
N THR N 35 -5.56 29.64 -38.14
CA THR N 35 -4.24 30.06 -37.68
C THR N 35 -4.19 30.07 -36.15
N PHE N 36 -5.21 30.63 -35.52
CA PHE N 36 -5.23 30.77 -34.06
C PHE N 36 -5.26 29.41 -33.38
N VAL N 37 -6.13 28.51 -33.84
CA VAL N 37 -6.23 27.22 -33.16
C VAL N 37 -4.98 26.38 -33.39
N LEU N 38 -4.37 26.48 -34.58
CA LEU N 38 -3.13 25.74 -34.82
C LEU N 38 -2.00 26.25 -33.93
N GLY N 39 -1.88 27.58 -33.80
CA GLY N 39 -0.89 28.12 -32.90
C GLY N 39 -1.14 27.76 -31.45
N LEU N 40 -2.40 27.70 -31.04
CA LEU N 40 -2.74 27.29 -29.68
C LEU N 40 -2.35 25.82 -29.45
N GLY N 41 -2.61 24.96 -30.43
CA GLY N 41 -2.27 23.56 -30.29
C GLY N 41 -0.79 23.25 -30.37
N ASP N 42 0.00 24.14 -30.97
CA ASP N 42 1.44 23.89 -31.04
C ASP N 42 2.16 24.17 -29.72
N GLN N 43 1.50 24.84 -28.77
CA GLN N 43 2.17 25.34 -27.58
C GLN N 43 2.56 24.26 -26.58
N VAL N 44 1.86 23.12 -26.57
CA VAL N 44 2.03 22.12 -25.52
C VAL N 44 3.09 21.12 -25.96
N SER N 45 4.15 20.98 -25.16
CA SER N 45 5.26 20.07 -25.44
C SER N 45 6.19 20.04 -24.23
N GLU N 46 7.31 19.34 -24.41
CA GLU N 46 8.48 19.46 -23.54
C GLU N 46 8.22 19.10 -22.07
N THR N 47 7.95 17.83 -21.80
CA THR N 47 7.88 17.32 -20.43
C THR N 47 9.26 17.27 -19.82
N SER N 48 9.29 17.22 -18.47
CA SER N 48 10.53 17.26 -17.71
C SER N 48 10.95 15.85 -17.28
N PRO N 49 12.26 15.63 -17.12
CA PRO N 49 12.73 14.29 -16.73
C PRO N 49 12.34 13.95 -15.29
N GLN N 50 12.23 12.66 -15.02
CA GLN N 50 11.92 12.14 -13.70
C GLN N 50 13.15 11.38 -13.18
N ALA N 51 13.65 11.79 -12.03
CA ALA N 51 14.84 11.18 -11.44
C ALA N 51 14.83 11.45 -9.95
N SER N 52 15.69 10.73 -9.23
CA SER N 52 15.81 10.87 -7.79
C SER N 52 17.24 11.23 -7.43
N PHE N 53 17.39 12.08 -6.41
CA PHE N 53 18.68 12.57 -5.97
C PHE N 53 18.85 12.37 -4.47
N ASP N 54 20.10 12.25 -4.05
CA ASP N 54 20.46 12.06 -2.65
C ASP N 54 21.25 13.25 -2.16
N PHE N 55 20.79 13.87 -1.08
CA PHE N 55 21.46 15.02 -0.47
C PHE N 55 22.19 14.55 0.79
N ASP N 56 23.50 14.84 0.86
CA ASP N 56 24.36 14.40 1.95
C ASP N 56 25.12 15.60 2.49
N TYR N 57 24.80 16.01 3.71
CA TYR N 57 25.35 17.21 4.31
C TYR N 57 26.29 16.86 5.45
N THR N 58 27.43 17.56 5.52
CA THR N 58 28.40 17.40 6.59
C THR N 58 28.50 18.73 7.33
N ASN N 59 28.19 18.72 8.62
CA ASN N 59 28.08 19.98 9.37
C ASN N 59 29.45 20.55 9.69
N THR N 60 30.48 19.71 9.79
CA THR N 60 31.81 20.19 10.17
C THR N 60 32.38 21.15 9.14
N SER N 61 32.23 20.83 7.85
CA SER N 61 32.80 21.63 6.78
C SER N 61 31.77 22.44 6.00
N GLY N 62 30.49 22.10 6.11
CA GLY N 62 29.46 22.81 5.36
C GLY N 62 29.27 22.35 3.95
N ASN N 63 29.79 21.18 3.59
CA ASN N 63 29.72 20.66 2.23
C ASN N 63 28.46 19.82 2.05
N LEU N 64 27.74 20.05 0.97
CA LEU N 64 26.54 19.29 0.62
C LEU N 64 26.80 18.57 -0.70
N THR N 65 26.61 17.26 -0.71
CA THR N 65 26.85 16.44 -1.90
C THR N 65 25.51 15.97 -2.47
N ILE N 66 25.33 16.16 -3.77
CA ILE N 66 24.10 15.78 -4.47
C ILE N 66 24.45 14.70 -5.48
N THR N 67 23.84 13.53 -5.34
CA THR N 67 24.14 12.37 -6.17
C THR N 67 22.88 11.90 -6.90
N HIS N 68 23.05 11.49 -8.15
CA HIS N 68 21.96 10.91 -8.93
C HIS N 68 21.78 9.45 -8.51
N GLU N 69 20.57 9.10 -8.08
CA GLU N 69 20.26 7.75 -7.59
C GLU N 69 19.71 6.84 -8.67
N SER N 70 18.57 7.20 -9.27
CA SER N 70 17.94 6.36 -10.27
C SER N 70 16.96 7.20 -11.08
N GLY N 71 16.70 6.76 -12.31
CA GLY N 71 15.83 7.50 -13.20
C GLY N 71 16.44 7.71 -14.58
N THR N 72 15.93 8.70 -15.32
CA THR N 72 16.38 8.95 -16.67
C THR N 72 17.71 9.68 -16.67
N SER N 73 18.35 9.70 -17.84
CA SER N 73 19.60 10.41 -18.05
C SER N 73 19.30 11.86 -18.45
N ILE N 74 20.04 12.79 -17.86
CA ILE N 74 19.76 14.21 -18.01
C ILE N 74 21.00 14.92 -18.52
N ASP N 75 20.79 15.81 -19.49
CA ASP N 75 21.85 16.70 -19.93
C ASP N 75 22.35 17.55 -18.76
N ALA N 76 23.68 17.67 -18.66
CA ALA N 76 24.26 18.42 -17.55
C ALA N 76 24.11 19.92 -17.71
N ASP N 77 23.76 20.40 -18.90
CA ASP N 77 23.53 21.83 -19.11
C ASP N 77 22.09 22.24 -18.85
N SER N 78 21.19 21.30 -18.61
CA SER N 78 19.80 21.59 -18.33
C SER N 78 19.49 21.69 -16.84
N VAL N 79 20.46 21.44 -15.98
CA VAL N 79 20.25 21.35 -14.54
C VAL N 79 21.14 22.38 -13.87
N SER N 80 20.56 23.18 -12.99
CA SER N 80 21.28 24.19 -12.22
C SER N 80 20.90 24.10 -10.75
N ILE N 81 21.76 24.64 -9.89
CA ILE N 81 21.58 24.62 -8.45
C ILE N 81 21.23 26.04 -8.00
N SER N 82 20.16 26.17 -7.23
CA SER N 82 19.74 27.45 -6.67
C SER N 82 19.59 27.30 -5.16
N GLY N 83 20.24 28.18 -4.41
CA GLY N 83 20.15 28.19 -2.97
C GLY N 83 21.25 29.00 -2.34
N PRO N 84 21.21 29.15 -1.02
CA PRO N 84 22.25 29.90 -0.30
C PRO N 84 23.58 29.15 -0.24
N VAL N 85 24.15 28.89 -1.41
CA VAL N 85 25.43 28.20 -1.53
C VAL N 85 26.34 29.01 -2.44
N GLY N 86 27.64 28.73 -2.35
CA GLY N 86 28.61 29.49 -3.14
C GLY N 86 28.39 29.32 -4.63
N ASP N 87 28.10 28.11 -5.07
CA ASP N 87 27.85 27.82 -6.49
C ASP N 87 26.40 28.08 -6.90
N ASP N 88 25.88 29.27 -6.62
CA ASP N 88 24.47 29.53 -6.82
C ASP N 88 24.21 29.97 -8.27
N GLY N 89 23.23 29.32 -8.90
CA GLY N 89 22.85 29.67 -10.25
C GLY N 89 23.69 29.08 -11.35
N LYS N 90 24.63 28.19 -11.02
CA LYS N 90 25.47 27.56 -12.02
C LYS N 90 24.92 26.17 -12.38
N THR N 91 25.20 25.75 -13.60
CA THR N 91 24.70 24.47 -14.07
C THR N 91 25.55 23.33 -13.51
N TRP N 92 24.98 22.12 -13.60
CA TRP N 92 25.69 20.91 -13.17
C TRP N 92 26.98 20.71 -13.95
N ALA N 93 27.01 21.12 -15.22
CA ALA N 93 28.20 20.96 -16.05
C ALA N 93 29.28 21.99 -15.73
N ASP N 94 28.95 23.04 -14.98
CA ASP N 94 29.93 24.03 -14.56
C ASP N 94 30.59 23.67 -13.23
N ILE N 95 29.83 23.08 -12.32
CA ILE N 95 30.33 22.82 -10.97
C ILE N 95 31.45 21.78 -11.01
N ASP N 96 31.31 20.77 -11.87
CA ASP N 96 32.42 19.88 -12.17
C ASP N 96 32.93 20.18 -13.57
N GLY N 97 34.19 19.85 -13.83
CA GLY N 97 34.85 20.35 -15.03
C GLY N 97 34.25 19.82 -16.32
N SER N 98 34.03 18.50 -16.40
CA SER N 98 33.82 17.85 -17.69
C SER N 98 32.59 16.95 -17.75
N ALA N 99 31.51 17.27 -17.03
CA ALA N 99 30.32 16.45 -17.12
C ALA N 99 29.57 16.73 -18.42
N THR N 100 28.92 15.69 -18.94
CA THR N 100 28.07 15.80 -20.12
C THR N 100 26.69 15.21 -19.91
N GLU N 101 26.57 14.12 -19.15
CA GLU N 101 25.30 13.49 -18.83
C GLU N 101 25.24 13.24 -17.34
N ILE N 102 24.04 13.15 -16.79
CA ILE N 102 23.83 12.82 -15.40
C ILE N 102 23.17 11.44 -15.35
N THR N 103 23.94 10.43 -14.97
CA THR N 103 23.45 9.07 -14.78
C THR N 103 23.69 8.67 -13.33
N ALA N 104 23.24 7.48 -12.97
CA ALA N 104 23.34 7.03 -11.59
C ALA N 104 24.80 6.96 -11.15
N GLY N 105 25.07 7.47 -9.95
CA GLY N 105 26.42 7.54 -9.43
C GLY N 105 27.12 8.86 -9.66
N SER N 106 26.50 9.80 -10.34
CA SER N 106 27.10 11.10 -10.61
C SER N 106 26.79 12.06 -9.47
N SER N 107 27.81 12.80 -9.03
CA SER N 107 27.61 13.68 -7.88
C SER N 107 28.40 14.97 -8.06
N ILE N 108 27.92 16.02 -7.38
CA ILE N 108 28.59 17.31 -7.28
C ILE N 108 28.61 17.70 -5.81
N THR N 109 29.50 18.62 -5.47
CA THR N 109 29.64 19.11 -4.10
C THR N 109 29.58 20.63 -4.09
N VAL N 110 28.63 21.17 -3.34
CA VAL N 110 28.54 22.60 -3.12
C VAL N 110 28.83 22.88 -1.65
N THR N 111 29.08 24.14 -1.33
CA THR N 111 29.38 24.56 0.03
C THR N 111 28.37 25.62 0.48
N ALA N 112 27.93 25.51 1.73
CA ALA N 112 26.98 26.46 2.28
C ALA N 112 27.57 27.86 2.30
N ASN N 113 26.77 28.84 1.91
CA ASN N 113 27.23 30.21 1.81
C ASN N 113 27.57 30.73 3.19
N GLY N 114 28.71 31.39 3.30
CA GLY N 114 29.33 31.64 4.60
C GLY N 114 30.25 30.48 4.97
N SER N 115 29.89 29.76 6.03
CA SER N 115 30.55 28.48 6.27
C SER N 115 29.59 27.40 6.79
N SER N 116 28.30 27.68 6.93
CA SER N 116 27.36 26.73 7.46
C SER N 116 25.95 27.14 7.09
N PHE N 117 25.02 26.20 7.15
CA PHE N 117 23.62 26.46 6.87
C PHE N 117 22.90 26.93 8.13
N ASP N 118 21.75 27.55 7.92
CA ASP N 118 20.83 27.91 8.99
C ASP N 118 19.55 27.13 8.82
N SER N 119 18.89 26.82 9.93
CA SER N 119 17.67 26.02 9.88
C SER N 119 16.60 26.72 9.06
N GLY N 120 16.01 25.99 8.12
CA GLY N 120 15.01 26.54 7.25
C GLY N 120 15.51 27.03 5.91
N GLU N 121 16.76 26.74 5.55
CA GLU N 121 17.33 27.15 4.27
C GLU N 121 17.23 25.99 3.29
N THR N 122 16.74 26.29 2.08
CA THR N 122 16.42 25.29 1.08
C THR N 122 17.38 25.37 -0.10
N VAL N 123 17.74 24.21 -0.64
CA VAL N 123 18.55 24.10 -1.85
C VAL N 123 17.77 23.28 -2.86
N ARG N 124 17.67 23.77 -4.09
CA ARG N 124 16.87 23.13 -5.11
C ARG N 124 17.71 22.65 -6.30
N VAL N 125 17.18 21.64 -6.98
CA VAL N 125 17.69 21.17 -8.26
C VAL N 125 16.64 21.51 -9.31
N ILE N 126 17.04 22.22 -10.37
CA ILE N 126 16.11 22.86 -11.28
C ILE N 126 16.43 22.45 -12.71
N TRP N 127 15.40 22.08 -13.47
CA TRP N 127 15.53 21.73 -14.88
C TRP N 127 14.95 22.84 -15.74
N THR N 128 15.65 23.19 -16.82
CA THR N 128 15.22 24.22 -17.76
C THR N 128 15.23 23.64 -19.17
N SER N 129 14.19 23.95 -19.94
CA SER N 129 14.07 23.43 -21.29
C SER N 129 14.99 24.16 -22.25
N ASP N 130 15.17 23.56 -23.43
CA ASP N 130 16.12 24.09 -24.41
C ASP N 130 15.71 25.47 -24.91
N SER N 131 14.41 25.69 -25.10
CA SER N 131 13.93 27.01 -25.53
C SER N 131 13.99 28.02 -24.40
N GLY N 132 14.04 27.56 -23.15
CA GLY N 132 14.05 28.44 -22.00
C GLY N 132 12.70 28.92 -21.52
N SER N 133 11.61 28.40 -22.09
CA SER N 133 10.27 28.85 -21.75
C SER N 133 9.56 27.90 -20.78
N SER N 134 10.28 26.95 -20.20
CA SER N 134 9.70 26.07 -19.18
C SER N 134 10.77 25.70 -18.18
N SER N 135 10.35 25.50 -16.93
CA SER N 135 11.25 25.10 -15.86
C SER N 135 10.49 24.22 -14.89
N SER N 136 11.23 23.46 -14.11
CA SER N 136 10.64 22.62 -13.08
C SER N 136 11.66 22.41 -11.98
N THR N 137 11.15 22.11 -10.78
CA THR N 137 11.99 21.78 -9.63
C THR N 137 12.07 20.27 -9.52
N LEU N 138 13.27 19.72 -9.72
CA LEU N 138 13.44 18.27 -9.64
C LEU N 138 13.37 17.78 -8.21
N GLN N 139 14.03 18.47 -7.28
CA GLN N 139 14.07 18.07 -5.89
C GLN N 139 14.59 19.24 -5.06
N SER N 140 14.16 19.29 -3.80
CA SER N 140 14.60 20.34 -2.89
C SER N 140 14.96 19.74 -1.54
N TRP N 141 15.84 20.43 -0.81
CA TRP N 141 16.37 19.97 0.46
C TRP N 141 16.33 21.13 1.45
N THR N 142 15.72 20.91 2.61
CA THR N 142 15.63 21.91 3.65
C THR N 142 16.45 21.46 4.86
N TYR N 143 17.26 22.36 5.39
CA TYR N 143 18.04 22.06 6.58
C TYR N 143 17.20 22.30 7.81
N ASN N 144 16.99 21.25 8.62
CA ASN N 144 16.14 21.30 9.79
C ASN N 144 16.93 21.15 11.09
N GLY N 145 18.08 21.79 11.16
CA GLY N 145 18.90 21.78 12.36
C GLY N 145 19.44 20.40 12.70
N VAL O 13 -38.35 38.85 -62.09
CA VAL O 13 -38.31 37.46 -62.50
C VAL O 13 -36.96 36.84 -62.14
N SER O 14 -35.89 37.55 -62.49
CA SER O 14 -34.55 37.01 -62.26
C SER O 14 -34.20 36.76 -60.80
N PRO O 15 -34.56 37.61 -59.83
CA PRO O 15 -34.25 37.27 -58.42
C PRO O 15 -34.83 35.95 -57.96
N VAL O 16 -36.06 35.64 -58.37
CA VAL O 16 -36.71 34.39 -57.95
C VAL O 16 -35.97 33.20 -58.54
N ILE O 17 -35.56 33.31 -59.81
CA ILE O 17 -34.81 32.23 -60.45
C ILE O 17 -33.46 32.05 -59.79
N GLY O 18 -32.79 33.15 -59.44
CA GLY O 18 -31.55 33.05 -58.71
C GLY O 18 -31.71 32.34 -57.38
N VAL O 19 -32.79 32.65 -56.67
CA VAL O 19 -33.08 31.97 -55.41
C VAL O 19 -33.28 30.47 -55.64
N ILE O 20 -34.03 30.11 -56.69
CA ILE O 20 -34.28 28.71 -57.00
C ILE O 20 -32.98 27.96 -57.24
N LEU O 21 -32.10 28.54 -58.05
CA LEU O 21 -30.84 27.86 -58.36
C LEU O 21 -29.92 27.77 -57.15
N MET O 22 -29.91 28.79 -56.30
CA MET O 22 -29.11 28.73 -55.09
C MET O 22 -29.60 27.62 -54.15
N VAL O 23 -30.92 27.47 -54.01
CA VAL O 23 -31.47 26.41 -53.18
C VAL O 23 -31.11 25.04 -53.76
N ALA O 24 -31.19 24.92 -55.09
CA ALA O 24 -30.84 23.65 -55.74
C ALA O 24 -29.39 23.27 -55.48
N ILE O 25 -28.48 24.26 -55.51
CA ILE O 25 -27.08 23.98 -55.20
C ILE O 25 -26.92 23.58 -53.73
N THR O 26 -27.60 24.30 -52.84
CA THR O 26 -27.47 24.04 -51.41
C THR O 26 -27.87 22.62 -51.04
N VAL O 27 -28.94 22.11 -51.63
CA VAL O 27 -29.41 20.77 -51.29
C VAL O 27 -28.36 19.70 -51.61
N ILE O 28 -27.80 19.79 -52.82
CA ILE O 28 -26.79 18.81 -53.24
C ILE O 28 -25.55 18.90 -52.36
N LEU O 29 -25.09 20.12 -52.09
CA LEU O 29 -23.86 20.27 -51.31
C LEU O 29 -24.05 19.74 -49.88
N ALA O 30 -25.23 19.97 -49.31
CA ALA O 30 -25.53 19.43 -47.99
C ALA O 30 -25.53 17.91 -47.99
N ALA O 31 -26.10 17.30 -49.04
CA ALA O 31 -26.07 15.84 -49.12
C ALA O 31 -24.63 15.31 -49.20
N VAL O 32 -23.78 16.01 -49.95
CA VAL O 32 -22.39 15.57 -50.08
C VAL O 32 -21.68 15.61 -48.73
N ILE O 33 -21.91 16.65 -47.94
CA ILE O 33 -21.30 16.67 -46.59
C ILE O 33 -21.88 15.57 -45.72
N GLY O 34 -23.20 15.38 -45.78
CA GLY O 34 -23.84 14.41 -44.91
C GLY O 34 -23.30 13.02 -45.09
N THR O 35 -23.11 12.60 -46.35
CA THR O 35 -22.56 11.27 -46.61
C THR O 35 -21.19 11.13 -45.96
N PHE O 36 -20.34 12.13 -46.13
CA PHE O 36 -18.96 12.06 -45.62
C PHE O 36 -18.94 11.98 -44.10
N VAL O 37 -19.71 12.84 -43.43
CA VAL O 37 -19.67 12.84 -41.97
C VAL O 37 -20.29 11.57 -41.41
N LEU O 38 -21.34 11.03 -42.04
CA LEU O 38 -21.93 9.78 -41.57
C LEU O 38 -20.94 8.62 -41.72
N GLY O 39 -20.25 8.55 -42.86
CA GLY O 39 -19.24 7.52 -43.03
C GLY O 39 -18.09 7.66 -42.05
N LEU O 40 -17.70 8.89 -41.74
CA LEU O 40 -16.65 9.12 -40.75
C LEU O 40 -17.10 8.67 -39.36
N GLY O 41 -18.35 8.94 -39.00
CA GLY O 41 -18.85 8.53 -37.70
C GLY O 41 -19.11 7.05 -37.56
N ASP O 42 -19.29 6.34 -38.67
CA ASP O 42 -19.52 4.90 -38.59
C ASP O 42 -18.24 4.12 -38.32
N GLN O 43 -17.08 4.74 -38.45
CA GLN O 43 -15.82 4.01 -38.43
C GLN O 43 -15.40 3.50 -37.05
N VAL O 44 -15.86 4.16 -35.98
CA VAL O 44 -15.36 3.87 -34.63
C VAL O 44 -16.24 2.79 -33.99
N SER O 45 -15.62 1.68 -33.60
CA SER O 45 -16.32 0.56 -32.98
C SER O 45 -15.29 -0.45 -32.50
N GLU O 46 -15.79 -1.60 -32.02
CA GLU O 46 -15.00 -2.82 -31.82
C GLU O 46 -13.84 -2.67 -30.86
N THR O 47 -14.13 -2.47 -29.58
CA THR O 47 -13.13 -2.51 -28.52
C THR O 47 -12.64 -3.93 -28.30
N SER O 48 -11.47 -4.05 -27.68
CA SER O 48 -10.81 -5.34 -27.46
C SER O 48 -11.07 -5.85 -26.05
N PRO O 49 -11.07 -7.16 -25.86
CA PRO O 49 -11.31 -7.73 -24.52
C PRO O 49 -10.16 -7.45 -23.57
N GLN O 50 -10.48 -7.40 -22.28
CA GLN O 50 -9.50 -7.22 -21.22
C GLN O 50 -9.42 -8.50 -20.39
N ALA O 51 -8.23 -9.07 -20.30
CA ALA O 51 -8.01 -10.31 -19.59
C ALA O 51 -6.55 -10.39 -19.18
N SER O 52 -6.26 -11.33 -18.28
CA SER O 52 -4.91 -11.54 -17.77
C SER O 52 -4.48 -12.96 -18.05
N PHE O 53 -3.20 -13.15 -18.37
CA PHE O 53 -2.64 -14.44 -18.71
C PHE O 53 -1.39 -14.72 -17.90
N ASP O 54 -1.12 -16.01 -17.68
CA ASP O 54 0.04 -16.46 -16.93
C ASP O 54 0.98 -17.23 -17.85
N PHE O 55 2.24 -16.81 -17.90
CA PHE O 55 3.26 -17.47 -18.71
C PHE O 55 4.15 -18.30 -17.80
N ASP O 56 4.29 -19.59 -18.12
CA ASP O 56 5.04 -20.54 -17.30
C ASP O 56 6.02 -21.28 -18.20
N TYR O 57 7.31 -21.03 -18.02
CA TYR O 57 8.36 -21.56 -18.88
C TYR O 57 9.18 -22.59 -18.13
N THR O 58 9.51 -23.70 -18.79
CA THR O 58 10.37 -24.75 -18.26
C THR O 58 11.61 -24.84 -19.15
N ASN O 59 12.78 -24.60 -18.56
CA ASN O 59 14.00 -24.50 -19.34
C ASN O 59 14.49 -25.86 -19.82
N THR O 60 14.17 -26.93 -19.08
CA THR O 60 14.66 -28.25 -19.45
C THR O 60 14.13 -28.71 -20.80
N SER O 61 12.85 -28.48 -21.07
CA SER O 61 12.21 -28.96 -22.29
C SER O 61 11.90 -27.84 -23.27
N GLY O 62 11.90 -26.58 -22.83
CA GLY O 62 11.60 -25.49 -23.73
C GLY O 62 10.12 -25.21 -23.91
N ASN O 63 9.27 -25.76 -23.06
CA ASN O 63 7.83 -25.62 -23.18
C ASN O 63 7.35 -24.40 -22.41
N LEU O 64 6.50 -23.60 -23.04
CA LEU O 64 5.91 -22.42 -22.43
C LEU O 64 4.39 -22.62 -22.38
N THR O 65 3.82 -22.48 -21.18
CA THR O 65 2.39 -22.68 -20.98
C THR O 65 1.73 -21.32 -20.72
N ILE O 66 0.64 -21.05 -21.43
CA ILE O 66 -0.10 -19.80 -21.31
C ILE O 66 -1.50 -20.13 -20.81
N THR O 67 -1.87 -19.58 -19.66
CA THR O 67 -3.13 -19.88 -19.00
C THR O 67 -3.94 -18.60 -18.80
N HIS O 68 -5.25 -18.70 -18.98
CA HIS O 68 -6.17 -17.59 -18.72
C HIS O 68 -6.42 -17.50 -17.22
N GLU O 69 -6.13 -16.33 -16.64
CA GLU O 69 -6.27 -16.13 -15.20
C GLU O 69 -7.62 -15.55 -14.82
N SER O 70 -7.95 -14.36 -15.31
CA SER O 70 -9.20 -13.70 -14.96
C SER O 70 -9.51 -12.63 -16.00
N GLY O 71 -10.80 -12.31 -16.12
CA GLY O 71 -11.24 -11.35 -17.10
C GLY O 71 -12.41 -11.85 -17.94
N THR O 72 -12.62 -11.25 -19.10
CA THR O 72 -13.75 -11.60 -19.95
C THR O 72 -13.48 -12.90 -20.70
N SER O 73 -14.55 -13.45 -21.27
CA SER O 73 -14.47 -14.65 -22.09
C SER O 73 -14.19 -14.27 -23.53
N ILE O 74 -13.29 -15.00 -24.17
CA ILE O 74 -12.79 -14.64 -25.49
C ILE O 74 -12.98 -15.81 -26.43
N ASP O 75 -13.45 -15.51 -27.64
CA ASP O 75 -13.51 -16.50 -28.71
C ASP O 75 -12.11 -17.03 -28.99
N ALA O 76 -12.00 -18.36 -29.16
CA ALA O 76 -10.71 -18.98 -29.38
C ALA O 76 -10.18 -18.76 -30.79
N ASP O 77 -11.03 -18.31 -31.71
CA ASP O 77 -10.59 -18.00 -33.06
C ASP O 77 -10.11 -16.56 -33.22
N SER O 78 -10.29 -15.73 -32.21
CA SER O 78 -9.84 -14.33 -32.26
C SER O 78 -8.46 -14.12 -31.67
N VAL O 79 -7.83 -15.16 -31.14
CA VAL O 79 -6.56 -15.05 -30.42
C VAL O 79 -5.54 -15.93 -31.12
N SER O 80 -4.38 -15.38 -31.43
CA SER O 80 -3.28 -16.10 -32.05
C SER O 80 -1.98 -15.82 -31.30
N ILE O 81 -1.01 -16.72 -31.46
CA ILE O 81 0.29 -16.64 -30.81
C ILE O 81 1.32 -16.26 -31.86
N SER O 82 2.11 -15.22 -31.58
CA SER O 82 3.19 -14.79 -32.45
C SER O 82 4.49 -14.75 -31.66
N GLY O 83 5.53 -15.41 -32.17
CA GLY O 83 6.82 -15.40 -31.54
C GLY O 83 7.71 -16.51 -32.07
N PRO O 84 8.96 -16.56 -31.62
CA PRO O 84 9.88 -17.60 -32.06
C PRO O 84 9.56 -18.97 -31.46
N VAL O 85 8.37 -19.47 -31.76
CA VAL O 85 7.91 -20.77 -31.29
C VAL O 85 7.41 -21.58 -32.48
N GLY O 86 7.32 -22.90 -32.27
CA GLY O 86 6.90 -23.77 -33.35
C GLY O 86 5.50 -23.46 -33.84
N ASP O 87 4.58 -23.20 -32.93
CA ASP O 87 3.19 -22.87 -33.26
C ASP O 87 3.00 -21.39 -33.57
N ASP O 88 3.80 -20.84 -34.49
CA ASP O 88 3.78 -19.40 -34.72
C ASP O 88 2.69 -19.02 -35.71
N GLY O 89 1.87 -18.05 -35.34
CA GLY O 89 0.83 -17.55 -36.22
C GLY O 89 -0.46 -18.35 -36.21
N LYS O 90 -0.58 -19.34 -35.35
CA LYS O 90 -1.80 -20.15 -35.26
C LYS O 90 -2.69 -19.64 -34.14
N THR O 91 -3.99 -19.86 -34.31
CA THR O 91 -4.95 -19.38 -33.33
C THR O 91 -5.00 -20.31 -32.12
N TRP O 92 -5.57 -19.80 -31.03
CA TRP O 92 -5.73 -20.58 -29.81
C TRP O 92 -6.59 -21.82 -30.06
N ALA O 93 -7.55 -21.76 -30.98
CA ALA O 93 -8.40 -22.90 -31.28
C ALA O 93 -7.72 -23.94 -32.15
N ASP O 94 -6.57 -23.62 -32.73
CA ASP O 94 -5.80 -24.59 -33.51
C ASP O 94 -4.79 -25.34 -32.66
N ILE O 95 -4.19 -24.67 -31.67
CA ILE O 95 -3.12 -25.27 -30.89
C ILE O 95 -3.65 -26.42 -30.05
N ASP O 96 -4.86 -26.28 -29.51
CA ASP O 96 -5.57 -27.41 -28.91
C ASP O 96 -6.72 -27.81 -29.83
N GLY O 97 -7.13 -29.07 -29.73
CA GLY O 97 -8.03 -29.61 -30.74
C GLY O 97 -9.39 -28.96 -30.78
N SER O 98 -10.03 -28.78 -29.63
CA SER O 98 -11.47 -28.53 -29.58
C SER O 98 -11.86 -27.34 -28.71
N ALA O 99 -11.03 -26.30 -28.61
CA ALA O 99 -11.42 -25.13 -27.84
C ALA O 99 -12.44 -24.29 -28.61
N THR O 100 -13.35 -23.66 -27.85
CA THR O 100 -14.31 -22.73 -28.41
C THR O 100 -14.33 -21.39 -27.68
N GLU O 101 -14.12 -21.36 -26.37
CA GLU O 101 -14.06 -20.14 -25.58
C GLU O 101 -12.82 -20.20 -24.70
N ILE O 102 -12.33 -19.04 -24.30
CA ILE O 102 -11.20 -18.94 -23.38
C ILE O 102 -11.74 -18.35 -22.09
N THR O 103 -11.88 -19.18 -21.06
CA THR O 103 -12.28 -18.78 -19.73
C THR O 103 -11.16 -19.13 -18.76
N ALA O 104 -11.35 -18.76 -17.50
CA ALA O 104 -10.31 -18.96 -16.50
C ALA O 104 -9.99 -20.45 -16.35
N GLY O 105 -8.71 -20.77 -16.30
CA GLY O 105 -8.26 -22.15 -16.23
C GLY O 105 -7.92 -22.78 -17.56
N SER O 106 -8.09 -22.07 -18.66
CA SER O 106 -7.79 -22.60 -19.99
C SER O 106 -6.34 -22.31 -20.34
N SER O 107 -5.66 -23.32 -20.88
CA SER O 107 -4.23 -23.18 -21.15
C SER O 107 -3.86 -23.89 -22.45
N ILE O 108 -2.78 -23.40 -23.05
CA ILE O 108 -2.14 -24.03 -24.21
C ILE O 108 -0.65 -24.13 -23.92
N THR O 109 0.02 -24.99 -24.67
CA THR O 109 1.46 -25.20 -24.52
C THR O 109 2.14 -25.07 -25.89
N VAL O 110 3.09 -24.15 -25.98
CA VAL O 110 3.91 -24.02 -27.15
C VAL O 110 5.35 -24.38 -26.80
N THR O 111 6.18 -24.60 -27.80
CA THR O 111 7.57 -24.97 -27.60
C THR O 111 8.47 -23.95 -28.29
N ALA O 112 9.56 -23.60 -27.62
CA ALA O 112 10.51 -22.64 -28.17
C ALA O 112 11.12 -23.17 -29.47
N ASN O 113 11.23 -22.29 -30.46
CA ASN O 113 11.72 -22.70 -31.76
C ASN O 113 13.18 -23.11 -31.65
N GLY O 114 13.52 -24.22 -32.28
CA GLY O 114 14.77 -24.91 -31.98
C GLY O 114 14.56 -25.89 -30.85
N SER O 115 15.21 -25.65 -29.70
CA SER O 115 14.84 -26.38 -28.50
C SER O 115 14.87 -25.50 -27.24
N SER O 116 15.17 -24.21 -27.35
CA SER O 116 15.26 -23.35 -26.18
C SER O 116 15.17 -21.90 -26.63
N PHE O 117 14.85 -21.03 -25.69
CA PHE O 117 14.77 -19.60 -25.95
C PHE O 117 16.13 -18.95 -25.78
N ASP O 118 16.26 -17.75 -26.34
CA ASP O 118 17.42 -16.90 -26.13
C ASP O 118 16.97 -15.63 -25.42
N SER O 119 17.88 -15.06 -24.61
CA SER O 119 17.52 -13.89 -23.83
C SER O 119 17.13 -12.74 -24.75
N GLY O 120 16.00 -12.12 -24.46
CA GLY O 120 15.49 -11.03 -25.27
C GLY O 120 14.48 -11.43 -26.32
N GLU O 121 13.98 -12.66 -26.30
CA GLU O 121 12.99 -13.13 -27.26
C GLU O 121 11.60 -13.00 -26.65
N THR O 122 10.67 -12.43 -27.40
CA THR O 122 9.34 -12.08 -26.91
C THR O 122 8.29 -12.97 -27.57
N VAL O 123 7.28 -13.34 -26.79
CA VAL O 123 6.12 -14.08 -27.27
C VAL O 123 4.87 -13.27 -26.91
N ARG O 124 3.99 -13.07 -27.88
CA ARG O 124 2.82 -12.22 -27.70
C ARG O 124 1.52 -13.00 -27.84
N VAL O 125 0.48 -12.47 -27.20
CA VAL O 125 -0.91 -12.92 -27.37
C VAL O 125 -1.65 -11.79 -28.06
N ILE O 126 -2.30 -12.09 -29.17
CA ILE O 126 -2.81 -11.07 -30.08
C ILE O 126 -4.28 -11.31 -30.36
N TRP O 127 -5.08 -10.25 -30.28
CA TRP O 127 -6.51 -10.31 -30.58
C TRP O 127 -6.77 -9.63 -31.93
N THR O 128 -7.62 -10.24 -32.74
CA THR O 128 -8.00 -9.70 -34.05
C THR O 128 -9.52 -9.64 -34.16
N SER O 129 -10.03 -8.54 -34.70
CA SER O 129 -11.47 -8.35 -34.79
C SER O 129 -12.06 -9.17 -35.94
N ASP O 130 -13.39 -9.30 -35.93
CA ASP O 130 -14.07 -10.16 -36.90
C ASP O 130 -13.89 -9.66 -38.33
N SER O 131 -13.92 -8.33 -38.51
CA SER O 131 -13.70 -7.78 -39.84
C SER O 131 -12.25 -7.87 -40.27
N GLY O 132 -11.33 -8.02 -39.32
CA GLY O 132 -9.92 -8.07 -39.61
C GLY O 132 -9.23 -6.74 -39.73
N SER O 133 -9.91 -5.63 -39.44
CA SER O 133 -9.36 -4.29 -39.60
C SER O 133 -8.89 -3.69 -38.29
N SER O 134 -8.79 -4.49 -37.22
CA SER O 134 -8.25 -4.02 -35.96
C SER O 134 -7.56 -5.17 -35.25
N SER O 135 -6.51 -4.84 -34.52
CA SER O 135 -5.75 -5.82 -33.76
C SER O 135 -5.24 -5.16 -32.48
N SER O 136 -4.89 -6.00 -31.51
CA SER O 136 -4.32 -5.51 -30.27
C SER O 136 -3.45 -6.61 -29.66
N THR O 137 -2.49 -6.19 -28.84
CA THR O 137 -1.64 -7.12 -28.11
C THR O 137 -2.21 -7.27 -26.71
N LEU O 138 -2.66 -8.48 -26.39
CA LEU O 138 -3.24 -8.73 -25.08
C LEU O 138 -2.17 -8.77 -24.00
N GLN O 139 -1.05 -9.46 -24.25
CA GLN O 139 0.02 -9.61 -23.29
C GLN O 139 1.25 -10.13 -24.03
N SER O 140 2.42 -9.79 -23.50
CA SER O 140 3.69 -10.24 -24.07
C SER O 140 4.62 -10.71 -22.97
N TRP O 141 5.54 -11.60 -23.34
CA TRP O 141 6.46 -12.23 -22.40
C TRP O 141 7.86 -12.22 -23.01
N THR O 142 8.83 -11.69 -22.27
CA THR O 142 10.22 -11.62 -22.71
C THR O 142 11.07 -12.53 -21.83
N TYR O 143 11.91 -13.34 -22.47
CA TYR O 143 12.81 -14.22 -21.73
C TYR O 143 14.06 -13.43 -21.36
N ASN O 144 14.32 -13.34 -20.05
CA ASN O 144 15.44 -12.55 -19.54
C ASN O 144 16.50 -13.43 -18.89
N GLY O 145 16.81 -14.57 -19.51
CA GLY O 145 17.84 -15.46 -19.03
C GLY O 145 17.53 -16.08 -17.69
N VAL P 13 -39.28 47.27 -62.77
CA VAL P 13 -40.26 47.21 -61.69
C VAL P 13 -40.26 45.81 -61.07
N SER P 14 -40.31 44.79 -61.93
CA SER P 14 -40.39 43.41 -61.45
C SER P 14 -39.20 42.96 -60.61
N PRO P 15 -37.93 43.30 -60.93
CA PRO P 15 -36.84 42.88 -60.04
C PRO P 15 -36.98 43.37 -58.61
N VAL P 16 -37.44 44.61 -58.43
CA VAL P 16 -37.57 45.16 -57.08
C VAL P 16 -38.66 44.43 -56.31
N ILE P 17 -39.77 44.10 -56.98
CA ILE P 17 -40.84 43.35 -56.35
C ILE P 17 -40.38 41.95 -55.99
N GLY P 18 -39.62 41.31 -56.88
CA GLY P 18 -39.06 40.01 -56.55
C GLY P 18 -38.17 40.06 -55.32
N VAL P 19 -37.34 41.10 -55.22
CA VAL P 19 -36.50 41.28 -54.04
C VAL P 19 -37.35 41.42 -52.78
N ILE P 20 -38.43 42.22 -52.87
CA ILE P 20 -39.30 42.44 -51.72
C ILE P 20 -39.90 41.12 -51.24
N LEU P 21 -40.42 40.32 -52.18
CA LEU P 21 -41.05 39.06 -51.79
C LEU P 21 -40.03 38.06 -51.25
N MET P 22 -38.82 38.03 -51.80
CA MET P 22 -37.79 37.15 -51.27
C MET P 22 -37.41 37.53 -49.83
N VAL P 23 -37.29 38.84 -49.56
CA VAL P 23 -36.99 39.28 -48.19
C VAL P 23 -38.13 38.90 -47.24
N ALA P 24 -39.37 39.06 -47.71
CA ALA P 24 -40.52 38.70 -46.87
C ALA P 24 -40.51 37.21 -46.53
N ILE P 25 -40.14 36.36 -47.48
CA ILE P 25 -40.05 34.93 -47.19
C ILE P 25 -38.91 34.66 -46.21
N THR P 26 -37.77 35.31 -46.42
CA THR P 26 -36.59 35.07 -45.57
C THR P 26 -36.88 35.37 -44.11
N VAL P 27 -37.60 36.47 -43.83
CA VAL P 27 -37.84 36.85 -42.45
C VAL P 27 -38.64 35.78 -41.71
N ILE P 28 -39.72 35.30 -42.34
CA ILE P 28 -40.57 34.28 -41.73
C ILE P 28 -39.79 32.99 -41.51
N LEU P 29 -39.02 32.56 -42.51
CA LEU P 29 -38.30 31.30 -42.39
C LEU P 29 -37.25 31.37 -41.29
N ALA P 30 -36.58 32.52 -41.16
CA ALA P 30 -35.62 32.70 -40.08
C ALA P 30 -36.29 32.63 -38.72
N ALA P 31 -37.47 33.25 -38.58
CA ALA P 31 -38.20 33.16 -37.31
C ALA P 31 -38.55 31.72 -36.97
N VAL P 32 -38.95 30.94 -37.98
CA VAL P 32 -39.31 29.54 -37.75
C VAL P 32 -38.11 28.75 -37.24
N ILE P 33 -36.93 28.97 -37.82
CA ILE P 33 -35.75 28.27 -37.29
C ILE P 33 -35.42 28.75 -35.87
N GLY P 34 -35.51 30.06 -35.65
CA GLY P 34 -35.12 30.60 -34.36
C GLY P 34 -35.91 30.01 -33.21
N THR P 35 -37.24 29.88 -33.40
CA THR P 35 -38.07 29.30 -32.36
C THR P 35 -37.61 27.87 -32.03
N PHE P 36 -37.35 27.07 -33.07
CA PHE P 36 -36.98 25.68 -32.88
C PHE P 36 -35.65 25.55 -32.15
N VAL P 37 -34.64 26.31 -32.58
CA VAL P 37 -33.33 26.17 -31.94
C VAL P 37 -33.35 26.70 -30.52
N LEU P 38 -34.12 27.77 -30.25
CA LEU P 38 -34.22 28.26 -28.88
C LEU P 38 -34.90 27.24 -27.97
N GLY P 39 -35.99 26.63 -28.45
CA GLY P 39 -36.62 25.58 -27.67
C GLY P 39 -35.74 24.38 -27.45
N LEU P 40 -34.93 24.02 -28.45
CA LEU P 40 -33.99 22.92 -28.29
C LEU P 40 -32.92 23.25 -27.24
N GLY P 41 -32.43 24.49 -27.24
CA GLY P 41 -31.41 24.88 -26.29
C GLY P 41 -31.93 25.06 -24.88
N ASP P 42 -33.23 25.30 -24.71
CA ASP P 42 -33.77 25.45 -23.35
C ASP P 42 -33.92 24.12 -22.63
N GLN P 43 -33.82 22.99 -23.33
CA GLN P 43 -34.17 21.70 -22.74
C GLN P 43 -33.16 21.18 -21.73
N VAL P 44 -31.90 21.60 -21.81
CA VAL P 44 -30.84 20.99 -21.01
C VAL P 44 -30.70 21.78 -19.70
N SER P 45 -30.86 21.09 -18.58
CA SER P 45 -30.76 21.69 -17.25
C SER P 45 -30.81 20.59 -16.20
N GLU P 46 -30.86 21.01 -14.94
CA GLU P 46 -31.25 20.15 -13.81
C GLU P 46 -30.36 18.94 -13.60
N THR P 47 -29.12 19.15 -13.20
CA THR P 47 -28.22 18.08 -12.78
C THR P 47 -28.67 17.53 -11.43
N SER P 48 -28.21 16.30 -11.13
CA SER P 48 -28.60 15.59 -9.93
C SER P 48 -27.55 15.71 -8.84
N PRO P 49 -27.95 15.65 -7.57
CA PRO P 49 -26.99 15.78 -6.48
C PRO P 49 -26.05 14.58 -6.39
N GLN P 50 -24.87 14.82 -5.85
CA GLN P 50 -23.87 13.78 -5.62
C GLN P 50 -23.69 13.59 -4.12
N ALA P 51 -23.90 12.37 -3.65
CA ALA P 51 -23.82 12.05 -2.23
C ALA P 51 -23.53 10.56 -2.09
N SER P 52 -23.16 10.17 -0.87
CA SER P 52 -22.84 8.78 -0.57
C SER P 52 -23.74 8.30 0.58
N PHE P 53 -24.15 7.04 0.50
CA PHE P 53 -25.06 6.45 1.49
C PHE P 53 -24.49 5.15 2.00
N ASP P 54 -24.87 4.80 3.22
CA ASP P 54 -24.44 3.58 3.89
C ASP P 54 -25.65 2.66 4.11
N PHE P 55 -25.55 1.43 3.62
CA PHE P 55 -26.60 0.44 3.79
C PHE P 55 -26.19 -0.55 4.88
N ASP P 56 -27.05 -0.72 5.89
CA ASP P 56 -26.76 -1.56 7.04
C ASP P 56 -27.93 -2.52 7.25
N TYR P 57 -27.70 -3.81 7.01
CA TYR P 57 -28.75 -4.82 7.05
C TYR P 57 -28.56 -5.74 8.24
N THR P 58 -29.67 -6.06 8.92
CA THR P 58 -29.67 -7.00 10.03
C THR P 58 -30.56 -8.18 9.65
N ASN P 59 -29.97 -9.38 9.62
CA ASN P 59 -30.69 -10.54 9.09
C ASN P 59 -31.73 -11.06 10.08
N THR P 60 -31.53 -10.83 11.37
CA THR P 60 -32.45 -11.36 12.38
C THR P 60 -33.84 -10.76 12.24
N SER P 61 -33.93 -9.46 12.01
CA SER P 61 -35.20 -8.76 11.95
C SER P 61 -35.60 -8.33 10.53
N GLY P 62 -34.66 -8.31 9.60
CA GLY P 62 -34.96 -7.90 8.24
C GLY P 62 -34.94 -6.41 8.01
N ASN P 63 -34.39 -5.64 8.95
CA ASN P 63 -34.38 -4.18 8.87
C ASN P 63 -33.13 -3.71 8.14
N LEU P 64 -33.31 -2.78 7.20
CA LEU P 64 -32.22 -2.17 6.44
C LEU P 64 -32.20 -0.68 6.75
N THR P 65 -31.05 -0.18 7.19
CA THR P 65 -30.90 1.22 7.55
C THR P 65 -30.04 1.93 6.50
N ILE P 66 -30.52 3.08 6.01
CA ILE P 66 -29.84 3.86 4.99
C ILE P 66 -29.47 5.21 5.60
N THR P 67 -28.18 5.52 5.64
CA THR P 67 -27.67 6.72 6.27
C THR P 67 -26.91 7.57 5.26
N HIS P 68 -27.05 8.88 5.37
CA HIS P 68 -26.30 9.83 4.54
C HIS P 68 -24.91 9.98 5.13
N GLU P 69 -23.88 9.71 4.33
CA GLU P 69 -22.49 9.76 4.77
C GLU P 69 -21.83 11.11 4.51
N SER P 70 -21.75 11.53 3.25
CA SER P 70 -21.08 12.77 2.89
C SER P 70 -21.54 13.20 1.51
N GLY P 71 -21.46 14.51 1.26
CA GLY P 71 -21.91 15.06 -0.01
C GLY P 71 -22.83 16.25 0.16
N THR P 72 -23.61 16.57 -0.87
CA THR P 72 -24.47 17.73 -0.84
C THR P 72 -25.73 17.46 -0.01
N SER P 73 -26.44 18.53 0.30
CA SER P 73 -27.70 18.45 1.02
C SER P 73 -28.84 18.29 0.02
N ILE P 74 -29.77 17.40 0.34
CA ILE P 74 -30.82 17.00 -0.58
C ILE P 74 -32.18 17.20 0.07
N ASP P 75 -33.11 17.77 -0.69
CA ASP P 75 -34.49 17.85 -0.26
C ASP P 75 -35.05 16.45 0.00
N ALA P 76 -35.77 16.30 1.11
CA ALA P 76 -36.29 15.00 1.48
C ALA P 76 -37.48 14.58 0.63
N ASP P 77 -38.08 15.51 -0.12
CA ASP P 77 -39.19 15.16 -1.01
C ASP P 77 -38.73 14.76 -2.41
N SER P 78 -37.43 14.91 -2.71
CA SER P 78 -36.90 14.53 -4.00
C SER P 78 -36.32 13.12 -4.04
N VAL P 79 -36.33 12.42 -2.91
CA VAL P 79 -35.68 11.11 -2.79
C VAL P 79 -36.74 10.10 -2.37
N SER P 80 -36.81 8.98 -3.08
CA SER P 80 -37.73 7.89 -2.77
C SER P 80 -37.00 6.57 -2.79
N ILE P 81 -37.58 5.57 -2.12
CA ILE P 81 -37.00 4.24 -2.00
C ILE P 81 -37.82 3.29 -2.88
N SER P 82 -37.14 2.52 -3.73
CA SER P 82 -37.79 1.52 -4.57
C SER P 82 -37.10 0.18 -4.36
N GLY P 83 -37.89 -0.85 -4.06
CA GLY P 83 -37.38 -2.18 -3.88
C GLY P 83 -38.37 -3.07 -3.17
N PRO P 84 -38.04 -4.36 -3.03
CA PRO P 84 -38.93 -5.29 -2.33
C PRO P 84 -38.96 -5.07 -0.82
N VAL P 85 -39.42 -3.89 -0.43
CA VAL P 85 -39.54 -3.52 0.97
C VAL P 85 -40.94 -2.98 1.22
N GLY P 86 -41.33 -2.96 2.50
CA GLY P 86 -42.67 -2.51 2.84
C GLY P 86 -42.92 -1.06 2.45
N ASP P 87 -41.94 -0.20 2.67
CA ASP P 87 -42.04 1.22 2.33
C ASP P 87 -41.67 1.49 0.88
N ASP P 88 -42.28 0.79 -0.07
CA ASP P 88 -41.86 0.89 -1.46
C ASP P 88 -42.55 2.06 -2.16
N GLY P 89 -41.75 2.89 -2.82
CA GLY P 89 -42.27 4.01 -3.57
C GLY P 89 -42.58 5.26 -2.76
N LYS P 90 -42.22 5.29 -1.48
CA LYS P 90 -42.45 6.45 -0.64
C LYS P 90 -41.19 7.29 -0.56
N THR P 91 -41.38 8.59 -0.34
CA THR P 91 -40.26 9.50 -0.27
C THR P 91 -39.57 9.42 1.09
N TRP P 92 -38.35 9.95 1.14
CA TRP P 92 -37.59 9.99 2.39
C TRP P 92 -38.32 10.81 3.46
N ALA P 93 -39.07 11.83 3.06
CA ALA P 93 -39.81 12.65 4.02
C ALA P 93 -41.07 11.97 4.53
N ASP P 94 -41.51 10.88 3.90
CA ASP P 94 -42.66 10.13 4.38
C ASP P 94 -42.26 9.03 5.36
N ILE P 95 -41.11 8.40 5.14
CA ILE P 95 -40.71 7.25 5.94
C ILE P 95 -40.44 7.67 7.38
N ASP P 96 -39.85 8.85 7.57
CA ASP P 96 -39.77 9.47 8.90
C ASP P 96 -40.72 10.65 8.93
N GLY P 97 -41.17 11.02 10.14
CA GLY P 97 -42.29 11.94 10.26
C GLY P 97 -41.99 13.34 9.74
N SER P 98 -40.84 13.90 10.14
CA SER P 98 -40.63 15.35 10.01
C SER P 98 -39.31 15.74 9.35
N ALA P 99 -38.80 14.95 8.41
CA ALA P 99 -37.58 15.33 7.72
C ALA P 99 -37.86 16.44 6.71
N THR P 100 -36.87 17.32 6.53
CA THR P 100 -36.91 18.36 5.51
C THR P 100 -35.69 18.40 4.63
N GLU P 101 -34.50 18.09 5.16
CA GLU P 101 -33.26 18.03 4.41
C GLU P 101 -32.55 16.74 4.75
N ILE P 102 -31.70 16.27 3.85
CA ILE P 102 -30.87 15.11 4.08
C ILE P 102 -29.43 15.57 4.15
N THR P 103 -28.87 15.60 5.36
CA THR P 103 -27.48 15.94 5.59
C THR P 103 -26.80 14.75 6.26
N ALA P 104 -25.50 14.86 6.49
CA ALA P 104 -24.73 13.75 7.04
C ALA P 104 -25.25 13.36 8.41
N GLY P 105 -25.41 12.06 8.63
CA GLY P 105 -25.97 11.55 9.87
C GLY P 105 -27.45 11.27 9.83
N SER P 106 -28.13 11.55 8.72
CA SER P 106 -29.56 11.31 8.61
C SER P 106 -29.81 9.89 8.10
N SER P 107 -30.77 9.20 8.73
CA SER P 107 -31.01 7.81 8.37
C SER P 107 -32.49 7.50 8.43
N ILE P 108 -32.87 6.47 7.65
CA ILE P 108 -34.20 5.89 7.66
C ILE P 108 -34.06 4.39 7.78
N THR P 109 -35.14 3.72 8.18
CA THR P 109 -35.15 2.28 8.34
C THR P 109 -36.34 1.69 7.59
N VAL P 110 -36.06 0.80 6.65
CA VAL P 110 -37.09 0.06 5.96
C VAL P 110 -36.98 -1.42 6.35
N THR P 111 -38.02 -2.19 6.05
CA THR P 111 -38.05 -3.60 6.37
C THR P 111 -38.27 -4.41 5.09
N ALA P 112 -37.55 -5.53 5.00
CA ALA P 112 -37.67 -6.40 3.83
C ALA P 112 -39.08 -6.95 3.70
N ASN P 113 -39.59 -6.94 2.48
CA ASN P 113 -40.97 -7.37 2.24
C ASN P 113 -41.11 -8.85 2.55
N GLY P 114 -42.16 -9.19 3.26
CA GLY P 114 -42.25 -10.49 3.92
C GLY P 114 -41.65 -10.40 5.32
N SER P 115 -40.55 -11.11 5.54
CA SER P 115 -39.77 -10.85 6.74
C SER P 115 -38.26 -10.93 6.51
N SER P 116 -37.80 -11.17 5.28
CA SER P 116 -36.38 -11.30 5.00
C SER P 116 -36.15 -11.11 3.52
N PHE P 117 -34.90 -10.81 3.16
CA PHE P 117 -34.51 -10.65 1.77
C PHE P 117 -34.12 -11.99 1.16
N ASP P 118 -34.10 -12.04 -0.17
CA ASP P 118 -33.60 -13.17 -0.92
C ASP P 118 -32.38 -12.71 -1.71
N SER P 119 -31.45 -13.63 -1.93
CA SER P 119 -30.22 -13.28 -2.63
C SER P 119 -30.52 -12.79 -4.03
N GLY P 120 -29.95 -11.64 -4.39
CA GLY P 120 -30.18 -11.03 -5.67
C GLY P 120 -31.26 -9.98 -5.71
N GLU P 121 -31.76 -9.54 -4.56
CA GLU P 121 -32.78 -8.50 -4.49
C GLU P 121 -32.13 -7.16 -4.23
N THR P 122 -32.51 -6.15 -5.02
CA THR P 122 -31.87 -4.85 -5.02
C THR P 122 -32.80 -3.79 -4.44
N VAL P 123 -32.22 -2.85 -3.70
CA VAL P 123 -32.93 -1.69 -3.17
C VAL P 123 -32.21 -0.44 -3.66
N ARG P 124 -32.96 0.51 -4.20
CA ARG P 124 -32.38 1.71 -4.80
C ARG P 124 -32.79 2.98 -4.06
N VAL P 125 -31.93 3.99 -4.18
CA VAL P 125 -32.23 5.36 -3.76
C VAL P 125 -32.33 6.20 -5.03
N ILE P 126 -33.44 6.91 -5.20
CA ILE P 126 -33.78 7.52 -6.47
C ILE P 126 -34.09 9.00 -6.27
N TRP P 127 -33.52 9.84 -7.14
CA TRP P 127 -33.76 11.28 -7.13
C TRP P 127 -34.66 11.65 -8.29
N THR P 128 -35.63 12.53 -8.05
CA THR P 128 -36.55 13.02 -9.08
C THR P 128 -36.55 14.53 -9.07
N SER P 129 -36.53 15.13 -10.26
CA SER P 129 -36.48 16.59 -10.37
C SER P 129 -37.85 17.21 -10.09
N ASP P 130 -37.84 18.52 -9.87
CA ASP P 130 -39.06 19.24 -9.47
C ASP P 130 -40.12 19.17 -10.56
N SER P 131 -39.72 19.27 -11.83
CA SER P 131 -40.69 19.18 -12.92
C SER P 131 -41.16 17.75 -13.13
N GLY P 132 -40.40 16.76 -12.64
CA GLY P 132 -40.75 15.36 -12.82
C GLY P 132 -40.31 14.74 -14.12
N SER P 133 -39.53 15.46 -14.94
CA SER P 133 -39.12 14.98 -16.25
C SER P 133 -37.69 14.44 -16.25
N SER P 134 -37.09 14.25 -15.08
CA SER P 134 -35.77 13.64 -14.98
C SER P 134 -35.67 12.86 -13.69
N SER P 135 -34.90 11.77 -13.74
CA SER P 135 -34.67 10.93 -12.58
C SER P 135 -33.26 10.36 -12.65
N SER P 136 -32.77 9.93 -11.50
CA SER P 136 -31.46 9.28 -11.44
C SER P 136 -31.43 8.34 -10.26
N THR P 137 -30.56 7.34 -10.34
CA THR P 137 -30.34 6.40 -9.24
C THR P 137 -29.12 6.87 -8.46
N LEU P 138 -29.35 7.25 -7.20
CA LEU P 138 -28.24 7.72 -6.37
C LEU P 138 -27.34 6.57 -5.94
N GLN P 139 -27.92 5.46 -5.51
CA GLN P 139 -27.16 4.31 -5.03
C GLN P 139 -28.09 3.11 -4.97
N SER P 140 -27.52 1.93 -5.13
CA SER P 140 -28.28 0.69 -5.07
C SER P 140 -27.54 -0.34 -4.22
N TRP P 141 -28.29 -1.27 -3.64
CA TRP P 141 -27.77 -2.28 -2.73
C TRP P 141 -28.36 -3.63 -3.11
N THR P 142 -27.50 -4.62 -3.33
CA THR P 142 -27.92 -5.97 -3.67
C THR P 142 -27.57 -6.91 -2.53
N TYR P 143 -28.53 -7.75 -2.14
CA TYR P 143 -28.28 -8.74 -1.10
C TYR P 143 -27.66 -9.98 -1.71
N ASN P 144 -26.45 -10.32 -1.27
CA ASN P 144 -25.69 -11.44 -1.81
C ASN P 144 -25.54 -12.57 -0.81
N GLY P 145 -26.61 -12.89 -0.09
CA GLY P 145 -26.61 -13.99 0.86
C GLY P 145 -25.66 -13.79 2.01
N VAL Q 13 -36.17 48.62 -70.57
CA VAL Q 13 -35.19 49.52 -69.97
C VAL Q 13 -35.25 49.42 -68.45
N SER Q 14 -36.46 49.49 -67.90
CA SER Q 14 -36.62 49.47 -66.45
C SER Q 14 -36.13 48.21 -65.76
N PRO Q 15 -36.31 46.99 -66.29
CA PRO Q 15 -35.73 45.81 -65.60
C PRO Q 15 -34.23 45.89 -65.41
N VAL Q 16 -33.50 46.38 -66.41
CA VAL Q 16 -32.05 46.46 -66.32
C VAL Q 16 -31.64 47.46 -65.24
N ILE Q 17 -32.34 48.59 -65.17
CA ILE Q 17 -32.06 49.58 -64.15
C ILE Q 17 -32.37 49.04 -62.76
N GLY Q 18 -33.47 48.31 -62.63
CA GLY Q 18 -33.77 47.67 -61.36
C GLY Q 18 -32.69 46.70 -60.93
N VAL Q 19 -32.17 45.92 -61.88
CA VAL Q 19 -31.06 45.01 -61.58
C VAL Q 19 -29.83 45.79 -61.11
N ILE Q 20 -29.52 46.90 -61.79
CA ILE Q 20 -28.36 47.70 -61.43
C ILE Q 20 -28.49 48.21 -59.99
N LEU Q 21 -29.65 48.74 -59.64
CA LEU Q 21 -29.84 49.30 -58.30
C LEU Q 21 -29.82 48.20 -57.23
N MET Q 22 -30.37 47.03 -57.54
CA MET Q 22 -30.32 45.93 -56.57
C MET Q 22 -28.88 45.48 -56.33
N VAL Q 23 -28.07 45.40 -57.38
CA VAL Q 23 -26.67 45.03 -57.21
C VAL Q 23 -25.94 46.08 -56.38
N ALA Q 24 -26.23 47.35 -56.64
CA ALA Q 24 -25.59 48.43 -55.88
C ALA Q 24 -25.92 48.34 -54.40
N ILE Q 25 -27.17 47.99 -54.06
CA ILE Q 25 -27.54 47.82 -52.66
C ILE Q 25 -26.82 46.60 -52.06
N THR Q 26 -26.77 45.50 -52.81
CA THR Q 26 -26.17 44.27 -52.32
C THR Q 26 -24.71 44.47 -51.94
N VAL Q 27 -23.96 45.21 -52.74
CA VAL Q 27 -22.53 45.38 -52.48
C VAL Q 27 -22.31 46.09 -51.14
N ILE Q 28 -23.04 47.18 -50.91
CA ILE Q 28 -22.90 47.93 -49.66
C ILE Q 28 -23.30 47.09 -48.46
N LEU Q 29 -24.41 46.37 -48.58
CA LEU Q 29 -24.89 45.60 -47.43
C LEU Q 29 -23.91 44.47 -47.09
N ALA Q 30 -23.32 43.85 -48.11
CA ALA Q 30 -22.31 42.83 -47.87
C ALA Q 30 -21.08 43.41 -47.18
N ALA Q 31 -20.65 44.61 -47.58
CA ALA Q 31 -19.52 45.23 -46.90
C ALA Q 31 -19.82 45.50 -45.43
N VAL Q 32 -21.06 45.93 -45.15
CA VAL Q 32 -21.45 46.22 -43.76
C VAL Q 32 -21.39 44.96 -42.91
N ILE Q 33 -21.86 43.82 -43.44
CA ILE Q 33 -21.73 42.57 -42.67
C ILE Q 33 -20.28 42.18 -42.51
N GLY Q 34 -19.48 42.31 -43.58
CA GLY Q 34 -18.11 41.86 -43.53
C GLY Q 34 -17.32 42.56 -42.45
N THR Q 35 -17.48 43.88 -42.33
CA THR Q 35 -16.77 44.61 -41.29
C THR Q 35 -17.12 44.07 -39.90
N PHE Q 36 -18.41 43.85 -39.66
CA PHE Q 36 -18.86 43.41 -38.34
C PHE Q 36 -18.31 42.02 -38.00
N VAL Q 37 -18.41 41.08 -38.94
CA VAL Q 37 -17.95 39.72 -38.64
C VAL Q 37 -16.43 39.68 -38.49
N LEU Q 38 -15.70 40.47 -39.27
CA LEU Q 38 -14.24 40.50 -39.11
C LEU Q 38 -13.85 41.07 -37.75
N GLY Q 39 -14.50 42.16 -37.34
CA GLY Q 39 -14.23 42.70 -36.03
C GLY Q 39 -14.59 41.74 -34.90
N LEU Q 40 -15.68 40.99 -35.07
CA LEU Q 40 -16.06 39.99 -34.08
C LEU Q 40 -15.03 38.88 -34.00
N GLY Q 41 -14.50 38.44 -35.15
CA GLY Q 41 -13.50 37.38 -35.15
C GLY Q 41 -12.14 37.81 -34.66
N ASP Q 42 -11.83 39.11 -34.71
CA ASP Q 42 -10.53 39.57 -34.23
C ASP Q 42 -10.45 39.60 -32.71
N GLN Q 43 -11.58 39.50 -32.00
CA GLN Q 43 -11.60 39.76 -30.56
C GLN Q 43 -10.96 38.66 -29.72
N VAL Q 44 -10.90 37.43 -30.22
CA VAL Q 44 -10.48 36.28 -29.40
C VAL Q 44 -8.98 36.09 -29.55
N SER Q 45 -8.26 36.15 -28.43
CA SER Q 45 -6.81 35.99 -28.41
C SER Q 45 -6.34 35.92 -26.95
N GLU Q 46 -5.03 35.91 -26.77
CA GLU Q 46 -4.36 36.19 -25.49
C GLU Q 46 -4.75 35.23 -24.37
N THR Q 47 -4.35 33.97 -24.48
CA THR Q 47 -4.48 33.01 -23.40
C THR Q 47 -3.49 33.34 -22.27
N SER Q 48 -3.77 32.81 -21.09
CA SER Q 48 -3.00 33.08 -19.88
C SER Q 48 -2.00 31.97 -19.60
N PRO Q 49 -0.87 32.29 -18.97
CA PRO Q 49 0.13 31.25 -18.67
C PRO Q 49 -0.35 30.27 -17.63
N GLN Q 50 0.19 29.06 -17.69
CA GLN Q 50 -0.10 28.00 -16.72
C GLN Q 50 1.15 27.72 -15.91
N ALA Q 51 1.05 27.85 -14.59
CA ALA Q 51 2.18 27.65 -13.70
C ALA Q 51 1.65 27.29 -12.32
N SER Q 52 2.55 26.82 -11.46
CA SER Q 52 2.21 26.43 -10.10
C SER Q 52 3.06 27.22 -9.12
N PHE Q 53 2.47 27.59 -7.98
CA PHE Q 53 3.13 28.40 -6.97
C PHE Q 53 3.00 27.74 -5.61
N ASP Q 54 3.96 28.02 -4.74
CA ASP Q 54 4.00 27.49 -3.39
C ASP Q 54 3.85 28.63 -2.39
N PHE Q 55 2.87 28.52 -1.50
CA PHE Q 55 2.63 29.52 -0.46
C PHE Q 55 3.15 29.00 0.87
N ASP Q 56 4.02 29.77 1.52
CA ASP Q 56 4.68 29.38 2.76
C ASP Q 56 4.50 30.48 3.78
N TYR Q 57 3.71 30.22 4.82
CA TYR Q 57 3.33 31.22 5.82
C TYR Q 57 4.00 30.90 7.15
N THR Q 58 4.51 31.93 7.82
CA THR Q 58 5.11 31.84 9.15
C THR Q 58 4.28 32.69 10.10
N ASN Q 59 3.70 32.06 11.12
CA ASN Q 59 2.75 32.75 11.99
C ASN Q 59 3.45 33.70 12.95
N THR Q 60 4.71 33.43 13.29
CA THR Q 60 5.41 34.25 14.27
C THR Q 60 5.61 35.68 13.76
N SER Q 61 5.97 35.84 12.50
CA SER Q 61 6.27 37.15 11.93
C SER Q 61 5.21 37.64 10.96
N GLY Q 62 4.33 36.77 10.47
CA GLY Q 62 3.32 37.18 9.53
C GLY Q 62 3.77 37.26 8.09
N ASN Q 63 4.91 36.67 7.77
CA ASN Q 63 5.47 36.73 6.42
C ASN Q 63 4.98 35.55 5.59
N LEU Q 64 4.54 35.84 4.37
CA LEU Q 64 4.10 34.82 3.42
C LEU Q 64 5.02 34.85 2.22
N THR Q 65 5.58 33.69 1.87
CA THR Q 65 6.52 33.57 0.76
C THR Q 65 5.84 32.83 -0.39
N ILE Q 66 5.93 33.40 -1.59
CA ILE Q 66 5.33 32.81 -2.79
C ILE Q 66 6.45 32.47 -3.76
N THR Q 67 6.57 31.20 -4.11
CA THR Q 67 7.65 30.70 -4.96
C THR Q 67 7.08 30.04 -6.21
N HIS Q 68 7.76 30.24 -7.33
CA HIS Q 68 7.40 29.59 -8.58
C HIS Q 68 7.93 28.16 -8.57
N GLU Q 69 7.05 27.17 -8.74
CA GLU Q 69 7.42 25.77 -8.70
C GLU Q 69 7.75 25.19 -10.07
N SER Q 70 6.80 25.20 -10.99
CA SER Q 70 6.99 24.62 -12.31
C SER Q 70 5.96 25.19 -13.27
N GLY Q 71 6.29 25.18 -14.56
CA GLY Q 71 5.43 25.74 -15.56
C GLY Q 71 6.14 26.70 -16.50
N THR Q 72 5.38 27.55 -17.17
CA THR Q 72 5.95 28.48 -18.15
C THR Q 72 6.62 29.65 -17.47
N SER Q 73 7.40 30.39 -18.24
CA SER Q 73 8.06 31.59 -17.78
C SER Q 73 7.15 32.79 -17.98
N ILE Q 74 7.07 33.65 -16.97
CA ILE Q 74 6.11 34.75 -16.95
C ILE Q 74 6.85 36.06 -16.76
N ASP Q 75 6.44 37.07 -17.53
CA ASP Q 75 6.91 38.42 -17.32
C ASP Q 75 6.56 38.90 -15.91
N ALA Q 76 7.52 39.54 -15.25
CA ALA Q 76 7.31 39.97 -13.88
C ALA Q 76 6.41 41.20 -13.79
N ASP Q 77 6.16 41.89 -14.91
CA ASP Q 77 5.26 43.03 -14.90
C ASP Q 77 3.82 42.64 -15.18
N SER Q 78 3.56 41.39 -15.53
CA SER Q 78 2.20 40.91 -15.80
C SER Q 78 1.54 40.28 -14.58
N VAL Q 79 2.24 40.18 -13.46
CA VAL Q 79 1.75 39.48 -12.28
C VAL Q 79 1.73 40.46 -11.12
N SER Q 80 0.60 40.53 -10.42
CA SER Q 80 0.44 41.37 -9.25
C SER Q 80 -0.19 40.57 -8.11
N ILE Q 81 0.00 41.06 -6.88
CA ILE Q 81 -0.50 40.43 -5.67
C ILE Q 81 -1.67 41.26 -5.14
N SER Q 82 -2.80 40.61 -4.88
CA SER Q 82 -3.97 41.26 -4.30
C SER Q 82 -4.39 40.51 -3.05
N GLY Q 83 -4.54 41.23 -1.94
CA GLY Q 83 -4.98 40.64 -0.71
C GLY Q 83 -4.69 41.55 0.48
N PRO Q 84 -5.13 41.16 1.67
CA PRO Q 84 -4.89 41.96 2.88
C PRO Q 84 -3.44 41.90 3.33
N VAL Q 85 -2.54 42.37 2.47
CA VAL Q 85 -1.11 42.42 2.76
C VAL Q 85 -0.60 43.82 2.47
N GLY Q 86 0.57 44.14 3.05
CA GLY Q 86 1.13 45.46 2.88
C GLY Q 86 1.42 45.81 1.43
N ASP Q 87 1.96 44.85 0.67
CA ASP Q 87 2.27 45.03 -0.73
C ASP Q 87 1.08 44.77 -1.64
N ASP Q 88 -0.06 45.41 -1.38
CA ASP Q 88 -1.28 45.09 -2.10
C ASP Q 88 -1.36 45.87 -3.40
N GLY Q 89 -1.63 45.15 -4.49
CA GLY Q 89 -1.79 45.79 -5.79
C GLY Q 89 -0.51 46.08 -6.53
N LYS Q 90 0.63 45.65 -6.03
CA LYS Q 90 1.91 45.87 -6.69
C LYS Q 90 2.31 44.64 -7.50
N THR Q 91 3.08 44.88 -8.56
CA THR Q 91 3.49 43.80 -9.43
C THR Q 91 4.65 43.02 -8.81
N TRP Q 92 4.88 41.82 -9.34
CA TRP Q 92 5.99 40.99 -8.90
C TRP Q 92 7.34 41.67 -9.12
N ALA Q 93 7.46 42.51 -10.16
CA ALA Q 93 8.70 43.21 -10.43
C ALA Q 93 8.91 44.40 -9.51
N ASP Q 94 7.89 44.83 -8.76
CA ASP Q 94 8.04 45.91 -7.80
C ASP Q 94 8.42 45.40 -6.42
N ILE Q 95 7.90 44.24 -6.03
CA ILE Q 95 8.11 43.73 -4.67
C ILE Q 95 9.58 43.39 -4.45
N ASP Q 96 10.24 42.84 -5.46
CA ASP Q 96 11.69 42.71 -5.45
C ASP Q 96 12.28 43.71 -6.43
N GLY Q 97 13.54 44.09 -6.19
CA GLY Q 97 14.09 45.23 -6.91
C GLY Q 97 14.23 45.03 -8.40
N SER Q 98 14.79 43.89 -8.82
CA SER Q 98 15.30 43.74 -10.18
C SER Q 98 14.82 42.50 -10.91
N ALA Q 99 13.62 42.02 -10.65
CA ALA Q 99 13.11 40.86 -11.38
C ALA Q 99 12.70 41.26 -12.80
N THR Q 100 12.88 40.32 -13.72
CA THR Q 100 12.43 40.48 -15.10
C THR Q 100 11.60 39.31 -15.60
N GLU Q 101 11.90 38.09 -15.18
CA GLU Q 101 11.14 36.90 -15.54
C GLU Q 101 10.87 36.10 -14.27
N ILE Q 102 9.81 35.30 -14.31
CA ILE Q 102 9.47 34.40 -13.21
C ILE Q 102 9.68 32.97 -13.70
N THR Q 103 10.76 32.35 -13.25
CA THR Q 103 11.06 30.95 -13.54
C THR Q 103 11.10 30.19 -12.23
N ALA Q 104 11.31 28.88 -12.32
CA ALA Q 104 11.29 28.03 -11.14
C ALA Q 104 12.37 28.45 -10.15
N GLY Q 105 12.01 28.53 -8.88
CA GLY Q 105 12.92 28.97 -7.85
C GLY Q 105 12.84 30.45 -7.50
N SER Q 106 11.98 31.21 -8.19
CA SER Q 106 11.83 32.63 -7.94
C SER Q 106 10.77 32.85 -6.86
N SER Q 107 11.06 33.73 -5.91
CA SER Q 107 10.15 33.93 -4.79
C SER Q 107 10.11 35.39 -4.38
N ILE Q 108 8.99 35.77 -3.78
CA ILE Q 108 8.80 37.08 -3.16
C ILE Q 108 8.24 36.86 -1.76
N THR Q 109 8.35 37.88 -0.91
CA THR Q 109 7.86 37.81 0.46
C THR Q 109 6.98 39.02 0.73
N VAL Q 110 5.73 38.77 1.12
CA VAL Q 110 4.83 39.81 1.55
C VAL Q 110 4.53 39.61 3.02
N THR Q 111 3.97 40.63 3.66
CA THR Q 111 3.64 40.58 5.08
C THR Q 111 2.15 40.84 5.26
N ALA Q 112 1.54 40.09 6.18
CA ALA Q 112 0.12 40.23 6.46
C ALA Q 112 -0.18 41.64 6.99
N ASN Q 113 -1.26 42.22 6.49
CA ASN Q 113 -1.61 43.60 6.86
C ASN Q 113 -1.96 43.64 8.34
N GLY Q 114 -1.44 44.64 9.02
CA GLY Q 114 -1.41 44.61 10.49
C GLY Q 114 -0.13 43.93 10.97
N SER Q 115 -0.29 42.78 11.63
CA SER Q 115 0.87 41.93 11.87
C SER Q 115 0.56 40.45 11.73
N SER Q 116 -0.67 40.07 11.38
CA SER Q 116 -1.02 38.66 11.28
C SER Q 116 -2.30 38.53 10.45
N PHE Q 117 -2.53 37.32 9.94
CA PHE Q 117 -3.72 37.03 9.16
C PHE Q 117 -4.87 36.63 10.09
N ASP Q 118 -6.08 36.71 9.54
CA ASP Q 118 -7.28 36.20 10.20
C ASP Q 118 -7.84 35.06 9.36
N SER Q 119 -8.48 34.10 10.03
CA SER Q 119 -8.99 32.93 9.32
C SER Q 119 -10.03 33.35 8.29
N GLY Q 120 -9.87 32.85 7.07
CA GLY Q 120 -10.75 33.20 5.97
C GLY Q 120 -10.28 34.32 5.09
N GLU Q 121 -9.03 34.76 5.23
CA GLU Q 121 -8.48 35.82 4.40
C GLU Q 121 -7.68 35.21 3.25
N THR Q 122 -7.94 35.70 2.04
CA THR Q 122 -7.39 35.12 0.82
C THR Q 122 -6.37 36.05 0.19
N VAL Q 123 -5.31 35.47 -0.38
CA VAL Q 123 -4.29 36.19 -1.14
C VAL Q 123 -4.23 35.55 -2.52
N ARG Q 124 -4.26 36.38 -3.56
CA ARG Q 124 -4.30 35.90 -4.93
C ARG Q 124 -3.06 36.31 -5.73
N VAL Q 125 -2.77 35.52 -6.75
CA VAL Q 125 -1.78 35.85 -7.78
C VAL Q 125 -2.54 36.05 -9.07
N ILE Q 126 -2.34 37.21 -9.71
CA ILE Q 126 -3.21 37.67 -10.79
C ILE Q 126 -2.37 38.02 -12.01
N TRP Q 127 -2.80 37.55 -13.17
CA TRP Q 127 -2.15 37.85 -14.44
C TRP Q 127 -3.00 38.84 -15.23
N THR Q 128 -2.35 39.83 -15.84
CA THR Q 128 -3.02 40.83 -16.66
C THR Q 128 -2.36 40.91 -18.03
N SER Q 129 -3.17 40.99 -19.09
CA SER Q 129 -2.63 41.01 -20.44
C SER Q 129 -2.05 42.39 -20.78
N ASP Q 130 -1.28 42.42 -21.87
CA ASP Q 130 -0.57 43.65 -22.25
C ASP Q 130 -1.53 44.78 -22.59
N SER Q 131 -2.64 44.46 -23.26
CA SER Q 131 -3.63 45.48 -23.58
C SER Q 131 -4.41 45.91 -22.35
N GLY Q 132 -4.44 45.08 -21.31
CA GLY Q 132 -5.19 45.38 -20.11
C GLY Q 132 -6.65 44.98 -20.15
N SER Q 133 -7.10 44.31 -21.20
CA SER Q 133 -8.51 43.95 -21.37
C SER Q 133 -8.81 42.51 -20.98
N SER Q 134 -7.86 41.82 -20.34
CA SER Q 134 -8.09 40.48 -19.85
C SER Q 134 -7.29 40.25 -18.58
N SER Q 135 -7.83 39.45 -17.68
CA SER Q 135 -7.17 39.11 -16.44
C SER Q 135 -7.53 37.68 -16.06
N SER Q 136 -6.71 37.09 -15.20
CA SER Q 136 -6.99 35.76 -14.69
C SER Q 136 -6.34 35.61 -13.32
N THR Q 137 -6.88 34.70 -12.52
CA THR Q 137 -6.33 34.36 -11.22
C THR Q 137 -5.46 33.13 -11.38
N LEU Q 138 -4.16 33.28 -11.16
CA LEU Q 138 -3.25 32.15 -11.30
C LEU Q 138 -3.41 31.17 -10.15
N GLN Q 139 -3.48 31.66 -8.92
CA GLN Q 139 -3.57 30.83 -7.74
C GLN Q 139 -4.02 31.69 -6.58
N SER Q 140 -4.69 31.08 -5.61
CA SER Q 140 -5.15 31.78 -4.41
C SER Q 140 -4.87 30.94 -3.18
N TRP Q 141 -4.73 31.61 -2.04
CA TRP Q 141 -4.38 30.98 -0.77
C TRP Q 141 -5.28 31.54 0.32
N THR Q 142 -5.94 30.66 1.06
CA THR Q 142 -6.83 31.04 2.15
C THR Q 142 -6.23 30.57 3.46
N TYR Q 143 -6.20 31.46 4.46
CA TYR Q 143 -5.71 31.11 5.78
C TYR Q 143 -6.84 30.46 6.57
N ASN Q 144 -6.62 29.22 7.00
CA ASN Q 144 -7.63 28.45 7.70
C ASN Q 144 -7.24 28.18 9.15
N GLY Q 145 -6.68 29.19 9.82
CA GLY Q 145 -6.33 29.07 11.23
C GLY Q 145 -5.23 28.05 11.48
N VAL R 13 -42.71 46.10 -75.37
CA VAL R 13 -41.81 45.13 -75.99
C VAL R 13 -40.49 45.08 -75.23
N SER R 14 -39.92 46.25 -74.97
CA SER R 14 -38.61 46.32 -74.32
C SER R 14 -38.57 45.72 -72.91
N PRO R 15 -39.58 45.88 -72.03
CA PRO R 15 -39.49 45.22 -70.73
C PRO R 15 -39.35 43.70 -70.81
N VAL R 16 -40.06 43.07 -71.75
CA VAL R 16 -40.00 41.61 -71.87
C VAL R 16 -38.62 41.18 -72.32
N ILE R 17 -38.02 41.92 -73.26
CA ILE R 17 -36.68 41.62 -73.74
C ILE R 17 -35.66 41.80 -72.62
N GLY R 18 -35.82 42.87 -71.82
CA GLY R 18 -34.95 43.06 -70.68
C GLY R 18 -35.03 41.90 -69.70
N VAL R 19 -36.23 41.41 -69.45
CA VAL R 19 -36.41 40.26 -68.58
C VAL R 19 -35.71 39.04 -69.15
N ILE R 20 -35.84 38.82 -70.46
CA ILE R 20 -35.20 37.67 -71.11
C ILE R 20 -33.69 37.72 -70.94
N LEU R 21 -33.10 38.89 -71.19
CA LEU R 21 -31.65 39.00 -71.09
C LEU R 21 -31.16 38.87 -69.65
N MET R 22 -31.93 39.39 -68.68
CA MET R 22 -31.56 39.23 -67.28
C MET R 22 -31.58 37.76 -66.86
N VAL R 23 -32.60 37.01 -67.31
CA VAL R 23 -32.66 35.58 -67.00
C VAL R 23 -31.48 34.84 -67.63
N ALA R 24 -31.14 35.21 -68.87
CA ALA R 24 -30.01 34.57 -69.55
C ALA R 24 -28.71 34.80 -68.80
N ILE R 25 -28.51 36.01 -68.26
CA ILE R 25 -27.31 36.27 -67.47
C ILE R 25 -27.34 35.47 -66.17
N THR R 26 -28.51 35.42 -65.51
CA THR R 26 -28.62 34.72 -64.23
C THR R 26 -28.25 33.25 -64.34
N VAL R 27 -28.68 32.59 -65.42
CA VAL R 27 -28.41 31.16 -65.55
C VAL R 27 -26.91 30.89 -65.61
N ILE R 28 -26.20 31.65 -66.44
CA ILE R 28 -24.76 31.45 -66.60
C ILE R 28 -24.04 31.74 -65.29
N LEU R 29 -24.41 32.83 -64.60
CA LEU R 29 -23.69 33.19 -63.38
C LEU R 29 -23.92 32.15 -62.29
N ALA R 30 -25.13 31.59 -62.22
CA ALA R 30 -25.41 30.53 -61.27
C ALA R 30 -24.58 29.29 -61.57
N ALA R 31 -24.44 28.94 -62.85
CA ALA R 31 -23.60 27.78 -63.20
C ALA R 31 -22.15 28.01 -62.78
N VAL R 32 -21.66 29.23 -62.96
CA VAL R 32 -20.27 29.55 -62.59
C VAL R 32 -20.06 29.38 -61.09
N ILE R 33 -21.01 29.83 -60.27
CA ILE R 33 -20.88 29.60 -58.82
C ILE R 33 -20.96 28.12 -58.49
N GLY R 34 -21.89 27.41 -59.13
CA GLY R 34 -22.10 26.01 -58.80
C GLY R 34 -20.86 25.17 -59.02
N THR R 35 -20.17 25.39 -60.13
CA THR R 35 -18.94 24.65 -60.39
C THR R 35 -17.92 24.88 -59.28
N PHE R 36 -17.74 26.14 -58.88
CA PHE R 36 -16.74 26.48 -57.88
C PHE R 36 -17.06 25.85 -56.54
N VAL R 37 -18.31 25.97 -56.08
CA VAL R 37 -18.65 25.43 -54.76
C VAL R 37 -18.59 23.90 -54.77
N LEU R 38 -18.98 23.26 -55.87
CA LEU R 38 -18.88 21.81 -55.93
C LEU R 38 -17.43 21.35 -55.88
N GLY R 39 -16.56 22.02 -56.63
CA GLY R 39 -15.15 21.69 -56.56
C GLY R 39 -14.55 21.93 -55.19
N LEU R 40 -14.98 22.99 -54.52
CA LEU R 40 -14.51 23.27 -53.16
C LEU R 40 -14.96 22.17 -52.19
N GLY R 41 -16.21 21.71 -52.33
CA GLY R 41 -16.72 20.68 -51.46
C GLY R 41 -16.14 19.29 -51.72
N ASP R 42 -15.63 19.05 -52.93
CA ASP R 42 -15.05 17.74 -53.21
C ASP R 42 -13.66 17.56 -52.60
N GLN R 43 -13.04 18.63 -52.12
CA GLN R 43 -11.64 18.57 -51.73
C GLN R 43 -11.38 17.83 -50.43
N VAL R 44 -12.37 17.75 -49.53
CA VAL R 44 -12.15 17.23 -48.18
C VAL R 44 -12.43 15.73 -48.18
N SER R 45 -11.43 14.94 -47.79
CA SER R 45 -11.53 13.48 -47.74
C SER R 45 -10.28 12.93 -47.08
N GLU R 46 -10.17 11.60 -47.08
CA GLU R 46 -8.93 10.87 -46.82
C GLU R 46 -8.32 11.14 -45.44
N THR R 47 -8.98 10.69 -44.39
CA THR R 47 -8.43 10.70 -43.04
C THR R 47 -7.32 9.66 -42.93
N SER R 48 -6.46 9.83 -41.91
CA SER R 48 -5.31 9.00 -41.69
C SER R 48 -5.58 7.94 -40.63
N PRO R 49 -4.92 6.78 -40.72
CA PRO R 49 -5.14 5.72 -39.74
C PRO R 49 -4.60 6.09 -38.35
N GLN R 50 -5.21 5.50 -37.33
CA GLN R 50 -4.80 5.68 -35.95
C GLN R 50 -4.24 4.36 -35.42
N ALA R 51 -3.00 4.38 -34.97
CA ALA R 51 -2.33 3.18 -34.48
C ALA R 51 -1.23 3.60 -33.52
N SER R 52 -0.70 2.62 -32.79
CA SER R 52 0.36 2.86 -31.82
C SER R 52 1.57 1.98 -32.16
N PHE R 53 2.76 2.52 -31.96
CA PHE R 53 4.00 1.83 -32.29
C PHE R 53 4.94 1.84 -31.10
N ASP R 54 5.81 0.84 -31.05
CA ASP R 54 6.79 0.68 -29.98
C ASP R 54 8.19 0.82 -30.57
N PHE R 55 8.99 1.73 -30.02
CA PHE R 55 10.37 1.95 -30.44
C PHE R 55 11.31 1.31 -29.42
N ASP R 56 12.20 0.43 -29.90
CA ASP R 56 13.11 -0.31 -29.05
C ASP R 56 14.53 -0.15 -29.59
N TYR R 57 15.37 0.55 -28.84
CA TYR R 57 16.72 0.90 -29.28
C TYR R 57 17.75 0.14 -28.46
N THR R 58 18.78 -0.37 -29.15
CA THR R 58 19.91 -1.05 -28.52
C THR R 58 21.17 -0.26 -28.82
N ASN R 59 21.83 0.23 -27.76
CA ASN R 59 22.95 1.15 -27.94
C ASN R 59 24.21 0.43 -28.43
N THR R 60 24.34 -0.86 -28.12
CA THR R 60 25.55 -1.59 -28.48
C THR R 60 25.72 -1.68 -29.99
N SER R 61 24.63 -1.96 -30.71
CA SER R 61 24.69 -2.16 -32.15
C SER R 61 24.08 -1.02 -32.95
N GLY R 62 23.29 -0.16 -32.32
CA GLY R 62 22.66 0.95 -33.03
C GLY R 62 21.38 0.60 -33.74
N ASN R 63 20.79 -0.56 -33.44
CA ASN R 63 19.59 -1.02 -34.11
C ASN R 63 18.34 -0.53 -33.39
N LEU R 64 17.39 0.00 -34.14
CA LEU R 64 16.11 0.47 -33.61
C LEU R 64 15.00 -0.37 -34.22
N THR R 65 14.17 -0.97 -33.38
CA THR R 65 13.08 -1.83 -33.82
C THR R 65 11.75 -1.11 -33.60
N ILE R 66 10.91 -1.09 -34.64
CA ILE R 66 9.60 -0.45 -34.59
C ILE R 66 8.54 -1.52 -34.78
N THR R 67 7.66 -1.67 -33.79
CA THR R 67 6.64 -2.71 -33.79
C THR R 67 5.25 -2.09 -33.70
N HIS R 68 4.30 -2.68 -34.42
CA HIS R 68 2.90 -2.26 -34.35
C HIS R 68 2.27 -2.87 -33.10
N GLU R 69 1.72 -2.02 -32.23
CA GLU R 69 1.13 -2.46 -30.97
C GLU R 69 -0.36 -2.72 -31.07
N SER R 70 -1.15 -1.70 -31.42
CA SER R 70 -2.60 -1.84 -31.48
C SER R 70 -3.16 -0.72 -32.34
N GLY R 71 -4.34 -0.97 -32.91
CA GLY R 71 -4.97 -0.01 -33.80
C GLY R 71 -5.42 -0.62 -35.11
N THR R 72 -5.62 0.22 -36.13
CA THR R 72 -6.12 -0.24 -37.41
C THR R 72 -5.01 -0.90 -38.22
N SER R 73 -5.42 -1.60 -39.27
CA SER R 73 -4.50 -2.23 -40.20
C SER R 73 -4.12 -1.25 -41.29
N ILE R 74 -2.84 -1.21 -41.63
CA ILE R 74 -2.30 -0.21 -42.53
C ILE R 74 -1.58 -0.89 -43.68
N ASP R 75 -1.82 -0.39 -44.89
CA ASP R 75 -1.05 -0.82 -46.05
C ASP R 75 0.42 -0.53 -45.85
N ALA R 76 1.26 -1.52 -46.19
CA ALA R 76 2.70 -1.37 -45.97
C ALA R 76 3.35 -0.43 -46.97
N ASP R 77 2.66 -0.07 -48.06
CA ASP R 77 3.19 0.88 -49.02
C ASP R 77 2.83 2.32 -48.70
N SER R 78 1.98 2.55 -47.71
CA SER R 78 1.59 3.89 -47.30
C SER R 78 2.43 4.44 -46.17
N VAL R 79 3.37 3.67 -45.63
CA VAL R 79 4.13 4.05 -44.45
C VAL R 79 5.61 4.03 -44.83
N SER R 80 6.31 5.11 -44.51
CA SER R 80 7.75 5.24 -44.74
C SER R 80 8.44 5.75 -43.49
N ILE R 81 9.75 5.51 -43.42
CA ILE R 81 10.58 5.90 -42.29
C ILE R 81 11.47 7.06 -42.73
N SER R 82 11.46 8.14 -41.94
CA SER R 82 12.32 9.29 -42.20
C SER R 82 13.12 9.59 -40.95
N GLY R 83 14.44 9.71 -41.10
CA GLY R 83 15.32 10.03 -40.01
C GLY R 83 16.76 9.72 -40.33
N PRO R 84 17.67 10.07 -39.43
CA PRO R 84 19.10 9.78 -39.64
C PRO R 84 19.43 8.29 -39.49
N VAL R 85 18.83 7.47 -40.37
CA VAL R 85 19.04 6.04 -40.37
C VAL R 85 19.39 5.60 -41.79
N GLY R 86 19.98 4.42 -41.90
CA GLY R 86 20.40 3.93 -43.21
C GLY R 86 19.23 3.75 -44.16
N ASP R 87 18.12 3.22 -43.67
CA ASP R 87 16.91 3.01 -44.47
C ASP R 87 16.04 4.26 -44.54
N ASP R 88 16.59 5.40 -44.92
CA ASP R 88 15.86 6.65 -44.87
C ASP R 88 15.03 6.85 -46.13
N GLY R 89 13.75 7.15 -45.95
CA GLY R 89 12.87 7.43 -47.05
C GLY R 89 12.28 6.22 -47.74
N LYS R 90 12.50 5.02 -47.21
CA LYS R 90 11.95 3.80 -47.79
C LYS R 90 10.67 3.41 -47.06
N THR R 91 9.78 2.72 -47.78
CA THR R 91 8.51 2.32 -47.21
C THR R 91 8.69 1.08 -46.33
N TRP R 92 7.67 0.83 -45.50
CA TRP R 92 7.66 -0.34 -44.64
C TRP R 92 7.71 -1.63 -45.44
N ALA R 93 7.14 -1.65 -46.64
CA ALA R 93 7.16 -2.84 -47.48
C ALA R 93 8.50 -3.06 -48.17
N ASP R 94 9.39 -2.07 -48.16
CA ASP R 94 10.72 -2.23 -48.72
C ASP R 94 11.73 -2.73 -47.69
N ILE R 95 11.59 -2.29 -46.44
CA ILE R 95 12.58 -2.60 -45.42
C ILE R 95 12.57 -4.10 -45.11
N ASP R 96 11.40 -4.71 -45.10
CA ASP R 96 11.29 -6.17 -45.07
C ASP R 96 10.82 -6.65 -46.44
N GLY R 97 11.14 -7.90 -46.77
CA GLY R 97 10.98 -8.36 -48.13
C GLY R 97 9.55 -8.40 -48.62
N SER R 98 8.65 -8.98 -47.80
CA SER R 98 7.35 -9.40 -48.31
C SER R 98 6.16 -8.94 -47.47
N ALA R 99 6.24 -7.78 -46.84
CA ALA R 99 5.10 -7.28 -46.09
C ALA R 99 4.02 -6.76 -47.03
N THR R 100 2.76 -6.92 -46.61
CA THR R 100 1.62 -6.37 -47.31
C THR R 100 0.69 -5.56 -46.43
N GLU R 101 0.52 -5.94 -45.16
CA GLU R 101 -0.29 -5.22 -44.20
C GLU R 101 0.50 -5.06 -42.92
N ILE R 102 0.17 -4.04 -42.14
CA ILE R 102 0.77 -3.82 -40.83
C ILE R 102 -0.30 -4.06 -39.78
N THR R 103 -0.21 -5.19 -39.08
CA THR R 103 -1.09 -5.53 -37.99
C THR R 103 -0.25 -5.70 -36.73
N ALA R 104 -0.92 -5.96 -35.61
CA ALA R 104 -0.22 -6.05 -34.33
C ALA R 104 0.80 -7.18 -34.35
N GLY R 105 1.99 -6.90 -33.85
CA GLY R 105 3.08 -7.84 -33.87
C GLY R 105 4.03 -7.72 -35.03
N SER R 106 3.78 -6.79 -35.95
CA SER R 106 4.65 -6.59 -37.10
C SER R 106 5.75 -5.59 -36.77
N SER R 107 6.98 -5.91 -37.16
CA SER R 107 8.10 -5.07 -36.80
C SER R 107 9.11 -5.00 -37.93
N ILE R 108 9.87 -3.90 -37.93
CA ILE R 108 11.01 -3.69 -38.83
C ILE R 108 12.18 -3.23 -37.98
N THR R 109 13.38 -3.36 -38.54
CA THR R 109 14.60 -2.95 -37.85
C THR R 109 15.41 -2.04 -38.75
N VAL R 110 15.69 -0.84 -38.27
CA VAL R 110 16.58 0.08 -38.96
C VAL R 110 17.83 0.27 -38.11
N THR R 111 18.87 0.84 -38.72
CA THR R 111 20.14 1.07 -38.04
C THR R 111 20.47 2.56 -38.09
N ALA R 112 20.99 3.07 -36.97
CA ALA R 112 21.37 4.47 -36.89
C ALA R 112 22.47 4.79 -37.89
N ASN R 113 22.32 5.93 -38.56
CA ASN R 113 23.27 6.31 -39.60
C ASN R 113 24.63 6.57 -38.98
N GLY R 114 25.67 6.05 -39.61
CA GLY R 114 26.96 5.92 -38.97
C GLY R 114 27.05 4.59 -38.23
N SER R 115 27.14 4.66 -36.90
CA SER R 115 26.94 3.45 -36.11
C SER R 115 26.18 3.70 -34.81
N SER R 116 25.74 4.92 -34.54
CA SER R 116 25.05 5.23 -33.30
C SER R 116 24.30 6.53 -33.45
N PHE R 117 23.33 6.75 -32.57
CA PHE R 117 22.55 7.98 -32.57
C PHE R 117 23.24 9.04 -31.73
N ASP R 118 22.84 10.29 -31.94
CA ASP R 118 23.25 11.42 -31.13
C ASP R 118 22.02 11.98 -30.42
N SER R 119 22.23 12.53 -29.24
CA SER R 119 21.11 13.04 -28.46
C SER R 119 20.41 14.16 -29.21
N GLY R 120 19.08 14.06 -29.30
CA GLY R 120 18.29 15.02 -30.02
C GLY R 120 17.96 14.66 -31.46
N GLU R 121 18.23 13.43 -31.87
CA GLU R 121 17.93 12.98 -33.23
C GLU R 121 16.60 12.23 -33.23
N THR R 122 15.73 12.58 -34.17
CA THR R 122 14.36 12.10 -34.21
C THR R 122 14.16 11.17 -35.40
N VAL R 123 13.37 10.12 -35.20
CA VAL R 123 12.95 9.20 -36.24
C VAL R 123 11.43 9.18 -36.28
N ARG R 124 10.85 9.32 -37.48
CA ARG R 124 9.41 9.43 -37.63
C ARG R 124 8.83 8.28 -38.44
N VAL R 125 7.55 8.01 -38.19
CA VAL R 125 6.74 7.11 -38.99
C VAL R 125 5.69 7.97 -39.69
N ILE R 126 5.62 7.86 -41.02
CA ILE R 126 4.88 8.81 -41.83
C ILE R 126 3.91 8.07 -42.74
N TRP R 127 2.66 8.55 -42.80
CA TRP R 127 1.64 8.00 -43.67
C TRP R 127 1.40 8.95 -44.84
N THR R 128 1.26 8.39 -46.04
CA THR R 128 0.99 9.15 -47.24
C THR R 128 -0.23 8.58 -47.95
N SER R 129 -1.11 9.46 -48.43
CA SER R 129 -2.34 9.02 -49.08
C SER R 129 -2.07 8.53 -50.49
N ASP R 130 -3.07 7.83 -51.05
CA ASP R 130 -2.91 7.20 -52.36
C ASP R 130 -2.67 8.23 -53.46
N SER R 131 -3.37 9.36 -53.39
CA SER R 131 -3.18 10.42 -54.39
C SER R 131 -1.85 11.14 -54.18
N GLY R 132 -1.27 11.07 -52.98
CA GLY R 132 -0.04 11.75 -52.67
C GLY R 132 -0.19 13.18 -52.25
N SER R 133 -1.40 13.67 -52.06
CA SER R 133 -1.66 15.07 -51.72
C SER R 133 -1.93 15.27 -50.23
N SER R 134 -1.70 14.26 -49.40
CA SER R 134 -1.83 14.40 -47.96
C SER R 134 -0.83 13.50 -47.27
N SER R 135 -0.35 13.95 -46.11
CA SER R 135 0.60 13.19 -45.31
C SER R 135 0.33 13.47 -43.84
N SER R 136 0.80 12.57 -43.00
CA SER R 136 0.70 12.76 -41.55
C SER R 136 1.83 12.01 -40.88
N THR R 137 2.17 12.46 -39.67
CA THR R 137 3.17 11.80 -38.84
C THR R 137 2.45 10.90 -37.86
N LEU R 138 2.66 9.59 -37.99
CA LEU R 138 2.01 8.64 -37.10
C LEU R 138 2.62 8.67 -35.71
N GLN R 139 3.95 8.69 -35.62
CA GLN R 139 4.64 8.68 -34.35
C GLN R 139 6.09 9.06 -34.59
N SER R 140 6.71 9.66 -33.57
CA SER R 140 8.11 10.07 -33.66
C SER R 140 8.84 9.67 -32.38
N TRP R 141 10.16 9.48 -32.49
CA TRP R 141 11.01 9.02 -31.41
C TRP R 141 12.26 9.87 -31.37
N THR R 142 12.57 10.44 -30.22
CA THR R 142 13.74 11.27 -30.02
C THR R 142 14.71 10.57 -29.07
N TYR R 143 15.98 10.51 -29.45
CA TYR R 143 16.99 9.92 -28.58
C TYR R 143 17.48 10.96 -27.58
N ASN R 144 17.30 10.66 -26.30
CA ASN R 144 17.64 11.59 -25.23
C ASN R 144 18.81 11.10 -24.38
N GLY R 145 19.82 10.54 -25.02
CA GLY R 145 21.02 10.09 -24.35
C GLY R 145 20.77 8.93 -23.40
N VAL S 13 -47.87 52.82 -74.75
CA VAL S 13 -48.89 51.92 -74.20
C VAL S 13 -48.28 50.56 -73.92
N SER S 14 -47.55 50.03 -74.90
CA SER S 14 -46.99 48.68 -74.77
C SER S 14 -46.00 48.52 -73.62
N PRO S 15 -45.09 49.47 -73.32
CA PRO S 15 -44.21 49.26 -72.15
C PRO S 15 -44.95 49.07 -70.84
N VAL S 16 -46.04 49.81 -70.63
CA VAL S 16 -46.79 49.70 -69.38
C VAL S 16 -47.44 48.32 -69.29
N ILE S 17 -47.98 47.83 -70.40
CA ILE S 17 -48.59 46.51 -70.42
C ILE S 17 -47.56 45.43 -70.18
N GLY S 18 -46.37 45.58 -70.78
CA GLY S 18 -45.30 44.64 -70.51
C GLY S 18 -44.92 44.60 -69.05
N VAL S 19 -44.86 45.77 -68.41
CA VAL S 19 -44.57 45.84 -66.98
C VAL S 19 -45.66 45.11 -66.19
N ILE S 20 -46.92 45.33 -66.54
CA ILE S 20 -48.03 44.69 -65.84
C ILE S 20 -47.92 43.17 -65.92
N LEU S 21 -47.65 42.64 -67.11
CA LEU S 21 -47.57 41.19 -67.27
C LEU S 21 -46.34 40.61 -66.56
N MET S 22 -45.23 41.34 -66.56
CA MET S 22 -44.05 40.86 -65.82
C MET S 22 -44.32 40.80 -64.33
N VAL S 23 -45.00 41.81 -63.77
CA VAL S 23 -45.35 41.78 -62.36
C VAL S 23 -46.29 40.62 -62.05
N ALA S 24 -47.25 40.38 -62.94
CA ALA S 24 -48.18 39.28 -62.74
C ALA S 24 -47.46 37.93 -62.71
N ILE S 25 -46.46 37.76 -63.57
CA ILE S 25 -45.68 36.52 -63.55
C ILE S 25 -44.86 36.41 -62.26
N THR S 26 -44.25 37.53 -61.85
CA THR S 26 -43.40 37.54 -60.66
C THR S 26 -44.15 37.10 -59.42
N VAL S 27 -45.39 37.58 -59.26
CA VAL S 27 -46.15 37.27 -58.05
C VAL S 27 -46.39 35.75 -57.94
N ILE S 28 -46.83 35.13 -59.02
CA ILE S 28 -47.10 33.70 -59.02
C ILE S 28 -45.83 32.91 -58.75
N LEU S 29 -44.74 33.28 -59.41
CA LEU S 29 -43.51 32.50 -59.26
C LEU S 29 -42.98 32.61 -57.82
N ALA S 30 -43.10 33.80 -57.22
CA ALA S 30 -42.70 33.96 -55.83
C ALA S 30 -43.55 33.10 -54.90
N ALA S 31 -44.86 33.01 -55.15
CA ALA S 31 -45.71 32.15 -54.33
C ALA S 31 -45.29 30.69 -54.44
N VAL S 32 -44.93 30.27 -55.66
CA VAL S 32 -44.53 28.88 -55.88
C VAL S 32 -43.26 28.56 -55.08
N ILE S 33 -42.29 29.48 -55.06
CA ILE S 33 -41.09 29.23 -54.24
C ILE S 33 -41.44 29.24 -52.76
N GLY S 34 -42.28 30.17 -52.33
CA GLY S 34 -42.59 30.29 -50.92
C GLY S 34 -43.19 29.03 -50.35
N THR S 35 -44.14 28.43 -51.08
CA THR S 35 -44.74 27.18 -50.61
C THR S 35 -43.69 26.11 -50.40
N PHE S 36 -42.79 25.96 -51.37
CA PHE S 36 -41.77 24.91 -51.32
C PHE S 36 -40.82 25.11 -50.14
N VAL S 37 -40.32 26.33 -49.97
CA VAL S 37 -39.36 26.56 -48.89
C VAL S 37 -40.03 26.44 -47.52
N LEU S 38 -41.29 26.87 -47.39
CA LEU S 38 -41.98 26.71 -46.12
C LEU S 38 -42.19 25.24 -45.79
N GLY S 39 -42.61 24.44 -46.77
CA GLY S 39 -42.75 23.01 -46.54
C GLY S 39 -41.43 22.34 -46.21
N LEU S 40 -40.34 22.78 -46.84
CA LEU S 40 -39.03 22.23 -46.53
C LEU S 40 -38.62 22.57 -45.10
N GLY S 41 -38.90 23.80 -44.66
CA GLY S 41 -38.55 24.20 -43.31
C GLY S 41 -39.41 23.59 -42.23
N ASP S 42 -40.62 23.14 -42.56
CA ASP S 42 -41.48 22.53 -41.56
C ASP S 42 -41.05 21.10 -41.22
N GLN S 43 -40.18 20.49 -42.02
CA GLN S 43 -39.91 19.07 -41.90
C GLN S 43 -39.07 18.69 -40.67
N VAL S 44 -38.27 19.62 -40.15
CA VAL S 44 -37.29 19.29 -39.11
C VAL S 44 -37.94 19.49 -37.73
N SER S 45 -37.97 18.43 -36.93
CA SER S 45 -38.57 18.48 -35.60
C SER S 45 -38.25 17.15 -34.89
N GLU S 46 -38.84 16.99 -33.70
CA GLU S 46 -38.98 15.70 -33.03
C GLU S 46 -37.65 15.02 -32.71
N THR S 47 -36.87 15.59 -31.81
CA THR S 47 -35.68 14.95 -31.27
C THR S 47 -36.07 13.78 -30.36
N SER S 48 -35.12 12.88 -30.14
CA SER S 48 -35.33 11.67 -29.36
C SER S 48 -34.84 11.82 -27.94
N PRO S 49 -35.45 11.12 -26.99
CA PRO S 49 -35.02 11.23 -25.58
C PRO S 49 -33.65 10.62 -25.36
N GLN S 50 -32.96 11.13 -24.34
CA GLN S 50 -31.65 10.63 -23.93
C GLN S 50 -31.78 9.99 -22.55
N ALA S 51 -31.40 8.71 -22.46
CA ALA S 51 -31.52 7.96 -21.22
C ALA S 51 -30.52 6.82 -21.26
N SER S 52 -30.31 6.20 -20.10
CA SER S 52 -29.38 5.09 -19.95
C SER S 52 -30.12 3.88 -19.40
N PHE S 53 -29.75 2.69 -19.87
CA PHE S 53 -30.40 1.45 -19.49
C PHE S 53 -29.37 0.43 -19.05
N ASP S 54 -29.78 -0.48 -18.18
CA ASP S 54 -28.94 -1.53 -17.65
C ASP S 54 -29.46 -2.89 -18.11
N PHE S 55 -28.60 -3.68 -18.75
CA PHE S 55 -28.94 -5.01 -19.22
C PHE S 55 -28.34 -6.05 -18.29
N ASP S 56 -29.19 -6.94 -17.77
CA ASP S 56 -28.80 -7.94 -16.78
C ASP S 56 -29.26 -9.30 -17.26
N TYR S 57 -28.31 -10.16 -17.62
CA TYR S 57 -28.61 -11.46 -18.22
C TYR S 57 -28.25 -12.59 -17.26
N THR S 58 -29.13 -13.58 -17.17
CA THR S 58 -28.91 -14.78 -16.35
C THR S 58 -28.88 -15.98 -17.29
N ASN S 59 -27.75 -16.69 -17.31
CA ASN S 59 -27.55 -17.76 -18.29
C ASN S 59 -28.35 -19.00 -17.94
N THR S 60 -28.64 -19.22 -16.66
CA THR S 60 -29.33 -20.43 -16.25
C THR S 60 -30.74 -20.50 -16.83
N SER S 61 -31.47 -19.38 -16.82
CA SER S 61 -32.85 -19.35 -17.27
C SER S 61 -33.04 -18.65 -18.60
N GLY S 62 -32.07 -17.86 -19.05
CA GLY S 62 -32.19 -17.15 -20.30
C GLY S 62 -32.94 -15.84 -20.21
N ASN S 63 -33.15 -15.31 -19.00
CA ASN S 63 -33.91 -14.10 -18.79
C ASN S 63 -32.99 -12.89 -18.83
N LEU S 64 -33.40 -11.85 -19.57
CA LEU S 64 -32.66 -10.60 -19.67
C LEU S 64 -33.55 -9.48 -19.11
N THR S 65 -33.00 -8.74 -18.14
CA THR S 65 -33.74 -7.66 -17.49
C THR S 65 -33.18 -6.32 -17.95
N ILE S 66 -34.07 -5.42 -18.35
CA ILE S 66 -33.69 -4.07 -18.83
C ILE S 66 -34.29 -3.05 -17.88
N THR S 67 -33.43 -2.25 -17.26
CA THR S 67 -33.84 -1.28 -16.24
C THR S 67 -33.43 0.12 -16.67
N HIS S 68 -34.30 1.09 -16.39
CA HIS S 68 -34.00 2.50 -16.63
C HIS S 68 -33.11 3.02 -15.49
N GLU S 69 -31.94 3.55 -15.85
CA GLU S 69 -30.98 4.03 -14.87
C GLU S 69 -31.12 5.52 -14.57
N SER S 70 -30.96 6.36 -15.58
CA SER S 70 -31.02 7.81 -15.39
C SER S 70 -31.27 8.49 -16.73
N GLY S 71 -31.85 9.68 -16.67
CA GLY S 71 -32.20 10.41 -17.87
C GLY S 71 -33.63 10.92 -17.87
N THR S 72 -34.16 11.23 -19.05
CA THR S 72 -35.49 11.80 -19.16
C THR S 72 -36.55 10.71 -18.99
N SER S 73 -37.80 11.15 -18.79
CA SER S 73 -38.94 10.26 -18.69
C SER S 73 -39.51 10.00 -20.07
N ILE S 74 -39.84 8.75 -20.34
CA ILE S 74 -40.24 8.32 -21.68
C ILE S 74 -41.60 7.65 -21.61
N ASP S 75 -42.46 7.99 -22.57
CA ASP S 75 -43.72 7.28 -22.74
C ASP S 75 -43.46 5.81 -23.00
N ALA S 76 -44.24 4.95 -22.34
CA ALA S 76 -44.04 3.51 -22.47
C ALA S 76 -44.56 2.97 -23.80
N ASP S 77 -45.34 3.75 -24.53
CA ASP S 77 -45.81 3.32 -25.85
C ASP S 77 -44.88 3.72 -26.97
N SER S 78 -43.85 4.52 -26.68
CA SER S 78 -42.89 4.94 -27.69
C SER S 78 -41.65 4.05 -27.77
N VAL S 79 -41.55 3.04 -26.90
CA VAL S 79 -40.36 2.22 -26.76
C VAL S 79 -40.76 0.77 -27.03
N SER S 80 -40.03 0.10 -27.91
CA SER S 80 -40.25 -1.31 -28.22
C SER S 80 -38.93 -2.06 -28.18
N ILE S 81 -39.02 -3.38 -28.02
CA ILE S 81 -37.87 -4.27 -27.94
C ILE S 81 -37.78 -5.07 -29.23
N SER S 82 -36.61 -5.07 -29.87
CA SER S 82 -36.37 -5.85 -31.07
C SER S 82 -35.14 -6.73 -30.85
N GLY S 83 -35.29 -8.03 -31.11
CA GLY S 83 -34.19 -8.95 -30.99
C GLY S 83 -34.69 -10.39 -30.94
N PRO S 84 -33.75 -11.35 -30.92
CA PRO S 84 -34.13 -12.77 -30.86
C PRO S 84 -34.66 -13.16 -29.48
N VAL S 85 -35.77 -12.55 -29.08
CA VAL S 85 -36.42 -12.83 -27.81
C VAL S 85 -37.90 -13.09 -28.06
N GLY S 86 -38.54 -13.74 -27.09
CA GLY S 86 -39.94 -14.08 -27.24
C GLY S 86 -40.83 -12.86 -27.41
N ASP S 87 -40.58 -11.81 -26.65
CA ASP S 87 -41.34 -10.57 -26.73
C ASP S 87 -40.83 -9.63 -27.81
N ASP S 88 -40.69 -10.12 -29.04
CA ASP S 88 -40.07 -9.33 -30.09
C ASP S 88 -41.07 -8.41 -30.76
N GLY S 89 -40.73 -7.13 -30.86
CA GLY S 89 -41.57 -6.16 -31.54
C GLY S 89 -42.69 -5.59 -30.70
N LYS S 90 -42.74 -5.89 -29.42
CA LYS S 90 -43.77 -5.37 -28.53
C LYS S 90 -43.24 -4.15 -27.77
N THR S 91 -44.16 -3.26 -27.41
CA THR S 91 -43.77 -2.04 -26.71
C THR S 91 -43.52 -2.33 -25.24
N TRP S 92 -42.84 -1.38 -24.58
CA TRP S 92 -42.58 -1.48 -23.15
C TRP S 92 -43.88 -1.54 -22.35
N ALA S 93 -44.94 -0.88 -22.82
CA ALA S 93 -46.22 -0.90 -22.11
C ALA S 93 -46.99 -2.20 -22.30
N ASP S 94 -46.57 -3.04 -23.24
CA ASP S 94 -47.20 -4.35 -23.44
C ASP S 94 -46.54 -5.44 -22.62
N ILE S 95 -45.21 -5.36 -22.45
CA ILE S 95 -44.47 -6.43 -21.80
C ILE S 95 -44.85 -6.52 -20.32
N ASP S 96 -45.06 -5.37 -19.68
CA ASP S 96 -45.68 -5.32 -18.35
C ASP S 96 -47.09 -4.79 -18.49
N GLY S 97 -47.94 -5.15 -17.53
CA GLY S 97 -49.37 -4.92 -17.70
C GLY S 97 -49.76 -3.45 -17.76
N SER S 98 -49.26 -2.65 -16.84
CA SER S 98 -49.84 -1.33 -16.58
C SER S 98 -48.83 -0.18 -16.55
N ALA S 99 -47.76 -0.24 -17.33
CA ALA S 99 -46.82 0.86 -17.37
C ALA S 99 -47.39 2.02 -18.18
N THR S 100 -47.03 3.24 -17.76
CA THR S 100 -47.38 4.45 -18.48
C THR S 100 -46.19 5.36 -18.76
N GLU S 101 -45.22 5.43 -17.86
CA GLU S 101 -44.01 6.21 -18.04
C GLU S 101 -42.82 5.33 -17.67
N ILE S 102 -41.66 5.66 -18.23
CA ILE S 102 -40.41 4.98 -17.90
C ILE S 102 -39.53 5.97 -17.16
N THR S 103 -39.40 5.79 -15.85
CA THR S 103 -38.54 6.57 -15.00
C THR S 103 -37.52 5.65 -14.36
N ALA S 104 -36.59 6.23 -13.60
CA ALA S 104 -35.51 5.45 -13.02
C ALA S 104 -36.07 4.38 -12.07
N GLY S 105 -35.53 3.17 -12.19
CA GLY S 105 -36.01 2.05 -11.42
C GLY S 105 -37.03 1.18 -12.11
N SER S 106 -37.45 1.53 -13.32
CA SER S 106 -38.43 0.75 -14.07
C SER S 106 -37.73 -0.32 -14.88
N SER S 107 -38.29 -1.54 -14.86
CA SER S 107 -37.63 -2.65 -15.53
C SER S 107 -38.66 -3.57 -16.16
N ILE S 108 -38.21 -4.27 -17.20
CA ILE S 108 -38.96 -5.35 -17.85
C ILE S 108 -38.05 -6.56 -17.98
N THR S 109 -38.65 -7.72 -18.18
CA THR S 109 -37.90 -8.96 -18.33
C THR S 109 -38.35 -9.68 -19.60
N VAL S 110 -37.41 -9.93 -20.49
CA VAL S 110 -37.66 -10.73 -21.68
C VAL S 110 -36.86 -12.02 -21.57
N THR S 111 -37.21 -12.99 -22.40
CA THR S 111 -36.53 -14.29 -22.41
C THR S 111 -35.95 -14.56 -23.79
N ALA S 112 -34.74 -15.12 -23.80
CA ALA S 112 -34.06 -15.44 -25.05
C ALA S 112 -34.86 -16.46 -25.84
N ASN S 113 -34.98 -16.22 -27.16
CA ASN S 113 -35.78 -17.07 -28.02
C ASN S 113 -35.16 -18.47 -28.07
N GLY S 114 -36.00 -19.47 -27.95
CA GLY S 114 -35.52 -20.81 -27.64
C GLY S 114 -35.44 -21.01 -26.13
N SER S 115 -34.23 -21.19 -25.61
CA SER S 115 -34.05 -21.09 -24.17
C SER S 115 -32.74 -20.40 -23.78
N SER S 116 -31.93 -19.94 -24.74
CA SER S 116 -30.66 -19.32 -24.42
C SER S 116 -30.20 -18.50 -25.62
N PHE S 117 -29.28 -17.58 -25.36
CA PHE S 117 -28.70 -16.75 -26.40
C PHE S 117 -27.51 -17.45 -27.04
N ASP S 118 -27.14 -16.98 -28.24
CA ASP S 118 -25.93 -17.39 -28.91
C ASP S 118 -25.01 -16.19 -29.04
N SER S 119 -23.70 -16.45 -29.02
CA SER S 119 -22.73 -15.36 -29.07
C SER S 119 -22.89 -14.56 -30.36
N GLY S 120 -22.96 -13.24 -30.20
CA GLY S 120 -23.16 -12.35 -31.34
C GLY S 120 -24.59 -11.95 -31.60
N GLU S 121 -25.52 -12.24 -30.70
CA GLU S 121 -26.92 -11.88 -30.86
C GLU S 121 -27.20 -10.58 -30.11
N THR S 122 -27.85 -9.64 -30.77
CA THR S 122 -28.05 -8.29 -30.26
C THR S 122 -29.51 -8.06 -29.92
N VAL S 123 -29.76 -7.32 -28.84
CA VAL S 123 -31.08 -6.88 -28.43
C VAL S 123 -31.06 -5.36 -28.33
N ARG S 124 -32.05 -4.71 -28.94
CA ARG S 124 -32.09 -3.25 -29.00
C ARG S 124 -33.29 -2.67 -28.28
N VAL S 125 -33.13 -1.42 -27.85
CA VAL S 125 -34.22 -0.59 -27.33
C VAL S 125 -34.43 0.53 -28.33
N ILE S 126 -35.67 0.68 -28.80
CA ILE S 126 -35.96 1.51 -29.97
C ILE S 126 -37.05 2.51 -29.63
N TRP S 127 -36.84 3.77 -30.00
CA TRP S 127 -37.82 4.84 -29.81
C TRP S 127 -38.45 5.19 -31.15
N THR S 128 -39.76 5.38 -31.16
CA THR S 128 -40.51 5.77 -32.35
C THR S 128 -41.35 7.01 -32.06
N SER S 129 -41.36 7.96 -33.00
CA SER S 129 -42.08 9.20 -32.80
C SER S 129 -43.58 9.00 -33.00
N ASP S 130 -44.35 10.00 -32.54
CA ASP S 130 -45.81 9.90 -32.56
C ASP S 130 -46.36 9.79 -33.97
N SER S 131 -45.76 10.53 -34.92
CA SER S 131 -46.20 10.44 -36.30
C SER S 131 -45.75 9.14 -36.96
N GLY S 132 -44.74 8.49 -36.40
CA GLY S 132 -44.21 7.27 -36.97
C GLY S 132 -43.19 7.45 -38.06
N SER S 133 -42.76 8.67 -38.34
CA SER S 133 -41.83 8.96 -39.42
C SER S 133 -40.40 9.14 -38.95
N SER S 134 -40.10 8.81 -37.69
CA SER S 134 -38.75 8.86 -37.19
C SER S 134 -38.56 7.77 -36.14
N SER S 135 -37.34 7.24 -36.08
CA SER S 135 -36.99 6.21 -35.12
C SER S 135 -35.54 6.39 -34.71
N SER S 136 -35.19 5.81 -33.56
CA SER S 136 -33.81 5.85 -33.10
C SER S 136 -33.57 4.63 -32.21
N THR S 137 -32.31 4.24 -32.11
CA THR S 137 -31.90 3.15 -31.24
C THR S 137 -31.37 3.77 -29.94
N LEU S 138 -32.08 3.51 -28.84
CA LEU S 138 -31.66 4.05 -27.56
C LEU S 138 -30.42 3.36 -27.03
N GLN S 139 -30.39 2.03 -27.08
CA GLN S 139 -29.28 1.25 -26.57
C GLN S 139 -29.38 -0.16 -27.13
N SER S 140 -28.23 -0.83 -27.26
CA SER S 140 -28.18 -2.19 -27.76
C SER S 140 -27.25 -3.02 -26.89
N TRP S 141 -27.48 -4.33 -26.88
CA TRP S 141 -26.74 -5.27 -26.04
C TRP S 141 -26.39 -6.49 -26.88
N THR S 142 -25.10 -6.84 -26.91
CA THR S 142 -24.62 -8.00 -27.65
C THR S 142 -24.11 -9.05 -26.67
N TYR S 143 -24.52 -10.29 -26.87
CA TYR S 143 -24.05 -11.38 -26.04
C TYR S 143 -22.72 -11.89 -26.57
N ASN S 144 -21.68 -11.82 -25.74
CA ASN S 144 -20.32 -12.18 -26.13
C ASN S 144 -19.83 -13.41 -25.39
N GLY S 145 -20.70 -14.42 -25.24
CA GLY S 145 -20.33 -15.67 -24.62
C GLY S 145 -19.97 -15.53 -23.15
N VAL T 13 -44.16 58.22 -80.15
CA VAL T 13 -44.03 59.16 -79.05
C VAL T 13 -44.39 58.48 -77.73
N SER T 14 -45.53 57.79 -77.73
CA SER T 14 -46.02 57.16 -76.51
C SER T 14 -45.11 56.09 -75.93
N PRO T 15 -44.45 55.21 -76.71
CA PRO T 15 -43.53 54.25 -76.09
C PRO T 15 -42.41 54.89 -75.29
N VAL T 16 -41.85 56.00 -75.79
CA VAL T 16 -40.75 56.65 -75.09
C VAL T 16 -41.24 57.24 -73.77
N ILE T 17 -42.43 57.83 -73.78
CA ILE T 17 -43.01 58.38 -72.56
C ILE T 17 -43.31 57.28 -71.55
N GLY T 18 -43.83 56.14 -72.03
CA GLY T 18 -44.03 55.01 -71.15
C GLY T 18 -42.75 54.53 -70.50
N VAL T 19 -41.67 54.49 -71.28
CA VAL T 19 -40.36 54.12 -70.73
C VAL T 19 -39.92 55.11 -69.67
N ILE T 20 -40.10 56.41 -69.93
CA ILE T 20 -39.71 57.43 -68.98
C ILE T 20 -40.44 57.25 -67.65
N LEU T 21 -41.76 57.04 -67.72
CA LEU T 21 -42.54 56.91 -66.49
C LEU T 21 -42.21 55.63 -65.74
N MET T 22 -41.93 54.54 -66.48
CA MET T 22 -41.53 53.30 -65.80
C MET T 22 -40.20 53.46 -65.08
N VAL T 23 -39.24 54.16 -65.69
CA VAL T 23 -37.95 54.40 -65.03
C VAL T 23 -38.15 55.27 -63.79
N ALA T 24 -39.02 56.27 -63.89
CA ALA T 24 -39.28 57.14 -62.75
C ALA T 24 -39.88 56.36 -61.58
N ILE T 25 -40.77 55.41 -61.86
CA ILE T 25 -41.32 54.57 -60.80
C ILE T 25 -40.24 53.67 -60.21
N THR T 26 -39.40 53.08 -61.08
CA THR T 26 -38.37 52.15 -60.62
C THR T 26 -37.41 52.81 -59.64
N VAL T 27 -37.01 54.06 -59.91
CA VAL T 27 -36.03 54.71 -59.05
C VAL T 27 -36.58 54.87 -57.63
N ILE T 28 -37.82 55.36 -57.52
CA ILE T 28 -38.43 55.57 -56.21
C ILE T 28 -38.58 54.25 -55.47
N LEU T 29 -39.06 53.22 -56.16
CA LEU T 29 -39.30 51.95 -55.48
C LEU T 29 -38.00 51.33 -54.99
N ALA T 30 -36.93 51.47 -55.78
CA ALA T 30 -35.62 50.99 -55.34
C ALA T 30 -35.13 51.73 -54.11
N ALA T 31 -35.33 53.06 -54.07
CA ALA T 31 -34.94 53.81 -52.88
C ALA T 31 -35.71 53.33 -51.64
N VAL T 32 -37.00 53.04 -51.81
CA VAL T 32 -37.81 52.58 -50.69
C VAL T 32 -37.29 51.26 -50.14
N ILE T 33 -36.91 50.32 -51.03
CA ILE T 33 -36.33 49.07 -50.53
C ILE T 33 -34.98 49.32 -49.86
N GLY T 34 -34.16 50.18 -50.46
CA GLY T 34 -32.83 50.39 -49.94
C GLY T 34 -32.84 50.90 -48.52
N THR T 35 -33.72 51.85 -48.22
CA THR T 35 -33.82 52.38 -46.86
C THR T 35 -34.15 51.26 -45.87
N PHE T 36 -35.12 50.42 -46.22
CA PHE T 36 -35.57 49.36 -45.33
C PHE T 36 -34.46 48.34 -45.07
N VAL T 37 -33.78 47.88 -46.13
CA VAL T 37 -32.76 46.87 -45.92
C VAL T 37 -31.56 47.44 -45.17
N LEU T 38 -31.21 48.70 -45.42
CA LEU T 38 -30.10 49.31 -44.68
C LEU T 38 -30.44 49.43 -43.20
N GLY T 39 -31.66 49.88 -42.88
CA GLY T 39 -32.07 49.93 -41.50
C GLY T 39 -32.11 48.58 -40.83
N LEU T 40 -32.54 47.55 -41.57
CA LEU T 40 -32.55 46.19 -41.04
C LEU T 40 -31.13 45.70 -40.75
N GLY T 41 -30.18 46.01 -41.64
CA GLY T 41 -28.81 45.59 -41.44
C GLY T 41 -28.06 46.34 -40.36
N ASP T 42 -28.52 47.56 -40.03
CA ASP T 42 -27.85 48.32 -38.97
C ASP T 42 -28.19 47.81 -37.57
N GLN T 43 -29.21 46.96 -37.43
CA GLN T 43 -29.73 46.62 -36.12
C GLN T 43 -28.83 45.69 -35.31
N VAL T 44 -27.99 44.90 -35.96
CA VAL T 44 -27.24 43.84 -35.29
C VAL T 44 -25.89 44.40 -34.83
N SER T 45 -25.63 44.34 -33.53
CA SER T 45 -24.39 44.83 -32.94
C SER T 45 -24.35 44.42 -31.47
N GLU T 46 -23.33 44.93 -30.77
CA GLU T 46 -23.28 44.96 -29.31
C GLU T 46 -23.35 43.59 -28.64
N THR T 47 -22.31 42.77 -28.82
CA THR T 47 -22.15 41.53 -28.09
C THR T 47 -21.83 41.80 -26.63
N SER T 48 -22.07 40.80 -25.78
CA SER T 48 -21.90 40.90 -24.35
C SER T 48 -20.56 40.32 -23.90
N PRO T 49 -19.99 40.84 -22.81
CA PRO T 49 -18.71 40.32 -22.33
C PRO T 49 -18.82 38.91 -21.78
N GLN T 50 -17.71 38.18 -21.84
CA GLN T 50 -17.61 36.83 -21.31
C GLN T 50 -16.65 36.84 -20.12
N ALA T 51 -17.14 36.40 -18.97
CA ALA T 51 -16.35 36.40 -17.74
C ALA T 51 -16.93 35.36 -16.80
N SER T 52 -16.16 35.04 -15.76
CA SER T 52 -16.57 34.06 -14.76
C SER T 52 -16.56 34.71 -13.38
N PHE T 53 -17.52 34.31 -12.55
CA PHE T 53 -17.69 34.88 -11.22
C PHE T 53 -17.78 33.77 -10.18
N ASP T 54 -17.39 34.10 -8.96
CA ASP T 54 -17.41 33.16 -7.84
C ASP T 54 -18.40 33.66 -6.79
N PHE T 55 -19.34 32.81 -6.43
CA PHE T 55 -20.34 33.12 -5.41
C PHE T 55 -19.97 32.42 -4.10
N ASP T 56 -19.86 33.18 -3.02
CA ASP T 56 -19.43 32.68 -1.72
C ASP T 56 -20.44 33.12 -0.67
N TYR T 57 -21.18 32.16 -0.12
CA TYR T 57 -22.27 32.44 0.81
C TYR T 57 -21.91 31.97 2.21
N THR T 58 -22.23 32.79 3.21
CA THR T 58 -22.03 32.47 4.61
C THR T 58 -23.40 32.44 5.29
N ASN T 59 -23.77 31.28 5.84
CA ASN T 59 -25.13 31.11 6.35
C ASN T 59 -25.33 31.83 7.69
N THR T 60 -24.26 32.02 8.45
CA THR T 60 -24.39 32.63 9.77
C THR T 60 -24.89 34.07 9.68
N SER T 61 -24.37 34.84 8.73
CA SER T 61 -24.70 36.25 8.60
C SER T 61 -25.57 36.56 7.39
N GLY T 62 -25.67 35.65 6.43
CA GLY T 62 -26.48 35.89 5.26
C GLY T 62 -25.80 36.70 4.17
N ASN T 63 -24.48 36.84 4.24
CA ASN T 63 -23.72 37.64 3.29
C ASN T 63 -23.27 36.78 2.11
N LEU T 64 -23.46 37.29 0.90
CA LEU T 64 -23.04 36.62 -0.33
C LEU T 64 -22.00 37.50 -1.02
N THR T 65 -20.84 36.94 -1.31
CA THR T 65 -19.74 37.68 -1.94
C THR T 65 -19.59 37.20 -3.38
N ILE T 66 -19.52 38.16 -4.32
CA ILE T 66 -19.39 37.87 -5.74
C ILE T 66 -18.06 38.44 -6.21
N THR T 67 -17.18 37.58 -6.72
CA THR T 67 -15.83 37.97 -7.12
C THR T 67 -15.61 37.66 -8.59
N HIS T 68 -14.90 38.54 -9.28
CA HIS T 68 -14.52 38.33 -10.68
C HIS T 68 -13.32 37.39 -10.71
N GLU T 69 -13.44 36.27 -11.42
CA GLU T 69 -12.39 35.26 -11.49
C GLU T 69 -11.46 35.46 -12.69
N SER T 70 -12.01 35.41 -13.90
CA SER T 70 -11.20 35.51 -15.11
C SER T 70 -12.09 35.88 -16.28
N GLY T 71 -11.50 36.51 -17.28
CA GLY T 71 -12.25 36.97 -18.44
C GLY T 71 -11.97 38.41 -18.80
N THR T 72 -12.87 39.04 -19.55
CA THR T 72 -12.66 40.40 -20.01
C THR T 72 -12.95 41.40 -18.89
N SER T 73 -12.52 42.63 -19.12
CA SER T 73 -12.76 43.73 -18.20
C SER T 73 -14.10 44.39 -18.53
N ILE T 74 -14.88 44.68 -17.49
CA ILE T 74 -16.26 45.13 -17.66
C ILE T 74 -16.43 46.46 -16.93
N ASP T 75 -17.11 47.39 -17.60
CA ASP T 75 -17.52 48.63 -16.95
C ASP T 75 -18.42 48.33 -15.76
N ALA T 76 -18.16 49.02 -14.64
CA ALA T 76 -18.92 48.77 -13.42
C ALA T 76 -20.34 49.34 -13.49
N ASP T 77 -20.62 50.22 -14.45
CA ASP T 77 -21.97 50.75 -14.60
C ASP T 77 -22.84 49.91 -15.52
N SER T 78 -22.28 48.90 -16.18
CA SER T 78 -23.03 48.03 -17.05
C SER T 78 -23.53 46.77 -16.37
N VAL T 79 -23.20 46.55 -15.10
CA VAL T 79 -23.50 45.32 -14.39
C VAL T 79 -24.34 45.67 -13.17
N SER T 80 -25.45 44.98 -12.99
CA SER T 80 -26.35 45.15 -11.85
C SER T 80 -26.70 43.80 -11.26
N ILE T 81 -27.12 43.83 -9.99
CA ILE T 81 -27.48 42.62 -9.24
C ILE T 81 -29.00 42.59 -9.09
N SER T 82 -29.61 41.47 -9.44
CA SER T 82 -31.05 41.26 -9.28
C SER T 82 -31.29 40.00 -8.48
N GLY T 83 -32.08 40.10 -7.42
CA GLY T 83 -32.43 38.96 -6.61
C GLY T 83 -32.99 39.38 -5.26
N PRO T 84 -33.43 38.41 -4.47
CA PRO T 84 -33.97 38.71 -3.13
C PRO T 84 -32.89 39.14 -2.14
N VAL T 85 -32.22 40.25 -2.45
CA VAL T 85 -31.17 40.79 -1.59
C VAL T 85 -31.45 42.27 -1.37
N GLY T 86 -30.83 42.82 -0.33
CA GLY T 86 -31.06 44.22 0.01
C GLY T 86 -30.65 45.17 -1.09
N ASP T 87 -29.51 44.90 -1.72
CA ASP T 87 -29.01 45.73 -2.82
C ASP T 87 -29.59 45.33 -4.17
N ASP T 88 -30.93 45.26 -4.27
CA ASP T 88 -31.54 44.73 -5.48
C ASP T 88 -31.71 45.82 -6.53
N GLY T 89 -31.25 45.54 -7.75
CA GLY T 89 -31.40 46.47 -8.85
C GLY T 89 -30.35 47.56 -8.93
N LYS T 90 -29.32 47.52 -8.09
CA LYS T 90 -28.26 48.50 -8.12
C LYS T 90 -27.07 47.98 -8.91
N THR T 91 -26.32 48.91 -9.49
CA THR T 91 -25.18 48.53 -10.30
C THR T 91 -23.98 48.17 -9.42
N TRP T 92 -23.01 47.50 -10.04
CA TRP T 92 -21.77 47.14 -9.34
C TRP T 92 -21.03 48.36 -8.85
N ALA T 93 -21.12 49.49 -9.56
CA ALA T 93 -20.44 50.71 -9.16
C ALA T 93 -21.15 51.43 -8.02
N ASP T 94 -22.38 51.05 -7.71
CA ASP T 94 -23.10 51.64 -6.57
C ASP T 94 -22.86 50.87 -5.28
N ILE T 95 -22.74 49.54 -5.37
CA ILE T 95 -22.65 48.71 -4.18
C ILE T 95 -21.35 48.99 -3.44
N ASP T 96 -20.26 49.20 -4.18
CA ASP T 96 -19.03 49.73 -3.59
C ASP T 96 -18.85 51.17 -4.03
N GLY T 97 -18.11 51.95 -3.24
CA GLY T 97 -18.11 53.39 -3.42
C GLY T 97 -17.51 53.85 -4.74
N SER T 98 -16.35 53.32 -5.09
CA SER T 98 -15.51 53.94 -6.13
C SER T 98 -15.03 52.99 -7.21
N ALA T 99 -15.81 51.97 -7.56
CA ALA T 99 -15.39 51.08 -8.65
C ALA T 99 -15.58 51.76 -10.00
N THR T 100 -14.69 51.43 -10.94
CA THR T 100 -14.79 51.89 -12.31
C THR T 100 -14.70 50.76 -13.33
N GLU T 101 -13.89 49.73 -13.06
CA GLU T 101 -13.76 48.56 -13.92
C GLU T 101 -13.87 47.31 -13.07
N ILE T 102 -14.26 46.21 -13.68
CA ILE T 102 -14.32 44.92 -13.02
C ILE T 102 -13.25 44.02 -13.65
N THR T 103 -12.16 43.81 -12.91
CA THR T 103 -11.08 42.93 -13.32
C THR T 103 -10.96 41.82 -12.28
N ALA T 104 -10.06 40.87 -12.53
CA ALA T 104 -9.91 39.72 -11.64
C ALA T 104 -9.52 40.17 -10.24
N GLY T 105 -10.17 39.59 -9.24
CA GLY T 105 -9.95 39.97 -7.86
C GLY T 105 -10.91 41.00 -7.31
N SER T 106 -11.84 41.51 -8.12
CA SER T 106 -12.80 42.50 -7.68
C SER T 106 -14.03 41.81 -7.13
N SER T 107 -14.51 42.30 -5.98
CA SER T 107 -15.64 41.65 -5.33
C SER T 107 -16.57 42.66 -4.69
N ILE T 108 -17.83 42.26 -4.54
CA ILE T 108 -18.84 43.01 -3.82
C ILE T 108 -19.53 42.05 -2.85
N THR T 109 -20.20 42.61 -1.86
CA THR T 109 -20.91 41.83 -0.85
C THR T 109 -22.34 42.32 -0.73
N VAL T 110 -23.29 41.43 -0.95
CA VAL T 110 -24.70 41.72 -0.73
C VAL T 110 -25.19 40.86 0.42
N THR T 111 -26.37 41.22 0.95
CA THR T 111 -26.96 40.49 2.07
C THR T 111 -28.34 39.99 1.67
N ALA T 112 -28.64 38.75 2.09
CA ALA T 112 -29.93 38.16 1.79
C ALA T 112 -31.06 38.96 2.41
N ASN T 113 -32.12 39.16 1.64
CA ASN T 113 -33.23 39.98 2.08
C ASN T 113 -33.93 39.31 3.27
N GLY T 114 -34.22 40.08 4.28
CA GLY T 114 -34.55 39.54 5.59
C GLY T 114 -33.28 39.35 6.41
N SER T 115 -32.95 38.10 6.71
CA SER T 115 -31.62 37.83 7.24
C SER T 115 -31.02 36.52 6.71
N SER T 116 -31.70 35.81 5.82
CA SER T 116 -31.20 34.55 5.31
C SER T 116 -31.93 34.20 4.03
N PHE T 117 -31.33 33.30 3.25
CA PHE T 117 -31.94 32.84 2.01
C PHE T 117 -32.87 31.67 2.27
N ASP T 118 -33.74 31.39 1.31
CA ASP T 118 -34.58 30.21 1.30
C ASP T 118 -34.19 29.35 0.10
N SER T 119 -34.35 28.04 0.25
CA SER T 119 -33.96 27.12 -0.81
C SER T 119 -34.75 27.40 -2.08
N GLY T 120 -34.04 27.52 -3.20
CA GLY T 120 -34.65 27.83 -4.47
C GLY T 120 -34.67 29.29 -4.85
N GLU T 121 -33.95 30.15 -4.13
CA GLU T 121 -33.88 31.57 -4.43
C GLU T 121 -32.62 31.85 -5.24
N THR T 122 -32.78 32.59 -6.33
CA THR T 122 -31.72 32.81 -7.30
C THR T 122 -31.26 34.27 -7.28
N VAL T 123 -29.95 34.47 -7.44
CA VAL T 123 -29.35 35.79 -7.57
C VAL T 123 -28.59 35.82 -8.90
N ARG T 124 -28.81 36.88 -9.68
CA ARG T 124 -28.23 36.98 -11.01
C ARG T 124 -27.28 38.16 -11.14
N VAL T 125 -26.34 38.03 -12.07
CA VAL T 125 -25.48 39.11 -12.52
C VAL T 125 -25.87 39.44 -13.95
N ILE T 126 -26.18 40.71 -14.21
CA ILE T 126 -26.85 41.11 -15.45
C ILE T 126 -26.07 42.23 -16.11
N TRP T 127 -25.86 42.10 -17.43
CA TRP T 127 -25.18 43.11 -18.23
C TRP T 127 -26.21 43.84 -19.09
N THR T 128 -26.08 45.16 -19.18
CA THR T 128 -26.95 46.00 -19.99
C THR T 128 -26.11 46.87 -20.92
N SER T 129 -26.54 46.98 -22.17
CA SER T 129 -25.79 47.75 -23.16
C SER T 129 -25.99 49.25 -22.96
N ASP T 130 -25.12 50.03 -23.61
CA ASP T 130 -25.12 51.47 -23.42
C ASP T 130 -26.42 52.11 -23.90
N SER T 131 -26.96 51.62 -25.01
CA SER T 131 -28.23 52.15 -25.51
C SER T 131 -29.41 51.68 -24.66
N GLY T 132 -29.23 50.60 -23.90
CA GLY T 132 -30.29 50.06 -23.09
C GLY T 132 -31.24 49.12 -23.80
N SER T 133 -30.97 48.77 -25.05
CA SER T 133 -31.86 47.92 -25.84
C SER T 133 -31.41 46.47 -25.89
N SER T 134 -30.43 46.09 -25.07
CA SER T 134 -30.02 44.69 -24.98
C SER T 134 -29.56 44.39 -23.57
N SER T 135 -29.78 43.15 -23.14
CA SER T 135 -29.37 42.69 -21.83
C SER T 135 -28.99 41.23 -21.91
N SER T 136 -28.23 40.78 -20.93
CA SER T 136 -27.86 39.37 -20.84
C SER T 136 -27.60 39.03 -19.39
N THR T 137 -27.73 37.75 -19.08
CA THR T 137 -27.43 37.22 -17.75
C THR T 137 -26.03 36.64 -17.77
N LEU T 138 -25.12 37.26 -17.01
CA LEU T 138 -23.75 36.79 -16.97
C LEU T 138 -23.63 35.48 -16.20
N GLN T 139 -24.26 35.40 -15.04
CA GLN T 139 -24.18 34.22 -14.19
C GLN T 139 -25.30 34.30 -13.16
N SER T 140 -25.75 33.14 -12.70
CA SER T 140 -26.80 33.06 -11.69
C SER T 140 -26.43 32.03 -10.64
N TRP T 141 -26.97 32.20 -9.44
CA TRP T 141 -26.66 31.37 -8.28
C TRP T 141 -27.97 31.02 -7.58
N THR T 142 -28.20 29.73 -7.36
CA THR T 142 -29.39 29.24 -6.68
C THR T 142 -28.98 28.63 -5.35
N TYR T 143 -29.69 28.99 -4.29
CA TYR T 143 -29.44 28.42 -2.98
C TYR T 143 -30.19 27.09 -2.84
N ASN T 144 -29.45 26.01 -2.62
CA ASN T 144 -30.02 24.67 -2.56
C ASN T 144 -29.92 24.07 -1.16
N GLY T 145 -30.18 24.89 -0.13
CA GLY T 145 -30.19 24.42 1.24
C GLY T 145 -28.82 23.98 1.72
#